data_9KRV
#
_entry.id   9KRV
#
_cell.length_a   1.00
_cell.length_b   1.00
_cell.length_c   1.00
_cell.angle_alpha   90.00
_cell.angle_beta   90.00
_cell.angle_gamma   90.00
#
_symmetry.space_group_name_H-M   'P 1'
#
loop_
_entity.id
_entity.type
_entity.pdbx_description
1 polymer 'NADP-dependent malic enzyme'
2 non-polymer 'ACETYL COENZYME *A'
3 non-polymer 'NADP NICOTINAMIDE-ADENINE-DINUCLEOTIDE PHOSPHATE'
4 water water
#
_entity_poly.entity_id   1
_entity_poly.type   'polypeptide(L)'
_entity_poly.pdbx_seq_one_letter_code
;METKTETKTGTTNFDQEALLYHQQGKPGKIEVISSKPCATEKDLSLAYSPGVAAPCKAIAKDPAKVYDYTAKGNLVAVIS
NGTAVLGLGNIGPAAGKPVMEGKGILFKQFAGIDVFDIEVAATDVDTFCNAVRVLEPTFGGINLEDIKAPECFEIEERLK
KEMNIPVFHDDQHGTAIVSGAALLNACSITNRKMEDMRIVVNGAGASANSCAKIFIALGARRENIIMCDSQGVIYKGRTA
GMNKYKEYFASETEARTLTEALRGADVFVGLSVAGALTPEMLKDMAKDPIIFAMANPEPEITPDKARAARPDAIIATGRS
DYPNQVNNVLGFPSIFRGALDTRSTQINEEMKLAAVHALAKLARMDVPDKVSATYGGKSFKFGRDYLIPKPFDTRVLLWV
APEVAKAAMKSGVATRAIEDWDQYRESLEAQQGPSKVFIRSAINRVHQNSEANGGELPRIVFPEGTSTKVLKALATLVEE
RICQPILLGYPERVKEKIKALDIPLLNDVQIVHPSSHPKYFSFVEKLYSLRQRKGINLGEAERLMADPNYFAAMMVNMGE
ADGMVSGSSINYADAVRPILQTIGTYKEGIPAGLNFVLLEDKFLVLADTTVNFNPSAEQCAQIALQAAKIVEYFGIEPRV
AMLSYSNFSGAEGTPRKMKKAAEIARTLRPDLMIEGDMQADTAVNPEIMERLFPFSGLKGGANVLVFPNLESSNIAYKLI
QQIGKAEVIGPFLTGVRRSANVLQRTTTVDGIVNSVVFTALEAQFIKDALKARGKK
;
_entity_poly.pdbx_strand_id   A,B,C,D,E,F
#
# COMPACT_ATOMS: atom_id res chain seq x y z
N LEU A 428 -30.71 61.82 15.10
CA LEU A 428 -29.74 62.88 15.34
C LEU A 428 -28.33 62.42 14.99
N GLU A 429 -27.90 61.32 15.61
CA GLU A 429 -26.56 60.80 15.36
C GLU A 429 -26.41 60.22 13.95
N ALA A 430 -27.52 59.89 13.29
CA ALA A 430 -27.44 59.34 11.94
C ALA A 430 -26.90 60.38 10.95
N GLN A 431 -27.30 61.64 11.11
CA GLN A 431 -26.88 62.68 10.18
C GLN A 431 -25.43 63.09 10.36
N GLN A 432 -24.77 62.64 11.42
CA GLN A 432 -23.35 62.92 11.66
C GLN A 432 -22.60 61.59 11.60
N GLY A 433 -22.17 61.22 10.39
CA GLY A 433 -21.51 59.95 10.17
C GLY A 433 -20.03 60.09 9.96
N PRO A 434 -19.32 58.95 9.97
CA PRO A 434 -17.85 59.01 9.82
C PRO A 434 -17.38 59.65 8.54
N SER A 435 -18.09 59.44 7.43
CA SER A 435 -17.63 59.91 6.12
C SER A 435 -17.56 61.43 6.03
N LYS A 436 -18.18 62.15 6.96
CA LYS A 436 -18.16 63.61 6.95
C LYS A 436 -17.60 64.22 8.22
N VAL A 437 -17.26 63.42 9.23
CA VAL A 437 -16.86 63.97 10.52
C VAL A 437 -15.59 63.32 11.05
N PHE A 438 -15.17 62.20 10.44
CA PHE A 438 -14.09 61.40 11.04
C PHE A 438 -12.76 62.13 10.97
N ILE A 439 -12.40 62.64 9.79
CA ILE A 439 -11.12 63.33 9.66
C ILE A 439 -11.11 64.61 10.46
N ARG A 440 -12.24 65.32 10.50
CA ARG A 440 -12.33 66.53 11.31
C ARG A 440 -12.16 66.21 12.80
N SER A 441 -12.76 65.11 13.26
CA SER A 441 -12.60 64.70 14.65
C SER A 441 -11.15 64.31 14.94
N ALA A 442 -10.50 63.64 13.99
CA ALA A 442 -9.10 63.29 14.19
C ALA A 442 -8.22 64.53 14.29
N ILE A 443 -8.47 65.52 13.43
CA ILE A 443 -7.70 66.76 13.49
C ILE A 443 -7.96 67.50 14.81
N ASN A 444 -9.22 67.53 15.24
CA ASN A 444 -9.54 68.18 16.50
C ASN A 444 -8.90 67.45 17.68
N ARG A 445 -8.81 66.13 17.61
CA ARG A 445 -8.14 65.37 18.66
C ARG A 445 -6.64 65.66 18.67
N VAL A 446 -6.04 65.80 17.49
CA VAL A 446 -4.64 66.23 17.42
C VAL A 446 -4.47 67.59 18.10
N HIS A 447 -5.38 68.53 17.80
CA HIS A 447 -5.30 69.86 18.38
C HIS A 447 -5.45 69.81 19.90
N GLN A 448 -6.40 69.02 20.39
CA GLN A 448 -6.62 68.92 21.83
C GLN A 448 -5.42 68.29 22.53
N ASN A 449 -4.86 67.24 21.94
CA ASN A 449 -3.69 66.59 22.54
C ASN A 449 -2.49 67.53 22.55
N SER A 450 -2.32 68.32 21.49
CA SER A 450 -1.23 69.30 21.47
C SER A 450 -1.46 70.39 22.52
N GLU A 451 -2.70 70.86 22.66
CA GLU A 451 -2.99 71.91 23.64
C GLU A 451 -2.78 71.42 25.06
N ALA A 452 -3.19 70.18 25.35
CA ALA A 452 -3.01 69.63 26.68
C ALA A 452 -1.55 69.35 27.02
N ASN A 453 -0.67 69.32 26.02
CA ASN A 453 0.75 69.08 26.23
C ASN A 453 1.58 70.34 26.07
N GLY A 454 0.95 71.51 26.13
CA GLY A 454 1.67 72.76 26.02
C GLY A 454 1.83 73.30 24.61
N GLY A 455 1.00 72.86 23.67
CA GLY A 455 1.10 73.34 22.30
C GLY A 455 2.36 72.91 21.59
N GLU A 456 2.79 71.67 21.79
CA GLU A 456 3.98 71.12 21.15
C GLU A 456 3.52 70.14 20.08
N LEU A 457 3.69 70.51 18.81
CA LEU A 457 3.30 69.65 17.72
C LEU A 457 4.25 68.45 17.62
N PRO A 458 3.77 67.32 17.12
CA PRO A 458 4.66 66.16 16.97
C PRO A 458 5.63 66.36 15.83
N ARG A 459 6.90 66.01 16.08
CA ARG A 459 7.94 66.13 15.06
C ARG A 459 7.86 64.91 14.15
N ILE A 460 7.50 65.13 12.89
CA ILE A 460 7.37 64.06 11.91
C ILE A 460 8.46 64.23 10.87
N VAL A 461 9.24 63.18 10.66
CA VAL A 461 10.37 63.20 9.74
C VAL A 461 9.95 62.60 8.41
N PHE A 462 10.18 63.34 7.32
CA PHE A 462 9.79 62.91 5.98
C PHE A 462 11.04 62.57 5.18
N PRO A 463 11.31 61.29 4.92
CA PRO A 463 12.50 60.95 4.14
C PRO A 463 12.51 61.52 2.73
N GLU A 464 11.34 61.71 2.12
CA GLU A 464 11.25 62.23 0.76
C GLU A 464 11.07 63.75 0.83
N GLY A 465 12.19 64.44 1.01
CA GLY A 465 12.16 65.89 1.05
C GLY A 465 11.97 66.54 -0.31
N THR A 466 12.29 65.83 -1.38
CA THR A 466 12.18 66.35 -2.74
C THR A 466 11.07 65.66 -3.51
N SER A 467 9.95 65.37 -2.83
CA SER A 467 8.79 64.75 -3.46
C SER A 467 7.69 65.80 -3.57
N THR A 468 7.13 65.93 -4.78
CA THR A 468 6.14 66.98 -5.03
C THR A 468 4.90 66.78 -4.17
N LYS A 469 4.39 65.54 -4.10
CA LYS A 469 3.19 65.28 -3.31
C LYS A 469 3.44 65.52 -1.83
N VAL A 470 4.62 65.13 -1.33
CA VAL A 470 4.94 65.31 0.07
C VAL A 470 4.95 66.78 0.44
N LEU A 471 5.57 67.61 -0.39
CA LEU A 471 5.63 69.05 -0.10
C LEU A 471 4.27 69.71 -0.26
N LYS A 472 3.50 69.30 -1.27
CA LYS A 472 2.17 69.86 -1.47
C LYS A 472 1.26 69.56 -0.29
N ALA A 473 1.36 68.35 0.27
CA ALA A 473 0.59 68.03 1.47
C ALA A 473 1.16 68.69 2.71
N LEU A 474 2.48 68.90 2.74
CA LEU A 474 3.11 69.55 3.87
C LEU A 474 2.67 71.01 3.98
N ALA A 475 2.43 71.67 2.85
CA ALA A 475 1.88 73.02 2.90
C ALA A 475 0.58 73.05 3.68
N THR A 476 -0.35 72.16 3.34
CA THR A 476 -1.63 72.10 4.03
C THR A 476 -1.46 71.69 5.49
N LEU A 477 -0.56 70.76 5.77
CA LEU A 477 -0.34 70.32 7.15
C LEU A 477 0.21 71.45 8.02
N VAL A 478 1.15 72.22 7.48
CA VAL A 478 1.69 73.36 8.23
C VAL A 478 0.62 74.42 8.41
N GLU A 479 -0.22 74.63 7.39
CA GLU A 479 -1.33 75.58 7.52
C GLU A 479 -2.29 75.14 8.63
N GLU A 480 -2.53 73.83 8.74
CA GLU A 480 -3.41 73.27 9.75
C GLU A 480 -2.68 72.94 11.05
N ARG A 481 -1.40 73.29 11.15
CA ARG A 481 -0.53 73.03 12.30
C ARG A 481 -0.75 71.64 12.89
N ILE A 482 -0.88 70.64 12.01
CA ILE A 482 -1.05 69.26 12.48
C ILE A 482 0.26 68.73 13.06
N CYS A 483 1.38 68.97 12.39
CA CYS A 483 2.65 68.39 12.77
C CYS A 483 3.77 69.40 12.54
N GLN A 484 4.99 68.99 12.86
CA GLN A 484 6.19 69.79 12.63
C GLN A 484 7.10 68.98 11.72
N PRO A 485 7.28 69.36 10.46
CA PRO A 485 8.00 68.52 9.52
C PRO A 485 9.51 68.65 9.64
N ILE A 486 10.18 67.53 9.35
CA ILE A 486 11.64 67.48 9.28
C ILE A 486 11.97 66.75 7.98
N LEU A 487 12.21 67.51 6.92
CA LEU A 487 12.51 66.89 5.63
C LEU A 487 13.92 66.32 5.62
N LEU A 488 14.12 65.26 4.84
CA LEU A 488 15.41 64.62 4.73
C LEU A 488 15.98 64.81 3.33
N GLY A 489 17.28 65.06 3.27
CA GLY A 489 17.98 65.33 2.03
C GLY A 489 18.92 66.50 2.18
N TYR A 490 19.68 66.75 1.12
CA TYR A 490 20.63 67.86 1.10
C TYR A 490 19.88 69.18 1.10
N PRO A 491 20.10 70.06 2.07
CA PRO A 491 19.41 71.36 2.03
C PRO A 491 19.97 72.23 0.92
N GLU A 492 19.24 72.29 -0.19
CA GLU A 492 19.62 72.95 -1.43
C GLU A 492 18.70 72.46 -2.54
N ARG A 493 18.79 71.16 -2.84
CA ARG A 493 17.86 70.56 -3.79
C ARG A 493 16.43 70.59 -3.25
N VAL A 494 16.27 70.33 -1.95
CA VAL A 494 14.96 70.45 -1.34
C VAL A 494 14.48 71.90 -1.37
N LYS A 495 15.37 72.84 -1.06
CA LYS A 495 15.01 74.25 -1.11
C LYS A 495 14.70 74.68 -2.54
N GLU A 496 15.47 74.18 -3.52
CA GLU A 496 15.19 74.50 -4.91
C GLU A 496 13.82 73.95 -5.34
N LYS A 497 13.49 72.73 -4.91
CA LYS A 497 12.18 72.17 -5.22
C LYS A 497 11.06 72.97 -4.57
N ILE A 498 11.27 73.42 -3.33
CA ILE A 498 10.27 74.23 -2.64
C ILE A 498 10.07 75.55 -3.39
N LYS A 499 11.16 76.17 -3.83
CA LYS A 499 11.05 77.41 -4.58
C LYS A 499 10.33 77.20 -5.90
N ALA A 500 10.62 76.10 -6.59
CA ALA A 500 9.97 75.81 -7.85
C ALA A 500 8.48 75.56 -7.67
N LEU A 501 8.10 74.85 -6.61
CA LEU A 501 6.70 74.54 -6.36
C LEU A 501 5.95 75.68 -5.69
N ASP A 502 6.63 76.73 -5.27
CA ASP A 502 6.02 77.94 -4.73
C ASP A 502 5.16 77.64 -3.49
N ILE A 503 5.82 77.18 -2.45
CA ILE A 503 5.23 77.04 -1.12
C ILE A 503 5.96 77.98 -0.17
N PRO A 504 5.37 79.13 0.16
CA PRO A 504 6.08 80.07 1.06
C PRO A 504 6.16 79.59 2.49
N LEU A 505 5.24 78.72 2.93
CA LEU A 505 5.27 78.26 4.31
C LEU A 505 6.44 77.33 4.58
N LEU A 506 6.85 76.55 3.59
CA LEU A 506 7.94 75.59 3.78
C LEU A 506 9.30 76.24 3.57
N ASN A 507 9.55 77.35 4.27
CA ASN A 507 10.85 77.99 4.28
C ASN A 507 11.50 77.99 5.66
N ASP A 508 10.72 77.96 6.72
CA ASP A 508 11.24 77.81 8.08
C ASP A 508 11.28 76.36 8.52
N VAL A 509 10.94 75.42 7.64
CA VAL A 509 10.93 74.01 8.02
C VAL A 509 12.36 73.50 8.15
N GLN A 510 12.51 72.38 8.86
CA GLN A 510 13.81 71.81 9.14
C GLN A 510 14.20 70.83 8.04
N ILE A 511 15.29 71.14 7.33
CA ILE A 511 15.84 70.26 6.32
C ILE A 511 17.20 69.80 6.81
N VAL A 512 17.36 68.49 7.00
CA VAL A 512 18.59 67.93 7.54
C VAL A 512 19.15 66.92 6.56
N HIS A 513 20.47 66.77 6.59
CA HIS A 513 21.22 65.82 5.79
C HIS A 513 21.66 64.65 6.65
N PRO A 514 21.34 63.41 6.27
CA PRO A 514 21.69 62.27 7.14
C PRO A 514 23.18 62.17 7.44
N SER A 515 24.04 62.46 6.47
CA SER A 515 25.48 62.32 6.68
C SER A 515 26.04 63.43 7.56
N SER A 516 25.46 64.62 7.50
CA SER A 516 25.99 65.78 8.19
C SER A 516 25.35 66.04 9.54
N HIS A 517 24.46 65.17 9.99
CA HIS A 517 23.83 65.36 11.29
C HIS A 517 24.86 65.21 12.41
N PRO A 518 24.71 65.95 13.50
CA PRO A 518 25.63 65.78 14.65
C PRO A 518 25.53 64.42 15.31
N LYS A 519 24.43 63.69 15.12
CA LYS A 519 24.24 62.39 15.73
C LYS A 519 24.26 61.26 14.70
N TYR A 520 24.84 61.51 13.52
CA TYR A 520 24.89 60.49 12.49
C TYR A 520 25.72 59.28 12.95
N PHE A 521 26.87 59.53 13.58
CA PHE A 521 27.73 58.44 13.99
C PHE A 521 27.15 57.67 15.17
N SER A 522 26.41 58.34 16.05
CA SER A 522 25.72 57.62 17.11
C SER A 522 24.66 56.69 16.53
N PHE A 523 23.93 57.15 15.52
CA PHE A 523 22.95 56.29 14.85
C PHE A 523 23.64 55.11 14.16
N VAL A 524 24.79 55.36 13.52
CA VAL A 524 25.53 54.28 12.88
C VAL A 524 25.96 53.24 13.90
N GLU A 525 26.49 53.71 15.04
CA GLU A 525 26.92 52.78 16.09
C GLU A 525 25.73 52.00 16.64
N LYS A 526 24.58 52.65 16.81
CA LYS A 526 23.40 51.95 17.31
C LYS A 526 22.94 50.87 16.34
N LEU A 527 22.89 51.18 15.04
CA LEU A 527 22.48 50.18 14.06
C LEU A 527 23.49 49.03 14.00
N TYR A 528 24.78 49.35 14.07
CA TYR A 528 25.79 48.29 14.10
C TYR A 528 25.67 47.44 15.36
N SER A 529 25.23 48.03 16.47
CA SER A 529 25.11 47.29 17.71
C SER A 529 23.89 46.39 17.72
N LEU A 530 22.78 46.83 17.14
CA LEU A 530 21.56 46.05 17.19
C LEU A 530 21.35 45.17 15.96
N ARG A 531 22.28 45.19 15.00
CA ARG A 531 22.17 44.35 13.82
C ARG A 531 23.53 43.77 13.40
N GLN A 532 24.43 43.56 14.36
CA GLN A 532 25.75 43.05 14.02
C GLN A 532 25.71 41.59 13.61
N ARG A 533 24.84 40.79 14.22
CA ARG A 533 24.73 39.38 13.92
C ARG A 533 23.65 39.08 12.88
N LYS A 534 23.15 40.11 12.19
CA LYS A 534 22.14 39.93 11.16
C LYS A 534 22.64 40.44 9.80
N GLY A 535 23.95 40.50 9.60
CA GLY A 535 24.52 40.82 8.31
C GLY A 535 24.96 42.25 8.11
N ILE A 536 25.01 43.07 9.17
CA ILE A 536 25.39 44.47 9.06
C ILE A 536 26.51 44.75 10.06
N ASN A 537 27.63 45.27 9.57
CA ASN A 537 28.71 45.76 10.41
C ASN A 537 28.91 47.25 10.14
N LEU A 538 29.96 47.82 10.72
CA LEU A 538 30.16 49.27 10.65
C LEU A 538 30.28 49.74 9.21
N GLY A 539 31.01 49.00 8.38
CA GLY A 539 31.16 49.39 6.98
C GLY A 539 29.85 49.45 6.23
N GLU A 540 28.91 48.57 6.57
CA GLU A 540 27.59 48.60 5.95
C GLU A 540 26.59 49.45 6.72
N ALA A 541 26.76 49.57 8.04
CA ALA A 541 25.89 50.45 8.81
C ALA A 541 26.06 51.91 8.41
N GLU A 542 27.31 52.33 8.18
CA GLU A 542 27.55 53.69 7.73
C GLU A 542 26.91 53.95 6.38
N ARG A 543 26.97 52.98 5.47
CA ARG A 543 26.32 53.11 4.18
C ARG A 543 24.80 53.16 4.32
N LEU A 544 24.24 52.33 5.19
CA LEU A 544 22.79 52.27 5.34
C LEU A 544 22.24 53.55 5.95
N MET A 545 22.92 54.11 6.96
CA MET A 545 22.47 55.35 7.56
C MET A 545 22.51 56.53 6.61
N ALA A 546 23.21 56.43 5.49
CA ALA A 546 23.16 57.49 4.48
C ALA A 546 21.80 57.52 3.79
N ASP A 547 21.12 56.38 3.71
CA ASP A 547 19.80 56.35 3.10
C ASP A 547 18.80 57.12 3.96
N PRO A 548 17.96 57.95 3.34
CA PRO A 548 16.98 58.71 4.14
C PRO A 548 16.02 57.84 4.92
N ASN A 549 15.61 56.69 4.38
CA ASN A 549 14.65 55.84 5.09
C ASN A 549 15.24 55.30 6.38
N TYR A 550 16.48 54.78 6.32
CA TYR A 550 17.13 54.26 7.51
C TYR A 550 17.39 55.35 8.53
N PHE A 551 17.81 56.54 8.05
CA PHE A 551 18.07 57.64 8.96
C PHE A 551 16.80 58.09 9.66
N ALA A 552 15.68 58.17 8.93
CA ALA A 552 14.42 58.55 9.54
C ALA A 552 13.96 57.51 10.55
N ALA A 553 14.10 56.22 10.21
CA ALA A 553 13.72 55.17 11.14
C ALA A 553 14.55 55.23 12.41
N MET A 554 15.86 55.49 12.28
CA MET A 554 16.72 55.60 13.45
C MET A 554 16.37 56.84 14.28
N MET A 555 16.04 57.95 13.61
CA MET A 555 15.63 59.14 14.35
C MET A 555 14.36 58.87 15.16
N VAL A 556 13.40 58.19 14.56
CA VAL A 556 12.17 57.86 15.30
C VAL A 556 12.49 56.91 16.45
N ASN A 557 13.36 55.93 16.21
CA ASN A 557 13.69 54.95 17.24
C ASN A 557 14.38 55.59 18.43
N MET A 558 15.30 56.52 18.17
CA MET A 558 16.09 57.13 19.24
C MET A 558 15.38 58.29 19.92
N GLY A 559 14.18 58.66 19.46
CA GLY A 559 13.40 59.69 20.11
C GLY A 559 13.63 61.10 19.59
N GLU A 560 14.46 61.27 18.56
CA GLU A 560 14.69 62.60 18.02
C GLU A 560 13.51 63.10 17.18
N ALA A 561 12.67 62.19 16.70
CA ALA A 561 11.43 62.53 16.01
C ALA A 561 10.31 61.68 16.55
N ASP A 562 9.10 62.25 16.55
CA ASP A 562 7.95 61.53 17.10
C ASP A 562 7.50 60.40 16.18
N GLY A 563 7.51 60.64 14.87
CA GLY A 563 7.10 59.62 13.93
C GLY A 563 7.67 59.94 12.56
N MET A 564 7.40 59.04 11.61
CA MET A 564 7.88 59.21 10.24
C MET A 564 6.79 58.80 9.27
N VAL A 565 6.82 59.39 8.08
CA VAL A 565 5.87 59.11 7.01
C VAL A 565 6.65 59.03 5.71
N SER A 566 6.76 57.83 5.14
CA SER A 566 7.57 57.63 3.95
C SER A 566 6.78 56.77 2.97
N GLY A 567 7.46 56.33 1.91
CA GLY A 567 6.87 55.43 0.94
C GLY A 567 6.10 56.07 -0.19
N SER A 568 6.10 57.40 -0.29
CA SER A 568 5.36 58.07 -1.35
C SER A 568 6.07 58.04 -2.69
N SER A 569 7.35 57.67 -2.73
CA SER A 569 8.10 57.62 -3.97
C SER A 569 8.62 56.24 -4.33
N ILE A 570 8.64 55.29 -3.39
CA ILE A 570 9.12 53.95 -3.64
C ILE A 570 8.00 52.97 -3.28
N ASN A 571 8.22 51.70 -3.63
CA ASN A 571 7.23 50.68 -3.32
C ASN A 571 7.21 50.40 -1.82
N TYR A 572 6.18 49.67 -1.39
CA TYR A 572 5.96 49.47 0.04
C TYR A 572 7.06 48.62 0.66
N ALA A 573 7.54 47.60 -0.05
CA ALA A 573 8.47 46.66 0.56
C ALA A 573 9.77 47.34 0.98
N ASP A 574 10.41 48.06 0.06
CA ASP A 574 11.67 48.72 0.39
C ASP A 574 11.47 49.92 1.30
N ALA A 575 10.27 50.49 1.34
CA ALA A 575 10.00 51.58 2.27
C ALA A 575 9.79 51.08 3.70
N VAL A 576 9.21 49.89 3.86
CA VAL A 576 8.89 49.37 5.18
C VAL A 576 9.99 48.47 5.74
N ARG A 577 10.88 47.96 4.90
CA ARG A 577 11.97 47.11 5.41
C ARG A 577 12.83 47.81 6.45
N PRO A 578 13.31 49.04 6.25
CA PRO A 578 14.09 49.70 7.32
C PRO A 578 13.29 49.94 8.58
N ILE A 579 11.97 50.17 8.47
CA ILE A 579 11.15 50.38 9.65
C ILE A 579 11.14 49.13 10.53
N LEU A 580 10.92 47.98 9.91
CA LEU A 580 10.89 46.73 10.67
C LEU A 580 12.28 46.35 11.17
N GLN A 581 13.31 46.63 10.37
CA GLN A 581 14.67 46.31 10.79
C GLN A 581 15.11 47.14 11.98
N THR A 582 14.77 48.43 11.98
CA THR A 582 15.24 49.34 13.03
C THR A 582 14.23 49.47 14.17
N ILE A 583 13.02 49.94 13.87
CA ILE A 583 12.03 50.14 14.92
C ILE A 583 11.53 48.80 15.46
N GLY A 584 11.24 47.86 14.57
CA GLY A 584 10.82 46.55 14.99
C GLY A 584 9.39 46.53 15.51
N THR A 585 9.06 45.42 16.17
CA THR A 585 7.73 45.18 16.71
C THR A 585 7.83 44.99 18.22
N TYR A 586 6.72 45.27 18.91
CA TYR A 586 6.69 45.13 20.36
C TYR A 586 6.39 43.68 20.74
N LYS A 587 6.11 43.45 22.02
CA LYS A 587 5.88 42.10 22.51
C LYS A 587 4.57 41.54 21.97
N GLU A 588 4.63 40.34 21.41
CA GLU A 588 3.47 39.66 20.84
C GLU A 588 2.78 40.51 19.79
N GLY A 589 3.57 41.22 18.99
CA GLY A 589 3.05 42.08 17.95
C GLY A 589 3.50 41.61 16.57
N ILE A 590 2.68 41.89 15.58
CA ILE A 590 2.98 41.54 14.19
C ILE A 590 2.71 42.74 13.31
N PRO A 591 3.63 43.13 12.43
CA PRO A 591 3.36 44.24 11.52
C PRO A 591 2.18 43.93 10.62
N ALA A 592 1.36 44.95 10.36
CA ALA A 592 0.11 44.74 9.65
C ALA A 592 -0.44 46.08 9.19
N GLY A 593 -0.92 46.12 7.95
CA GLY A 593 -1.61 47.30 7.47
C GLY A 593 -2.99 47.42 8.08
N LEU A 594 -3.58 48.60 7.92
CA LEU A 594 -4.87 48.89 8.54
C LEU A 594 -5.49 50.07 7.81
N ASN A 595 -6.63 49.86 7.16
CA ASN A 595 -7.28 50.92 6.40
C ASN A 595 -8.68 51.16 6.92
N PHE A 596 -9.05 52.44 7.01
CA PHE A 596 -10.38 52.84 7.46
C PHE A 596 -11.23 53.19 6.23
N VAL A 597 -12.31 52.45 6.04
CA VAL A 597 -13.30 52.76 5.00
C VAL A 597 -14.43 53.50 5.68
N LEU A 598 -14.56 54.79 5.41
CA LEU A 598 -15.51 55.64 6.12
C LEU A 598 -16.80 55.72 5.33
N LEU A 599 -17.77 54.88 5.69
CA LEU A 599 -19.07 54.91 5.06
C LEU A 599 -19.93 56.02 5.67
N GLU A 600 -21.16 56.13 5.19
CA GLU A 600 -22.05 57.20 5.66
C GLU A 600 -22.42 57.01 7.12
N ASP A 601 -22.71 55.78 7.53
CA ASP A 601 -23.19 55.52 8.89
C ASP A 601 -22.11 55.00 9.83
N LYS A 602 -21.24 54.11 9.37
CA LYS A 602 -20.20 53.53 10.19
C LYS A 602 -18.91 53.50 9.39
N PHE A 603 -17.82 53.06 10.03
CA PHE A 603 -16.54 52.91 9.36
C PHE A 603 -16.02 51.49 9.57
N LEU A 604 -15.60 50.86 8.49
CA LEU A 604 -14.98 49.55 8.55
C LEU A 604 -13.46 49.68 8.64
N VAL A 605 -12.82 48.64 9.16
CA VAL A 605 -11.37 48.62 9.33
C VAL A 605 -10.86 47.33 8.72
N LEU A 606 -10.15 47.46 7.60
CA LEU A 606 -9.61 46.31 6.89
C LEU A 606 -8.17 46.06 7.34
N ALA A 607 -7.87 44.82 7.70
CA ALA A 607 -6.51 44.48 8.14
C ALA A 607 -6.27 43.01 7.89
N ASP A 608 -5.10 42.67 7.35
CA ASP A 608 -4.07 43.64 6.99
C ASP A 608 -3.90 43.69 5.48
N THR A 609 -3.47 44.84 4.96
CA THR A 609 -3.46 45.07 3.53
C THR A 609 -2.06 45.25 2.96
N THR A 610 -1.01 45.19 3.77
CA THR A 610 0.29 45.58 3.21
C THR A 610 1.42 44.59 3.46
N VAL A 611 1.48 43.97 4.64
CA VAL A 611 2.72 43.30 5.04
C VAL A 611 2.67 41.79 4.84
N ASN A 612 1.75 41.12 5.53
CA ASN A 612 1.78 39.66 5.59
C ASN A 612 1.26 39.04 4.30
N PHE A 613 2.07 38.16 3.71
CA PHE A 613 1.69 37.51 2.46
C PHE A 613 0.53 36.54 2.65
N ASN A 614 0.63 35.68 3.65
CA ASN A 614 -0.37 34.65 3.90
C ASN A 614 -0.31 34.27 5.37
N PRO A 615 -0.87 35.10 6.24
CA PRO A 615 -0.73 34.86 7.69
C PRO A 615 -1.46 33.59 8.11
N SER A 616 -0.90 32.94 9.13
CA SER A 616 -1.50 31.75 9.69
C SER A 616 -2.63 32.13 10.64
N ALA A 617 -3.21 31.13 11.31
CA ALA A 617 -4.32 31.40 12.22
C ALA A 617 -3.90 32.29 13.38
N GLU A 618 -2.74 32.00 13.97
CA GLU A 618 -2.26 32.81 15.09
C GLU A 618 -1.97 34.24 14.65
N GLN A 619 -1.33 34.40 13.50
CA GLN A 619 -1.04 35.73 12.99
C GLN A 619 -2.32 36.49 12.66
N CYS A 620 -3.31 35.80 12.10
CA CYS A 620 -4.59 36.44 11.82
C CYS A 620 -5.28 36.87 13.10
N ALA A 621 -5.22 36.04 14.14
CA ALA A 621 -5.81 36.41 15.42
C ALA A 621 -5.11 37.62 16.02
N GLN A 622 -3.77 37.67 15.92
CA GLN A 622 -3.04 38.81 16.44
C GLN A 622 -3.37 40.09 15.66
N ILE A 623 -3.50 39.98 14.35
CA ILE A 623 -3.90 41.13 13.53
C ILE A 623 -5.28 41.60 13.92
N ALA A 624 -6.20 40.66 14.16
CA ALA A 624 -7.54 41.02 14.60
C ALA A 624 -7.51 41.74 15.94
N LEU A 625 -6.67 41.27 16.87
CA LEU A 625 -6.56 41.93 18.16
C LEU A 625 -6.02 43.36 18.02
N GLN A 626 -5.01 43.54 17.18
CA GLN A 626 -4.47 44.87 16.97
C GLN A 626 -5.51 45.80 16.34
N ALA A 627 -6.23 45.31 15.33
CA ALA A 627 -7.27 46.11 14.72
C ALA A 627 -8.37 46.45 15.71
N ALA A 628 -8.74 45.50 16.56
CA ALA A 628 -9.76 45.76 17.58
C ALA A 628 -9.30 46.83 18.56
N LYS A 629 -8.03 46.77 18.97
CA LYS A 629 -7.50 47.81 19.85
C LYS A 629 -7.56 49.18 19.19
N ILE A 630 -7.18 49.26 17.92
CA ILE A 630 -7.19 50.55 17.24
C ILE A 630 -8.62 51.06 17.07
N VAL A 631 -9.57 50.17 16.79
CA VAL A 631 -10.97 50.59 16.69
C VAL A 631 -11.48 51.08 18.02
N GLU A 632 -11.18 50.34 19.10
CA GLU A 632 -11.64 50.74 20.43
C GLU A 632 -11.00 52.04 20.89
N TYR A 633 -9.83 52.40 20.34
CA TYR A 633 -9.26 53.70 20.67
C TYR A 633 -10.16 54.84 20.23
N PHE A 634 -10.93 54.65 19.16
CA PHE A 634 -11.82 55.68 18.64
C PHE A 634 -13.19 55.65 19.29
N GLY A 635 -13.32 55.02 20.45
CA GLY A 635 -14.58 54.98 21.16
C GLY A 635 -15.69 54.22 20.46
N ILE A 636 -15.34 53.12 19.78
CA ILE A 636 -16.31 52.30 19.06
C ILE A 636 -16.09 50.85 19.45
N GLU A 637 -17.16 50.17 19.81
CA GLU A 637 -17.07 48.75 20.13
C GLU A 637 -16.71 47.97 18.87
N PRO A 638 -15.65 47.16 18.90
CA PRO A 638 -15.23 46.45 17.68
C PRO A 638 -15.91 45.11 17.52
N ARG A 639 -16.25 44.79 16.28
CA ARG A 639 -16.82 43.50 15.90
C ARG A 639 -15.99 42.94 14.76
N VAL A 640 -15.32 41.82 15.02
CA VAL A 640 -14.32 41.26 14.12
C VAL A 640 -14.95 40.18 13.26
N ALA A 641 -14.54 40.12 12.00
CA ALA A 641 -14.98 39.07 11.09
C ALA A 641 -13.80 38.54 10.31
N MET A 642 -13.61 37.23 10.34
CA MET A 642 -12.54 36.56 9.59
C MET A 642 -13.08 36.25 8.20
N LEU A 643 -12.77 37.10 7.24
CA LEU A 643 -13.32 36.96 5.90
C LEU A 643 -12.78 35.72 5.19
N SER A 644 -13.59 35.17 4.31
CA SER A 644 -13.22 34.01 3.51
C SER A 644 -14.18 33.91 2.34
N TYR A 645 -14.00 32.89 1.51
CA TYR A 645 -14.89 32.67 0.38
C TYR A 645 -16.04 31.71 0.72
N SER A 646 -16.11 31.23 1.96
CA SER A 646 -17.12 30.26 2.36
C SER A 646 -17.87 30.78 3.58
N ASN A 647 -19.11 30.36 3.72
CA ASN A 647 -19.98 30.79 4.82
C ASN A 647 -20.09 29.65 5.81
N PHE A 648 -19.27 29.69 6.86
CA PHE A 648 -19.30 28.72 7.95
C PHE A 648 -19.18 27.29 7.41
N SER A 649 -18.28 27.10 6.44
CA SER A 649 -18.11 25.78 5.84
C SER A 649 -17.06 24.94 6.55
N GLY A 650 -16.03 25.57 7.10
CA GLY A 650 -14.99 24.82 7.77
C GLY A 650 -14.19 23.91 6.85
N ALA A 651 -14.24 24.15 5.55
CA ALA A 651 -13.54 23.29 4.60
C ALA A 651 -12.04 23.47 4.72
N GLU A 652 -11.31 22.44 4.27
CA GLU A 652 -9.86 22.47 4.34
C GLU A 652 -9.30 23.59 3.48
N GLY A 653 -8.34 24.34 4.03
CA GLY A 653 -7.71 25.44 3.33
C GLY A 653 -7.92 26.75 4.08
N THR A 654 -8.25 27.80 3.32
CA THR A 654 -8.53 29.10 3.93
C THR A 654 -9.70 29.07 4.91
N PRO A 655 -10.85 28.44 4.60
CA PRO A 655 -11.93 28.43 5.59
C PRO A 655 -11.53 27.81 6.93
N ARG A 656 -10.77 26.72 6.91
CA ARG A 656 -10.31 26.12 8.16
C ARG A 656 -9.37 27.05 8.89
N LYS A 657 -8.48 27.74 8.15
CA LYS A 657 -7.57 28.68 8.78
C LYS A 657 -8.31 29.81 9.46
N MET A 658 -9.34 30.35 8.80
CA MET A 658 -10.13 31.42 9.43
C MET A 658 -10.97 30.93 10.59
N LYS A 659 -11.51 29.72 10.52
CA LYS A 659 -12.22 29.17 11.68
C LYS A 659 -11.28 29.04 12.88
N LYS A 660 -10.09 28.51 12.65
CA LYS A 660 -9.11 28.38 13.72
C LYS A 660 -8.67 29.74 14.25
N ALA A 661 -8.48 30.71 13.34
CA ALA A 661 -8.07 32.04 13.76
C ALA A 661 -9.15 32.72 14.59
N ALA A 662 -10.42 32.55 14.21
CA ALA A 662 -11.52 33.10 15.00
C ALA A 662 -11.56 32.47 16.38
N GLU A 663 -11.37 31.14 16.45
CA GLU A 663 -11.34 30.49 17.76
C GLU A 663 -10.19 31.01 18.62
N ILE A 664 -9.01 31.17 18.03
CA ILE A 664 -7.85 31.64 18.77
C ILE A 664 -8.07 33.06 19.27
N ALA A 665 -8.59 33.93 18.40
CA ALA A 665 -8.86 35.31 18.80
C ALA A 665 -9.91 35.38 19.90
N ARG A 666 -10.94 34.51 19.82
CA ARG A 666 -11.94 34.46 20.87
C ARG A 666 -11.32 34.04 22.20
N THR A 667 -10.41 33.06 22.16
CA THR A 667 -9.73 32.66 23.38
C THR A 667 -8.86 33.78 23.95
N LEU A 668 -8.20 34.54 23.07
CA LEU A 668 -7.31 35.60 23.54
C LEU A 668 -8.09 36.77 24.14
N ARG A 669 -9.22 37.13 23.54
CA ARG A 669 -10.05 38.25 24.01
C ARG A 669 -11.48 37.77 24.13
N PRO A 670 -11.82 37.12 25.26
CA PRO A 670 -13.19 36.60 25.41
C PRO A 670 -14.27 37.66 25.37
N ASP A 671 -13.98 38.87 25.85
CA ASP A 671 -14.99 39.92 25.91
C ASP A 671 -15.39 40.46 24.54
N LEU A 672 -14.65 40.11 23.48
CA LEU A 672 -14.91 40.63 22.16
C LEU A 672 -15.99 39.80 21.46
N MET A 673 -16.43 40.32 20.31
CA MET A 673 -17.45 39.67 19.48
C MET A 673 -16.76 39.31 18.15
N ILE A 674 -16.18 38.12 18.09
CA ILE A 674 -15.39 37.67 16.96
C ILE A 674 -16.06 36.46 16.35
N GLU A 675 -16.23 36.48 15.02
CA GLU A 675 -16.90 35.40 14.32
C GLU A 675 -16.13 35.07 13.04
N GLY A 676 -16.26 33.82 12.60
CA GLY A 676 -15.64 33.35 11.38
C GLY A 676 -15.76 31.85 11.25
N ASP A 677 -15.59 31.31 10.05
CA ASP A 677 -15.31 32.10 8.85
C ASP A 677 -16.60 32.53 8.17
N MET A 678 -16.50 33.50 7.27
CA MET A 678 -17.67 34.04 6.62
C MET A 678 -17.25 34.74 5.33
N GLN A 679 -18.23 35.00 4.47
CA GLN A 679 -17.98 35.77 3.27
C GLN A 679 -18.02 37.26 3.58
N ALA A 680 -17.57 38.06 2.62
CA ALA A 680 -17.51 39.51 2.84
C ALA A 680 -18.89 40.11 3.01
N ASP A 681 -19.89 39.63 2.25
CA ASP A 681 -21.22 40.21 2.34
C ASP A 681 -21.94 39.80 3.62
N THR A 682 -21.70 38.57 4.11
CA THR A 682 -22.32 38.16 5.36
C THR A 682 -21.81 38.97 6.54
N ALA A 683 -20.52 39.32 6.52
CA ALA A 683 -19.93 40.03 7.65
C ALA A 683 -20.50 41.44 7.78
N VAL A 684 -20.57 42.18 6.68
CA VAL A 684 -20.90 43.60 6.71
C VAL A 684 -22.38 43.87 6.48
N ASN A 685 -23.22 42.82 6.55
CA ASN A 685 -24.67 42.97 6.39
C ASN A 685 -25.37 42.25 7.52
N PRO A 686 -25.90 42.97 8.51
CA PRO A 686 -26.61 42.29 9.61
C PRO A 686 -27.83 41.52 9.17
N GLU A 687 -28.54 41.98 8.13
CA GLU A 687 -29.75 41.30 7.70
C GLU A 687 -29.44 39.92 7.15
N ILE A 688 -28.40 39.80 6.34
CA ILE A 688 -28.03 38.50 5.77
C ILE A 688 -27.63 37.53 6.87
N MET A 689 -26.85 38.00 7.84
CA MET A 689 -26.44 37.14 8.94
C MET A 689 -27.64 36.70 9.78
N GLU A 690 -28.55 37.63 10.10
CA GLU A 690 -29.70 37.28 10.93
C GLU A 690 -30.70 36.41 10.19
N ARG A 691 -30.69 36.43 8.85
CA ARG A 691 -31.61 35.60 8.09
C ARG A 691 -31.05 34.22 7.80
N LEU A 692 -29.77 34.12 7.46
CA LEU A 692 -29.19 32.86 7.02
C LEU A 692 -28.52 32.09 8.15
N PHE A 693 -27.71 32.76 8.97
CA PHE A 693 -26.92 32.12 10.02
C PHE A 693 -27.18 32.81 11.35
N PRO A 694 -28.36 32.61 11.95
CA PRO A 694 -28.63 33.23 13.26
C PRO A 694 -27.76 32.69 14.38
N PHE A 695 -27.17 31.51 14.22
CA PHE A 695 -26.36 30.92 15.28
C PHE A 695 -25.08 31.68 15.54
N SER A 696 -24.61 32.47 14.59
CA SER A 696 -23.33 33.15 14.73
C SER A 696 -23.37 34.17 15.87
N GLY A 697 -22.23 34.33 16.53
CA GLY A 697 -22.11 35.24 17.63
C GLY A 697 -21.91 36.69 17.26
N LEU A 698 -21.85 36.99 15.96
CA LEU A 698 -21.65 38.35 15.47
C LEU A 698 -23.03 38.95 15.13
N LYS A 699 -23.50 39.87 15.97
CA LYS A 699 -24.80 40.50 15.80
C LYS A 699 -24.62 41.99 15.63
N GLY A 700 -25.22 42.55 14.57
CA GLY A 700 -25.13 43.97 14.29
C GLY A 700 -24.14 44.35 13.22
N GLY A 701 -23.48 43.39 12.58
CA GLY A 701 -22.56 43.68 11.51
C GLY A 701 -21.15 43.93 12.01
N ALA A 702 -20.16 43.40 11.29
CA ALA A 702 -18.78 43.58 11.67
C ALA A 702 -18.26 44.94 11.24
N ASN A 703 -17.37 45.51 12.05
CA ASN A 703 -16.69 46.75 11.69
C ASN A 703 -15.18 46.60 11.54
N VAL A 704 -14.61 45.44 11.88
CA VAL A 704 -13.22 45.14 11.55
C VAL A 704 -13.21 43.81 10.79
N LEU A 705 -12.53 43.80 9.65
CA LEU A 705 -12.48 42.64 8.76
C LEU A 705 -11.04 42.20 8.57
N VAL A 706 -10.78 40.91 8.83
CA VAL A 706 -9.47 40.31 8.67
C VAL A 706 -9.51 39.40 7.45
N PHE A 707 -8.52 39.55 6.57
CA PHE A 707 -8.46 38.90 5.27
C PHE A 707 -7.53 37.69 5.30
N PRO A 708 -7.78 36.70 4.43
CA PRO A 708 -6.93 35.50 4.40
C PRO A 708 -5.49 35.74 3.99
N ASN A 709 -5.28 36.44 2.87
CA ASN A 709 -3.94 36.65 2.34
C ASN A 709 -3.76 38.12 1.98
N LEU A 710 -2.60 38.43 1.41
CA LEU A 710 -2.30 39.82 1.05
C LEU A 710 -3.04 40.25 -0.21
N GLU A 711 -3.16 39.35 -1.19
CA GLU A 711 -3.83 39.72 -2.44
C GLU A 711 -5.26 40.16 -2.19
N SER A 712 -5.99 39.38 -1.38
CA SER A 712 -7.39 39.69 -1.14
C SER A 712 -7.56 41.07 -0.51
N SER A 713 -6.83 41.33 0.56
CA SER A 713 -6.98 42.60 1.28
C SER A 713 -6.51 43.77 0.42
N ASN A 714 -5.36 43.63 -0.23
CA ASN A 714 -4.84 44.73 -1.06
C ASN A 714 -5.82 45.07 -2.17
N ILE A 715 -6.25 44.05 -2.93
CA ILE A 715 -7.16 44.29 -4.04
C ILE A 715 -8.48 44.86 -3.54
N ALA A 716 -9.02 44.31 -2.46
CA ALA A 716 -10.32 44.77 -1.96
C ALA A 716 -10.25 46.24 -1.54
N TYR A 717 -9.22 46.60 -0.76
CA TYR A 717 -9.15 47.98 -0.28
C TYR A 717 -8.89 48.94 -1.43
N LYS A 718 -8.04 48.56 -2.38
CA LYS A 718 -7.77 49.47 -3.50
C LYS A 718 -9.00 49.62 -4.39
N LEU A 719 -9.73 48.54 -4.63
CA LEU A 719 -10.95 48.64 -5.43
C LEU A 719 -12.01 49.48 -4.73
N ILE A 720 -12.17 49.30 -3.42
CA ILE A 720 -13.13 50.12 -2.67
C ILE A 720 -12.73 51.58 -2.73
N GLN A 721 -11.43 51.86 -2.64
CA GLN A 721 -10.96 53.23 -2.73
C GLN A 721 -11.24 53.84 -4.10
N GLN A 722 -11.03 53.07 -5.17
CA GLN A 722 -11.13 53.62 -6.51
C GLN A 722 -12.57 53.66 -7.01
N ILE A 723 -13.19 52.49 -7.17
CA ILE A 723 -14.51 52.42 -7.79
C ILE A 723 -15.65 52.56 -6.81
N GLY A 724 -15.39 52.52 -5.51
CA GLY A 724 -16.40 52.78 -4.52
C GLY A 724 -16.54 54.25 -4.20
N LYS A 725 -17.72 54.63 -3.71
CA LYS A 725 -17.97 56.00 -3.30
C LYS A 725 -17.64 56.24 -1.84
N ALA A 726 -17.10 55.25 -1.14
CA ALA A 726 -16.68 55.39 0.24
C ALA A 726 -15.19 55.68 0.28
N GLU A 727 -14.82 56.71 1.03
CA GLU A 727 -13.43 57.14 1.10
C GLU A 727 -12.67 56.29 2.09
N VAL A 728 -11.49 55.82 1.70
CA VAL A 728 -10.63 55.04 2.58
C VAL A 728 -9.40 55.87 2.92
N ILE A 729 -8.88 55.64 4.12
CA ILE A 729 -7.66 56.30 4.59
C ILE A 729 -6.71 55.23 5.11
N GLY A 730 -5.43 55.37 4.76
CA GLY A 730 -4.44 54.39 5.13
C GLY A 730 -3.48 54.14 3.98
N PRO A 731 -2.74 53.03 4.05
CA PRO A 731 -2.70 52.03 5.12
C PRO A 731 -1.84 52.48 6.30
N PHE A 732 -2.16 52.02 7.50
CA PHE A 732 -1.42 52.37 8.70
C PHE A 732 -0.66 51.16 9.21
N LEU A 733 0.64 51.31 9.43
CA LEU A 733 1.49 50.21 9.88
C LEU A 733 1.29 50.04 11.38
N THR A 734 0.58 49.00 11.77
CA THR A 734 0.37 48.67 13.17
C THR A 734 1.37 47.60 13.60
N GLY A 735 1.50 47.43 14.92
CA GLY A 735 2.38 46.44 15.47
C GLY A 735 3.82 46.85 15.62
N VAL A 736 4.17 48.09 15.30
CA VAL A 736 5.52 48.60 15.47
C VAL A 736 5.61 49.35 16.79
N ARG A 737 6.79 49.34 17.39
CA ARG A 737 6.97 49.97 18.70
C ARG A 737 6.72 51.47 18.63
N ARG A 738 7.25 52.13 17.61
CA ARG A 738 7.12 53.57 17.45
C ARG A 738 6.19 53.90 16.29
N SER A 739 5.84 55.17 16.18
CA SER A 739 4.96 55.62 15.12
C SER A 739 5.72 55.69 13.81
N ALA A 740 5.26 54.93 12.82
CA ALA A 740 5.91 54.90 11.51
C ALA A 740 4.92 54.39 10.49
N ASN A 741 4.55 55.25 9.54
CA ASN A 741 3.58 54.90 8.51
C ASN A 741 4.26 54.96 7.15
N VAL A 742 3.79 54.10 6.24
CA VAL A 742 4.28 54.06 4.86
C VAL A 742 3.10 54.33 3.95
N LEU A 743 3.19 55.40 3.17
CA LEU A 743 2.14 55.72 2.20
C LEU A 743 2.22 54.77 1.02
N GLN A 744 1.10 54.61 0.32
CA GLN A 744 1.10 53.91 -0.95
C GLN A 744 1.61 54.83 -2.04
N ARG A 745 2.40 54.28 -2.95
CA ARG A 745 3.00 55.10 -4.00
C ARG A 745 1.97 55.71 -4.93
N THR A 746 0.76 55.14 -4.99
CA THR A 746 -0.31 55.65 -5.84
C THR A 746 -1.25 56.58 -5.09
N THR A 747 -0.77 57.31 -4.11
CA THR A 747 -1.60 58.16 -3.27
C THR A 747 -1.68 59.57 -3.86
N THR A 748 -2.65 60.33 -3.36
CA THR A 748 -2.83 61.73 -3.70
C THR A 748 -2.50 62.60 -2.51
N VAL A 749 -2.58 63.92 -2.70
CA VAL A 749 -2.22 64.86 -1.64
C VAL A 749 -3.15 64.70 -0.45
N ASP A 750 -4.44 64.53 -0.71
CA ASP A 750 -5.41 64.34 0.38
C ASP A 750 -5.13 63.06 1.16
N GLY A 751 -4.76 62.00 0.45
CA GLY A 751 -4.36 60.78 1.15
C GLY A 751 -3.16 61.01 2.04
N ILE A 752 -2.18 61.78 1.55
CA ILE A 752 -0.99 62.06 2.35
C ILE A 752 -1.35 62.85 3.59
N VAL A 753 -2.21 63.87 3.45
CA VAL A 753 -2.54 64.69 4.62
C VAL A 753 -3.34 63.88 5.63
N ASN A 754 -4.25 63.03 5.17
CA ASN A 754 -4.99 62.17 6.11
C ASN A 754 -4.05 61.21 6.84
N SER A 755 -3.12 60.59 6.11
CA SER A 755 -2.19 59.66 6.73
C SER A 755 -1.28 60.37 7.72
N VAL A 756 -0.85 61.59 7.40
CA VAL A 756 0.02 62.32 8.32
C VAL A 756 -0.76 62.74 9.57
N VAL A 757 -2.05 63.09 9.41
CA VAL A 757 -2.87 63.41 10.57
C VAL A 757 -2.96 62.22 11.51
N PHE A 758 -3.24 61.04 10.96
CA PHE A 758 -3.36 59.87 11.83
C PHE A 758 -2.01 59.43 12.37
N THR A 759 -0.93 59.65 11.62
CA THR A 759 0.40 59.40 12.16
C THR A 759 0.70 60.32 13.33
N ALA A 760 0.26 61.58 13.25
CA ALA A 760 0.44 62.50 14.37
C ALA A 760 -0.35 62.03 15.59
N LEU A 761 -1.58 61.57 15.38
CA LEU A 761 -2.36 60.99 16.48
C LEU A 761 -1.62 59.83 17.13
N GLU A 762 -1.13 58.90 16.31
CA GLU A 762 -0.44 57.72 16.84
C GLU A 762 0.85 58.10 17.54
N ALA A 763 1.59 59.06 16.99
CA ALA A 763 2.83 59.51 17.61
C ALA A 763 2.58 60.18 18.95
N GLN A 764 1.53 61.00 19.04
CA GLN A 764 1.19 61.60 20.33
C GLN A 764 0.81 60.53 21.35
N PHE A 765 0.04 59.53 20.93
CA PHE A 765 -0.29 58.43 21.84
C PHE A 765 0.96 57.70 22.31
N ILE A 766 1.87 57.40 21.39
CA ILE A 766 3.10 56.68 21.75
C ILE A 766 3.95 57.50 22.69
N LYS A 767 4.09 58.80 22.42
CA LYS A 767 4.89 59.66 23.29
C LYS A 767 4.29 59.75 24.68
N ASP A 768 2.95 59.90 24.76
CA ASP A 768 2.30 59.95 26.07
C ASP A 768 2.49 58.64 26.83
N ALA A 769 2.35 57.50 26.15
CA ALA A 769 2.54 56.22 26.81
C ALA A 769 3.98 56.05 27.30
N LEU A 770 4.95 56.47 26.48
CA LEU A 770 6.35 56.37 26.88
C LEU A 770 6.66 57.26 28.08
N LYS A 771 6.14 58.49 28.07
CA LYS A 771 6.39 59.39 29.19
C LYS A 771 5.73 58.88 30.47
N ALA A 772 4.50 58.39 30.37
CA ALA A 772 3.85 57.79 31.53
C ALA A 772 4.54 56.49 31.94
N ARG A 773 4.91 55.66 30.97
CA ARG A 773 5.56 54.38 31.21
C ARG A 773 4.78 53.50 32.19
N LEU B 428 -21.52 62.67 -25.27
CA LEU B 428 -22.86 62.26 -25.69
C LEU B 428 -23.38 61.12 -24.84
N GLU B 429 -22.47 60.22 -24.43
CA GLU B 429 -22.81 59.07 -23.62
C GLU B 429 -22.46 59.27 -22.15
N ALA B 430 -22.06 60.48 -21.76
CA ALA B 430 -21.68 60.74 -20.37
C ALA B 430 -22.87 60.57 -19.43
N GLN B 431 -24.04 61.04 -19.83
CA GLN B 431 -25.23 61.00 -18.99
C GLN B 431 -26.00 59.70 -19.10
N GLN B 432 -25.52 58.75 -19.89
CA GLN B 432 -26.20 57.49 -20.14
C GLN B 432 -25.27 56.31 -19.83
N GLY B 433 -24.63 56.36 -18.66
CA GLY B 433 -23.69 55.34 -18.27
C GLY B 433 -24.35 53.99 -18.02
N PRO B 434 -23.53 52.95 -17.87
CA PRO B 434 -24.09 51.61 -17.66
C PRO B 434 -24.97 51.49 -16.43
N SER B 435 -24.66 52.23 -15.36
CA SER B 435 -25.41 52.10 -14.12
C SER B 435 -26.88 52.44 -14.28
N LYS B 436 -27.24 53.23 -15.30
CA LYS B 436 -28.61 53.63 -15.51
C LYS B 436 -29.34 52.81 -16.57
N VAL B 437 -28.63 52.31 -17.58
CA VAL B 437 -29.27 51.74 -18.76
C VAL B 437 -28.84 50.31 -19.07
N PHE B 438 -27.95 49.72 -18.27
CA PHE B 438 -27.43 48.40 -18.64
C PHE B 438 -28.50 47.33 -18.58
N ILE B 439 -29.22 47.25 -17.45
CA ILE B 439 -30.26 46.22 -17.31
C ILE B 439 -31.41 46.50 -18.27
N ARG B 440 -31.73 47.77 -18.49
CA ARG B 440 -32.78 48.12 -19.44
C ARG B 440 -32.40 47.70 -20.85
N SER B 441 -31.15 47.92 -21.25
CA SER B 441 -30.70 47.51 -22.57
C SER B 441 -30.67 45.99 -22.69
N ALA B 442 -30.30 45.29 -21.62
CA ALA B 442 -30.32 43.83 -21.65
C ALA B 442 -31.75 43.31 -21.82
N ILE B 443 -32.71 43.93 -21.11
CA ILE B 443 -34.11 43.51 -21.24
C ILE B 443 -34.62 43.79 -22.64
N ASN B 444 -34.28 44.96 -23.20
CA ASN B 444 -34.68 45.25 -24.57
C ASN B 444 -34.04 44.28 -25.56
N ARG B 445 -32.79 43.92 -25.34
CA ARG B 445 -32.11 42.98 -26.22
C ARG B 445 -32.76 41.60 -26.16
N VAL B 446 -33.08 41.11 -24.97
CA VAL B 446 -33.72 39.80 -24.89
C VAL B 446 -35.12 39.84 -25.49
N HIS B 447 -35.84 40.95 -25.31
CA HIS B 447 -37.16 41.09 -25.91
C HIS B 447 -37.08 41.04 -27.44
N GLN B 448 -36.14 41.80 -28.02
CA GLN B 448 -36.06 41.83 -29.48
C GLN B 448 -35.48 40.53 -30.05
N ASN B 449 -34.60 39.87 -29.31
CA ASN B 449 -34.10 38.57 -29.75
C ASN B 449 -35.20 37.52 -29.72
N SER B 450 -36.05 37.55 -28.70
CA SER B 450 -37.21 36.65 -28.67
C SER B 450 -38.18 36.97 -29.80
N GLU B 451 -38.40 38.26 -30.06
CA GLU B 451 -39.31 38.64 -31.14
C GLU B 451 -38.80 38.18 -32.50
N ALA B 452 -37.50 38.34 -32.74
CA ALA B 452 -36.92 37.97 -34.04
C ALA B 452 -36.94 36.47 -34.27
N ASN B 453 -37.19 35.66 -33.25
CA ASN B 453 -37.22 34.22 -33.38
C ASN B 453 -38.65 33.66 -33.44
N GLY B 454 -39.66 34.53 -33.49
CA GLY B 454 -41.04 34.10 -33.45
C GLY B 454 -41.77 34.41 -32.16
N GLY B 455 -41.19 35.22 -31.27
CA GLY B 455 -41.85 35.60 -30.03
C GLY B 455 -42.07 34.48 -29.04
N GLU B 456 -41.05 33.64 -28.81
CA GLU B 456 -41.12 32.60 -27.78
C GLU B 456 -40.02 32.85 -26.77
N LEU B 457 -40.35 32.71 -25.50
CA LEU B 457 -39.37 32.90 -24.43
C LEU B 457 -38.55 31.63 -24.22
N PRO B 458 -37.32 31.75 -23.74
CA PRO B 458 -36.54 30.56 -23.40
C PRO B 458 -37.14 29.84 -22.20
N ARG B 459 -36.97 28.52 -22.20
CA ARG B 459 -37.44 27.69 -21.09
C ARG B 459 -36.32 27.58 -20.06
N ILE B 460 -36.47 28.29 -18.95
CA ILE B 460 -35.49 28.30 -17.87
C ILE B 460 -36.05 27.50 -16.72
N VAL B 461 -35.40 26.39 -16.38
CA VAL B 461 -35.84 25.56 -15.26
C VAL B 461 -35.20 26.04 -13.97
N PHE B 462 -36.00 26.03 -12.91
CA PHE B 462 -35.57 26.48 -11.59
C PHE B 462 -35.69 25.32 -10.61
N PRO B 463 -34.61 24.63 -10.27
CA PRO B 463 -34.72 23.53 -9.30
C PRO B 463 -34.83 24.04 -7.88
N GLU B 464 -35.65 25.07 -7.69
CA GLU B 464 -35.93 25.67 -6.38
C GLU B 464 -37.41 25.99 -6.27
N GLY B 465 -38.25 25.08 -6.75
CA GLY B 465 -39.69 25.34 -6.73
C GLY B 465 -40.25 25.48 -5.33
N THR B 466 -39.73 24.69 -4.39
CA THR B 466 -40.15 24.76 -3.01
C THR B 466 -39.45 25.87 -2.22
N SER B 467 -38.82 26.81 -2.91
CA SER B 467 -38.07 27.88 -2.26
C SER B 467 -38.74 29.22 -2.52
N THR B 468 -38.70 30.08 -1.51
CA THR B 468 -39.12 31.46 -1.67
C THR B 468 -37.94 32.29 -2.18
N LYS B 469 -38.20 33.57 -2.43
CA LYS B 469 -37.22 34.53 -2.93
C LYS B 469 -36.86 34.26 -4.38
N VAL B 470 -37.33 33.12 -4.90
CA VAL B 470 -37.24 32.84 -6.33
C VAL B 470 -38.61 32.88 -7.01
N LEU B 471 -39.68 32.49 -6.31
CA LEU B 471 -41.02 32.70 -6.84
C LEU B 471 -41.36 34.18 -6.90
N LYS B 472 -40.89 34.96 -5.92
CA LYS B 472 -41.09 36.40 -5.96
C LYS B 472 -40.42 37.01 -7.17
N ALA B 473 -39.19 36.59 -7.48
CA ALA B 473 -38.52 37.06 -8.68
C ALA B 473 -39.24 36.58 -9.94
N LEU B 474 -39.72 35.33 -9.92
CA LEU B 474 -40.41 34.79 -11.08
C LEU B 474 -41.69 35.56 -11.38
N ALA B 475 -42.34 36.09 -10.35
CA ALA B 475 -43.52 36.92 -10.58
C ALA B 475 -43.19 38.09 -11.50
N THR B 476 -42.15 38.86 -11.15
CA THR B 476 -41.73 39.97 -11.99
C THR B 476 -41.19 39.49 -13.33
N LEU B 477 -40.59 38.30 -13.38
CA LEU B 477 -40.00 37.80 -14.62
C LEU B 477 -41.09 37.46 -15.64
N VAL B 478 -42.12 36.73 -15.22
CA VAL B 478 -43.24 36.46 -16.11
C VAL B 478 -44.00 37.74 -16.42
N GLU B 479 -44.10 38.66 -15.45
CA GLU B 479 -44.73 39.95 -15.74
C GLU B 479 -43.95 40.71 -16.80
N GLU B 480 -42.63 40.67 -16.72
CA GLU B 480 -41.76 41.39 -17.66
C GLU B 480 -41.49 40.62 -18.94
N ARG B 481 -42.02 39.40 -19.07
CA ARG B 481 -41.83 38.57 -20.26
C ARG B 481 -40.35 38.34 -20.54
N ILE B 482 -39.63 37.91 -19.51
CA ILE B 482 -38.20 37.63 -19.64
C ILE B 482 -37.95 36.18 -20.02
N CYS B 483 -38.64 35.25 -19.35
CA CYS B 483 -38.42 33.83 -19.60
C CYS B 483 -39.70 33.08 -19.27
N GLN B 484 -39.69 31.78 -19.58
CA GLN B 484 -40.80 30.88 -19.25
C GLN B 484 -40.32 29.88 -18.21
N PRO B 485 -40.63 30.08 -16.93
CA PRO B 485 -40.09 29.21 -15.88
C PRO B 485 -40.64 27.80 -15.97
N ILE B 486 -39.80 26.85 -15.54
CA ILE B 486 -40.19 25.45 -15.42
C ILE B 486 -39.70 24.99 -14.03
N LEU B 487 -40.57 25.10 -13.04
CA LEU B 487 -40.16 24.78 -11.67
C LEU B 487 -40.03 23.27 -11.49
N LEU B 488 -39.26 22.89 -10.47
CA LEU B 488 -39.03 21.50 -10.15
C LEU B 488 -39.34 21.26 -8.69
N GLY B 489 -39.87 20.07 -8.39
CA GLY B 489 -40.18 19.67 -7.04
C GLY B 489 -41.52 18.96 -6.99
N TYR B 490 -41.97 18.68 -5.78
CA TYR B 490 -43.27 18.05 -5.58
C TYR B 490 -44.36 19.01 -6.01
N PRO B 491 -45.23 18.64 -6.95
CA PRO B 491 -46.24 19.60 -7.43
C PRO B 491 -47.14 20.14 -6.33
N GLU B 492 -47.54 19.29 -5.39
CA GLU B 492 -48.41 19.74 -4.30
C GLU B 492 -47.71 20.77 -3.43
N ARG B 493 -46.44 20.52 -3.07
CA ARG B 493 -45.74 21.43 -2.18
C ARG B 493 -45.46 22.77 -2.85
N VAL B 494 -45.03 22.76 -4.12
CA VAL B 494 -44.76 24.02 -4.80
C VAL B 494 -46.05 24.79 -5.05
N LYS B 495 -47.14 24.08 -5.37
CA LYS B 495 -48.43 24.76 -5.51
C LYS B 495 -48.87 25.39 -4.20
N GLU B 496 -48.68 24.67 -3.09
CA GLU B 496 -49.02 25.22 -1.78
C GLU B 496 -48.18 26.45 -1.46
N LYS B 497 -46.89 26.41 -1.79
CA LYS B 497 -46.03 27.57 -1.54
C LYS B 497 -46.47 28.76 -2.39
N ILE B 498 -46.81 28.53 -3.66
CA ILE B 498 -47.25 29.60 -4.53
C ILE B 498 -48.55 30.22 -4.01
N LYS B 499 -49.48 29.36 -3.56
CA LYS B 499 -50.73 29.87 -3.02
C LYS B 499 -50.50 30.66 -1.73
N ALA B 500 -49.58 30.18 -0.88
CA ALA B 500 -49.32 30.87 0.38
C ALA B 500 -48.64 32.21 0.16
N LEU B 501 -47.76 32.32 -0.84
CA LEU B 501 -47.11 33.58 -1.14
C LEU B 501 -48.01 34.57 -1.87
N ASP B 502 -49.20 34.15 -2.28
CA ASP B 502 -50.20 35.02 -2.90
C ASP B 502 -49.66 35.67 -4.17
N ILE B 503 -49.34 34.82 -5.15
CA ILE B 503 -48.94 35.27 -6.48
C ILE B 503 -49.97 34.76 -7.48
N PRO B 504 -50.67 35.63 -8.20
CA PRO B 504 -51.68 35.15 -9.15
C PRO B 504 -51.09 34.84 -10.53
N LEU B 505 -49.90 35.35 -10.81
CA LEU B 505 -49.27 35.15 -12.10
C LEU B 505 -48.45 33.86 -12.18
N LEU B 506 -48.26 33.16 -11.06
CA LEU B 506 -47.45 31.96 -11.02
C LEU B 506 -48.30 30.69 -10.98
N ASN B 507 -49.57 30.78 -11.36
CA ASN B 507 -50.45 29.62 -11.40
C ASN B 507 -50.43 28.91 -12.74
N ASP B 508 -49.69 29.44 -13.73
CA ASP B 508 -49.61 28.85 -15.06
C ASP B 508 -48.26 28.22 -15.35
N VAL B 509 -47.38 28.14 -14.34
CA VAL B 509 -46.04 27.61 -14.57
C VAL B 509 -46.12 26.12 -14.86
N GLN B 510 -45.12 25.63 -15.61
CA GLN B 510 -45.01 24.21 -15.93
C GLN B 510 -44.14 23.56 -14.88
N ILE B 511 -44.76 22.96 -13.88
CA ILE B 511 -44.04 22.30 -12.79
C ILE B 511 -43.79 20.86 -13.17
N VAL B 512 -42.54 20.42 -13.03
CA VAL B 512 -42.10 19.09 -13.46
C VAL B 512 -41.53 18.36 -12.26
N HIS B 513 -42.01 17.15 -12.01
CA HIS B 513 -41.44 16.28 -10.99
C HIS B 513 -40.33 15.44 -11.62
N PRO B 514 -39.10 15.50 -11.11
CA PRO B 514 -38.00 14.77 -11.75
C PRO B 514 -38.23 13.26 -11.84
N SER B 515 -38.86 12.67 -10.83
CA SER B 515 -39.02 11.22 -10.78
C SER B 515 -40.21 10.73 -11.58
N SER B 516 -41.03 11.62 -12.15
CA SER B 516 -42.20 11.22 -12.90
C SER B 516 -42.22 11.78 -14.32
N HIS B 517 -41.14 12.42 -14.76
CA HIS B 517 -41.08 12.97 -16.10
C HIS B 517 -41.07 11.84 -17.13
N PRO B 518 -41.71 12.05 -18.29
CA PRO B 518 -41.66 11.02 -19.34
C PRO B 518 -40.27 10.74 -19.86
N LYS B 519 -39.34 11.69 -19.75
CA LYS B 519 -37.96 11.51 -20.19
C LYS B 519 -37.00 11.29 -19.02
N TYR B 520 -37.51 10.84 -17.87
CA TYR B 520 -36.65 10.64 -16.71
C TYR B 520 -35.69 9.49 -16.92
N PHE B 521 -36.20 8.36 -17.43
CA PHE B 521 -35.34 7.19 -17.59
C PHE B 521 -34.32 7.38 -18.70
N SER B 522 -34.68 8.12 -19.76
CA SER B 522 -33.69 8.45 -20.78
C SER B 522 -32.57 9.30 -20.19
N PHE B 523 -32.92 10.26 -19.33
CA PHE B 523 -31.91 11.06 -18.66
C PHE B 523 -31.04 10.21 -17.76
N VAL B 524 -31.64 9.25 -17.04
CA VAL B 524 -30.86 8.37 -16.18
C VAL B 524 -29.87 7.56 -17.01
N GLU B 525 -30.33 7.01 -18.13
CA GLU B 525 -29.46 6.23 -19.00
C GLU B 525 -28.33 7.07 -19.56
N LYS B 526 -28.63 8.29 -19.99
CA LYS B 526 -27.59 9.15 -20.56
C LYS B 526 -26.58 9.57 -19.50
N LEU B 527 -27.05 9.88 -18.29
CA LEU B 527 -26.14 10.23 -17.21
C LEU B 527 -25.25 9.05 -16.82
N TYR B 528 -25.82 7.85 -16.76
CA TYR B 528 -25.02 6.66 -16.48
C TYR B 528 -24.01 6.41 -17.58
N SER B 529 -24.37 6.73 -18.83
CA SER B 529 -23.42 6.59 -19.93
C SER B 529 -22.32 7.63 -19.86
N LEU B 530 -22.61 8.82 -19.34
CA LEU B 530 -21.61 9.87 -19.28
C LEU B 530 -20.53 9.56 -18.24
N ARG B 531 -20.95 9.12 -17.06
CA ARG B 531 -20.05 8.96 -15.92
C ARG B 531 -20.03 7.52 -15.43
N GLN B 532 -20.05 6.56 -16.35
CA GLN B 532 -19.97 5.17 -15.94
C GLN B 532 -18.59 4.83 -15.38
N ARG B 533 -17.55 5.42 -15.94
CA ARG B 533 -16.18 5.19 -15.47
C ARG B 533 -15.71 6.25 -14.48
N LYS B 534 -16.59 7.16 -14.08
CA LYS B 534 -16.26 8.19 -13.09
C LYS B 534 -16.94 7.95 -11.75
N GLY B 535 -17.39 6.73 -11.51
CA GLY B 535 -17.97 6.37 -10.22
C GLY B 535 -19.48 6.38 -10.15
N ILE B 536 -20.17 6.51 -11.26
CA ILE B 536 -21.63 6.54 -11.29
C ILE B 536 -22.12 5.38 -12.13
N ASN B 537 -22.93 4.51 -11.52
CA ASN B 537 -23.56 3.40 -12.23
C ASN B 537 -25.08 3.58 -12.18
N LEU B 538 -25.80 2.55 -12.65
CA LEU B 538 -27.24 2.70 -12.87
C LEU B 538 -27.97 3.07 -11.58
N GLY B 539 -27.66 2.38 -10.49
CA GLY B 539 -28.32 2.71 -9.23
C GLY B 539 -27.98 4.10 -8.74
N GLU B 540 -26.69 4.46 -8.78
CA GLU B 540 -26.28 5.79 -8.34
C GLU B 540 -26.79 6.86 -9.27
N ALA B 541 -26.82 6.60 -10.58
CA ALA B 541 -27.38 7.58 -11.51
C ALA B 541 -28.86 7.79 -11.26
N GLU B 542 -29.60 6.71 -11.02
CA GLU B 542 -31.03 6.84 -10.72
C GLU B 542 -31.25 7.61 -9.42
N ARG B 543 -30.43 7.34 -8.41
CA ARG B 543 -30.55 8.08 -7.16
C ARG B 543 -30.22 9.56 -7.36
N LEU B 544 -29.19 9.86 -8.15
CA LEU B 544 -28.81 11.24 -8.39
C LEU B 544 -29.89 12.00 -9.16
N MET B 545 -30.55 11.33 -10.12
CA MET B 545 -31.51 12.03 -10.95
C MET B 545 -32.74 12.47 -10.19
N ALA B 546 -33.01 11.89 -9.01
CA ALA B 546 -34.08 12.40 -8.16
C ALA B 546 -33.75 13.79 -7.62
N ASP B 547 -32.47 14.14 -7.53
CA ASP B 547 -32.09 15.48 -7.11
C ASP B 547 -32.51 16.49 -8.18
N PRO B 548 -33.23 17.55 -7.83
CA PRO B 548 -33.60 18.55 -8.84
C PRO B 548 -32.42 19.17 -9.56
N ASN B 549 -31.26 19.30 -8.91
CA ASN B 549 -30.11 19.91 -9.57
C ASN B 549 -29.65 19.10 -10.77
N TYR B 550 -29.50 17.79 -10.59
CA TYR B 550 -29.02 16.94 -11.68
C TYR B 550 -30.07 16.85 -12.79
N PHE B 551 -31.35 16.78 -12.44
CA PHE B 551 -32.39 16.73 -13.47
C PHE B 551 -32.43 18.03 -14.25
N ALA B 552 -32.27 19.17 -13.57
CA ALA B 552 -32.21 20.45 -14.28
C ALA B 552 -31.00 20.51 -15.21
N ALA B 553 -29.86 20.01 -14.75
CA ALA B 553 -28.68 19.97 -15.60
C ALA B 553 -28.91 19.11 -16.83
N MET B 554 -29.58 17.97 -16.65
CA MET B 554 -29.90 17.12 -17.81
C MET B 554 -30.87 17.80 -18.76
N MET B 555 -31.91 18.45 -18.22
CA MET B 555 -32.86 19.17 -19.05
C MET B 555 -32.16 20.22 -19.90
N VAL B 556 -31.21 20.95 -19.30
CA VAL B 556 -30.47 21.94 -20.06
C VAL B 556 -29.55 21.27 -21.08
N ASN B 557 -28.93 20.16 -20.70
CA ASN B 557 -27.96 19.50 -21.58
C ASN B 557 -28.64 18.84 -22.78
N MET B 558 -29.78 18.19 -22.56
CA MET B 558 -30.43 17.40 -23.59
C MET B 558 -31.37 18.21 -24.48
N GLY B 559 -31.43 19.52 -24.30
CA GLY B 559 -32.24 20.37 -25.14
C GLY B 559 -33.66 20.59 -24.68
N GLU B 560 -34.10 19.93 -23.60
CA GLU B 560 -35.45 20.12 -23.10
C GLU B 560 -35.63 21.48 -22.43
N ALA B 561 -34.55 22.23 -22.22
CA ALA B 561 -34.63 23.56 -21.65
C ALA B 561 -33.50 24.42 -22.21
N ASP B 562 -33.77 25.72 -22.33
CA ASP B 562 -32.74 26.62 -22.86
C ASP B 562 -31.68 26.94 -21.82
N GLY B 563 -32.04 27.04 -20.55
CA GLY B 563 -31.08 27.36 -19.52
C GLY B 563 -31.62 26.97 -18.16
N MET B 564 -30.82 27.21 -17.13
CA MET B 564 -31.21 26.92 -15.76
C MET B 564 -30.61 27.97 -14.82
N VAL B 565 -31.25 28.10 -13.66
CA VAL B 565 -30.81 29.01 -12.61
C VAL B 565 -31.04 28.32 -11.28
N SER B 566 -29.99 28.19 -10.48
CA SER B 566 -30.08 27.44 -9.21
C SER B 566 -29.15 28.09 -8.20
N GLY B 567 -29.00 27.43 -7.06
CA GLY B 567 -28.06 27.86 -6.04
C GLY B 567 -28.55 28.93 -5.10
N SER B 568 -29.85 29.26 -5.12
CA SER B 568 -30.37 30.29 -4.24
C SER B 568 -30.64 29.80 -2.82
N SER B 569 -30.60 28.48 -2.60
CA SER B 569 -30.82 27.93 -1.26
C SER B 569 -29.67 27.08 -0.76
N ILE B 570 -28.68 26.78 -1.62
CA ILE B 570 -27.53 25.98 -1.23
C ILE B 570 -26.27 26.73 -1.64
N ASN B 571 -25.15 26.34 -1.04
CA ASN B 571 -23.89 26.99 -1.34
C ASN B 571 -23.47 26.69 -2.78
N TYR B 572 -22.46 27.43 -3.25
CA TYR B 572 -22.08 27.39 -4.65
C TYR B 572 -21.54 26.03 -5.04
N ALA B 573 -20.84 25.36 -4.13
CA ALA B 573 -20.16 24.11 -4.48
C ALA B 573 -21.16 23.04 -4.89
N ASP B 574 -22.15 22.76 -4.04
CA ASP B 574 -23.11 21.70 -4.31
C ASP B 574 -24.11 22.07 -5.39
N ALA B 575 -24.23 23.35 -5.73
CA ALA B 575 -25.13 23.76 -6.80
C ALA B 575 -24.45 23.82 -8.16
N VAL B 576 -23.13 24.02 -8.19
CA VAL B 576 -22.40 24.10 -9.44
C VAL B 576 -21.69 22.80 -9.78
N ARG B 577 -21.50 21.90 -8.83
CA ARG B 577 -20.90 20.61 -9.15
C ARG B 577 -21.73 19.81 -10.15
N PRO B 578 -23.05 19.68 -10.03
CA PRO B 578 -23.81 18.97 -11.08
C PRO B 578 -23.70 19.59 -12.45
N ILE B 579 -23.57 20.92 -12.55
CA ILE B 579 -23.46 21.57 -13.85
C ILE B 579 -22.17 21.15 -14.54
N LEU B 580 -21.05 21.22 -13.82
CA LEU B 580 -19.77 20.84 -14.41
C LEU B 580 -19.69 19.34 -14.64
N GLN B 581 -20.38 18.54 -13.82
CA GLN B 581 -20.36 17.09 -14.01
C GLN B 581 -21.15 16.69 -15.26
N THR B 582 -22.31 17.30 -15.47
CA THR B 582 -23.19 16.90 -16.57
C THR B 582 -22.94 17.74 -17.83
N ILE B 583 -23.14 19.06 -17.73
CA ILE B 583 -23.01 19.92 -18.90
C ILE B 583 -21.55 19.99 -19.34
N GLY B 584 -20.65 20.19 -18.39
CA GLY B 584 -19.24 20.21 -18.70
C GLY B 584 -18.79 21.54 -19.29
N THR B 585 -17.52 21.57 -19.69
CA THR B 585 -16.90 22.74 -20.27
C THR B 585 -16.55 22.47 -21.73
N TYR B 586 -16.70 23.48 -22.58
CA TYR B 586 -16.46 23.31 -24.01
C TYR B 586 -14.95 23.26 -24.27
N LYS B 587 -14.58 23.25 -25.54
CA LYS B 587 -13.19 23.05 -25.91
C LYS B 587 -12.32 24.23 -25.46
N GLU B 588 -11.22 23.92 -24.80
CA GLU B 588 -10.27 24.93 -24.32
C GLU B 588 -10.97 25.97 -23.44
N GLY B 589 -11.87 25.51 -22.60
CA GLY B 589 -12.61 26.39 -21.72
C GLY B 589 -12.52 25.94 -20.28
N ILE B 590 -12.48 26.91 -19.38
CA ILE B 590 -12.36 26.67 -17.94
C ILE B 590 -13.53 27.36 -17.26
N PRO B 591 -14.29 26.67 -16.43
CA PRO B 591 -15.41 27.34 -15.72
C PRO B 591 -14.90 28.44 -14.82
N ALA B 592 -15.64 29.54 -14.78
CA ALA B 592 -15.24 30.70 -14.00
C ALA B 592 -16.45 31.61 -13.82
N GLY B 593 -16.59 32.13 -12.61
CA GLY B 593 -17.61 33.14 -12.35
C GLY B 593 -17.27 34.44 -13.04
N LEU B 594 -18.25 35.34 -13.07
CA LEU B 594 -18.08 36.60 -13.78
C LEU B 594 -19.09 37.59 -13.24
N ASN B 595 -18.63 38.75 -12.79
CA ASN B 595 -19.50 39.75 -12.18
C ASN B 595 -19.35 41.08 -12.91
N PHE B 596 -20.47 41.76 -13.13
CA PHE B 596 -20.47 43.08 -13.74
C PHE B 596 -20.69 44.13 -12.66
N VAL B 597 -19.78 45.09 -12.58
CA VAL B 597 -19.91 46.24 -11.68
C VAL B 597 -20.23 47.45 -12.55
N LEU B 598 -21.43 48.01 -12.37
CA LEU B 598 -21.93 49.06 -13.24
C LEU B 598 -21.69 50.42 -12.57
N LEU B 599 -20.72 51.17 -13.09
CA LEU B 599 -20.42 52.49 -12.59
C LEU B 599 -21.11 53.54 -13.46
N GLU B 600 -20.88 54.81 -13.13
CA GLU B 600 -21.56 55.90 -13.82
C GLU B 600 -21.01 56.14 -15.22
N ASP B 601 -19.76 55.79 -15.48
CA ASP B 601 -19.15 56.02 -16.79
C ASP B 601 -18.80 54.75 -17.54
N LYS B 602 -18.57 53.64 -16.84
CA LYS B 602 -18.20 52.40 -17.50
C LYS B 602 -18.57 51.25 -16.57
N PHE B 603 -18.58 50.04 -17.14
CA PHE B 603 -18.83 48.83 -16.37
C PHE B 603 -17.58 47.96 -16.36
N LEU B 604 -17.19 47.49 -15.19
CA LEU B 604 -16.07 46.58 -15.03
C LEU B 604 -16.56 45.14 -14.96
N VAL B 605 -15.69 44.22 -15.34
CA VAL B 605 -16.01 42.80 -15.35
C VAL B 605 -14.95 42.08 -14.52
N LEU B 606 -15.35 41.62 -13.33
CA LEU B 606 -14.47 40.85 -12.47
C LEU B 606 -14.58 39.38 -12.84
N ALA B 607 -13.43 38.73 -13.02
CA ALA B 607 -13.39 37.37 -13.54
C ALA B 607 -12.85 36.40 -12.50
N ASP B 608 -13.33 35.16 -12.58
CA ASP B 608 -12.95 34.06 -11.68
C ASP B 608 -13.28 34.46 -10.23
N THR B 609 -14.58 34.53 -9.97
CA THR B 609 -15.08 34.91 -8.66
C THR B 609 -15.68 33.76 -7.87
N THR B 610 -15.89 32.59 -8.48
CA THR B 610 -16.63 31.53 -7.78
C THR B 610 -15.97 30.16 -7.84
N VAL B 611 -15.26 29.84 -8.91
CA VAL B 611 -14.92 28.44 -9.17
C VAL B 611 -13.47 28.12 -8.82
N ASN B 612 -12.52 28.75 -9.51
CA ASN B 612 -11.13 28.35 -9.39
C ASN B 612 -10.52 28.87 -8.09
N PHE B 613 -9.86 27.97 -7.35
CA PHE B 613 -9.24 28.36 -6.08
C PHE B 613 -7.99 29.18 -6.33
N ASN B 614 -6.98 28.59 -6.97
CA ASN B 614 -5.73 29.27 -7.29
C ASN B 614 -5.37 28.96 -8.73
N PRO B 615 -5.98 29.66 -9.68
CA PRO B 615 -5.69 29.38 -11.10
C PRO B 615 -4.23 29.67 -11.44
N SER B 616 -3.69 28.86 -12.35
CA SER B 616 -2.32 29.04 -12.82
C SER B 616 -2.32 30.13 -13.90
N ALA B 617 -1.15 30.34 -14.51
CA ALA B 617 -1.04 31.39 -15.53
C ALA B 617 -1.89 31.07 -16.75
N GLU B 618 -1.86 29.81 -17.21
CA GLU B 618 -2.65 29.43 -18.36
C GLU B 618 -4.14 29.53 -18.06
N GLN B 619 -4.55 29.09 -16.87
CA GLN B 619 -5.95 29.20 -16.48
C GLN B 619 -6.39 30.65 -16.41
N CYS B 620 -5.52 31.52 -15.89
CA CYS B 620 -5.86 32.94 -15.82
C CYS B 620 -5.96 33.55 -17.21
N ALA B 621 -5.09 33.15 -18.13
CA ALA B 621 -5.20 33.64 -19.50
C ALA B 621 -6.51 33.19 -20.15
N GLN B 622 -6.90 31.94 -19.92
CA GLN B 622 -8.16 31.45 -20.48
C GLN B 622 -9.35 32.19 -19.88
N ILE B 623 -9.32 32.44 -18.56
CA ILE B 623 -10.39 33.19 -17.92
C ILE B 623 -10.47 34.60 -18.49
N ALA B 624 -9.31 35.22 -18.71
CA ALA B 624 -9.28 36.56 -19.30
C ALA B 624 -9.87 36.55 -20.70
N LEU B 625 -9.55 35.52 -21.50
CA LEU B 625 -10.13 35.43 -22.84
C LEU B 625 -11.65 35.30 -22.79
N GLN B 626 -12.16 34.48 -21.88
CA GLN B 626 -13.61 34.31 -21.77
C GLN B 626 -14.28 35.62 -21.36
N ALA B 627 -13.71 36.30 -20.36
CA ALA B 627 -14.28 37.57 -19.92
C ALA B 627 -14.23 38.61 -21.03
N ALA B 628 -13.13 38.65 -21.79
CA ALA B 628 -13.02 39.61 -22.88
C ALA B 628 -14.02 39.32 -23.98
N LYS B 629 -14.25 38.03 -24.29
CA LYS B 629 -15.27 37.69 -25.28
C LYS B 629 -16.66 38.14 -24.81
N ILE B 630 -16.96 37.91 -23.53
CA ILE B 630 -18.26 38.34 -23.01
C ILE B 630 -18.39 39.86 -23.08
N VAL B 631 -17.32 40.59 -22.77
CA VAL B 631 -17.35 42.04 -22.87
C VAL B 631 -17.57 42.47 -24.31
N GLU B 632 -16.88 41.82 -25.25
CA GLU B 632 -17.02 42.16 -26.66
C GLU B 632 -18.44 41.90 -27.15
N TYR B 633 -19.14 40.93 -26.55
CA TYR B 633 -20.52 40.68 -26.92
C TYR B 633 -21.40 41.90 -26.66
N PHE B 634 -21.02 42.74 -25.70
CA PHE B 634 -21.79 43.92 -25.35
C PHE B 634 -21.33 45.17 -26.10
N GLY B 635 -20.44 45.03 -27.07
CA GLY B 635 -20.02 46.15 -27.87
C GLY B 635 -18.96 47.04 -27.25
N ILE B 636 -18.39 46.65 -26.12
CA ILE B 636 -17.39 47.44 -25.43
C ILE B 636 -16.02 46.82 -25.68
N GLU B 637 -15.06 47.64 -26.07
CA GLU B 637 -13.71 47.14 -26.32
C GLU B 637 -13.08 46.67 -25.01
N PRO B 638 -12.60 45.44 -24.94
CA PRO B 638 -12.05 44.92 -23.68
C PRO B 638 -10.58 45.27 -23.49
N ARG B 639 -10.22 45.55 -22.24
CA ARG B 639 -8.85 45.89 -21.86
C ARG B 639 -8.56 45.15 -20.57
N VAL B 640 -8.02 43.94 -20.70
CA VAL B 640 -7.86 43.05 -19.56
C VAL B 640 -6.72 43.52 -18.68
N ALA B 641 -6.77 43.14 -17.40
CA ALA B 641 -5.70 43.45 -16.47
C ALA B 641 -5.61 42.33 -15.43
N MET B 642 -4.41 41.80 -15.25
CA MET B 642 -4.13 40.78 -14.24
C MET B 642 -3.83 41.49 -12.91
N LEU B 643 -4.77 41.42 -11.97
CA LEU B 643 -4.59 42.09 -10.70
C LEU B 643 -3.61 41.34 -9.81
N SER B 644 -2.95 42.08 -8.93
CA SER B 644 -2.01 41.52 -7.97
C SER B 644 -1.83 42.54 -6.85
N TYR B 645 -0.85 42.31 -5.98
CA TYR B 645 -0.50 43.26 -4.94
C TYR B 645 0.75 44.06 -5.27
N SER B 646 1.35 43.84 -6.43
CA SER B 646 2.58 44.51 -6.82
C SER B 646 2.41 45.17 -8.18
N ASN B 647 3.10 46.29 -8.36
CA ASN B 647 2.99 47.09 -9.58
C ASN B 647 4.20 46.79 -10.46
N PHE B 648 4.02 45.83 -11.37
CA PHE B 648 5.07 45.44 -12.32
C PHE B 648 6.36 45.08 -11.60
N SER B 649 6.25 44.19 -10.62
CA SER B 649 7.43 43.78 -9.86
C SER B 649 8.00 42.46 -10.34
N GLY B 650 7.18 41.57 -10.87
CA GLY B 650 7.67 40.28 -11.34
C GLY B 650 8.29 39.42 -10.26
N ALA B 651 7.96 39.69 -8.99
CA ALA B 651 8.55 38.94 -7.89
C ALA B 651 8.00 37.52 -7.85
N GLU B 652 8.61 36.70 -7.00
CA GLU B 652 8.22 35.31 -6.89
C GLU B 652 6.82 35.20 -6.28
N GLY B 653 6.02 34.29 -6.83
CA GLY B 653 4.69 34.05 -6.32
C GLY B 653 3.59 34.59 -7.21
N THR B 654 2.65 35.32 -6.61
CA THR B 654 1.54 35.89 -7.38
C THR B 654 1.99 36.85 -8.47
N PRO B 655 2.91 37.80 -8.23
CA PRO B 655 3.30 38.70 -9.33
C PRO B 655 3.86 37.99 -10.55
N ARG B 656 4.69 36.97 -10.35
CA ARG B 656 5.22 36.22 -11.49
C ARG B 656 4.12 35.49 -12.23
N LYS B 657 3.18 34.89 -11.49
CA LYS B 657 2.06 34.19 -12.11
C LYS B 657 1.22 35.14 -12.95
N MET B 658 0.95 36.34 -12.42
CA MET B 658 0.10 37.29 -13.13
C MET B 658 0.82 37.84 -14.36
N LYS B 659 2.12 38.12 -14.25
CA LYS B 659 2.88 38.57 -15.41
C LYS B 659 2.91 37.50 -16.49
N LYS B 660 3.12 36.24 -16.10
CA LYS B 660 3.11 35.15 -17.06
C LYS B 660 1.75 34.98 -17.72
N ALA B 661 0.68 35.11 -16.94
CA ALA B 661 -0.67 35.01 -17.49
C ALA B 661 -0.93 36.13 -18.49
N ALA B 662 -0.50 37.35 -18.17
CA ALA B 662 -0.64 38.46 -19.11
C ALA B 662 0.13 38.20 -20.39
N GLU B 663 1.36 37.68 -20.27
CA GLU B 663 2.14 37.37 -21.46
C GLU B 663 1.46 36.31 -22.32
N ILE B 664 0.93 35.26 -21.69
CA ILE B 664 0.25 34.21 -22.44
C ILE B 664 -0.99 34.75 -23.14
N ALA B 665 -1.77 35.58 -22.44
CA ALA B 665 -2.95 36.15 -23.05
C ALA B 665 -2.58 37.06 -24.22
N ARG B 666 -1.50 37.84 -24.09
CA ARG B 666 -1.07 38.71 -25.17
C ARG B 666 -0.63 37.89 -26.38
N THR B 667 0.15 36.83 -26.17
CA THR B 667 0.62 36.02 -27.29
C THR B 667 -0.45 35.09 -27.83
N LEU B 668 -1.59 34.97 -27.16
CA LEU B 668 -2.68 34.11 -27.64
C LEU B 668 -3.83 34.91 -28.22
N ARG B 669 -4.05 36.14 -27.77
CA ARG B 669 -5.03 37.06 -28.36
C ARG B 669 -4.33 38.39 -28.58
N PRO B 670 -3.55 38.51 -29.66
CA PRO B 670 -2.69 39.71 -29.82
C PRO B 670 -3.45 41.03 -29.93
N ASP B 671 -4.66 41.02 -30.50
CA ASP B 671 -5.36 42.26 -30.77
C ASP B 671 -5.86 42.96 -29.51
N LEU B 672 -5.79 42.31 -28.35
CA LEU B 672 -6.34 42.88 -27.13
C LEU B 672 -5.33 43.82 -26.47
N MET B 673 -5.60 44.21 -25.24
CA MET B 673 -4.78 45.15 -24.49
C MET B 673 -4.49 44.65 -23.09
N ILE B 674 -4.18 43.35 -22.97
CA ILE B 674 -3.76 42.80 -21.68
C ILE B 674 -2.44 43.42 -21.28
N GLU B 675 -2.24 43.61 -19.97
CA GLU B 675 -1.01 44.25 -19.50
C GLU B 675 -0.67 43.78 -18.09
N GLY B 676 0.35 42.93 -17.99
CA GLY B 676 1.13 42.73 -16.78
C GLY B 676 0.42 42.46 -15.48
N ASP B 677 1.17 42.57 -14.39
CA ASP B 677 0.65 42.43 -13.03
C ASP B 677 0.61 43.80 -12.38
N MET B 678 -0.52 44.13 -11.77
CA MET B 678 -0.73 45.47 -11.27
C MET B 678 -1.75 45.45 -10.15
N GLN B 679 -1.77 46.51 -9.37
CA GLN B 679 -2.75 46.65 -8.31
C GLN B 679 -4.05 47.22 -8.88
N ALA B 680 -5.09 47.25 -8.04
CA ALA B 680 -6.41 47.64 -8.50
C ALA B 680 -6.44 49.10 -8.95
N ASP B 681 -5.82 49.99 -8.18
CA ASP B 681 -5.86 51.41 -8.54
C ASP B 681 -5.15 51.68 -9.86
N THR B 682 -3.99 51.05 -10.06
CA THR B 682 -3.27 51.23 -11.32
C THR B 682 -4.09 50.70 -12.49
N ALA B 683 -4.79 49.59 -12.30
CA ALA B 683 -5.55 48.99 -13.38
C ALA B 683 -6.76 49.82 -13.74
N VAL B 684 -7.53 50.27 -12.74
CA VAL B 684 -8.82 50.92 -13.02
C VAL B 684 -8.72 52.43 -13.13
N ASN B 685 -7.61 53.04 -12.71
CA ASN B 685 -7.47 54.49 -12.81
C ASN B 685 -6.48 54.83 -13.91
N PRO B 686 -6.92 55.41 -15.03
CA PRO B 686 -5.97 55.79 -16.08
C PRO B 686 -4.96 56.83 -15.65
N GLU B 687 -5.36 57.76 -14.77
CA GLU B 687 -4.44 58.81 -14.34
C GLU B 687 -3.25 58.23 -13.58
N ILE B 688 -3.50 57.30 -12.67
CA ILE B 688 -2.42 56.70 -11.89
C ILE B 688 -1.46 55.96 -12.81
N MET B 689 -1.99 55.17 -13.75
CA MET B 689 -1.13 54.43 -14.67
C MET B 689 -0.32 55.37 -15.55
N GLU B 690 -0.93 56.42 -16.07
CA GLU B 690 -0.21 57.35 -16.94
C GLU B 690 0.87 58.10 -16.17
N ARG B 691 0.58 58.49 -14.92
CA ARG B 691 1.57 59.24 -14.15
C ARG B 691 2.71 58.36 -13.69
N LEU B 692 2.42 57.17 -13.19
CA LEU B 692 3.42 56.33 -12.55
C LEU B 692 4.11 55.38 -13.53
N PHE B 693 3.33 54.67 -14.35
CA PHE B 693 3.85 53.61 -15.22
C PHE B 693 3.42 53.88 -16.65
N PRO B 694 4.06 54.85 -17.32
CA PRO B 694 3.68 55.17 -18.70
C PRO B 694 4.10 54.13 -19.72
N PHE B 695 5.00 53.21 -19.36
CA PHE B 695 5.45 52.21 -20.31
C PHE B 695 4.40 51.15 -20.60
N SER B 696 3.40 51.01 -19.73
CA SER B 696 2.43 49.94 -19.87
C SER B 696 1.62 50.11 -21.15
N GLY B 697 1.27 48.97 -21.77
CA GLY B 697 0.51 48.97 -22.99
C GLY B 697 -0.99 49.14 -22.83
N LEU B 698 -1.48 49.23 -21.60
CA LEU B 698 -2.89 49.40 -21.32
C LEU B 698 -3.17 50.87 -21.05
N LYS B 699 -4.04 51.47 -21.85
CA LYS B 699 -4.38 52.89 -21.73
C LYS B 699 -5.89 53.04 -21.67
N GLY B 700 -6.34 54.06 -20.93
CA GLY B 700 -7.74 54.32 -20.76
C GLY B 700 -8.41 53.63 -19.60
N GLY B 701 -7.67 52.79 -18.86
CA GLY B 701 -8.25 52.11 -17.71
C GLY B 701 -8.88 50.78 -18.08
N ALA B 702 -8.53 49.74 -17.32
CA ALA B 702 -9.06 48.40 -17.60
C ALA B 702 -10.54 48.31 -17.26
N ASN B 703 -11.24 47.44 -17.99
CA ASN B 703 -12.62 47.09 -17.66
C ASN B 703 -12.79 45.61 -17.37
N VAL B 704 -11.74 44.81 -17.56
CA VAL B 704 -11.74 43.40 -17.20
C VAL B 704 -10.63 43.18 -16.18
N LEU B 705 -10.98 42.61 -15.03
CA LEU B 705 -10.03 42.41 -13.94
C LEU B 705 -9.98 40.92 -13.61
N VAL B 706 -8.81 40.32 -13.79
CA VAL B 706 -8.59 38.92 -13.47
C VAL B 706 -7.82 38.85 -12.16
N PHE B 707 -8.35 38.08 -11.21
CA PHE B 707 -7.79 38.08 -9.86
C PHE B 707 -6.91 36.87 -9.64
N PRO B 708 -5.88 37.01 -8.80
CA PRO B 708 -4.92 35.91 -8.61
C PRO B 708 -5.53 34.63 -8.03
N ASN B 709 -6.50 34.74 -7.14
CA ASN B 709 -7.07 33.55 -6.50
C ASN B 709 -8.54 33.79 -6.20
N LEU B 710 -9.18 32.78 -5.60
CA LEU B 710 -10.62 32.86 -5.35
C LEU B 710 -10.93 33.81 -4.20
N GLU B 711 -10.12 33.81 -3.15
CA GLU B 711 -10.38 34.67 -2.00
C GLU B 711 -10.43 36.13 -2.41
N SER B 712 -9.44 36.57 -3.19
CA SER B 712 -9.36 37.98 -3.57
C SER B 712 -10.58 38.40 -4.36
N SER B 713 -10.91 37.66 -5.42
CA SER B 713 -12.03 38.03 -6.26
C SER B 713 -13.36 37.97 -5.51
N ASN B 714 -13.55 36.91 -4.72
CA ASN B 714 -14.80 36.77 -3.98
C ASN B 714 -14.99 37.90 -3.00
N ILE B 715 -13.98 38.17 -2.17
CA ILE B 715 -14.07 39.23 -1.18
C ILE B 715 -14.25 40.58 -1.86
N ALA B 716 -13.50 40.84 -2.93
CA ALA B 716 -13.58 42.13 -3.60
C ALA B 716 -14.97 42.36 -4.18
N TYR B 717 -15.51 41.36 -4.88
CA TYR B 717 -16.82 41.55 -5.50
C TYR B 717 -17.92 41.69 -4.45
N LYS B 718 -17.87 40.89 -3.38
CA LYS B 718 -18.88 41.02 -2.34
C LYS B 718 -18.79 42.36 -1.62
N LEU B 719 -17.57 42.82 -1.32
CA LEU B 719 -17.41 44.10 -0.64
C LEU B 719 -17.88 45.24 -1.52
N ILE B 720 -17.54 45.22 -2.81
CA ILE B 720 -17.99 46.28 -3.71
C ILE B 720 -19.52 46.26 -3.81
N GLN B 721 -20.11 45.08 -3.88
CA GLN B 721 -21.57 44.99 -3.94
C GLN B 721 -22.22 45.54 -2.69
N GLN B 722 -21.62 45.28 -1.52
CA GLN B 722 -22.28 45.65 -0.26
C GLN B 722 -22.09 47.11 0.08
N ILE B 723 -20.85 47.55 0.28
CA ILE B 723 -20.61 48.90 0.77
C ILE B 723 -20.39 49.90 -0.36
N GLY B 724 -19.90 49.46 -1.52
CA GLY B 724 -19.73 50.37 -2.63
C GLY B 724 -21.05 50.76 -3.25
N LYS B 725 -21.12 52.00 -3.73
CA LYS B 725 -22.33 52.52 -4.36
C LYS B 725 -22.36 52.18 -5.85
N ALA B 726 -22.15 50.91 -6.17
CA ALA B 726 -22.17 50.44 -7.55
C ALA B 726 -22.93 49.13 -7.60
N GLU B 727 -23.83 49.00 -8.57
CA GLU B 727 -24.63 47.79 -8.71
C GLU B 727 -23.78 46.67 -9.29
N VAL B 728 -23.76 45.53 -8.60
CA VAL B 728 -23.02 44.35 -9.04
C VAL B 728 -24.03 43.29 -9.40
N ILE B 729 -23.96 42.79 -10.63
CA ILE B 729 -24.83 41.73 -11.12
C ILE B 729 -23.98 40.51 -11.42
N GLY B 730 -24.37 39.37 -10.88
CA GLY B 730 -23.63 38.14 -11.03
C GLY B 730 -23.77 37.24 -9.82
N PRO B 731 -22.95 36.20 -9.75
CA PRO B 731 -21.95 35.79 -10.72
C PRO B 731 -22.55 35.02 -11.89
N PHE B 732 -21.91 35.04 -13.05
CA PHE B 732 -22.37 34.32 -14.22
C PHE B 732 -21.35 33.23 -14.56
N LEU B 733 -21.81 32.00 -14.64
CA LEU B 733 -20.91 30.88 -14.92
C LEU B 733 -20.54 30.89 -16.39
N THR B 734 -19.25 31.10 -16.67
CA THR B 734 -18.72 31.08 -18.03
C THR B 734 -17.90 29.82 -18.23
N GLY B 735 -17.65 29.49 -19.50
CA GLY B 735 -16.85 28.34 -19.84
C GLY B 735 -17.62 27.04 -19.97
N VAL B 736 -18.90 27.03 -19.62
CA VAL B 736 -19.72 25.83 -19.71
C VAL B 736 -20.39 25.79 -21.07
N ARG B 737 -20.71 24.57 -21.53
CA ARG B 737 -21.27 24.40 -22.86
C ARG B 737 -22.62 25.09 -22.99
N ARG B 738 -23.60 24.68 -22.19
CA ARG B 738 -24.94 25.23 -22.24
C ARG B 738 -25.12 26.27 -21.14
N SER B 739 -26.12 27.14 -21.34
CA SER B 739 -26.35 28.24 -20.42
C SER B 739 -26.84 27.73 -19.07
N ALA B 740 -26.09 28.03 -18.01
CA ALA B 740 -26.46 27.64 -16.66
C ALA B 740 -25.66 28.48 -15.68
N ASN B 741 -26.34 29.21 -14.81
CA ASN B 741 -25.68 30.03 -13.80
C ASN B 741 -26.21 29.68 -12.42
N VAL B 742 -25.37 29.88 -11.41
CA VAL B 742 -25.70 29.55 -10.02
C VAL B 742 -25.71 30.85 -9.24
N LEU B 743 -26.81 31.10 -8.54
CA LEU B 743 -26.95 32.30 -7.73
C LEU B 743 -26.17 32.17 -6.43
N GLN B 744 -25.79 33.31 -5.87
CA GLN B 744 -25.25 33.34 -4.53
C GLN B 744 -26.36 33.07 -3.52
N ARG B 745 -26.03 32.32 -2.46
CA ARG B 745 -27.04 31.96 -1.48
C ARG B 745 -27.56 33.17 -0.69
N THR B 746 -26.84 34.30 -0.74
CA THR B 746 -27.23 35.51 -0.03
C THR B 746 -27.89 36.54 -0.95
N THR B 747 -28.30 36.12 -2.14
CA THR B 747 -28.81 37.05 -3.13
C THR B 747 -30.16 37.63 -2.71
N THR B 748 -30.47 38.79 -3.27
CA THR B 748 -31.77 39.42 -3.11
C THR B 748 -32.63 39.14 -4.33
N VAL B 749 -33.91 39.54 -4.25
CA VAL B 749 -34.83 39.27 -5.35
C VAL B 749 -34.41 40.02 -6.61
N ASP B 750 -33.95 41.26 -6.45
CA ASP B 750 -33.48 42.02 -7.61
C ASP B 750 -32.26 41.37 -8.25
N GLY B 751 -31.36 40.83 -7.42
CA GLY B 751 -30.23 40.09 -7.96
C GLY B 751 -30.67 38.87 -8.75
N ILE B 752 -31.68 38.16 -8.24
CA ILE B 752 -32.21 37.01 -8.98
C ILE B 752 -32.80 37.46 -10.31
N VAL B 753 -33.53 38.58 -10.30
CA VAL B 753 -34.14 39.07 -11.54
C VAL B 753 -33.06 39.40 -12.57
N ASN B 754 -32.03 40.11 -12.15
CA ASN B 754 -30.95 40.47 -13.08
C ASN B 754 -30.22 39.24 -13.59
N SER B 755 -29.94 38.29 -12.70
CA SER B 755 -29.24 37.08 -13.12
C SER B 755 -30.06 36.26 -14.09
N VAL B 756 -31.38 36.19 -13.86
CA VAL B 756 -32.24 35.45 -14.80
C VAL B 756 -32.33 36.19 -16.12
N VAL B 757 -32.33 37.52 -16.12
CA VAL B 757 -32.34 38.26 -17.37
C VAL B 757 -31.10 37.92 -18.19
N PHE B 758 -29.93 37.95 -17.55
CA PHE B 758 -28.71 37.65 -18.29
C PHE B 758 -28.63 36.17 -18.67
N THR B 759 -29.18 35.28 -17.84
CA THR B 759 -29.24 33.87 -18.19
C THR B 759 -30.10 33.64 -19.42
N ALA B 760 -31.24 34.34 -19.50
CA ALA B 760 -32.08 34.24 -20.68
C ALA B 760 -31.35 34.76 -21.91
N LEU B 761 -30.65 35.89 -21.77
CA LEU B 761 -29.87 36.42 -22.89
C LEU B 761 -28.84 35.41 -23.37
N GLU B 762 -28.10 34.80 -22.44
CA GLU B 762 -27.10 33.81 -22.80
C GLU B 762 -27.75 32.58 -23.44
N ALA B 763 -28.91 32.17 -22.93
CA ALA B 763 -29.58 31.00 -23.48
C ALA B 763 -30.03 31.24 -24.92
N GLN B 764 -30.59 32.42 -25.20
CA GLN B 764 -30.97 32.73 -26.58
C GLN B 764 -29.74 32.82 -27.48
N PHE B 765 -28.65 33.40 -26.98
CA PHE B 765 -27.44 33.47 -27.81
C PHE B 765 -26.92 32.07 -28.12
N ILE B 766 -26.93 31.17 -27.13
CA ILE B 766 -26.45 29.82 -27.33
C ILE B 766 -27.36 29.05 -28.29
N LYS B 767 -28.67 29.26 -28.18
CA LYS B 767 -29.61 28.63 -29.11
C LYS B 767 -29.36 29.12 -30.53
N ASP B 768 -29.13 30.42 -30.70
CA ASP B 768 -28.83 30.96 -32.03
C ASP B 768 -27.55 30.34 -32.57
N ALA B 769 -26.51 30.26 -31.74
CA ALA B 769 -25.24 29.68 -32.19
C ALA B 769 -25.41 28.22 -32.58
N LEU B 770 -26.17 27.46 -31.79
CA LEU B 770 -26.39 26.05 -32.11
C LEU B 770 -27.16 25.88 -33.41
N LYS B 771 -28.21 26.68 -33.60
CA LYS B 771 -29.01 26.55 -34.81
C LYS B 771 -28.27 26.99 -36.06
N ALA B 772 -27.22 27.79 -35.93
CA ALA B 772 -26.45 28.26 -37.07
C ALA B 772 -25.32 27.31 -37.47
N ARG B 773 -25.17 26.19 -36.76
CA ARG B 773 -24.13 25.22 -37.08
C ARG B 773 -24.49 24.43 -38.33
N GLU C 429 60.86 29.90 23.26
CA GLU C 429 59.96 30.59 22.35
C GLU C 429 59.08 29.60 21.58
N ALA C 430 58.64 30.00 20.39
CA ALA C 430 57.76 29.20 19.55
C ALA C 430 58.54 28.49 18.45
N GLN C 431 59.77 28.05 18.73
CA GLN C 431 60.57 27.37 17.73
C GLN C 431 59.94 26.05 17.30
N GLN C 432 59.39 25.31 18.25
CA GLN C 432 58.78 24.01 17.95
C GLN C 432 57.29 24.20 17.62
N GLY C 433 56.63 23.08 17.36
CA GLY C 433 55.22 23.08 17.04
C GLY C 433 54.80 21.81 16.34
N PRO C 434 53.49 21.58 16.24
CA PRO C 434 53.01 20.36 15.58
C PRO C 434 53.48 20.29 14.13
N SER C 435 53.84 19.08 13.71
CA SER C 435 54.33 18.79 12.36
C SER C 435 54.63 17.29 12.29
N LYS C 436 55.84 16.92 12.69
CA LYS C 436 56.15 15.54 13.03
C LYS C 436 56.31 15.34 14.53
N VAL C 437 56.38 16.42 15.31
CA VAL C 437 56.46 16.30 16.76
C VAL C 437 55.12 15.94 17.38
N PHE C 438 54.01 16.18 16.68
CA PHE C 438 52.70 15.77 17.20
C PHE C 438 52.57 14.25 17.18
N ILE C 439 52.94 13.63 16.06
CA ILE C 439 52.91 12.18 15.98
C ILE C 439 53.94 11.57 16.92
N ARG C 440 55.08 12.22 17.09
CA ARG C 440 56.07 11.74 18.05
C ARG C 440 55.54 11.82 19.47
N SER C 441 54.84 12.90 19.81
CA SER C 441 54.22 13.00 21.13
C SER C 441 53.16 11.92 21.31
N ALA C 442 52.38 11.64 20.27
CA ALA C 442 51.38 10.58 20.36
C ALA C 442 52.03 9.22 20.60
N ILE C 443 53.13 8.94 19.89
CA ILE C 443 53.82 7.67 20.07
C ILE C 443 54.43 7.58 21.46
N ASN C 444 55.00 8.68 21.95
CA ASN C 444 55.55 8.69 23.30
C ASN C 444 54.46 8.46 24.33
N ARG C 445 53.28 9.04 24.13
CA ARG C 445 52.16 8.79 25.02
C ARG C 445 51.73 7.33 24.97
N VAL C 446 51.73 6.73 23.77
CA VAL C 446 51.40 5.30 23.65
C VAL C 446 52.38 4.47 24.45
N HIS C 447 53.68 4.77 24.32
CA HIS C 447 54.69 4.02 25.05
C HIS C 447 54.57 4.23 26.56
N GLN C 448 54.27 5.47 26.98
CA GLN C 448 54.09 5.74 28.40
C GLN C 448 52.90 4.98 28.96
N ASN C 449 51.79 4.94 28.22
CA ASN C 449 50.63 4.16 28.66
C ASN C 449 50.95 2.67 28.73
N SER C 450 51.70 2.17 27.74
CA SER C 450 52.09 0.76 27.77
C SER C 450 52.97 0.44 28.98
N GLU C 451 53.93 1.32 29.28
CA GLU C 451 54.80 1.10 30.43
C GLU C 451 54.01 1.15 31.73
N ALA C 452 53.09 2.11 31.85
CA ALA C 452 52.29 2.22 33.06
C ALA C 452 51.38 1.01 33.25
N ASN C 453 50.78 0.52 32.16
CA ASN C 453 49.80 -0.55 32.24
C ASN C 453 50.44 -1.92 32.44
N GLY C 454 51.75 -2.05 32.25
CA GLY C 454 52.41 -3.32 32.51
C GLY C 454 53.16 -3.89 31.33
N GLY C 455 53.48 -3.04 30.36
CA GLY C 455 54.24 -3.47 29.20
C GLY C 455 53.43 -4.16 28.13
N GLU C 456 52.12 -4.31 28.31
CA GLU C 456 51.28 -4.94 27.31
C GLU C 456 50.86 -3.93 26.24
N LEU C 457 50.55 -4.44 25.06
CA LEU C 457 50.19 -3.60 23.93
C LEU C 457 48.72 -3.78 23.57
N PRO C 458 48.09 -2.74 23.02
CA PRO C 458 46.71 -2.90 22.56
C PRO C 458 46.62 -3.88 21.40
N ARG C 459 45.50 -4.58 21.32
CA ARG C 459 45.25 -5.56 20.26
C ARG C 459 44.30 -4.94 19.25
N ILE C 460 44.87 -4.46 18.14
CA ILE C 460 44.09 -3.86 17.07
C ILE C 460 43.91 -4.88 15.96
N VAL C 461 42.66 -5.25 15.70
CA VAL C 461 42.34 -6.27 14.70
C VAL C 461 42.13 -5.59 13.36
N PHE C 462 42.81 -6.10 12.34
CA PHE C 462 42.70 -5.57 10.99
C PHE C 462 41.89 -6.52 10.13
N PRO C 463 40.65 -6.19 9.78
CA PRO C 463 39.85 -7.10 8.95
C PRO C 463 40.44 -7.36 7.57
N GLU C 464 41.30 -6.49 7.07
CA GLU C 464 41.96 -6.69 5.78
C GLU C 464 43.37 -7.22 6.03
N GLY C 465 43.52 -8.53 5.95
CA GLY C 465 44.83 -9.14 6.10
C GLY C 465 45.57 -9.25 4.78
N THR C 466 44.82 -9.16 3.68
CA THR C 466 45.39 -9.30 2.35
C THR C 466 45.76 -7.97 1.70
N SER C 467 45.59 -6.85 2.41
CA SER C 467 45.91 -5.55 1.85
C SER C 467 47.41 -5.29 1.95
N THR C 468 48.01 -4.91 0.81
CA THR C 468 49.45 -4.67 0.79
C THR C 468 49.82 -3.48 1.66
N LYS C 469 49.06 -2.39 1.57
CA LYS C 469 49.36 -1.21 2.37
C LYS C 469 49.24 -1.50 3.86
N VAL C 470 48.23 -2.28 4.24
CA VAL C 470 48.03 -2.61 5.66
C VAL C 470 49.23 -3.38 6.21
N LEU C 471 49.72 -4.37 5.46
CA LEU C 471 50.87 -5.14 5.93
C LEU C 471 52.14 -4.30 5.92
N LYS C 472 52.32 -3.46 4.90
CA LYS C 472 53.51 -2.61 4.85
C LYS C 472 53.53 -1.62 6.00
N ALA C 473 52.37 -1.13 6.42
CA ALA C 473 52.30 -0.27 7.60
C ALA C 473 52.45 -1.07 8.89
N LEU C 474 51.93 -2.29 8.93
CA LEU C 474 52.05 -3.13 10.11
C LEU C 474 53.50 -3.50 10.39
N ALA C 475 54.32 -3.60 9.34
CA ALA C 475 55.75 -3.82 9.56
C ALA C 475 56.34 -2.72 10.42
N THR C 476 56.09 -1.47 10.05
CA THR C 476 56.60 -0.35 10.83
C THR C 476 55.96 -0.29 12.21
N LEU C 477 54.66 -0.56 12.30
CA LEU C 477 53.97 -0.48 13.58
C LEU C 477 54.50 -1.52 14.57
N VAL C 478 54.74 -2.74 14.10
CA VAL C 478 55.37 -3.75 14.95
C VAL C 478 56.78 -3.34 15.31
N GLU C 479 57.54 -2.82 14.32
CA GLU C 479 58.89 -2.35 14.60
C GLU C 479 58.89 -1.20 15.61
N GLU C 480 57.82 -0.41 15.66
CA GLU C 480 57.75 0.75 16.53
C GLU C 480 57.08 0.46 17.88
N ARG C 481 56.70 -0.79 18.14
CA ARG C 481 56.11 -1.20 19.42
C ARG C 481 54.86 -0.39 19.74
N ILE C 482 53.97 -0.26 18.75
CA ILE C 482 52.75 0.52 18.88
C ILE C 482 51.56 -0.37 19.23
N CYS C 483 51.40 -1.49 18.56
CA CYS C 483 50.25 -2.35 18.76
C CYS C 483 50.62 -3.79 18.44
N GLN C 484 49.79 -4.71 18.95
CA GLN C 484 49.89 -6.12 18.61
C GLN C 484 48.75 -6.45 17.65
N PRO C 485 49.01 -6.63 16.36
CA PRO C 485 47.92 -6.74 15.40
C PRO C 485 47.32 -8.13 15.34
N ILE C 486 46.09 -8.19 14.83
CA ILE C 486 45.40 -9.43 14.54
C ILE C 486 44.82 -9.30 13.14
N LEU C 487 45.24 -10.18 12.23
CA LEU C 487 44.83 -10.13 10.85
C LEU C 487 43.70 -11.12 10.60
N LEU C 488 42.65 -10.67 9.91
CA LEU C 488 41.50 -11.49 9.63
C LEU C 488 41.57 -12.01 8.20
N GLY C 489 41.29 -13.30 8.04
CA GLY C 489 41.35 -13.94 6.73
C GLY C 489 41.83 -15.36 6.89
N TYR C 490 41.91 -16.05 5.76
CA TYR C 490 42.42 -17.41 5.77
C TYR C 490 43.91 -17.38 6.07
N PRO C 491 44.39 -18.15 7.07
CA PRO C 491 45.81 -18.08 7.42
C PRO C 491 46.74 -18.42 6.27
N GLU C 492 46.34 -19.34 5.38
CA GLU C 492 47.21 -19.69 4.26
C GLU C 492 47.40 -18.51 3.32
N ARG C 493 46.30 -17.85 2.93
CA ARG C 493 46.41 -16.71 2.02
C ARG C 493 47.15 -15.54 2.66
N VAL C 494 46.87 -15.27 3.93
CA VAL C 494 47.55 -14.18 4.62
C VAL C 494 49.04 -14.46 4.73
N LYS C 495 49.41 -15.69 5.09
CA LYS C 495 50.82 -16.05 5.20
C LYS C 495 51.51 -15.97 3.84
N GLU C 496 50.82 -16.40 2.77
CA GLU C 496 51.39 -16.30 1.44
C GLU C 496 51.63 -14.84 1.06
N LYS C 497 50.68 -13.96 1.38
CA LYS C 497 50.87 -12.55 1.10
C LYS C 497 52.04 -11.96 1.89
N ILE C 498 52.16 -12.34 3.15
CA ILE C 498 53.28 -11.87 3.97
C ILE C 498 54.60 -12.33 3.38
N LYS C 499 54.68 -13.60 2.98
CA LYS C 499 55.91 -14.12 2.39
C LYS C 499 56.23 -13.42 1.07
N ALA C 500 55.21 -13.18 0.24
CA ALA C 500 55.43 -12.50 -1.03
C ALA C 500 55.93 -11.08 -0.82
N LEU C 501 55.37 -10.37 0.16
CA LEU C 501 55.82 -9.02 0.46
C LEU C 501 57.21 -8.98 1.06
N ASP C 502 57.75 -10.13 1.50
CA ASP C 502 59.09 -10.23 2.08
C ASP C 502 59.23 -9.36 3.32
N ILE C 503 58.38 -9.64 4.30
CA ILE C 503 58.40 -8.97 5.59
C ILE C 503 58.59 -10.04 6.67
N PRO C 504 59.71 -10.03 7.41
CA PRO C 504 59.91 -11.03 8.46
C PRO C 504 59.30 -10.69 9.80
N LEU C 505 58.89 -9.43 10.02
CA LEU C 505 58.37 -9.03 11.32
C LEU C 505 56.94 -9.49 11.55
N LEU C 506 56.21 -9.84 10.49
CA LEU C 506 54.81 -10.22 10.60
C LEU C 506 54.59 -11.72 10.60
N ASN C 507 55.66 -12.50 10.74
CA ASN C 507 55.51 -13.96 10.76
C ASN C 507 54.77 -14.43 12.01
N ASP C 508 55.05 -13.80 13.15
CA ASP C 508 54.44 -14.19 14.42
C ASP C 508 53.11 -13.50 14.69
N VAL C 509 52.67 -12.62 13.79
CA VAL C 509 51.41 -11.90 13.99
C VAL C 509 50.25 -12.88 13.93
N GLN C 510 49.29 -12.70 14.83
CA GLN C 510 48.12 -13.55 14.87
C GLN C 510 47.29 -13.41 13.61
N ILE C 511 46.81 -14.54 13.09
CA ILE C 511 45.84 -14.56 12.00
C ILE C 511 44.62 -15.35 12.48
N VAL C 512 43.44 -14.76 12.32
CA VAL C 512 42.19 -15.34 12.80
C VAL C 512 41.22 -15.46 11.64
N HIS C 513 40.70 -16.66 11.43
CA HIS C 513 39.64 -16.86 10.46
C HIS C 513 38.29 -16.65 11.15
N PRO C 514 37.44 -15.76 10.64
CA PRO C 514 36.16 -15.49 11.33
C PRO C 514 35.28 -16.72 11.48
N SER C 515 35.25 -17.61 10.48
CA SER C 515 34.32 -18.73 10.51
C SER C 515 34.76 -19.83 11.47
N SER C 516 36.07 -20.06 11.61
CA SER C 516 36.58 -21.15 12.44
C SER C 516 37.05 -20.68 13.81
N HIS C 517 36.75 -19.45 14.19
CA HIS C 517 37.13 -18.97 15.52
C HIS C 517 36.36 -19.73 16.59
N PRO C 518 36.99 -20.04 17.72
CA PRO C 518 36.25 -20.72 18.81
C PRO C 518 35.06 -19.93 19.32
N LYS C 519 35.14 -18.60 19.29
CA LYS C 519 34.07 -17.74 19.78
C LYS C 519 33.15 -17.25 18.66
N TYR C 520 33.25 -17.85 17.47
CA TYR C 520 32.49 -17.36 16.32
C TYR C 520 30.99 -17.48 16.55
N PHE C 521 30.54 -18.61 17.10
CA PHE C 521 29.11 -18.80 17.29
C PHE C 521 28.58 -17.96 18.44
N SER C 522 29.40 -17.69 19.45
CA SER C 522 28.99 -16.74 20.49
C SER C 522 28.79 -15.36 19.88
N PHE C 523 29.67 -14.95 18.98
CA PHE C 523 29.50 -13.67 18.29
C PHE C 523 28.25 -13.67 17.42
N VAL C 524 27.97 -14.80 16.75
CA VAL C 524 26.76 -14.89 15.93
C VAL C 524 25.52 -14.73 16.81
N GLU C 525 25.52 -15.41 17.96
CA GLU C 525 24.39 -15.29 18.89
C GLU C 525 24.24 -13.86 19.39
N LYS C 526 25.35 -13.21 19.74
CA LYS C 526 25.29 -11.84 20.24
C LYS C 526 24.77 -10.87 19.18
N LEU C 527 25.25 -11.01 17.95
CA LEU C 527 24.78 -10.13 16.88
C LEU C 527 23.30 -10.38 16.59
N TYR C 528 22.88 -11.65 16.60
CA TYR C 528 21.47 -11.95 16.39
C TYR C 528 20.61 -11.35 17.50
N SER C 529 21.09 -11.42 18.74
CA SER C 529 20.34 -10.82 19.85
C SER C 529 20.31 -9.31 19.75
N LEU C 530 21.34 -8.70 19.16
CA LEU C 530 21.38 -7.25 19.03
C LEU C 530 20.37 -6.76 17.99
N ARG C 531 20.34 -7.39 16.83
CA ARG C 531 19.60 -6.90 15.68
C ARG C 531 18.55 -7.90 15.22
N GLN C 532 17.91 -8.60 16.15
CA GLN C 532 16.86 -9.53 15.77
C GLN C 532 15.64 -8.79 15.22
N ARG C 533 15.35 -7.61 15.74
CA ARG C 533 14.21 -6.81 15.29
C ARG C 533 14.61 -5.75 14.27
N LYS C 534 15.83 -5.82 13.73
CA LYS C 534 16.28 -4.91 12.69
C LYS C 534 16.60 -5.64 11.39
N GLY C 535 16.05 -6.83 11.19
CA GLY C 535 16.22 -7.54 9.94
C GLY C 535 17.35 -8.53 9.88
N ILE C 536 17.92 -8.93 11.01
CA ILE C 536 19.02 -9.88 11.06
C ILE C 536 18.67 -10.96 12.07
N ASN C 537 18.38 -12.16 11.59
CA ASN C 537 18.18 -13.32 12.44
C ASN C 537 19.33 -14.31 12.21
N LEU C 538 19.23 -15.50 12.81
CA LEU C 538 20.36 -16.42 12.84
C LEU C 538 20.86 -16.74 11.44
N GLY C 539 19.95 -16.95 10.49
CA GLY C 539 20.37 -17.22 9.12
C GLY C 539 21.16 -16.07 8.53
N GLU C 540 20.71 -14.83 8.77
CA GLU C 540 21.44 -13.67 8.29
C GLU C 540 22.64 -13.36 9.18
N ALA C 541 22.54 -13.62 10.49
CA ALA C 541 23.66 -13.33 11.39
C ALA C 541 24.87 -14.19 11.08
N GLU C 542 24.65 -15.47 10.79
CA GLU C 542 25.77 -16.36 10.46
C GLU C 542 26.46 -15.90 9.18
N ARG C 543 25.68 -15.48 8.18
CA ARG C 543 26.27 -14.98 6.95
C ARG C 543 27.02 -13.67 7.17
N LEU C 544 26.48 -12.79 8.00
CA LEU C 544 27.12 -11.49 8.24
C LEU C 544 28.43 -11.65 9.01
N MET C 545 28.44 -12.49 10.05
CA MET C 545 29.63 -12.65 10.86
C MET C 545 30.78 -13.28 10.08
N ALA C 546 30.50 -13.91 8.93
CA ALA C 546 31.58 -14.41 8.09
C ALA C 546 32.38 -13.28 7.46
N ASP C 547 31.82 -12.09 7.36
CA ASP C 547 32.56 -10.95 6.83
C ASP C 547 33.62 -10.52 7.83
N PRO C 548 34.85 -10.23 7.39
CA PRO C 548 35.87 -9.76 8.33
C PRO C 548 35.50 -8.47 9.04
N ASN C 549 34.78 -7.56 8.37
CA ASN C 549 34.40 -6.31 9.02
C ASN C 549 33.48 -6.56 10.21
N TYR C 550 32.42 -7.34 10.00
CA TYR C 550 31.48 -7.61 11.08
C TYR C 550 32.14 -8.40 12.19
N PHE C 551 32.97 -9.39 11.85
CA PHE C 551 33.63 -10.18 12.86
C PHE C 551 34.59 -9.35 13.70
N ALA C 552 35.37 -8.48 13.06
CA ALA C 552 36.31 -7.66 13.81
C ALA C 552 35.57 -6.62 14.66
N ALA C 553 34.45 -6.10 14.16
CA ALA C 553 33.64 -5.20 14.98
C ALA C 553 33.11 -5.92 16.21
N MET C 554 32.68 -7.17 16.03
CA MET C 554 32.22 -7.96 17.18
C MET C 554 33.35 -8.24 18.16
N MET C 555 34.55 -8.51 17.64
CA MET C 555 35.70 -8.72 18.53
C MET C 555 35.99 -7.47 19.35
N VAL C 556 35.93 -6.29 18.71
CA VAL C 556 36.15 -5.05 19.44
C VAL C 556 35.05 -4.84 20.47
N ASN C 557 33.80 -5.12 20.10
CA ASN C 557 32.68 -4.92 21.00
C ASN C 557 32.75 -5.82 22.23
N MET C 558 33.13 -7.08 22.03
CA MET C 558 33.12 -8.07 23.10
C MET C 558 34.41 -8.10 23.92
N GLY C 559 35.37 -7.25 23.60
CA GLY C 559 36.60 -7.17 24.36
C GLY C 559 37.72 -8.07 23.91
N GLU C 560 37.50 -8.90 22.88
CA GLU C 560 38.58 -9.76 22.40
C GLU C 560 39.71 -8.95 21.78
N ALA C 561 39.41 -7.79 21.21
CA ALA C 561 40.41 -6.89 20.65
C ALA C 561 40.14 -5.48 21.15
N ASP C 562 41.21 -4.72 21.37
CA ASP C 562 41.08 -3.38 21.91
C ASP C 562 40.60 -2.36 20.88
N GLY C 563 40.78 -2.64 19.60
CA GLY C 563 40.37 -1.70 18.57
C GLY C 563 40.42 -2.34 17.20
N MET C 564 39.86 -1.64 16.24
CA MET C 564 39.83 -2.08 14.85
C MET C 564 40.21 -0.94 13.92
N VAL C 565 40.88 -1.30 12.83
CA VAL C 565 41.24 -0.37 11.76
C VAL C 565 40.83 -1.02 10.45
N SER C 566 39.95 -0.36 9.70
CA SER C 566 39.39 -0.95 8.49
C SER C 566 39.29 0.11 7.40
N GLY C 567 38.72 -0.28 6.27
CA GLY C 567 38.42 0.64 5.19
C GLY C 567 39.57 0.94 4.25
N SER C 568 40.70 0.26 4.39
CA SER C 568 41.86 0.56 3.56
C SER C 568 41.68 0.11 2.12
N SER C 569 40.78 -0.83 1.85
CA SER C 569 40.60 -1.37 0.51
C SER C 569 39.13 -1.35 0.06
N ILE C 570 38.25 -0.70 0.82
CA ILE C 570 36.83 -0.66 0.51
C ILE C 570 36.32 0.76 0.77
N ASN C 571 35.19 1.09 0.16
CA ASN C 571 34.62 2.41 0.31
C ASN C 571 34.15 2.62 1.75
N TYR C 572 34.07 3.89 2.15
CA TYR C 572 33.87 4.23 3.56
C TYR C 572 32.54 3.71 4.08
N ALA C 573 31.48 3.80 3.28
CA ALA C 573 30.15 3.43 3.76
C ALA C 573 30.09 1.95 4.12
N ASP C 574 30.61 1.09 3.26
CA ASP C 574 30.55 -0.34 3.50
C ASP C 574 31.48 -0.77 4.62
N ALA C 575 32.49 0.03 4.96
CA ALA C 575 33.39 -0.29 6.06
C ALA C 575 32.90 0.25 7.38
N VAL C 576 32.15 1.35 7.37
CA VAL C 576 31.65 1.96 8.61
C VAL C 576 30.24 1.52 8.97
N ARG C 577 29.52 0.90 8.04
CA ARG C 577 28.21 0.36 8.40
C ARG C 577 28.28 -0.72 9.47
N PRO C 578 29.14 -1.74 9.36
CA PRO C 578 29.22 -2.72 10.46
C PRO C 578 29.65 -2.12 11.79
N ILE C 579 30.50 -1.10 11.79
CA ILE C 579 30.92 -0.48 13.03
C ILE C 579 29.75 0.18 13.73
N LEU C 580 28.94 0.93 12.97
CA LEU C 580 27.79 1.60 13.57
C LEU C 580 26.70 0.62 13.94
N GLN C 581 26.57 -0.48 13.20
CA GLN C 581 25.53 -1.46 13.49
C GLN C 581 25.87 -2.31 14.70
N THR C 582 27.14 -2.66 14.89
CA THR C 582 27.55 -3.53 15.98
C THR C 582 27.98 -2.74 17.21
N ILE C 583 29.03 -1.93 17.08
CA ILE C 583 29.54 -1.19 18.22
C ILE C 583 28.57 -0.10 18.64
N GLY C 584 28.03 0.63 17.68
CA GLY C 584 27.06 1.67 17.97
C GLY C 584 27.70 2.92 18.53
N THR C 585 26.83 3.80 19.03
CA THR C 585 27.23 5.09 19.59
C THR C 585 26.80 5.16 21.05
N TYR C 586 27.57 5.90 21.85
CA TYR C 586 27.21 6.05 23.26
C TYR C 586 26.05 7.04 23.40
N LYS C 587 25.59 7.21 24.64
CA LYS C 587 24.40 8.01 24.88
C LYS C 587 24.66 9.48 24.54
N GLU C 588 23.68 10.08 23.86
CA GLU C 588 23.77 11.47 23.41
C GLU C 588 25.01 11.71 22.57
N GLY C 589 25.33 10.75 21.71
CA GLY C 589 26.49 10.84 20.85
C GLY C 589 26.11 10.58 19.41
N ILE C 590 26.85 11.23 18.51
CA ILE C 590 26.62 11.11 17.08
C ILE C 590 27.93 10.72 16.40
N PRO C 591 27.94 9.68 15.57
CA PRO C 591 29.16 9.35 14.83
C PRO C 591 29.59 10.48 13.92
N ALA C 592 30.89 10.72 13.85
CA ALA C 592 31.41 11.84 13.08
C ALA C 592 32.90 11.64 12.88
N GLY C 593 33.36 11.80 11.64
CA GLY C 593 34.78 11.78 11.37
C GLY C 593 35.45 13.04 11.89
N LEU C 594 36.77 12.97 11.98
CA LEU C 594 37.55 14.05 12.57
C LEU C 594 38.96 14.00 12.02
N ASN C 595 39.50 15.16 11.66
CA ASN C 595 40.84 15.22 11.08
C ASN C 595 41.67 16.27 11.80
N PHE C 596 42.97 16.00 11.92
CA PHE C 596 43.92 16.96 12.47
C PHE C 596 44.75 17.52 11.32
N VAL C 597 44.72 18.84 11.15
CA VAL C 597 45.59 19.54 10.22
C VAL C 597 46.71 20.15 11.05
N LEU C 598 47.91 19.57 10.96
CA LEU C 598 49.03 19.94 11.82
C LEU C 598 49.82 21.06 11.15
N LEU C 599 49.40 22.30 11.39
CA LEU C 599 50.15 23.44 10.92
C LEU C 599 51.39 23.65 11.79
N GLU C 600 52.26 24.56 11.34
CA GLU C 600 53.55 24.76 12.01
C GLU C 600 53.36 25.24 13.44
N ASP C 601 52.44 26.18 13.67
CA ASP C 601 52.26 26.74 15.00
C ASP C 601 51.21 25.97 15.81
N LYS C 602 49.99 25.87 15.28
CA LYS C 602 48.89 25.19 15.94
C LYS C 602 48.40 24.05 15.06
N PHE C 603 47.40 23.31 15.55
CA PHE C 603 46.77 22.26 14.78
C PHE C 603 45.26 22.48 14.79
N LEU C 604 44.66 22.41 13.60
CA LEU C 604 43.21 22.53 13.46
C LEU C 604 42.57 21.15 13.52
N VAL C 605 41.31 21.12 13.92
CA VAL C 605 40.53 19.90 13.99
C VAL C 605 39.26 20.10 13.16
N LEU C 606 39.12 19.32 12.09
CA LEU C 606 38.01 19.44 11.16
C LEU C 606 36.98 18.36 11.45
N ALA C 607 35.71 18.75 11.51
CA ALA C 607 34.61 17.80 11.67
C ALA C 607 33.36 18.45 11.10
N ASP C 608 32.43 17.63 10.58
CA ASP C 608 32.55 16.18 10.46
C ASP C 608 32.76 15.85 8.99
N THR C 609 33.75 15.00 8.70
CA THR C 609 34.22 14.80 7.34
C THR C 609 33.76 13.49 6.71
N THR C 610 33.09 12.62 7.45
CA THR C 610 32.84 11.30 6.85
C THR C 610 31.39 10.83 6.89
N VAL C 611 30.66 11.09 7.98
CA VAL C 611 29.44 10.33 8.21
C VAL C 611 28.18 11.11 7.82
N ASN C 612 27.95 12.25 8.46
CA ASN C 612 26.68 12.94 8.33
C ASN C 612 26.61 13.69 7.01
N PHE C 613 25.59 13.37 6.20
CA PHE C 613 25.42 14.04 4.91
C PHE C 613 25.14 15.52 5.09
N ASN C 614 24.25 15.86 6.02
CA ASN C 614 23.82 17.23 6.25
C ASN C 614 23.28 17.35 7.67
N PRO C 615 24.16 17.48 8.67
CA PRO C 615 23.71 17.51 10.05
C PRO C 615 22.87 18.76 10.34
N SER C 616 21.94 18.61 11.27
CA SER C 616 21.11 19.72 11.71
C SER C 616 21.88 20.55 12.74
N ALA C 617 21.23 21.54 13.33
CA ALA C 617 21.91 22.40 14.30
C ALA C 617 22.31 21.62 15.55
N GLU C 618 21.40 20.78 16.06
CA GLU C 618 21.72 20.00 17.26
C GLU C 618 22.84 19.00 16.99
N GLN C 619 22.80 18.35 15.82
CA GLN C 619 23.86 17.41 15.47
C GLN C 619 25.20 18.13 15.31
N CYS C 620 25.19 19.33 14.73
CA CYS C 620 26.41 20.10 14.61
C CYS C 620 26.95 20.50 15.97
N ALA C 621 26.07 20.88 16.89
CA ALA C 621 26.51 21.20 18.25
C ALA C 621 27.12 19.98 18.94
N GLN C 622 26.51 18.81 18.76
CA GLN C 622 27.06 17.60 19.35
C GLN C 622 28.43 17.26 18.74
N ILE C 623 28.56 17.43 17.43
CA ILE C 623 29.85 17.20 16.77
C ILE C 623 30.90 18.15 17.32
N ALA C 624 30.53 19.42 17.50
CA ALA C 624 31.46 20.40 18.06
C ALA C 624 31.87 20.02 19.47
N LEU C 625 30.93 19.53 20.28
CA LEU C 625 31.27 19.11 21.64
C LEU C 625 32.22 17.92 21.63
N GLN C 626 31.99 16.95 20.75
CA GLN C 626 32.89 15.79 20.66
C GLN C 626 34.28 16.23 20.23
N ALA C 627 34.37 17.10 19.23
CA ALA C 627 35.67 17.59 18.79
C ALA C 627 36.36 18.40 19.88
N ALA C 628 35.58 19.16 20.65
CA ALA C 628 36.16 19.92 21.77
C ALA C 628 36.73 18.98 22.83
N LYS C 629 36.02 17.90 23.13
CA LYS C 629 36.57 16.91 24.07
C LYS C 629 37.86 16.31 23.53
N ILE C 630 37.89 15.97 22.25
CA ILE C 630 39.09 15.39 21.67
C ILE C 630 40.26 16.36 21.74
N VAL C 631 40.00 17.65 21.44
CA VAL C 631 41.05 18.65 21.52
C VAL C 631 41.53 18.82 22.95
N GLU C 632 40.60 18.89 23.90
CA GLU C 632 40.99 19.05 25.31
C GLU C 632 41.80 17.87 25.81
N TYR C 633 41.61 16.70 25.20
CA TYR C 633 42.43 15.55 25.58
C TYR C 633 43.91 15.79 25.33
N PHE C 634 44.27 16.69 24.42
CA PHE C 634 45.66 16.97 24.08
C PHE C 634 46.21 18.19 24.80
N GLY C 635 45.51 18.69 25.82
CA GLY C 635 45.98 19.85 26.55
C GLY C 635 45.96 21.14 25.76
N ILE C 636 44.95 21.33 24.92
CA ILE C 636 44.80 22.54 24.11
C ILE C 636 43.38 23.07 24.32
N GLU C 637 43.27 24.34 24.66
CA GLU C 637 41.95 24.95 24.83
C GLU C 637 41.23 25.00 23.50
N PRO C 638 40.03 24.43 23.39
CA PRO C 638 39.34 24.41 22.09
C PRO C 638 38.61 25.71 21.81
N ARG C 639 38.68 26.14 20.55
CA ARG C 639 37.96 27.32 20.07
C ARG C 639 37.18 26.90 18.83
N VAL C 640 35.86 26.86 18.94
CA VAL C 640 35.00 26.23 17.94
C VAL C 640 34.41 27.28 17.03
N ALA C 641 34.44 27.01 15.72
CA ALA C 641 33.87 27.89 14.71
C ALA C 641 32.97 27.08 13.80
N MET C 642 31.74 27.56 13.64
CA MET C 642 30.76 26.93 12.75
C MET C 642 30.88 27.57 11.37
N LEU C 643 31.55 26.88 10.46
CA LEU C 643 31.87 27.45 9.16
C LEU C 643 30.63 27.59 8.30
N SER C 644 30.68 28.54 7.36
CA SER C 644 29.62 28.78 6.39
C SER C 644 30.22 29.60 5.25
N TYR C 645 29.36 30.09 4.36
CA TYR C 645 29.78 30.99 3.30
C TYR C 645 29.42 32.44 3.61
N SER C 646 28.91 32.72 4.81
CA SER C 646 28.50 34.06 5.20
C SER C 646 29.16 34.42 6.52
N ASN C 647 29.33 35.72 6.75
CA ASN C 647 30.01 36.24 7.93
C ASN C 647 28.97 36.86 8.86
N PHE C 648 28.50 36.07 9.83
CA PHE C 648 27.54 36.53 10.82
C PHE C 648 26.30 37.13 10.18
N SER C 649 25.83 36.49 9.11
CA SER C 649 24.67 37.00 8.37
C SER C 649 23.37 36.40 8.88
N GLY C 650 23.39 35.12 9.26
CA GLY C 650 22.19 34.50 9.81
C GLY C 650 21.05 34.39 8.83
N ALA C 651 21.34 34.40 7.53
CA ALA C 651 20.28 34.35 6.52
C ALA C 651 19.70 32.94 6.45
N GLU C 652 18.76 32.76 5.52
CA GLU C 652 18.11 31.47 5.35
C GLU C 652 19.08 30.42 4.82
N GLY C 653 18.92 29.20 5.29
CA GLY C 653 19.70 28.07 4.80
C GLY C 653 20.82 27.69 5.75
N THR C 654 22.02 27.51 5.21
CA THR C 654 23.17 27.16 6.04
C THR C 654 23.50 28.20 7.11
N PRO C 655 23.52 29.51 6.82
CA PRO C 655 23.88 30.47 7.89
C PRO C 655 22.99 30.38 9.12
N ARG C 656 21.67 30.24 8.95
CA ARG C 656 20.78 30.13 10.11
C ARG C 656 21.03 28.84 10.87
N LYS C 657 21.25 27.74 10.15
CA LYS C 657 21.54 26.47 10.81
C LYS C 657 22.82 26.56 11.63
N MET C 658 23.85 27.21 11.09
CA MET C 658 25.11 27.33 11.80
C MET C 658 24.98 28.27 13.00
N LYS C 659 24.19 29.34 12.86
CA LYS C 659 23.94 30.23 13.99
C LYS C 659 23.23 29.49 15.13
N LYS C 660 22.21 28.71 14.78
CA LYS C 660 21.49 27.93 15.79
C LYS C 660 22.40 26.88 16.42
N ALA C 661 23.25 26.25 15.61
CA ALA C 661 24.18 25.26 16.15
C ALA C 661 25.16 25.89 17.13
N ALA C 662 25.67 27.08 16.79
CA ALA C 662 26.56 27.78 17.70
C ALA C 662 25.86 28.12 19.01
N GLU C 663 24.61 28.59 18.92
CA GLU C 663 23.86 28.91 20.13
C GLU C 663 23.65 27.66 21.00
N ILE C 664 23.28 26.55 20.36
CA ILE C 664 23.05 25.31 21.12
C ILE C 664 24.33 24.82 21.77
N ALA C 665 25.45 24.88 21.03
CA ALA C 665 26.72 24.44 21.58
C ALA C 665 27.15 25.32 22.75
N ARG C 666 26.93 26.63 22.64
CA ARG C 666 27.23 27.52 23.75
C ARG C 666 26.36 27.21 24.96
N THR C 667 25.09 26.88 24.73
CA THR C 667 24.22 26.52 25.83
C THR C 667 24.69 25.24 26.51
N LEU C 668 25.08 24.24 25.72
CA LEU C 668 25.47 22.94 26.29
C LEU C 668 26.77 23.05 27.09
N ARG C 669 27.74 23.81 26.61
CA ARG C 669 29.03 23.98 27.27
C ARG C 669 29.30 25.47 27.43
N PRO C 670 28.81 26.09 28.51
CA PRO C 670 28.93 27.54 28.66
C PRO C 670 30.36 28.04 28.76
N ASP C 671 31.31 27.20 29.11
CA ASP C 671 32.68 27.62 29.35
C ASP C 671 33.54 27.60 28.09
N LEU C 672 32.96 27.31 26.93
CA LEU C 672 33.71 27.20 25.69
C LEU C 672 33.67 28.51 24.90
N MET C 673 34.59 28.62 23.94
CA MET C 673 34.67 29.75 23.04
C MET C 673 34.10 29.32 21.68
N ILE C 674 32.78 29.40 21.57
CA ILE C 674 32.05 28.93 20.39
C ILE C 674 31.42 30.13 19.72
N GLU C 675 31.62 30.25 18.41
CA GLU C 675 31.07 31.37 17.66
C GLU C 675 30.67 30.90 16.27
N GLY C 676 29.69 31.58 15.69
CA GLY C 676 29.22 31.28 14.35
C GLY C 676 27.99 32.09 14.01
N ASP C 677 27.65 32.18 12.72
CA ASP C 677 28.39 31.56 11.65
C ASP C 677 29.47 32.48 11.11
N MET C 678 30.40 31.92 10.33
CA MET C 678 31.46 32.69 9.73
C MET C 678 32.04 31.90 8.56
N GLN C 679 33.05 32.48 7.93
CA GLN C 679 33.78 31.82 6.86
C GLN C 679 35.10 31.26 7.40
N ALA C 680 35.77 30.47 6.56
CA ALA C 680 36.98 29.79 7.00
C ALA C 680 38.10 30.78 7.30
N ASP C 681 38.30 31.77 6.44
CA ASP C 681 39.38 32.73 6.65
C ASP C 681 39.13 33.57 7.89
N THR C 682 37.88 33.99 8.10
CA THR C 682 37.56 34.73 9.31
C THR C 682 37.78 33.88 10.55
N ALA C 683 37.46 32.59 10.47
CA ALA C 683 37.59 31.71 11.62
C ALA C 683 39.05 31.48 11.99
N VAL C 684 39.89 31.14 11.01
CA VAL C 684 41.23 30.66 11.31
C VAL C 684 42.26 31.78 11.27
N ASN C 685 41.81 33.03 11.16
CA ASN C 685 42.70 34.18 11.19
C ASN C 685 42.26 35.14 12.28
N PRO C 686 42.97 35.20 13.41
CA PRO C 686 42.57 36.14 14.48
C PRO C 686 42.59 37.58 14.06
N GLU C 687 43.57 37.97 13.22
CA GLU C 687 43.66 39.36 12.79
C GLU C 687 42.43 39.78 12.00
N ILE C 688 41.97 38.91 11.09
CA ILE C 688 40.81 39.23 10.27
C ILE C 688 39.58 39.41 11.14
N MET C 689 39.36 38.49 12.08
CA MET C 689 38.19 38.58 12.95
C MET C 689 38.25 39.84 13.81
N GLU C 690 39.42 40.16 14.37
CA GLU C 690 39.54 41.35 15.19
C GLU C 690 39.31 42.62 14.38
N ARG C 691 39.83 42.66 13.15
CA ARG C 691 39.72 43.87 12.33
C ARG C 691 38.29 44.07 11.82
N LEU C 692 37.64 42.99 11.40
CA LEU C 692 36.33 43.13 10.76
C LEU C 692 35.17 42.95 11.74
N PHE C 693 35.24 41.94 12.61
CA PHE C 693 34.14 41.59 13.51
C PHE C 693 34.63 41.55 14.95
N PRO C 694 34.89 42.71 15.56
CA PRO C 694 35.36 42.72 16.96
C PRO C 694 34.28 42.34 17.96
N PHE C 695 33.01 42.30 17.55
CA PHE C 695 31.94 41.94 18.48
C PHE C 695 31.93 40.46 18.81
N SER C 696 32.53 39.62 17.96
CA SER C 696 32.45 38.18 18.13
C SER C 696 33.18 37.75 19.39
N GLY C 697 32.68 36.67 19.99
CA GLY C 697 33.24 36.12 21.21
C GLY C 697 34.38 35.16 21.02
N LEU C 698 34.82 34.92 19.78
CA LEU C 698 35.93 34.04 19.50
C LEU C 698 37.18 34.87 19.23
N LYS C 699 38.22 34.67 20.03
CA LYS C 699 39.45 35.44 19.91
C LYS C 699 40.63 34.48 19.91
N GLY C 700 41.67 34.85 19.15
CA GLY C 700 42.86 34.04 19.04
C GLY C 700 42.86 33.03 17.92
N GLY C 701 41.78 32.94 17.14
CA GLY C 701 41.71 32.01 16.04
C GLY C 701 41.19 30.64 16.46
N ALA C 702 40.22 30.12 15.72
CA ALA C 702 39.62 28.85 16.07
C ALA C 702 40.56 27.70 15.75
N ASN C 703 40.52 26.66 16.58
CA ASN C 703 41.24 25.42 16.32
C ASN C 703 40.30 24.25 16.10
N VAL C 704 38.99 24.45 16.23
CA VAL C 704 37.99 23.45 15.88
C VAL C 704 37.08 24.06 14.83
N LEU C 705 36.90 23.37 13.72
CA LEU C 705 36.04 23.82 12.63
C LEU C 705 34.94 22.80 12.39
N VAL C 706 33.69 23.28 12.36
CA VAL C 706 32.53 22.45 12.11
C VAL C 706 31.91 22.89 10.79
N PHE C 707 31.73 21.94 9.86
CA PHE C 707 31.31 22.21 8.49
C PHE C 707 29.82 21.96 8.32
N PRO C 708 29.16 22.76 7.48
CA PRO C 708 27.70 22.63 7.33
C PRO C 708 27.24 21.29 6.78
N ASN C 709 28.00 20.65 5.90
CA ASN C 709 27.55 19.40 5.29
C ASN C 709 28.76 18.51 5.04
N LEU C 710 28.49 17.35 4.43
CA LEU C 710 29.55 16.36 4.20
C LEU C 710 30.47 16.78 3.06
N GLU C 711 29.90 17.34 1.99
CA GLU C 711 30.71 17.69 0.82
C GLU C 711 31.76 18.73 1.19
N SER C 712 31.38 19.75 1.95
CA SER C 712 32.32 20.81 2.30
C SER C 712 33.49 20.25 3.11
N SER C 713 33.20 19.51 4.18
CA SER C 713 34.26 18.99 5.03
C SER C 713 35.15 18.02 4.27
N ASN C 714 34.53 17.10 3.52
CA ASN C 714 35.31 16.11 2.78
C ASN C 714 36.24 16.77 1.77
N ILE C 715 35.69 17.66 0.93
CA ILE C 715 36.49 18.29 -0.10
C ILE C 715 37.57 19.16 0.53
N ALA C 716 37.23 19.91 1.57
CA ALA C 716 38.21 20.79 2.20
C ALA C 716 39.37 20.00 2.77
N TYR C 717 39.08 18.92 3.50
CA TYR C 717 40.17 18.18 4.14
C TYR C 717 41.01 17.44 3.09
N LYS C 718 40.38 16.89 2.05
CA LYS C 718 41.15 16.24 1.00
C LYS C 718 42.05 17.24 0.27
N LEU C 719 41.52 18.41 -0.06
CA LEU C 719 42.31 19.41 -0.77
C LEU C 719 43.46 19.93 0.09
N ILE C 720 43.20 20.16 1.38
CA ILE C 720 44.27 20.60 2.27
C ILE C 720 45.34 19.52 2.39
N GLN C 721 44.92 18.25 2.44
CA GLN C 721 45.89 17.16 2.48
C GLN C 721 46.75 17.13 1.22
N GLN C 722 46.13 17.31 0.05
CA GLN C 722 46.84 17.13 -1.22
C GLN C 722 47.65 18.36 -1.61
N ILE C 723 46.98 19.49 -1.85
CA ILE C 723 47.65 20.65 -2.42
C ILE C 723 48.33 21.52 -1.38
N GLY C 724 47.94 21.43 -0.11
CA GLY C 724 48.62 22.16 0.92
C GLY C 724 49.91 21.49 1.35
N LYS C 725 50.72 22.23 2.08
CA LYS C 725 51.96 21.71 2.64
C LYS C 725 51.83 21.30 4.09
N ALA C 726 50.60 21.25 4.61
CA ALA C 726 50.34 20.88 5.99
C ALA C 726 49.88 19.44 6.06
N GLU C 727 50.44 18.68 6.99
CA GLU C 727 50.05 17.29 7.17
C GLU C 727 48.64 17.19 7.72
N VAL C 728 47.88 16.22 7.22
CA VAL C 728 46.54 15.94 7.70
C VAL C 728 46.47 14.48 8.11
N ILE C 729 46.03 14.22 9.34
CA ILE C 729 45.90 12.86 9.86
C ILE C 729 44.44 12.60 10.17
N GLY C 730 43.94 11.47 9.69
CA GLY C 730 42.56 11.10 9.87
C GLY C 730 42.03 10.35 8.66
N PRO C 731 40.70 10.22 8.58
CA PRO C 731 39.69 10.66 9.54
C PRO C 731 39.54 9.69 10.70
N PHE C 732 39.21 10.19 11.89
CA PHE C 732 39.02 9.35 13.07
C PHE C 732 37.56 9.33 13.44
N LEU C 733 37.01 8.13 13.61
CA LEU C 733 35.60 7.98 13.94
C LEU C 733 35.38 8.31 15.41
N THR C 734 34.57 9.33 15.67
CA THR C 734 34.24 9.76 17.02
C THR C 734 32.77 9.53 17.29
N GLY C 735 32.42 9.42 18.57
CA GLY C 735 31.06 9.18 18.97
C GLY C 735 30.67 7.72 19.09
N VAL C 736 31.58 6.80 18.81
CA VAL C 736 31.29 5.38 18.93
C VAL C 736 31.75 4.90 20.31
N ARG C 737 31.13 3.81 20.77
CA ARG C 737 31.41 3.33 22.13
C ARG C 737 32.84 2.83 22.26
N ARG C 738 33.32 2.06 21.29
CA ARG C 738 34.65 1.48 21.33
C ARG C 738 35.52 2.06 20.23
N SER C 739 36.83 1.88 20.37
CA SER C 739 37.77 2.41 19.40
C SER C 739 37.68 1.64 18.10
N ALA C 740 37.25 2.31 17.03
CA ALA C 740 37.11 1.67 15.73
C ALA C 740 37.27 2.74 14.67
N ASN C 741 38.31 2.62 13.84
CA ASN C 741 38.63 3.63 12.84
C ASN C 741 38.52 3.05 11.43
N VAL C 742 38.15 3.91 10.50
CA VAL C 742 38.06 3.56 9.09
C VAL C 742 39.00 4.45 8.31
N LEU C 743 39.95 3.86 7.61
CA LEU C 743 40.86 4.62 6.78
C LEU C 743 40.22 4.96 5.44
N GLN C 744 40.59 6.13 4.91
CA GLN C 744 40.16 6.48 3.56
C GLN C 744 40.83 5.54 2.56
N ARG C 745 40.07 5.15 1.53
CA ARG C 745 40.58 4.18 0.56
C ARG C 745 41.78 4.72 -0.21
N THR C 746 41.96 6.04 -0.24
CA THR C 746 43.09 6.67 -0.93
C THR C 746 44.22 6.99 0.02
N THR C 747 44.41 6.19 1.06
CA THR C 747 45.43 6.44 2.06
C THR C 747 46.78 5.92 1.58
N THR C 748 47.83 6.33 2.29
CA THR C 748 49.18 5.85 2.08
C THR C 748 49.63 5.04 3.28
N VAL C 749 50.83 4.48 3.21
CA VAL C 749 51.36 3.67 4.30
C VAL C 749 51.55 4.53 5.55
N ASP C 750 52.10 5.74 5.38
CA ASP C 750 52.31 6.63 6.52
C ASP C 750 50.98 7.05 7.13
N GLY C 751 49.96 7.27 6.28
CA GLY C 751 48.65 7.58 6.81
C GLY C 751 48.10 6.45 7.67
N ILE C 752 48.29 5.21 7.23
CA ILE C 752 47.85 4.06 8.01
C ILE C 752 48.63 3.99 9.33
N VAL C 753 49.93 4.30 9.29
CA VAL C 753 50.73 4.26 10.51
C VAL C 753 50.21 5.28 11.52
N ASN C 754 49.96 6.52 11.07
CA ASN C 754 49.45 7.55 11.96
C ASN C 754 48.07 7.18 12.50
N SER C 755 47.19 6.67 11.63
CA SER C 755 45.86 6.30 12.06
C SER C 755 45.90 5.17 13.09
N VAL C 756 46.80 4.20 12.90
CA VAL C 756 46.91 3.12 13.87
C VAL C 756 47.48 3.62 15.20
N VAL C 757 48.40 4.57 15.14
CA VAL C 757 48.94 5.15 16.37
C VAL C 757 47.82 5.82 17.17
N PHE C 758 47.00 6.63 16.49
CA PHE C 758 45.94 7.32 17.21
C PHE C 758 44.81 6.37 17.63
N THR C 759 44.58 5.32 16.85
CA THR C 759 43.62 4.29 17.26
C THR C 759 44.10 3.57 18.51
N ALA C 760 45.40 3.29 18.60
CA ALA C 760 45.94 2.70 19.82
C ALA C 760 45.79 3.64 21.01
N LEU C 761 46.03 4.93 20.79
CA LEU C 761 45.83 5.91 21.85
C LEU C 761 44.39 5.89 22.35
N GLU C 762 43.43 5.97 21.41
CA GLU C 762 42.02 5.98 21.80
C GLU C 762 41.61 4.68 22.46
N ALA C 763 42.12 3.55 21.98
CA ALA C 763 41.79 2.26 22.57
C ALA C 763 42.31 2.16 24.00
N GLN C 764 43.53 2.64 24.24
CA GLN C 764 44.05 2.66 25.61
C GLN C 764 43.21 3.55 26.51
N PHE C 765 42.82 4.73 26.00
CA PHE C 765 41.99 5.62 26.81
C PHE C 765 40.66 4.97 27.15
N ILE C 766 40.02 4.34 26.17
CA ILE C 766 38.72 3.72 26.39
C ILE C 766 38.83 2.54 27.34
N LYS C 767 39.90 1.74 27.20
CA LYS C 767 40.11 0.61 28.11
C LYS C 767 40.33 1.09 29.54
N ASP C 768 41.10 2.16 29.71
CA ASP C 768 41.30 2.71 31.05
C ASP C 768 39.99 3.22 31.63
N ALA C 769 39.18 3.91 30.82
CA ALA C 769 37.90 4.40 31.30
C ALA C 769 36.98 3.25 31.70
N LEU C 770 36.96 2.18 30.90
CA LEU C 770 36.13 1.02 31.23
C LEU C 770 36.60 0.34 32.51
N LYS C 771 37.93 0.21 32.68
CA LYS C 771 38.45 -0.42 33.88
C LYS C 771 38.17 0.41 35.12
N ALA C 772 38.20 1.74 34.99
CA ALA C 772 37.92 2.61 36.13
C ALA C 772 36.49 2.41 36.63
N ARG C 773 35.54 2.28 35.72
CA ARG C 773 34.15 2.07 36.10
C ARG C 773 33.94 0.68 36.70
N LEU D 428 64.56 22.08 -17.10
CA LEU D 428 64.72 23.38 -17.71
C LEU D 428 63.45 24.22 -17.57
N GLU D 429 62.44 23.89 -18.38
CA GLU D 429 61.16 24.61 -18.34
C GLU D 429 60.28 24.18 -17.17
N ALA D 430 60.62 23.09 -16.48
CA ALA D 430 59.84 22.62 -15.35
C ALA D 430 60.21 23.30 -14.04
N GLN D 431 61.20 24.19 -14.06
CA GLN D 431 61.65 24.89 -12.85
C GLN D 431 61.12 26.31 -12.78
N GLN D 432 60.14 26.66 -13.59
CA GLN D 432 59.56 28.01 -13.63
C GLN D 432 58.06 27.95 -13.42
N GLY D 433 57.64 27.21 -12.39
CA GLY D 433 56.24 27.03 -12.10
C GLY D 433 55.58 28.33 -11.69
N PRO D 434 54.26 28.40 -11.82
CA PRO D 434 53.52 29.65 -11.56
C PRO D 434 53.30 29.91 -10.08
N SER D 435 54.39 30.07 -9.33
CA SER D 435 54.28 30.48 -7.94
C SER D 435 54.08 31.99 -7.84
N LYS D 436 55.06 32.76 -8.32
CA LYS D 436 54.91 34.18 -8.56
C LYS D 436 55.07 34.55 -10.03
N VAL D 437 55.48 33.60 -10.88
CA VAL D 437 55.58 33.87 -12.31
C VAL D 437 54.22 34.09 -12.93
N PHE D 438 53.14 33.58 -12.32
CA PHE D 438 51.82 33.74 -12.91
C PHE D 438 51.38 35.21 -12.88
N ILE D 439 51.48 35.86 -11.73
CA ILE D 439 51.06 37.25 -11.62
C ILE D 439 51.99 38.16 -12.42
N ARG D 440 53.30 37.85 -12.41
CA ARG D 440 54.24 38.63 -13.22
C ARG D 440 53.93 38.50 -14.70
N SER D 441 53.59 37.30 -15.15
CA SER D 441 53.23 37.10 -16.55
C SER D 441 51.93 37.80 -16.89
N ALA D 442 50.98 37.82 -15.95
CA ALA D 442 49.74 38.56 -16.18
C ALA D 442 50.01 40.06 -16.31
N ILE D 443 50.88 40.60 -15.47
CA ILE D 443 51.23 42.02 -15.55
C ILE D 443 51.95 42.31 -16.88
N ASN D 444 52.85 41.41 -17.28
CA ASN D 444 53.55 41.59 -18.55
C ASN D 444 52.58 41.56 -19.72
N ARG D 445 51.59 40.65 -19.68
CA ARG D 445 50.59 40.59 -20.75
C ARG D 445 49.72 41.84 -20.76
N VAL D 446 49.39 42.37 -19.58
CA VAL D 446 48.65 43.62 -19.51
C VAL D 446 49.45 44.75 -20.16
N HIS D 447 50.75 44.82 -19.86
CA HIS D 447 51.59 45.85 -20.47
C HIS D 447 51.67 45.67 -21.98
N GLN D 448 51.79 44.42 -22.44
CA GLN D 448 51.85 44.17 -23.88
C GLN D 448 50.57 44.58 -24.57
N ASN D 449 49.41 44.25 -23.98
CA ASN D 449 48.14 44.63 -24.59
C ASN D 449 47.98 46.15 -24.59
N SER D 450 48.40 46.81 -23.51
CA SER D 450 48.33 48.28 -23.49
C SER D 450 49.22 48.89 -24.56
N GLU D 451 50.43 48.36 -24.71
CA GLU D 451 51.35 48.88 -25.73
C GLU D 451 50.80 48.67 -27.13
N ALA D 452 50.17 47.51 -27.36
CA ALA D 452 49.62 47.23 -28.68
C ALA D 452 48.52 48.23 -29.05
N ASN D 453 47.66 48.57 -28.10
CA ASN D 453 46.53 49.47 -28.35
C ASN D 453 46.89 50.92 -28.07
N GLY D 454 48.00 51.37 -28.65
CA GLY D 454 48.39 52.77 -28.55
C GLY D 454 48.67 53.27 -27.15
N GLY D 455 49.24 52.42 -26.30
CA GLY D 455 49.57 52.82 -24.94
C GLY D 455 48.36 53.24 -24.11
N GLU D 456 47.24 52.53 -24.26
CA GLU D 456 46.00 52.88 -23.61
C GLU D 456 45.80 51.99 -22.39
N LEU D 457 45.65 52.60 -21.22
CA LEU D 457 45.38 51.90 -19.97
C LEU D 457 43.88 51.77 -19.77
N PRO D 458 43.36 50.56 -19.51
CA PRO D 458 41.92 50.41 -19.31
C PRO D 458 41.44 51.20 -18.10
N ARG D 459 40.26 51.79 -18.23
CA ARG D 459 39.66 52.59 -17.17
C ARG D 459 38.88 51.66 -16.24
N ILE D 460 39.31 51.58 -14.98
CA ILE D 460 38.73 50.69 -13.99
C ILE D 460 38.06 51.54 -12.93
N VAL D 461 36.77 51.32 -12.71
CA VAL D 461 35.99 52.12 -11.78
C VAL D 461 35.98 51.45 -10.42
N PHE D 462 36.26 52.23 -9.38
CA PHE D 462 36.25 51.72 -8.01
C PHE D 462 35.15 52.41 -7.22
N PRO D 463 33.97 51.81 -7.08
CA PRO D 463 32.91 52.45 -6.29
C PRO D 463 33.28 52.64 -4.82
N GLU D 464 34.25 51.89 -4.31
CA GLU D 464 34.72 52.07 -2.93
C GLU D 464 35.86 53.07 -2.93
N GLY D 465 35.51 54.33 -3.24
CA GLY D 465 36.51 55.37 -3.32
C GLY D 465 37.16 55.68 -1.99
N THR D 466 36.37 55.68 -0.91
CA THR D 466 36.86 56.05 0.41
C THR D 466 37.41 54.87 1.20
N SER D 467 37.46 53.68 0.61
CA SER D 467 38.03 52.53 1.29
C SER D 467 39.54 52.68 1.42
N THR D 468 40.07 52.32 2.58
CA THR D 468 41.50 52.47 2.83
C THR D 468 42.31 51.48 2.01
N LYS D 469 41.90 50.20 2.03
CA LYS D 469 42.64 49.17 1.31
C LYS D 469 42.59 49.42 -0.19
N VAL D 470 41.45 49.93 -0.69
CA VAL D 470 41.32 50.20 -2.12
C VAL D 470 42.35 51.25 -2.55
N LEU D 471 42.49 52.32 -1.77
CA LEU D 471 43.45 53.37 -2.13
C LEU D 471 44.88 52.90 -1.94
N LYS D 472 45.14 52.13 -0.89
CA LYS D 472 46.50 51.63 -0.68
C LYS D 472 46.94 50.68 -1.78
N ALA D 473 46.01 49.90 -2.35
CA ALA D 473 46.33 49.09 -3.51
C ALA D 473 46.38 49.91 -4.79
N LEU D 474 45.58 50.98 -4.87
CA LEU D 474 45.58 51.83 -6.04
C LEU D 474 46.90 52.55 -6.21
N ALA D 475 47.53 52.92 -5.09
CA ALA D 475 48.85 53.53 -5.18
C ALA D 475 49.84 52.60 -5.89
N THR D 476 49.86 51.33 -5.48
CA THR D 476 50.74 50.35 -6.11
C THR D 476 50.35 50.14 -7.58
N LEU D 477 49.05 50.08 -7.86
CA LEU D 477 48.61 49.82 -9.23
C LEU D 477 48.99 50.96 -10.17
N VAL D 478 48.79 52.21 -9.75
CA VAL D 478 49.17 53.33 -10.61
C VAL D 478 50.68 53.44 -10.71
N GLU D 479 51.41 53.06 -9.66
CA GLU D 479 52.87 53.03 -9.76
C GLU D 479 53.33 52.00 -10.77
N GLU D 480 52.66 50.84 -10.81
CA GLU D 480 53.02 49.75 -11.71
C GLU D 480 52.52 49.96 -13.12
N ARG D 481 51.71 50.99 -13.38
CA ARG D 481 51.17 51.28 -14.71
C ARG D 481 50.33 50.10 -15.22
N ILE D 482 49.28 49.80 -14.48
CA ILE D 482 48.38 48.69 -14.80
C ILE D 482 47.04 49.20 -15.34
N CYS D 483 46.34 50.05 -14.57
CA CYS D 483 45.02 50.51 -14.93
C CYS D 483 44.92 52.01 -14.70
N GLN D 484 43.81 52.59 -15.14
CA GLN D 484 43.52 54.00 -14.92
C GLN D 484 42.35 54.11 -13.95
N PRO D 485 42.59 54.37 -12.67
CA PRO D 485 41.50 54.36 -11.69
C PRO D 485 40.51 55.49 -11.92
N ILE D 486 39.25 55.20 -11.60
CA ILE D 486 38.17 56.19 -11.59
C ILE D 486 37.44 55.99 -10.28
N LEU D 487 37.82 56.76 -9.25
CA LEU D 487 37.17 56.63 -7.96
C LEU D 487 35.76 57.19 -8.02
N LEU D 488 34.94 56.78 -7.05
CA LEU D 488 33.56 57.19 -6.98
C LEU D 488 33.24 57.69 -5.58
N GLY D 489 32.44 58.75 -5.51
CA GLY D 489 32.04 59.35 -4.26
C GLY D 489 32.16 60.85 -4.33
N TYR D 490 31.98 61.49 -3.18
CA TYR D 490 32.14 62.94 -3.10
C TYR D 490 33.61 63.29 -3.27
N PRO D 491 33.96 64.17 -4.22
CA PRO D 491 35.39 64.47 -4.45
C PRO D 491 36.09 65.01 -3.22
N GLU D 492 35.41 65.84 -2.41
CA GLU D 492 36.06 66.43 -1.25
C GLU D 492 36.44 65.37 -0.23
N ARG D 493 35.52 64.44 0.08
CA ARG D 493 35.82 63.41 1.07
C ARG D 493 36.89 62.45 0.56
N VAL D 494 36.86 62.12 -0.73
CA VAL D 494 37.89 61.24 -1.29
C VAL D 494 39.26 61.90 -1.21
N LYS D 495 39.34 63.19 -1.57
CA LYS D 495 40.61 63.90 -1.48
C LYS D 495 41.09 64.00 -0.03
N GLU D 496 40.17 64.24 0.90
CA GLU D 496 40.55 64.30 2.31
C GLU D 496 41.08 62.95 2.79
N LYS D 497 40.44 61.86 2.37
CA LYS D 497 40.91 60.53 2.75
C LYS D 497 42.28 60.25 2.16
N ILE D 498 42.50 60.64 0.89
CA ILE D 498 43.82 60.44 0.28
C ILE D 498 44.87 61.24 1.02
N LYS D 499 44.58 62.49 1.36
CA LYS D 499 45.56 63.32 2.07
C LYS D 499 45.85 62.77 3.46
N ALA D 500 44.82 62.30 4.17
CA ALA D 500 45.04 61.75 5.50
C ALA D 500 45.79 60.43 5.46
N LEU D 501 45.62 59.66 4.39
CA LEU D 501 46.27 58.36 4.24
C LEU D 501 47.66 58.47 3.64
N ASP D 502 48.09 59.67 3.23
CA ASP D 502 49.43 59.93 2.74
C ASP D 502 49.73 59.07 1.50
N ILE D 503 48.99 59.35 0.43
CA ILE D 503 49.30 58.80 -0.89
C ILE D 503 49.44 59.94 -1.87
N PRO D 504 50.67 60.31 -2.28
CA PRO D 504 50.82 61.40 -3.24
C PRO D 504 50.57 61.00 -4.69
N LEU D 505 50.66 59.71 -5.02
CA LEU D 505 50.47 59.27 -6.39
C LEU D 505 49.02 59.39 -6.84
N LEU D 506 48.06 59.38 -5.90
CA LEU D 506 46.65 59.45 -6.23
C LEU D 506 46.11 60.87 -6.21
N ASN D 507 46.97 61.87 -6.44
CA ASN D 507 46.52 63.26 -6.45
C ASN D 507 45.82 63.65 -7.73
N ASP D 508 45.93 62.85 -8.80
CA ASP D 508 45.25 63.11 -10.06
C ASP D 508 44.49 61.85 -10.46
N VAL D 509 43.28 61.70 -9.94
CA VAL D 509 42.41 60.58 -10.26
C VAL D 509 41.02 61.12 -10.51
N GLN D 510 40.34 60.58 -11.51
CA GLN D 510 39.03 61.09 -11.93
C GLN D 510 37.99 60.68 -10.90
N ILE D 511 37.93 61.43 -9.80
CA ILE D 511 36.89 61.20 -8.80
C ILE D 511 35.57 61.68 -9.35
N VAL D 512 34.56 60.82 -9.32
CA VAL D 512 33.27 61.08 -9.94
C VAL D 512 32.19 60.97 -8.87
N HIS D 513 31.38 62.00 -8.75
CA HIS D 513 30.18 61.90 -7.93
C HIS D 513 29.04 61.36 -8.79
N PRO D 514 28.39 60.27 -8.38
CA PRO D 514 27.35 59.67 -9.25
C PRO D 514 26.24 60.63 -9.62
N SER D 515 25.81 61.49 -8.69
CA SER D 515 24.73 62.43 -9.00
C SER D 515 25.20 63.60 -9.85
N SER D 516 26.46 64.01 -9.73
CA SER D 516 26.96 65.17 -10.43
C SER D 516 27.45 64.89 -11.84
N HIS D 517 27.49 63.62 -12.25
CA HIS D 517 27.99 63.28 -13.57
C HIS D 517 27.06 63.83 -14.65
N PRO D 518 27.59 64.32 -15.76
CA PRO D 518 26.72 64.78 -16.86
C PRO D 518 25.83 63.69 -17.44
N LYS D 519 26.30 62.45 -17.47
CA LYS D 519 25.55 61.33 -18.01
C LYS D 519 24.75 60.59 -16.95
N TYR D 520 24.54 61.21 -15.77
CA TYR D 520 23.80 60.55 -14.71
C TYR D 520 22.34 60.32 -15.11
N PHE D 521 21.72 61.31 -15.76
CA PHE D 521 20.32 61.16 -16.14
C PHE D 521 20.15 60.13 -17.26
N SER D 522 21.11 60.07 -18.19
CA SER D 522 21.06 59.03 -19.21
C SER D 522 21.19 57.64 -18.58
N PHE D 523 22.06 57.51 -17.58
CA PHE D 523 22.18 56.24 -16.86
C PHE D 523 20.88 55.89 -16.14
N VAL D 524 20.24 56.88 -15.52
CA VAL D 524 18.97 56.64 -14.83
C VAL D 524 17.92 56.16 -15.83
N GLU D 525 17.84 56.82 -16.98
CA GLU D 525 16.87 56.44 -18.00
C GLU D 525 17.14 55.03 -18.51
N LYS D 526 18.42 54.70 -18.73
CA LYS D 526 18.74 53.37 -19.23
C LYS D 526 18.42 52.29 -18.20
N LEU D 527 18.72 52.54 -16.93
CA LEU D 527 18.39 51.57 -15.90
C LEU D 527 16.87 51.41 -15.76
N TYR D 528 16.12 52.51 -15.86
CA TYR D 528 14.67 52.42 -15.82
C TYR D 528 14.13 51.64 -17.02
N SER D 529 14.74 51.83 -18.19
CA SER D 529 14.31 51.10 -19.38
C SER D 529 14.65 49.61 -19.27
N LEU D 530 15.74 49.27 -18.58
CA LEU D 530 16.12 47.87 -18.44
C LEU D 530 15.18 47.11 -17.52
N ARG D 531 14.85 47.70 -16.36
CA ARG D 531 14.14 47.01 -15.31
C ARG D 531 12.83 47.71 -14.96
N GLN D 532 12.12 48.22 -15.97
CA GLN D 532 10.84 48.85 -15.71
C GLN D 532 9.81 47.85 -15.22
N ARG D 533 9.80 46.64 -15.80
CA ARG D 533 8.86 45.59 -15.41
C ARG D 533 9.45 44.64 -14.37
N LYS D 534 10.39 45.12 -13.56
CA LYS D 534 10.99 44.31 -12.51
C LYS D 534 11.03 45.08 -11.19
N GLY D 535 10.11 46.02 -11.01
CA GLY D 535 10.03 46.78 -9.78
C GLY D 535 10.91 48.01 -9.72
N ILE D 536 11.33 48.55 -10.87
CA ILE D 536 12.15 49.74 -10.89
C ILE D 536 11.59 50.74 -11.90
N ASN D 537 10.87 51.74 -11.41
CA ASN D 537 10.39 52.83 -12.25
C ASN D 537 11.36 54.01 -12.16
N LEU D 538 10.96 55.16 -12.69
CA LEU D 538 11.89 56.29 -12.80
C LEU D 538 12.36 56.76 -11.43
N GLY D 539 11.46 56.85 -10.46
CA GLY D 539 11.85 57.29 -9.13
C GLY D 539 12.83 56.33 -8.46
N GLU D 540 12.51 55.04 -8.52
CA GLU D 540 13.39 54.04 -7.92
C GLU D 540 14.72 53.95 -8.66
N ALA D 541 14.71 54.08 -9.99
CA ALA D 541 15.95 54.09 -10.74
C ALA D 541 16.81 55.30 -10.38
N GLU D 542 16.18 56.47 -10.22
CA GLU D 542 16.91 57.66 -9.82
C GLU D 542 17.50 57.50 -8.43
N ARG D 543 16.76 56.88 -7.52
CA ARG D 543 17.30 56.62 -6.18
C ARG D 543 18.46 55.63 -6.25
N LEU D 544 18.33 54.59 -7.08
CA LEU D 544 19.37 53.55 -7.14
C LEU D 544 20.66 54.08 -7.75
N MET D 545 20.56 54.94 -8.76
CA MET D 545 21.77 55.40 -9.45
C MET D 545 22.65 56.28 -8.57
N ALA D 546 22.15 56.74 -7.41
CA ALA D 546 23.02 57.40 -6.45
C ALA D 546 23.95 56.42 -5.75
N ASP D 547 23.60 55.14 -5.75
CA ASP D 547 24.47 54.12 -5.17
C ASP D 547 25.71 53.95 -6.06
N PRO D 548 26.93 54.08 -5.51
CA PRO D 548 28.12 53.96 -6.36
C PRO D 548 28.23 52.61 -7.08
N ASN D 549 27.72 51.53 -6.50
CA ASN D 549 27.78 50.24 -7.18
C ASN D 549 26.96 50.26 -8.47
N TYR D 550 25.74 50.79 -8.40
CA TYR D 550 24.89 50.86 -9.58
C TYR D 550 25.47 51.79 -10.63
N PHE D 551 26.03 52.93 -10.21
CA PHE D 551 26.63 53.84 -11.17
C PHE D 551 27.86 53.24 -11.82
N ALA D 552 28.66 52.49 -11.05
CA ALA D 552 29.81 51.79 -11.64
C ALA D 552 29.36 50.74 -12.65
N ALA D 553 28.30 50.00 -12.31
CA ALA D 553 27.78 49.01 -13.24
C ALA D 553 27.28 49.68 -14.52
N MET D 554 26.61 50.83 -14.39
CA MET D 554 26.17 51.55 -15.58
C MET D 554 27.35 52.07 -16.40
N MET D 555 28.39 52.58 -15.74
CA MET D 555 29.57 53.05 -16.45
C MET D 555 30.19 51.90 -17.25
N VAL D 556 30.31 50.74 -16.64
CA VAL D 556 30.89 49.58 -17.34
C VAL D 556 29.99 49.16 -18.50
N ASN D 557 28.68 49.12 -18.26
CA ASN D 557 27.75 48.63 -19.28
C ASN D 557 27.66 49.61 -20.46
N MET D 558 27.70 50.90 -20.19
CA MET D 558 27.48 51.92 -21.21
C MET D 558 28.75 52.33 -21.93
N GLY D 559 29.88 51.66 -21.67
CA GLY D 559 31.11 51.95 -22.36
C GLY D 559 31.92 53.10 -21.79
N GLU D 560 31.46 53.74 -20.71
CA GLU D 560 32.24 54.80 -20.10
C GLU D 560 33.49 54.27 -19.41
N ALA D 561 33.53 52.98 -19.09
CA ALA D 561 34.70 52.36 -18.48
C ALA D 561 34.86 50.96 -19.06
N ASP D 562 35.95 50.30 -18.68
CA ASP D 562 36.24 48.97 -19.16
C ASP D 562 35.96 47.88 -18.13
N GLY D 563 35.97 48.23 -16.84
CA GLY D 563 35.68 47.26 -15.80
C GLY D 563 35.52 47.97 -14.48
N MET D 564 34.95 47.23 -13.52
CA MET D 564 34.74 47.76 -12.18
C MET D 564 35.22 46.75 -11.15
N VAL D 565 35.66 47.26 -10.01
CA VAL D 565 36.10 46.46 -8.88
C VAL D 565 35.37 46.95 -7.65
N SER D 566 34.61 46.07 -7.01
CA SER D 566 33.76 46.46 -5.90
C SER D 566 33.83 45.40 -4.81
N GLY D 567 33.01 45.58 -3.78
CA GLY D 567 32.88 44.58 -2.73
C GLY D 567 33.95 44.60 -1.66
N SER D 568 34.82 45.60 -1.65
CA SER D 568 35.89 45.63 -0.66
C SER D 568 35.39 45.98 0.74
N SER D 569 34.21 46.58 0.86
CA SER D 569 33.69 46.98 2.16
C SER D 569 32.27 46.48 2.42
N ILE D 570 31.67 45.74 1.51
CA ILE D 570 30.34 45.19 1.69
C ILE D 570 30.37 43.70 1.34
N ASN D 571 29.33 42.99 1.76
CA ASN D 571 29.24 41.56 1.51
C ASN D 571 29.08 41.31 0.01
N TYR D 572 29.35 40.06 -0.38
CA TYR D 572 29.35 39.71 -1.79
C TYR D 572 27.98 39.86 -2.43
N ALA D 573 26.92 39.51 -1.67
CA ALA D 573 25.58 39.49 -2.27
C ALA D 573 25.16 40.87 -2.73
N ASP D 574 25.23 41.87 -1.86
CA ASP D 574 24.79 43.22 -2.19
C ASP D 574 25.79 43.99 -3.04
N ALA D 575 27.02 43.48 -3.20
CA ALA D 575 27.98 44.09 -4.09
C ALA D 575 27.94 43.49 -5.49
N VAL D 576 27.46 42.26 -5.62
CA VAL D 576 27.35 41.62 -6.93
C VAL D 576 25.93 41.69 -7.50
N ARG D 577 24.93 41.98 -6.68
CA ARG D 577 23.58 42.16 -7.20
C ARG D 577 23.49 43.29 -8.22
N PRO D 578 24.08 44.47 -8.00
CA PRO D 578 24.05 45.50 -9.06
C PRO D 578 24.66 45.03 -10.37
N ILE D 579 25.74 44.25 -10.31
CA ILE D 579 26.40 43.82 -11.53
C ILE D 579 25.50 42.88 -12.33
N LEU D 580 24.88 41.91 -11.66
CA LEU D 580 24.01 40.96 -12.36
C LEU D 580 22.72 41.63 -12.83
N GLN D 581 22.22 42.60 -12.07
CA GLN D 581 20.99 43.28 -12.47
C GLN D 581 21.23 44.22 -13.65
N THR D 582 22.39 44.88 -13.68
CA THR D 582 22.67 45.87 -14.73
C THR D 582 23.44 45.26 -15.91
N ILE D 583 24.64 44.76 -15.65
CA ILE D 583 25.46 44.23 -16.74
C ILE D 583 24.88 42.92 -17.27
N GLY D 584 24.43 42.06 -16.37
CA GLY D 584 23.82 40.81 -16.78
C GLY D 584 24.85 39.79 -17.23
N THR D 585 24.33 38.68 -17.74
CA THR D 585 25.14 37.59 -18.26
C THR D 585 24.81 37.36 -19.72
N TYR D 586 25.83 36.98 -20.49
CA TYR D 586 25.64 36.74 -21.91
C TYR D 586 24.82 35.48 -22.13
N LYS D 587 24.54 35.17 -23.39
CA LYS D 587 23.71 34.02 -23.72
C LYS D 587 24.41 32.73 -23.35
N GLU D 588 23.65 31.79 -22.78
CA GLU D 588 24.16 30.49 -22.35
C GLU D 588 25.30 30.65 -21.33
N GLY D 589 25.19 31.66 -20.48
CA GLY D 589 26.21 31.93 -19.50
C GLY D 589 25.66 32.14 -18.10
N ILE D 590 26.24 31.43 -17.13
CA ILE D 590 25.83 31.51 -15.73
C ILE D 590 26.94 32.18 -14.94
N PRO D 591 26.65 33.17 -14.11
CA PRO D 591 27.71 33.80 -13.32
C PRO D 591 28.33 32.79 -12.35
N ALA D 592 29.64 32.92 -12.15
CA ALA D 592 30.36 31.99 -11.28
C ALA D 592 31.58 32.68 -10.70
N GLY D 593 31.98 32.24 -9.52
CA GLY D 593 33.18 32.75 -8.90
C GLY D 593 34.36 31.83 -9.08
N LEU D 594 35.35 32.24 -9.87
CA LEU D 594 36.46 31.41 -10.26
C LEU D 594 37.72 31.84 -9.52
N ASN D 595 38.41 30.88 -8.92
CA ASN D 595 39.61 31.18 -8.14
C ASN D 595 40.81 30.47 -8.74
N PHE D 596 41.99 31.09 -8.65
CA PHE D 596 43.23 30.49 -9.11
C PHE D 596 44.06 30.12 -7.89
N VAL D 597 44.39 28.85 -7.74
CA VAL D 597 45.28 28.38 -6.68
C VAL D 597 46.61 28.06 -7.35
N LEU D 598 47.60 28.95 -7.19
CA LEU D 598 48.86 28.84 -7.89
C LEU D 598 49.82 28.01 -7.06
N LEU D 599 49.96 26.73 -7.40
CA LEU D 599 50.89 25.85 -6.72
C LEU D 599 52.29 26.04 -7.31
N GLU D 600 53.24 25.20 -6.88
CA GLU D 600 54.62 25.38 -7.29
C GLU D 600 54.87 24.98 -8.73
N ASP D 601 54.06 24.10 -9.30
CA ASP D 601 54.27 23.62 -10.66
C ASP D 601 53.09 23.83 -11.58
N LYS D 602 51.86 23.65 -11.08
CA LYS D 602 50.66 23.86 -11.87
C LYS D 602 49.65 24.66 -11.05
N PHE D 603 48.79 25.39 -11.73
CA PHE D 603 47.76 26.19 -11.07
C PHE D 603 46.41 25.51 -11.23
N LEU D 604 45.70 25.36 -10.12
CA LEU D 604 44.35 24.84 -10.13
C LEU D 604 43.35 25.97 -10.30
N VAL D 605 42.19 25.65 -10.86
CA VAL D 605 41.09 26.59 -10.99
C VAL D 605 39.92 26.02 -10.20
N LEU D 606 39.47 26.76 -9.21
CA LEU D 606 38.30 26.40 -8.43
C LEU D 606 37.08 27.07 -9.05
N ALA D 607 36.05 26.26 -9.31
CA ALA D 607 34.85 26.72 -10.00
C ALA D 607 33.98 27.50 -9.04
N ASP D 608 32.72 27.73 -9.40
CA ASP D 608 31.87 28.72 -8.76
C ASP D 608 31.97 28.66 -7.24
N THR D 609 32.50 29.73 -6.66
CA THR D 609 32.78 29.83 -5.23
C THR D 609 31.94 30.90 -4.54
N THR D 610 31.15 31.66 -5.29
CA THR D 610 30.55 32.88 -4.74
C THR D 610 29.07 33.07 -5.06
N VAL D 611 28.53 32.50 -6.12
CA VAL D 611 27.22 32.92 -6.65
C VAL D 611 26.13 31.88 -6.36
N ASN D 612 26.27 30.68 -6.90
CA ASN D 612 25.17 29.72 -6.88
C ASN D 612 25.22 28.88 -5.62
N PHE D 613 24.07 28.73 -4.96
CA PHE D 613 23.98 27.93 -3.74
C PHE D 613 24.12 26.44 -4.05
N ASN D 614 23.19 25.90 -4.83
CA ASN D 614 23.15 24.49 -5.16
C ASN D 614 22.94 24.36 -6.67
N PRO D 615 23.99 24.55 -7.46
CA PRO D 615 23.82 24.49 -8.91
C PRO D 615 23.42 23.09 -9.38
N SER D 616 22.60 23.05 -10.41
CA SER D 616 22.16 21.79 -10.98
C SER D 616 23.26 21.18 -11.85
N ALA D 617 22.95 20.05 -12.47
CA ALA D 617 23.92 19.39 -13.33
C ALA D 617 24.26 20.24 -14.55
N GLU D 618 23.25 20.82 -15.19
CA GLU D 618 23.49 21.67 -16.34
C GLU D 618 24.25 22.94 -15.95
N GLN D 619 23.91 23.54 -14.82
CA GLN D 619 24.63 24.71 -14.34
C GLN D 619 26.09 24.36 -14.04
N CYS D 620 26.33 23.20 -13.44
CA CYS D 620 27.71 22.78 -13.17
C CYS D 620 28.47 22.54 -14.47
N ALA D 621 27.82 21.97 -15.48
CA ALA D 621 28.47 21.79 -16.77
C ALA D 621 28.83 23.13 -17.40
N GLN D 622 27.92 24.11 -17.33
CA GLN D 622 28.21 25.42 -17.88
C GLN D 622 29.36 26.11 -17.12
N ILE D 623 29.37 25.97 -15.79
CA ILE D 623 30.46 26.53 -15.00
C ILE D 623 31.78 25.89 -15.40
N ALA D 624 31.78 24.57 -15.59
CA ALA D 624 33.00 23.89 -16.02
C ALA D 624 33.46 24.37 -17.38
N LEU D 625 32.52 24.60 -18.31
CA LEU D 625 32.89 25.11 -19.63
C LEU D 625 33.49 26.50 -19.54
N GLN D 626 32.93 27.37 -18.70
CA GLN D 626 33.49 28.70 -18.54
C GLN D 626 34.89 28.64 -17.94
N ALA D 627 35.09 27.79 -16.92
CA ALA D 627 36.40 27.63 -16.33
C ALA D 627 37.40 27.08 -17.33
N ALA D 628 36.97 26.13 -18.17
CA ALA D 628 37.85 25.59 -19.20
C ALA D 628 38.25 26.66 -20.20
N LYS D 629 37.31 27.53 -20.59
CA LYS D 629 37.65 28.62 -21.49
C LYS D 629 38.67 29.55 -20.86
N ILE D 630 38.48 29.90 -19.58
CA ILE D 630 39.42 30.78 -18.90
C ILE D 630 40.80 30.15 -18.81
N VAL D 631 40.86 28.85 -18.51
CA VAL D 631 42.15 28.17 -18.46
C VAL D 631 42.81 28.14 -19.83
N GLU D 632 42.02 27.87 -20.88
CA GLU D 632 42.57 27.85 -22.23
C GLU D 632 43.09 29.20 -22.66
N TYR D 633 42.54 30.28 -22.08
CA TYR D 633 43.09 31.60 -22.37
C TYR D 633 44.54 31.72 -21.95
N PHE D 634 44.97 30.91 -20.97
CA PHE D 634 46.32 30.96 -20.44
C PHE D 634 47.24 29.91 -21.05
N GLY D 635 46.81 29.24 -22.11
CA GLY D 635 47.66 28.29 -22.80
C GLY D 635 47.85 26.96 -22.10
N ILE D 636 46.94 26.59 -21.21
CA ILE D 636 47.01 25.33 -20.46
C ILE D 636 45.81 24.49 -20.84
N GLU D 637 46.05 23.22 -21.16
CA GLU D 637 44.97 22.32 -21.49
C GLU D 637 44.10 22.08 -20.25
N PRO D 638 42.81 22.34 -20.30
CA PRO D 638 41.98 22.15 -19.12
C PRO D 638 41.55 20.70 -18.97
N ARG D 639 41.55 20.23 -17.72
CA ARG D 639 41.16 18.86 -17.36
C ARG D 639 40.17 18.97 -16.21
N VAL D 640 38.89 19.06 -16.55
CA VAL D 640 37.86 19.31 -15.56
C VAL D 640 37.65 18.06 -14.69
N ALA D 641 37.25 18.29 -13.44
CA ALA D 641 36.90 17.22 -12.52
C ALA D 641 35.75 17.69 -11.65
N MET D 642 34.68 16.90 -11.60
CA MET D 642 33.51 17.22 -10.80
C MET D 642 33.70 16.63 -9.41
N LEU D 643 33.96 17.47 -8.43
CA LEU D 643 34.27 17.00 -7.08
C LEU D 643 33.02 16.51 -6.38
N SER D 644 33.22 15.58 -5.45
CA SER D 644 32.15 15.06 -4.62
C SER D 644 32.78 14.40 -3.40
N TYR D 645 31.98 13.70 -2.61
CA TYR D 645 32.50 12.93 -1.49
C TYR D 645 32.61 11.44 -1.80
N SER D 646 32.25 11.03 -3.01
CA SER D 646 32.27 9.62 -3.39
C SER D 646 33.07 9.45 -4.68
N ASN D 647 33.73 8.32 -4.79
CA ASN D 647 34.60 8.02 -5.92
C ASN D 647 33.83 7.16 -6.92
N PHE D 648 33.28 7.82 -7.95
CA PHE D 648 32.57 7.13 -9.02
C PHE D 648 31.47 6.22 -8.48
N SER D 649 30.72 6.71 -7.51
CA SER D 649 29.67 5.92 -6.89
C SER D 649 28.31 6.11 -7.56
N GLY D 650 28.04 7.30 -8.09
CA GLY D 650 26.77 7.54 -8.74
C GLY D 650 25.56 7.43 -7.84
N ALA D 651 25.76 7.50 -6.53
CA ALA D 651 24.67 7.36 -5.59
C ALA D 651 23.74 8.58 -5.67
N GLU D 652 22.57 8.44 -5.06
CA GLU D 652 21.57 9.50 -5.09
C GLU D 652 22.10 10.75 -4.40
N GLY D 653 21.82 11.91 -5.00
CA GLY D 653 22.22 13.17 -4.42
C GLY D 653 23.35 13.85 -5.15
N THR D 654 24.36 14.29 -4.38
CA THR D 654 25.50 14.97 -4.98
C THR D 654 26.28 14.09 -5.96
N PRO D 655 26.60 12.83 -5.67
CA PRO D 655 27.32 12.03 -6.67
C PRO D 655 26.58 11.88 -7.99
N ARG D 656 25.27 11.66 -7.95
CA ARG D 656 24.50 11.56 -9.17
C ARG D 656 24.52 12.87 -9.95
N LYS D 657 24.37 13.98 -9.24
CA LYS D 657 24.40 15.29 -9.89
C LYS D 657 25.74 15.54 -10.55
N MET D 658 26.84 15.18 -9.88
CA MET D 658 28.16 15.41 -10.45
C MET D 658 28.43 14.50 -11.63
N LYS D 659 27.99 13.23 -11.57
CA LYS D 659 28.14 12.34 -12.71
C LYS D 659 27.34 12.85 -13.90
N LYS D 660 26.11 13.29 -13.67
CA LYS D 660 25.31 13.84 -14.75
C LYS D 660 25.92 15.11 -15.32
N ALA D 661 26.49 15.96 -14.45
CA ALA D 661 27.13 17.18 -14.92
C ALA D 661 28.35 16.86 -15.77
N ALA D 662 29.12 15.85 -15.37
CA ALA D 662 30.26 15.43 -16.19
C ALA D 662 29.81 14.93 -17.55
N GLU D 663 28.73 14.14 -17.57
CA GLU D 663 28.20 13.66 -18.85
C GLU D 663 27.75 14.81 -19.73
N ILE D 664 27.04 15.79 -19.16
CA ILE D 664 26.55 16.93 -19.92
C ILE D 664 27.71 17.76 -20.45
N ALA D 665 28.73 17.98 -19.63
CA ALA D 665 29.89 18.74 -20.07
C ALA D 665 30.63 18.02 -21.18
N ARG D 666 30.75 16.70 -21.08
CA ARG D 666 31.37 15.93 -22.16
C ARG D 666 30.56 16.04 -23.44
N THR D 667 29.23 16.04 -23.33
CA THR D 667 28.39 16.23 -24.51
C THR D 667 28.61 17.61 -25.13
N LEU D 668 28.70 18.64 -24.28
CA LEU D 668 28.84 20.01 -24.77
C LEU D 668 30.25 20.32 -25.28
N ARG D 669 31.23 19.50 -24.95
CA ARG D 669 32.60 19.72 -25.37
C ARG D 669 33.34 18.38 -25.39
N PRO D 670 33.22 17.62 -26.48
CA PRO D 670 33.74 16.25 -26.50
C PRO D 670 35.25 16.15 -26.67
N ASP D 671 35.96 17.27 -26.78
CA ASP D 671 37.42 17.24 -26.95
C ASP D 671 38.17 17.52 -25.66
N LEU D 672 37.48 17.52 -24.52
CA LEU D 672 38.08 17.84 -23.24
C LEU D 672 38.20 16.59 -22.38
N MET D 673 38.97 16.71 -21.31
CA MET D 673 39.16 15.65 -20.33
C MET D 673 38.29 15.96 -19.10
N ILE D 674 37.02 15.59 -19.20
CA ILE D 674 36.05 15.82 -18.13
C ILE D 674 35.68 14.47 -17.53
N GLU D 675 35.76 14.38 -16.20
CA GLU D 675 35.46 13.12 -15.53
C GLU D 675 34.83 13.40 -14.18
N GLY D 676 33.87 12.56 -13.80
CA GLY D 676 33.22 12.67 -12.51
C GLY D 676 32.29 11.50 -12.31
N ASP D 677 31.88 11.32 -11.06
CA ASP D 677 32.29 12.15 -9.94
C ASP D 677 33.52 11.57 -9.26
N MET D 678 34.13 12.34 -8.37
CA MET D 678 35.33 11.89 -7.67
C MET D 678 35.54 12.76 -6.45
N GLN D 679 36.53 12.39 -5.64
CA GLN D 679 36.93 13.17 -4.48
C GLN D 679 38.08 14.08 -4.86
N ALA D 680 38.43 14.99 -3.94
CA ALA D 680 39.44 15.99 -4.25
C ALA D 680 40.82 15.35 -4.44
N ASP D 681 41.19 14.39 -3.59
CA ASP D 681 42.48 13.75 -3.73
C ASP D 681 42.58 12.97 -5.03
N THR D 682 41.52 12.24 -5.37
CA THR D 682 41.51 11.50 -6.63
C THR D 682 41.62 12.44 -7.82
N ALA D 683 40.95 13.59 -7.75
CA ALA D 683 40.97 14.53 -8.86
C ALA D 683 42.35 15.15 -9.04
N VAL D 684 42.96 15.64 -7.95
CA VAL D 684 44.18 16.41 -8.07
C VAL D 684 45.45 15.57 -8.01
N ASN D 685 45.35 14.27 -7.74
CA ASN D 685 46.52 13.42 -7.68
C ASN D 685 46.49 12.41 -8.83
N PRO D 686 47.39 12.51 -9.80
CA PRO D 686 47.43 11.50 -10.87
C PRO D 686 47.70 10.10 -10.39
N GLU D 687 48.53 9.94 -9.35
CA GLU D 687 48.93 8.61 -8.91
C GLU D 687 47.77 7.88 -8.25
N ILE D 688 47.00 8.57 -7.40
CA ILE D 688 45.86 7.93 -6.75
C ILE D 688 44.83 7.49 -7.77
N MET D 689 44.52 8.37 -8.73
CA MET D 689 43.56 8.03 -9.76
C MET D 689 44.04 6.88 -10.63
N GLU D 690 45.34 6.88 -10.98
CA GLU D 690 45.87 5.81 -11.81
C GLU D 690 45.85 4.48 -11.08
N ARG D 691 46.20 4.47 -9.79
CA ARG D 691 46.27 3.22 -9.05
C ARG D 691 44.88 2.68 -8.73
N LEU D 692 43.96 3.56 -8.31
CA LEU D 692 42.66 3.12 -7.82
C LEU D 692 41.63 3.00 -8.93
N PHE D 693 41.55 3.98 -9.82
CA PHE D 693 40.52 4.04 -10.85
C PHE D 693 41.17 4.25 -12.21
N PRO D 694 41.79 3.22 -12.77
CA PRO D 694 42.43 3.37 -14.09
C PRO D 694 41.43 3.49 -15.24
N PHE D 695 40.15 3.19 -15.01
CA PHE D 695 39.16 3.28 -16.08
C PHE D 695 38.81 4.72 -16.44
N SER D 696 39.06 5.67 -15.54
CA SER D 696 38.64 7.04 -15.75
C SER D 696 39.38 7.67 -16.91
N GLY D 697 38.69 8.57 -17.61
CA GLY D 697 39.28 9.28 -18.73
C GLY D 697 40.11 10.48 -18.37
N LEU D 698 40.26 10.78 -17.08
CA LEU D 698 41.06 11.91 -16.62
C LEU D 698 42.46 11.41 -16.31
N LYS D 699 43.43 11.82 -17.11
CA LYS D 699 44.82 11.39 -16.96
C LYS D 699 45.72 12.60 -16.79
N GLY D 700 46.66 12.50 -15.87
CA GLY D 700 47.59 13.58 -15.61
C GLY D 700 47.18 14.54 -14.52
N GLY D 701 46.08 14.29 -13.82
CA GLY D 701 45.61 15.18 -12.80
C GLY D 701 44.69 16.25 -13.35
N ALA D 702 43.89 16.82 -12.46
CA ALA D 702 42.92 17.84 -12.82
C ALA D 702 43.41 19.22 -12.41
N ASN D 703 43.17 20.21 -13.27
CA ASN D 703 43.47 21.59 -12.96
C ASN D 703 42.22 22.46 -12.87
N VAL D 704 41.05 21.92 -13.19
CA VAL D 704 39.78 22.61 -13.00
C VAL D 704 38.94 21.75 -12.08
N LEU D 705 38.57 22.28 -10.92
CA LEU D 705 37.77 21.58 -9.94
C LEU D 705 36.43 22.28 -9.78
N VAL D 706 35.33 21.54 -9.96
CA VAL D 706 33.99 22.07 -9.85
C VAL D 706 33.34 21.49 -8.60
N PHE D 707 32.75 22.36 -7.79
CA PHE D 707 32.26 21.94 -6.50
C PHE D 707 30.74 21.78 -6.52
N PRO D 708 30.21 20.82 -5.75
CA PRO D 708 28.77 20.56 -5.79
C PRO D 708 27.90 21.73 -5.34
N ASN D 709 28.36 22.54 -4.39
CA ASN D 709 27.53 23.60 -3.85
C ASN D 709 28.40 24.77 -3.42
N LEU D 710 27.77 25.77 -2.82
CA LEU D 710 28.47 27.00 -2.43
C LEU D 710 29.32 26.80 -1.19
N GLU D 711 28.81 26.05 -0.20
CA GLU D 711 29.55 25.87 1.04
C GLU D 711 30.89 25.20 0.80
N SER D 712 30.88 24.11 0.05
CA SER D 712 32.11 23.36 -0.20
C SER D 712 33.15 24.23 -0.89
N SER D 713 32.76 24.88 -1.98
CA SER D 713 33.69 25.69 -2.75
C SER D 713 34.23 26.84 -1.92
N ASN D 714 33.34 27.57 -1.23
CA ASN D 714 33.76 28.73 -0.46
C ASN D 714 34.71 28.33 0.66
N ILE D 715 34.31 27.35 1.46
CA ILE D 715 35.14 26.94 2.60
C ILE D 715 36.48 26.39 2.11
N ALA D 716 36.45 25.57 1.06
CA ALA D 716 37.70 25.00 0.54
C ALA D 716 38.65 26.09 0.08
N TYR D 717 38.15 27.05 -0.69
CA TYR D 717 39.04 28.09 -1.22
C TYR D 717 39.59 28.96 -0.09
N LYS D 718 38.75 29.32 0.88
CA LYS D 718 39.26 30.15 1.98
C LYS D 718 40.27 29.41 2.84
N LEU D 719 40.00 28.13 3.14
CA LEU D 719 40.94 27.34 3.94
C LEU D 719 42.25 27.14 3.22
N ILE D 720 42.21 26.89 1.91
CA ILE D 720 43.44 26.77 1.13
C ILE D 720 44.20 28.08 1.14
N GLN D 721 43.47 29.20 1.06
CA GLN D 721 44.13 30.51 1.08
C GLN D 721 44.83 30.75 2.40
N GLN D 722 44.20 30.39 3.52
CA GLN D 722 44.74 30.75 4.84
C GLN D 722 45.78 29.76 5.35
N ILE D 723 45.40 28.49 5.50
CA ILE D 723 46.27 27.53 6.16
C ILE D 723 47.25 26.85 5.21
N GLY D 724 47.01 26.91 3.90
CA GLY D 724 47.93 26.37 2.92
C GLY D 724 48.85 27.45 2.38
N LYS D 725 50.12 27.10 2.22
CA LYS D 725 51.10 28.08 1.74
C LYS D 725 50.90 28.45 0.27
N ALA D 726 50.07 27.70 -0.46
CA ALA D 726 49.76 28.07 -1.83
C ALA D 726 48.98 29.37 -1.86
N GLU D 727 49.26 30.20 -2.87
CA GLU D 727 48.62 31.50 -3.01
C GLU D 727 47.42 31.39 -3.93
N VAL D 728 46.26 31.85 -3.46
CA VAL D 728 45.06 31.88 -4.27
C VAL D 728 44.72 33.33 -4.58
N ILE D 729 44.19 33.54 -5.78
CA ILE D 729 43.78 34.86 -6.26
C ILE D 729 42.36 34.77 -6.79
N GLY D 730 41.57 35.78 -6.47
CA GLY D 730 40.17 35.80 -6.84
C GLY D 730 39.32 36.34 -5.72
N PRO D 731 38.01 36.06 -5.76
CA PRO D 731 37.29 35.36 -6.82
C PRO D 731 36.99 36.26 -8.01
N PHE D 732 37.01 35.70 -9.22
CA PHE D 732 36.73 36.43 -10.45
C PHE D 732 35.33 36.06 -10.92
N LEU D 733 34.52 37.08 -11.21
CA LEU D 733 33.17 36.86 -11.69
C LEU D 733 33.21 36.52 -13.17
N THR D 734 32.70 35.34 -13.53
CA THR D 734 32.69 34.85 -14.89
C THR D 734 31.25 34.67 -15.36
N GLY D 735 31.05 34.79 -16.67
CA GLY D 735 29.73 34.67 -17.25
C GLY D 735 29.04 36.00 -17.51
N VAL D 736 29.55 37.09 -16.94
CA VAL D 736 28.94 38.39 -17.16
C VAL D 736 29.40 38.96 -18.50
N ARG D 737 28.58 39.86 -19.06
CA ARG D 737 28.86 40.38 -20.39
C ARG D 737 30.15 41.19 -20.42
N ARG D 738 30.29 42.13 -19.49
CA ARG D 738 31.44 43.03 -19.42
C ARG D 738 32.28 42.70 -18.19
N SER D 739 33.49 43.25 -18.17
CA SER D 739 34.38 43.02 -17.05
C SER D 739 33.82 43.67 -15.78
N ALA D 740 33.62 42.87 -14.74
CA ALA D 740 33.12 43.38 -13.47
C ALA D 740 33.47 42.39 -12.36
N ASN D 741 34.18 42.85 -11.34
CA ASN D 741 34.69 41.99 -10.28
C ASN D 741 34.25 42.46 -8.89
N VAL D 742 34.15 41.50 -7.98
CA VAL D 742 33.78 41.76 -6.60
C VAL D 742 34.84 41.15 -5.70
N LEU D 743 35.55 42.00 -4.96
CA LEU D 743 36.51 41.54 -3.97
C LEU D 743 35.78 41.00 -2.76
N GLN D 744 36.34 39.97 -2.15
CA GLN D 744 35.88 39.55 -0.84
C GLN D 744 36.24 40.61 0.20
N ARG D 745 35.33 40.87 1.12
CA ARG D 745 35.58 41.88 2.15
C ARG D 745 36.76 41.50 3.05
N THR D 746 37.17 40.25 3.02
CA THR D 746 38.25 39.72 3.84
C THR D 746 39.62 39.94 3.21
N THR D 747 39.68 40.54 2.02
CA THR D 747 40.91 40.60 1.25
C THR D 747 41.94 41.50 1.92
N THR D 748 43.12 41.55 1.31
CA THR D 748 44.22 42.42 1.73
C THR D 748 44.63 43.28 0.55
N VAL D 749 45.64 44.12 0.75
CA VAL D 749 46.08 45.01 -0.31
C VAL D 749 46.66 44.22 -1.48
N ASP D 750 47.44 43.17 -1.19
CA ASP D 750 47.99 42.33 -2.25
C ASP D 750 46.89 41.63 -3.03
N GLY D 751 45.87 41.14 -2.33
CA GLY D 751 44.75 40.53 -3.02
C GLY D 751 44.03 41.49 -3.93
N ILE D 752 43.83 42.73 -3.49
CA ILE D 752 43.21 43.75 -4.33
C ILE D 752 44.07 44.02 -5.54
N VAL D 753 45.40 44.09 -5.35
CA VAL D 753 46.29 44.36 -6.48
C VAL D 753 46.19 43.25 -7.52
N ASN D 754 46.22 41.99 -7.07
CA ASN D 754 46.13 40.87 -8.00
C ASN D 754 44.79 40.86 -8.72
N SER D 755 43.70 41.08 -7.98
CA SER D 755 42.38 41.07 -8.58
C SER D 755 42.22 42.20 -9.59
N VAL D 756 42.75 43.38 -9.30
CA VAL D 756 42.66 44.49 -10.24
C VAL D 756 43.51 44.22 -11.48
N VAL D 757 44.68 43.59 -11.30
CA VAL D 757 45.50 43.24 -12.46
C VAL D 757 44.73 42.31 -13.38
N PHE D 758 44.10 41.27 -12.81
CA PHE D 758 43.40 40.32 -13.66
C PHE D 758 42.11 40.89 -14.24
N THR D 759 41.44 41.79 -13.51
CA THR D 759 40.26 42.42 -14.09
C THR D 759 40.64 43.41 -15.19
N ALA D 760 41.80 44.04 -15.09
CA ALA D 760 42.29 44.87 -16.20
C ALA D 760 42.62 44.02 -17.41
N LEU D 761 43.23 42.85 -17.19
CA LEU D 761 43.48 41.93 -18.29
C LEU D 761 42.18 41.50 -18.97
N GLU D 762 41.18 41.13 -18.17
CA GLU D 762 39.90 40.71 -18.72
C GLU D 762 39.20 41.86 -19.44
N ALA D 763 39.28 43.08 -18.89
CA ALA D 763 38.67 44.23 -19.54
C ALA D 763 39.34 44.53 -20.87
N GLN D 764 40.66 44.41 -20.93
CA GLN D 764 41.36 44.58 -22.21
C GLN D 764 40.91 43.53 -23.23
N PHE D 765 40.79 42.27 -22.78
CA PHE D 765 40.33 41.22 -23.69
C PHE D 765 38.93 41.50 -24.21
N ILE D 766 38.02 41.91 -23.31
CA ILE D 766 36.64 42.16 -23.72
C ILE D 766 36.56 43.36 -24.65
N LYS D 767 37.32 44.42 -24.35
CA LYS D 767 37.33 45.59 -25.22
C LYS D 767 37.86 45.24 -26.61
N ASP D 768 38.92 44.43 -26.67
CA ASP D 768 39.44 44.02 -27.97
C ASP D 768 38.43 43.17 -28.73
N ALA D 769 37.73 42.28 -28.02
CA ALA D 769 36.73 41.44 -28.69
C ALA D 769 35.55 42.27 -29.19
N LEU D 770 35.15 43.29 -28.43
CA LEU D 770 34.03 44.13 -28.84
C LEU D 770 34.40 45.00 -30.04
N LYS D 771 35.67 45.37 -30.17
CA LYS D 771 36.13 46.18 -31.28
C LYS D 771 36.49 45.34 -32.50
N ALA D 772 35.98 44.12 -32.58
CA ALA D 772 36.21 43.22 -33.70
C ALA D 772 34.90 42.85 -34.37
N ARG D 773 34.00 43.82 -34.52
CA ARG D 773 32.71 43.58 -35.15
C ARG D 773 32.13 44.88 -35.69
N THR E 12 -41.98 -28.04 -6.25
CA THR E 12 -41.07 -29.17 -6.13
C THR E 12 -39.62 -28.71 -6.12
N ASN E 13 -39.42 -27.40 -5.92
CA ASN E 13 -38.07 -26.86 -5.88
C ASN E 13 -37.28 -27.36 -4.68
N PHE E 14 -37.96 -27.74 -3.60
CA PHE E 14 -37.27 -28.36 -2.46
C PHE E 14 -36.62 -29.67 -2.88
N ASP E 15 -37.34 -30.48 -3.67
CA ASP E 15 -36.71 -31.65 -4.28
C ASP E 15 -35.72 -31.23 -5.36
N GLN E 16 -36.06 -30.19 -6.13
CA GLN E 16 -35.15 -29.70 -7.16
C GLN E 16 -33.88 -29.11 -6.58
N GLU E 17 -33.90 -28.67 -5.33
CA GLU E 17 -32.64 -28.26 -4.70
C GLU E 17 -31.69 -29.44 -4.54
N ALA E 18 -32.22 -30.60 -4.13
CA ALA E 18 -31.39 -31.79 -4.07
C ALA E 18 -31.05 -32.30 -5.47
N LEU E 19 -31.93 -32.07 -6.45
CA LEU E 19 -31.63 -32.45 -7.82
C LEU E 19 -30.49 -31.61 -8.39
N LEU E 20 -30.45 -30.33 -8.02
CA LEU E 20 -29.25 -29.54 -8.29
C LEU E 20 -28.06 -30.11 -7.55
N TYR E 21 -28.19 -30.33 -6.24
CA TYR E 21 -27.21 -31.07 -5.45
C TYR E 21 -26.81 -32.34 -6.19
N HIS E 22 -27.74 -32.89 -6.98
CA HIS E 22 -27.45 -34.01 -7.85
C HIS E 22 -27.10 -33.59 -9.28
N GLN E 23 -27.21 -32.31 -9.65
CA GLN E 23 -26.54 -31.92 -10.89
C GLN E 23 -25.50 -30.82 -10.71
N GLN E 24 -25.94 -29.58 -10.46
CA GLN E 24 -25.15 -28.42 -10.01
C GLN E 24 -23.66 -28.50 -10.35
N GLY E 25 -23.32 -28.93 -11.56
CA GLY E 25 -21.93 -29.25 -11.85
C GLY E 25 -21.34 -30.32 -10.96
N LYS E 26 -22.18 -30.95 -10.13
CA LYS E 26 -21.78 -31.99 -9.17
C LYS E 26 -22.92 -33.01 -9.06
N PRO E 27 -22.72 -34.24 -9.54
CA PRO E 27 -23.85 -35.17 -9.69
C PRO E 27 -24.27 -35.91 -8.42
N GLY E 28 -23.82 -35.47 -7.25
CA GLY E 28 -24.12 -36.20 -6.04
C GLY E 28 -24.26 -35.30 -4.84
N LYS E 29 -25.09 -35.74 -3.88
CA LYS E 29 -25.25 -35.00 -2.63
C LYS E 29 -23.96 -34.97 -1.83
N ILE E 30 -23.23 -36.08 -1.82
CA ILE E 30 -21.96 -36.19 -1.11
C ILE E 30 -20.85 -36.48 -2.10
N GLU E 31 -19.62 -36.18 -1.69
CA GLU E 31 -18.44 -36.40 -2.52
C GLU E 31 -17.28 -36.83 -1.63
N VAL E 32 -16.29 -37.44 -2.24
CA VAL E 32 -15.10 -37.94 -1.55
C VAL E 32 -13.89 -37.15 -2.05
N ILE E 33 -13.21 -36.48 -1.13
CA ILE E 33 -12.00 -35.74 -1.44
C ILE E 33 -10.83 -36.40 -0.71
N SER E 34 -9.62 -35.91 -1.00
CA SER E 34 -8.40 -36.41 -0.39
C SER E 34 -7.88 -35.39 0.61
N SER E 35 -7.77 -35.80 1.86
CA SER E 35 -7.17 -34.92 2.87
C SER E 35 -5.70 -34.66 2.57
N LYS E 36 -4.97 -35.71 2.24
CA LYS E 36 -3.58 -35.58 1.85
C LYS E 36 -3.48 -35.03 0.43
N PRO E 37 -2.45 -34.23 0.14
CA PRO E 37 -2.28 -33.71 -1.22
C PRO E 37 -1.90 -34.81 -2.19
N CYS E 38 -2.30 -34.62 -3.45
CA CYS E 38 -1.89 -35.51 -4.54
C CYS E 38 -1.87 -34.70 -5.83
N ALA E 39 -0.69 -34.15 -6.16
CA ALA E 39 -0.56 -33.34 -7.35
C ALA E 39 0.74 -33.55 -8.11
N THR E 40 1.65 -34.40 -7.64
CA THR E 40 2.99 -34.48 -8.22
C THR E 40 3.44 -35.94 -8.27
N GLU E 41 4.51 -36.18 -9.02
CA GLU E 41 5.06 -37.53 -9.14
C GLU E 41 5.54 -38.05 -7.80
N LYS E 42 6.20 -37.19 -7.02
CA LYS E 42 6.59 -37.59 -5.67
C LYS E 42 5.36 -37.90 -4.82
N ASP E 43 4.30 -37.11 -4.97
CA ASP E 43 3.06 -37.39 -4.24
C ASP E 43 2.42 -38.69 -4.73
N LEU E 44 2.50 -38.96 -6.03
CA LEU E 44 2.03 -40.24 -6.55
C LEU E 44 2.79 -41.40 -5.94
N SER E 45 4.11 -41.29 -5.86
CA SER E 45 4.92 -42.33 -5.25
C SER E 45 4.57 -42.51 -3.78
N LEU E 46 4.32 -41.39 -3.07
CA LEU E 46 3.92 -41.47 -1.67
C LEU E 46 2.58 -42.18 -1.51
N ALA E 47 1.63 -41.90 -2.40
CA ALA E 47 0.29 -42.44 -2.28
C ALA E 47 0.12 -43.78 -3.00
N TYR E 48 0.75 -43.95 -4.15
CA TYR E 48 0.65 -45.17 -4.94
C TYR E 48 1.92 -46.00 -4.76
N SER E 49 2.03 -47.09 -5.51
CA SER E 49 3.22 -47.93 -5.44
C SER E 49 4.43 -47.18 -5.99
N PRO E 50 5.64 -47.53 -5.52
CA PRO E 50 5.96 -48.53 -4.50
C PRO E 50 5.98 -47.94 -3.09
N GLY E 51 5.76 -46.64 -2.96
CA GLY E 51 5.76 -46.03 -1.64
C GLY E 51 4.63 -46.50 -0.76
N VAL E 52 3.45 -46.75 -1.35
CA VAL E 52 2.31 -47.22 -0.59
C VAL E 52 2.56 -48.60 0.02
N ALA E 53 3.55 -49.33 -0.49
CA ALA E 53 3.92 -50.60 0.13
C ALA E 53 4.61 -50.38 1.46
N ALA E 54 5.23 -49.23 1.68
CA ALA E 54 5.94 -48.99 2.94
C ALA E 54 5.01 -49.01 4.15
N PRO E 55 3.88 -48.30 4.18
CA PRO E 55 2.96 -48.46 5.31
C PRO E 55 2.38 -49.87 5.41
N CYS E 56 2.16 -50.53 4.27
CA CYS E 56 1.60 -51.88 4.31
C CYS E 56 2.47 -52.82 5.13
N LYS E 57 3.78 -52.83 4.85
CA LYS E 57 4.70 -53.65 5.65
C LYS E 57 4.68 -53.22 7.11
N ALA E 58 4.43 -51.94 7.38
CA ALA E 58 4.28 -51.50 8.76
C ALA E 58 3.06 -52.12 9.41
N ILE E 59 1.96 -52.27 8.67
CA ILE E 59 0.75 -52.84 9.23
C ILE E 59 0.89 -54.35 9.41
N ALA E 60 1.80 -54.98 8.65
CA ALA E 60 1.98 -56.42 8.76
C ALA E 60 2.39 -56.85 10.16
N LYS E 61 3.11 -55.99 10.89
CA LYS E 61 3.50 -56.33 12.25
C LYS E 61 2.29 -56.32 13.19
N ASP E 62 1.47 -55.28 13.11
CA ASP E 62 0.29 -55.17 13.96
C ASP E 62 -0.91 -54.68 13.15
N PRO E 63 -1.94 -55.51 12.99
CA PRO E 63 -3.12 -55.07 12.22
C PRO E 63 -3.80 -53.84 12.80
N ALA E 64 -3.86 -53.73 14.13
CA ALA E 64 -4.58 -52.61 14.75
C ALA E 64 -3.99 -51.28 14.33
N LYS E 65 -2.72 -51.26 13.92
CA LYS E 65 -2.08 -50.04 13.46
C LYS E 65 -2.78 -49.42 12.25
N VAL E 66 -3.77 -50.10 11.66
CA VAL E 66 -4.57 -49.45 10.63
C VAL E 66 -5.22 -48.19 11.19
N TYR E 67 -5.69 -48.25 12.44
CA TYR E 67 -6.28 -47.08 13.06
C TYR E 67 -5.30 -45.93 13.16
N ASP E 68 -3.99 -46.21 13.15
CA ASP E 68 -2.97 -45.17 13.14
C ASP E 68 -2.49 -44.82 11.74
N TYR E 69 -2.82 -45.62 10.73
CA TYR E 69 -2.36 -45.40 9.37
C TYR E 69 -3.47 -45.03 8.42
N THR E 70 -4.53 -45.83 8.37
CA THR E 70 -5.63 -45.60 7.45
C THR E 70 -6.75 -44.79 8.13
N ALA E 71 -7.83 -44.56 7.40
CA ALA E 71 -8.98 -43.83 7.89
C ALA E 71 -10.05 -44.74 8.49
N LYS E 72 -9.64 -45.87 9.06
CA LYS E 72 -10.63 -46.79 9.63
C LYS E 72 -11.26 -46.21 10.88
N GLY E 73 -10.49 -45.46 11.68
CA GLY E 73 -11.02 -44.97 12.95
C GLY E 73 -12.22 -44.04 12.76
N ASN E 74 -12.10 -43.08 11.87
CA ASN E 74 -13.19 -42.13 11.61
C ASN E 74 -14.01 -42.58 10.40
N LEU E 75 -14.57 -43.78 10.48
CA LEU E 75 -15.31 -44.34 9.35
C LEU E 75 -16.44 -45.21 9.88
N VAL E 76 -17.67 -44.70 9.78
CA VAL E 76 -18.87 -45.49 10.05
C VAL E 76 -19.64 -45.63 8.73
N ALA E 77 -20.73 -46.38 8.75
CA ALA E 77 -21.55 -46.53 7.57
C ALA E 77 -23.02 -46.52 7.95
N VAL E 78 -23.86 -46.06 7.02
CA VAL E 78 -25.30 -46.17 7.16
C VAL E 78 -25.73 -47.32 6.26
N ILE E 79 -25.75 -48.53 6.81
CA ILE E 79 -26.13 -49.73 6.07
C ILE E 79 -27.64 -49.91 6.17
N SER E 80 -28.23 -50.38 5.08
CA SER E 80 -29.68 -50.51 4.99
C SER E 80 -30.04 -51.41 3.82
N ASN E 81 -31.34 -51.63 3.63
CA ASN E 81 -31.84 -52.39 2.48
C ASN E 81 -33.09 -51.78 1.88
N GLY E 82 -33.53 -50.61 2.36
CA GLY E 82 -34.73 -49.99 1.85
C GLY E 82 -36.03 -50.59 2.34
N THR E 83 -35.98 -51.46 3.36
CA THR E 83 -37.19 -52.10 3.85
C THR E 83 -38.09 -51.11 4.58
N ALA E 84 -37.51 -50.10 5.24
CA ALA E 84 -38.29 -49.07 5.92
C ALA E 84 -37.48 -47.78 5.87
N VAL E 85 -37.77 -46.93 4.88
CA VAL E 85 -37.01 -45.72 4.62
C VAL E 85 -37.88 -44.52 4.98
N LEU E 86 -37.46 -43.76 6.00
CA LEU E 86 -38.11 -42.54 6.43
C LEU E 86 -39.61 -42.71 6.60
N GLY E 87 -40.39 -41.72 6.17
CA GLY E 87 -41.84 -41.81 6.24
C GLY E 87 -42.44 -42.58 5.09
N LEU E 88 -41.90 -43.77 4.82
CA LEU E 88 -42.39 -44.60 3.73
C LEU E 88 -42.05 -46.06 4.06
N GLY E 89 -42.85 -46.97 3.51
CA GLY E 89 -42.64 -48.39 3.75
C GLY E 89 -41.50 -48.97 2.92
N ASN E 90 -41.66 -50.20 2.46
CA ASN E 90 -40.62 -50.85 1.68
C ASN E 90 -40.42 -50.11 0.35
N ILE E 91 -39.17 -49.80 0.04
CA ILE E 91 -38.85 -49.07 -1.19
C ILE E 91 -37.75 -49.71 -2.01
N GLY E 92 -36.95 -50.62 -1.45
CA GLY E 92 -35.83 -51.20 -2.15
C GLY E 92 -34.54 -50.47 -1.85
N PRO E 93 -33.43 -51.20 -1.85
CA PRO E 93 -32.14 -50.57 -1.51
C PRO E 93 -31.74 -49.47 -2.47
N ALA E 94 -32.11 -49.58 -3.75
CA ALA E 94 -31.65 -48.60 -4.74
C ALA E 94 -32.26 -47.23 -4.50
N ALA E 95 -33.54 -47.18 -4.11
CA ALA E 95 -34.27 -45.92 -4.04
C ALA E 95 -34.05 -45.16 -2.73
N GLY E 96 -33.42 -45.77 -1.73
CA GLY E 96 -33.24 -45.12 -0.46
C GLY E 96 -31.97 -44.33 -0.28
N LYS E 97 -31.10 -44.30 -1.28
CA LYS E 97 -29.77 -43.70 -1.11
C LYS E 97 -29.79 -42.24 -0.66
N PRO E 98 -30.67 -41.36 -1.17
CA PRO E 98 -30.62 -39.96 -0.70
C PRO E 98 -30.81 -39.80 0.80
N VAL E 99 -31.68 -40.58 1.43
CA VAL E 99 -31.89 -40.44 2.87
C VAL E 99 -30.66 -40.92 3.63
N MET E 100 -30.00 -41.97 3.14
CA MET E 100 -28.77 -42.43 3.77
C MET E 100 -27.66 -41.39 3.62
N GLU E 101 -27.59 -40.73 2.46
CA GLU E 101 -26.62 -39.66 2.29
C GLU E 101 -26.93 -38.47 3.18
N GLY E 102 -28.21 -38.18 3.40
CA GLY E 102 -28.57 -37.16 4.37
C GLY E 102 -28.14 -37.51 5.78
N LYS E 103 -28.32 -38.78 6.16
CA LYS E 103 -27.82 -39.22 7.45
C LYS E 103 -26.30 -39.08 7.53
N GLY E 104 -25.61 -39.37 6.43
CA GLY E 104 -24.15 -39.24 6.43
C GLY E 104 -23.69 -37.80 6.56
N ILE E 105 -24.34 -36.88 5.85
CA ILE E 105 -23.94 -35.47 5.97
C ILE E 105 -24.28 -34.95 7.36
N LEU E 106 -25.38 -35.43 7.96
CA LEU E 106 -25.68 -35.07 9.35
C LEU E 106 -24.58 -35.59 10.28
N PHE E 107 -24.14 -36.83 10.05
CA PHE E 107 -23.00 -37.38 10.80
C PHE E 107 -21.80 -36.46 10.72
N LYS E 108 -21.42 -36.08 9.51
CA LYS E 108 -20.21 -35.27 9.32
C LYS E 108 -20.37 -33.89 9.92
N GLN E 109 -21.57 -33.32 9.85
CA GLN E 109 -21.78 -31.97 10.34
C GLN E 109 -21.76 -31.91 11.86
N PHE E 110 -22.45 -32.83 12.51
CA PHE E 110 -22.62 -32.75 13.96
C PHE E 110 -21.63 -33.60 14.75
N ALA E 111 -20.82 -34.42 14.09
CA ALA E 111 -19.81 -35.20 14.79
C ALA E 111 -18.45 -35.23 14.12
N GLY E 112 -18.31 -34.72 12.90
CA GLY E 112 -17.04 -34.80 12.19
C GLY E 112 -16.60 -36.21 11.91
N ILE E 113 -17.53 -37.07 11.51
CA ILE E 113 -17.26 -38.48 11.25
C ILE E 113 -17.50 -38.75 9.77
N ASP E 114 -16.45 -39.19 9.07
CA ASP E 114 -16.62 -39.64 7.70
C ASP E 114 -17.43 -40.92 7.67
N VAL E 115 -18.44 -40.97 6.81
CA VAL E 115 -19.43 -42.04 6.84
C VAL E 115 -19.75 -42.47 5.41
N PHE E 116 -19.80 -43.77 5.20
CA PHE E 116 -20.12 -44.36 3.91
C PHE E 116 -21.59 -44.72 3.81
N ASP E 117 -22.05 -44.88 2.58
CA ASP E 117 -23.44 -45.20 2.27
C ASP E 117 -23.47 -46.53 1.53
N ILE E 118 -23.74 -47.61 2.26
CA ILE E 118 -23.83 -48.95 1.70
C ILE E 118 -25.27 -49.43 1.84
N GLU E 119 -25.84 -49.92 0.75
CA GLU E 119 -27.13 -50.59 0.75
C GLU E 119 -26.93 -52.06 0.41
N VAL E 120 -27.46 -52.94 1.26
CA VAL E 120 -27.36 -54.37 1.06
C VAL E 120 -28.68 -54.84 0.44
N ALA E 121 -28.63 -55.28 -0.81
CA ALA E 121 -29.82 -55.69 -1.54
C ALA E 121 -30.23 -57.10 -1.11
N ALA E 122 -30.67 -57.20 0.15
CA ALA E 122 -31.03 -58.49 0.72
C ALA E 122 -32.04 -58.26 1.85
N THR E 123 -33.31 -58.55 1.58
CA THR E 123 -34.29 -58.61 2.65
C THR E 123 -34.08 -59.80 3.55
N ASP E 124 -33.42 -60.85 3.06
CA ASP E 124 -33.11 -62.02 3.87
C ASP E 124 -32.08 -61.66 4.93
N VAL E 125 -32.26 -62.22 6.13
CA VAL E 125 -31.37 -61.91 7.24
C VAL E 125 -29.99 -62.51 7.02
N ASP E 126 -29.94 -63.73 6.48
CA ASP E 126 -28.66 -64.45 6.39
C ASP E 126 -27.67 -63.70 5.51
N THR E 127 -28.07 -63.29 4.31
CA THR E 127 -27.16 -62.61 3.40
C THR E 127 -26.73 -61.26 3.96
N PHE E 128 -27.66 -60.51 4.56
CA PHE E 128 -27.33 -59.22 5.15
C PHE E 128 -26.30 -59.39 6.26
N CYS E 129 -26.52 -60.35 7.15
CA CYS E 129 -25.58 -60.59 8.24
C CYS E 129 -24.23 -61.02 7.71
N ASN E 130 -24.21 -61.91 6.71
CA ASN E 130 -22.95 -62.37 6.14
C ASN E 130 -22.17 -61.22 5.54
N ALA E 131 -22.85 -60.38 4.77
CA ALA E 131 -22.16 -59.26 4.12
C ALA E 131 -21.61 -58.28 5.15
N VAL E 132 -22.42 -57.90 6.14
CA VAL E 132 -21.96 -56.92 7.12
C VAL E 132 -20.84 -57.50 7.97
N ARG E 133 -20.91 -58.79 8.30
CA ARG E 133 -19.84 -59.43 9.06
C ARG E 133 -18.54 -59.45 8.25
N VAL E 134 -18.64 -59.77 6.96
CA VAL E 134 -17.44 -59.85 6.12
C VAL E 134 -16.89 -58.48 5.78
N LEU E 135 -17.67 -57.41 5.97
CA LEU E 135 -17.16 -56.06 5.81
C LEU E 135 -16.47 -55.53 7.07
N GLU E 136 -16.08 -56.42 7.99
CA GLU E 136 -15.52 -55.97 9.27
C GLU E 136 -14.23 -55.18 9.14
N PRO E 137 -13.19 -55.65 8.44
CA PRO E 137 -11.96 -54.84 8.35
C PRO E 137 -12.12 -53.61 7.49
N THR E 138 -13.17 -53.55 6.66
CA THR E 138 -13.40 -52.38 5.83
C THR E 138 -13.70 -51.14 6.67
N PHE E 139 -14.55 -51.29 7.68
CA PHE E 139 -15.16 -50.18 8.39
C PHE E 139 -14.77 -50.22 9.87
N GLY E 140 -14.60 -49.04 10.44
CA GLY E 140 -14.31 -48.89 11.86
C GLY E 140 -15.51 -48.77 12.75
N GLY E 141 -16.72 -48.89 12.20
CA GLY E 141 -17.95 -48.79 12.96
C GLY E 141 -19.15 -48.94 12.06
N ILE E 142 -20.27 -49.42 12.60
CA ILE E 142 -21.47 -49.67 11.82
C ILE E 142 -22.64 -48.93 12.48
N ASN E 143 -23.35 -48.15 11.68
CA ASN E 143 -24.55 -47.44 12.13
C ASN E 143 -25.73 -47.88 11.27
N LEU E 144 -25.90 -49.19 11.10
CA LEU E 144 -26.97 -49.72 10.27
C LEU E 144 -28.31 -49.16 10.73
N GLU E 145 -29.10 -48.70 9.76
CA GLU E 145 -30.30 -47.93 10.07
C GLU E 145 -31.29 -48.10 8.93
N ASP E 146 -32.58 -48.00 9.26
CA ASP E 146 -33.69 -48.12 8.31
C ASP E 146 -33.86 -49.54 7.78
N ILE E 147 -33.66 -50.54 8.63
CA ILE E 147 -33.93 -51.93 8.29
C ILE E 147 -35.27 -52.31 8.91
N LYS E 148 -35.88 -53.37 8.37
CA LYS E 148 -37.19 -53.80 8.84
C LYS E 148 -37.10 -54.39 10.24
N ALA E 149 -38.26 -54.49 10.88
CA ALA E 149 -38.41 -55.04 12.22
C ALA E 149 -39.48 -56.13 12.20
N PRO E 150 -39.38 -57.12 13.09
CA PRO E 150 -38.39 -57.30 14.17
C PRO E 150 -37.11 -58.00 13.70
N GLU E 151 -36.89 -58.10 12.39
CA GLU E 151 -35.63 -58.65 11.90
C GLU E 151 -34.44 -57.78 12.29
N CYS E 152 -34.70 -56.52 12.65
CA CYS E 152 -33.63 -55.63 13.11
C CYS E 152 -32.97 -56.17 14.37
N PHE E 153 -33.76 -56.69 15.31
CA PHE E 153 -33.18 -57.29 16.51
C PHE E 153 -32.30 -58.48 16.15
N GLU E 154 -32.76 -59.34 15.24
CA GLU E 154 -31.99 -60.51 14.86
C GLU E 154 -30.66 -60.12 14.22
N ILE E 155 -30.69 -59.16 13.28
CA ILE E 155 -29.46 -58.75 12.62
C ILE E 155 -28.52 -58.05 13.60
N GLU E 156 -29.08 -57.25 14.52
CA GLU E 156 -28.24 -56.58 15.51
C GLU E 156 -27.55 -57.59 16.41
N GLU E 157 -28.29 -58.57 16.91
CA GLU E 157 -27.68 -59.59 17.77
C GLU E 157 -26.63 -60.40 17.00
N ARG E 158 -26.93 -60.79 15.77
CA ARG E 158 -25.99 -61.58 14.99
C ARG E 158 -24.71 -60.80 14.72
N LEU E 159 -24.84 -59.52 14.38
CA LEU E 159 -23.65 -58.71 14.10
C LEU E 159 -22.85 -58.45 15.36
N LYS E 160 -23.52 -58.22 16.49
CA LYS E 160 -22.80 -58.04 17.74
C LYS E 160 -22.04 -59.30 18.13
N LYS E 161 -22.65 -60.46 17.91
CA LYS E 161 -21.98 -61.72 18.22
C LYS E 161 -20.86 -62.04 17.23
N GLU E 162 -20.97 -61.56 15.99
CA GLU E 162 -20.05 -61.98 14.94
C GLU E 162 -18.72 -61.21 15.00
N MET E 163 -18.78 -59.90 14.81
CA MET E 163 -17.57 -59.10 14.66
C MET E 163 -17.43 -58.12 15.83
N ASN E 164 -16.19 -57.67 16.03
CA ASN E 164 -15.85 -56.89 17.22
C ASN E 164 -16.31 -55.45 17.12
N ILE E 165 -16.29 -54.86 15.93
CA ILE E 165 -16.52 -53.42 15.78
C ILE E 165 -17.95 -53.09 16.20
N PRO E 166 -18.20 -51.89 16.74
CA PRO E 166 -19.53 -51.60 17.32
C PRO E 166 -20.64 -51.52 16.30
N VAL E 167 -21.59 -52.44 16.38
CA VAL E 167 -22.79 -52.40 15.55
C VAL E 167 -23.89 -51.68 16.32
N PHE E 168 -24.47 -50.65 15.72
CA PHE E 168 -25.42 -49.79 16.39
C PHE E 168 -26.59 -49.52 15.46
N HIS E 169 -27.80 -49.88 15.91
CA HIS E 169 -29.02 -49.53 15.20
C HIS E 169 -29.47 -48.16 15.68
N ASP E 170 -29.40 -47.16 14.80
CA ASP E 170 -29.62 -45.78 15.21
C ASP E 170 -31.04 -45.56 15.72
N ASP E 171 -32.03 -46.13 15.03
CA ASP E 171 -33.42 -45.79 15.31
C ASP E 171 -33.81 -46.15 16.74
N GLN E 172 -33.77 -47.45 17.07
CA GLN E 172 -34.26 -47.91 18.36
C GLN E 172 -33.50 -47.27 19.51
N HIS E 173 -32.17 -47.38 19.48
CA HIS E 173 -31.37 -46.93 20.61
C HIS E 173 -31.36 -45.41 20.74
N GLY E 174 -31.33 -44.70 19.60
CA GLY E 174 -31.40 -43.25 19.66
C GLY E 174 -32.73 -42.76 20.20
N THR E 175 -33.83 -43.38 19.76
CA THR E 175 -35.13 -43.02 20.32
C THR E 175 -35.17 -43.33 21.81
N ALA E 176 -34.60 -44.46 22.23
CA ALA E 176 -34.55 -44.79 23.64
C ALA E 176 -33.79 -43.74 24.43
N ILE E 177 -32.64 -43.30 23.91
CA ILE E 177 -31.81 -42.33 24.60
C ILE E 177 -32.54 -41.00 24.73
N VAL E 178 -33.14 -40.54 23.63
CA VAL E 178 -33.80 -39.23 23.67
C VAL E 178 -35.04 -39.28 24.56
N SER E 179 -35.78 -40.39 24.52
CA SER E 179 -36.95 -40.53 25.39
C SER E 179 -36.55 -40.57 26.85
N GLY E 180 -35.50 -41.31 27.18
CA GLY E 180 -35.03 -41.33 28.56
C GLY E 180 -34.54 -39.97 29.03
N ALA E 181 -33.87 -39.24 28.14
CA ALA E 181 -33.38 -37.91 28.51
C ALA E 181 -34.53 -36.94 28.75
N ALA E 182 -35.58 -37.02 27.92
CA ALA E 182 -36.75 -36.18 28.13
C ALA E 182 -37.58 -36.64 29.33
N LEU E 183 -37.48 -37.91 29.72
CA LEU E 183 -38.33 -38.42 30.78
C LEU E 183 -37.70 -38.29 32.16
N LEU E 184 -36.38 -38.42 32.27
CA LEU E 184 -35.73 -38.39 33.58
C LEU E 184 -35.88 -37.01 34.23
N ASN E 185 -35.58 -35.96 33.48
CA ASN E 185 -35.70 -34.62 34.02
C ASN E 185 -37.14 -34.28 34.38
N ALA E 186 -38.08 -34.68 33.52
CA ALA E 186 -39.50 -34.39 33.79
C ALA E 186 -39.99 -35.13 35.03
N CYS E 187 -39.61 -36.40 35.19
CA CYS E 187 -40.06 -37.16 36.35
C CYS E 187 -39.38 -36.68 37.63
N SER E 188 -38.12 -36.27 37.54
CA SER E 188 -37.39 -35.81 38.72
C SER E 188 -37.87 -34.46 39.23
N ILE E 189 -38.68 -33.74 38.45
CA ILE E 189 -39.20 -32.44 38.85
C ILE E 189 -40.71 -32.48 39.08
N THR E 190 -41.31 -33.67 39.11
CA THR E 190 -42.74 -33.82 39.35
C THR E 190 -43.04 -34.57 40.64
N ASN E 191 -42.10 -34.57 41.58
CA ASN E 191 -42.27 -35.22 42.88
C ASN E 191 -42.62 -36.70 42.73
N ARG E 192 -41.99 -37.37 41.77
CA ARG E 192 -42.17 -38.79 41.55
C ARG E 192 -40.83 -39.40 41.17
N LYS E 193 -40.73 -40.72 41.34
CA LYS E 193 -39.51 -41.45 41.05
C LYS E 193 -39.72 -42.37 39.86
N MET E 194 -38.63 -42.60 39.11
CA MET E 194 -38.68 -43.40 37.90
C MET E 194 -38.51 -44.89 38.17
N GLU E 195 -38.60 -45.32 39.41
CA GLU E 195 -38.37 -46.73 39.75
C GLU E 195 -39.52 -47.38 40.48
N ASP E 196 -40.19 -46.66 41.39
CA ASP E 196 -41.27 -47.23 42.18
C ASP E 196 -42.66 -46.79 41.71
N MET E 197 -42.81 -45.52 41.35
CA MET E 197 -44.10 -45.03 40.85
C MET E 197 -44.45 -45.75 39.56
N ARG E 198 -45.70 -46.22 39.48
CA ARG E 198 -46.14 -47.08 38.40
C ARG E 198 -46.29 -46.27 37.12
N ILE E 199 -45.24 -46.25 36.30
CA ILE E 199 -45.32 -45.66 34.98
C ILE E 199 -45.95 -46.69 34.04
N VAL E 200 -46.68 -46.20 33.05
CA VAL E 200 -47.49 -47.05 32.19
C VAL E 200 -46.97 -47.10 30.76
N VAL E 201 -46.43 -45.97 30.27
CA VAL E 201 -45.88 -45.79 28.92
C VAL E 201 -46.83 -46.27 27.83
N ASN E 202 -46.40 -46.18 26.57
CA ASN E 202 -47.19 -46.66 25.43
C ASN E 202 -46.25 -47.34 24.44
N GLY E 203 -46.05 -48.64 24.62
CA GLY E 203 -45.24 -49.37 23.64
C GLY E 203 -43.97 -49.96 24.25
N ALA E 204 -43.72 -51.23 23.90
CA ALA E 204 -42.48 -51.90 24.28
C ALA E 204 -41.96 -52.79 23.15
N GLY E 205 -42.18 -52.41 21.91
CA GLY E 205 -41.76 -53.22 20.77
C GLY E 205 -41.02 -52.41 19.73
N ALA E 206 -40.12 -53.07 19.03
CA ALA E 206 -39.28 -52.47 17.98
C ALA E 206 -38.47 -51.34 18.61
N SER E 207 -38.63 -50.09 18.19
CA SER E 207 -37.95 -48.99 18.86
C SER E 207 -38.42 -48.86 20.32
N ALA E 208 -39.72 -49.07 20.54
CA ALA E 208 -40.25 -49.03 21.90
C ALA E 208 -39.68 -50.16 22.76
N ASN E 209 -39.23 -51.26 22.15
CA ASN E 209 -38.57 -52.30 22.92
C ASN E 209 -37.26 -51.78 23.52
N SER E 210 -36.46 -51.09 22.72
CA SER E 210 -35.24 -50.48 23.23
C SER E 210 -35.57 -49.37 24.23
N CYS E 211 -36.66 -48.63 23.99
CA CYS E 211 -37.09 -47.61 24.93
C CYS E 211 -37.40 -48.21 26.30
N ALA E 212 -38.16 -49.31 26.30
CA ALA E 212 -38.51 -49.97 27.56
C ALA E 212 -37.29 -50.58 28.23
N LYS E 213 -36.36 -51.13 27.44
CA LYS E 213 -35.13 -51.66 28.02
C LYS E 213 -34.31 -50.55 28.68
N ILE E 214 -34.22 -49.39 28.03
CA ILE E 214 -33.51 -48.26 28.62
C ILE E 214 -34.22 -47.78 29.88
N PHE E 215 -35.57 -47.79 29.86
CA PHE E 215 -36.33 -47.37 31.03
C PHE E 215 -36.06 -48.30 32.22
N ILE E 216 -36.14 -49.62 31.98
CA ILE E 216 -35.90 -50.56 33.07
C ILE E 216 -34.44 -50.57 33.50
N ALA E 217 -33.52 -50.17 32.61
CA ALA E 217 -32.13 -49.97 33.01
C ALA E 217 -31.94 -48.70 33.82
N LEU E 218 -32.90 -47.76 33.75
CA LEU E 218 -32.80 -46.48 34.44
C LEU E 218 -33.62 -46.43 35.72
N GLY E 219 -34.11 -47.58 36.18
CA GLY E 219 -34.88 -47.61 37.42
C GLY E 219 -36.16 -48.42 37.32
N ALA E 220 -36.79 -48.41 36.16
CA ALA E 220 -38.02 -49.16 35.96
C ALA E 220 -37.74 -50.66 36.01
N ARG E 221 -38.81 -51.45 35.95
CA ARG E 221 -38.69 -52.90 35.98
C ARG E 221 -39.85 -53.51 35.18
N ARG E 222 -39.97 -54.83 35.26
CA ARG E 222 -41.07 -55.54 34.62
C ARG E 222 -42.24 -55.75 35.55
N GLU E 223 -41.99 -55.99 36.84
CA GLU E 223 -43.03 -56.19 37.83
C GLU E 223 -43.31 -54.93 38.65
N ASN E 224 -42.27 -54.16 38.99
CA ASN E 224 -42.48 -52.89 39.68
C ASN E 224 -43.17 -51.89 38.78
N ILE E 225 -43.04 -52.04 37.47
CA ILE E 225 -43.63 -51.14 36.48
C ILE E 225 -44.60 -51.95 35.64
N ILE E 226 -45.83 -51.47 35.53
CA ILE E 226 -46.85 -52.10 34.69
C ILE E 226 -46.80 -51.43 33.32
N MET E 227 -46.52 -52.22 32.30
CA MET E 227 -46.31 -51.70 30.95
C MET E 227 -47.55 -51.93 30.11
N CYS E 228 -48.09 -50.86 29.54
CA CYS E 228 -49.19 -50.93 28.58
C CYS E 228 -48.67 -50.48 27.22
N ASP E 229 -48.84 -51.34 26.22
CA ASP E 229 -48.22 -51.14 24.92
C ASP E 229 -49.05 -50.21 24.04
N SER E 230 -48.40 -49.71 22.99
CA SER E 230 -49.13 -48.95 21.97
C SER E 230 -50.15 -49.83 21.27
N GLN E 231 -49.78 -51.08 20.97
CA GLN E 231 -50.70 -52.07 20.43
C GLN E 231 -51.44 -52.81 21.54
N GLY E 232 -52.05 -52.04 22.44
CA GLY E 232 -52.77 -52.63 23.56
C GLY E 232 -51.88 -52.95 24.74
N VAL E 233 -51.53 -54.22 24.88
CA VAL E 233 -50.67 -54.68 25.97
C VAL E 233 -50.11 -56.04 25.57
N ILE E 234 -48.86 -56.29 25.96
CA ILE E 234 -48.17 -57.52 25.57
C ILE E 234 -48.07 -58.46 26.76
N TYR E 235 -49.03 -58.36 27.67
CA TYR E 235 -49.09 -59.28 28.80
C TYR E 235 -49.60 -60.65 28.32
N LYS E 236 -49.78 -61.56 29.27
CA LYS E 236 -50.25 -62.90 28.94
C LYS E 236 -51.70 -62.85 28.44
N GLY E 237 -52.10 -63.90 27.76
CA GLY E 237 -53.46 -63.99 27.27
C GLY E 237 -53.61 -63.77 25.77
N ARG E 238 -54.06 -62.58 25.39
CA ARG E 238 -54.35 -62.28 23.99
C ARG E 238 -53.10 -62.49 23.13
N THR E 239 -53.29 -63.15 21.99
CA THR E 239 -52.20 -63.49 21.07
C THR E 239 -52.40 -62.84 19.71
N ALA E 240 -52.79 -61.57 19.71
CA ALA E 240 -52.97 -60.81 18.48
C ALA E 240 -51.74 -59.95 18.23
N GLY E 241 -51.17 -60.07 17.03
CA GLY E 241 -49.96 -59.34 16.71
C GLY E 241 -48.78 -59.74 17.58
N MET E 242 -48.63 -61.03 17.84
CA MET E 242 -47.55 -61.55 18.68
C MET E 242 -46.39 -62.05 17.84
N ASN E 243 -45.19 -61.89 18.40
CA ASN E 243 -43.97 -62.43 17.81
C ASN E 243 -43.08 -62.90 18.95
N LYS E 244 -41.95 -63.51 18.58
CA LYS E 244 -41.04 -64.05 19.59
C LYS E 244 -40.27 -62.97 20.34
N TYR E 245 -40.34 -61.72 19.91
CA TYR E 245 -39.57 -60.62 20.49
C TYR E 245 -40.50 -59.50 20.96
N LYS E 246 -41.60 -59.86 21.61
CA LYS E 246 -42.56 -58.87 22.07
C LYS E 246 -42.85 -59.02 23.56
N GLU E 247 -42.80 -60.25 24.07
CA GLU E 247 -43.16 -60.56 25.44
C GLU E 247 -42.07 -60.22 26.44
N TYR E 248 -41.09 -59.41 26.06
CA TYR E 248 -40.01 -59.05 26.97
C TYR E 248 -40.46 -58.11 28.08
N PHE E 249 -41.67 -57.55 28.00
CA PHE E 249 -42.15 -56.59 28.98
C PHE E 249 -43.61 -56.87 29.33
N ALA E 250 -43.92 -58.14 29.58
CA ALA E 250 -45.26 -58.51 30.02
C ALA E 250 -45.57 -57.88 31.37
N SER E 251 -46.79 -57.39 31.51
CA SER E 251 -47.22 -56.66 32.70
C SER E 251 -48.34 -57.42 33.41
N GLU E 252 -48.91 -56.77 34.43
CA GLU E 252 -49.94 -57.38 35.26
C GLU E 252 -51.34 -56.86 34.95
N THR E 253 -51.47 -55.81 34.13
CA THR E 253 -52.80 -55.32 33.78
C THR E 253 -53.53 -56.35 32.92
N GLU E 254 -54.76 -56.67 33.32
CA GLU E 254 -55.53 -57.73 32.68
C GLU E 254 -56.59 -57.21 31.73
N ALA E 255 -56.62 -55.91 31.45
CA ALA E 255 -57.63 -55.34 30.57
C ALA E 255 -57.08 -55.20 29.14
N ARG E 256 -58.01 -55.13 28.19
CA ARG E 256 -57.68 -55.10 26.77
C ARG E 256 -57.97 -53.75 26.12
N THR E 257 -59.18 -53.21 26.33
CA THR E 257 -59.54 -51.95 25.71
C THR E 257 -58.72 -50.82 26.29
N LEU E 258 -58.40 -49.83 25.43
CA LEU E 258 -57.56 -48.71 25.85
C LEU E 258 -58.14 -47.98 27.05
N THR E 259 -59.47 -47.89 27.12
CA THR E 259 -60.10 -47.20 28.25
C THR E 259 -59.80 -47.90 29.57
N GLU E 260 -59.84 -49.24 29.58
CA GLU E 260 -59.62 -50.01 30.79
C GLU E 260 -58.18 -50.45 30.97
N ALA E 261 -57.50 -50.81 29.88
CA ALA E 261 -56.09 -51.21 29.99
C ALA E 261 -55.22 -50.04 30.44
N LEU E 262 -55.48 -48.85 29.91
CA LEU E 262 -54.71 -47.65 30.24
C LEU E 262 -55.57 -46.76 31.12
N ARG E 263 -55.18 -46.61 32.39
CA ARG E 263 -55.84 -45.69 33.31
C ARG E 263 -55.13 -44.36 33.43
N GLY E 264 -54.01 -44.18 32.73
CA GLY E 264 -53.25 -42.95 32.80
C GLY E 264 -52.63 -42.72 34.16
N ALA E 265 -51.66 -43.56 34.52
CA ALA E 265 -51.10 -43.49 35.87
C ALA E 265 -50.03 -42.40 35.99
N ASP E 266 -48.94 -42.53 35.24
CA ASP E 266 -47.81 -41.63 35.39
C ASP E 266 -47.43 -40.89 34.12
N VAL E 267 -47.25 -41.60 33.01
CA VAL E 267 -46.72 -41.01 31.78
C VAL E 267 -47.51 -41.55 30.59
N PHE E 268 -47.18 -41.03 29.40
CA PHE E 268 -47.78 -41.51 28.16
C PHE E 268 -46.75 -41.29 27.06
N VAL E 269 -46.00 -42.34 26.72
CA VAL E 269 -44.93 -42.24 25.74
C VAL E 269 -45.29 -43.05 24.50
N GLY E 270 -45.92 -42.39 23.51
CA GLY E 270 -46.31 -43.07 22.29
C GLY E 270 -45.26 -42.97 21.21
N LEU E 271 -44.99 -44.10 20.56
CA LEU E 271 -43.97 -44.16 19.51
C LEU E 271 -44.50 -44.65 18.17
N SER E 272 -45.79 -44.95 18.05
CA SER E 272 -46.34 -45.46 16.81
C SER E 272 -47.85 -45.25 16.83
N VAL E 273 -48.51 -45.76 15.78
CA VAL E 273 -49.96 -45.71 15.60
C VAL E 273 -50.41 -44.26 15.39
N ALA E 274 -51.56 -44.08 14.75
CA ALA E 274 -52.10 -42.75 14.52
C ALA E 274 -52.53 -42.12 15.84
N GLY E 275 -53.03 -40.88 15.74
CA GLY E 275 -53.42 -40.13 16.93
C GLY E 275 -54.48 -40.79 17.78
N ALA E 276 -54.09 -41.26 18.96
CA ALA E 276 -55.01 -41.87 19.92
C ALA E 276 -54.76 -41.21 21.27
N LEU E 277 -55.37 -40.05 21.49
CA LEU E 277 -55.28 -39.36 22.78
C LEU E 277 -56.51 -38.45 22.89
N THR E 278 -57.50 -38.89 23.67
CA THR E 278 -58.72 -38.11 23.75
C THR E 278 -58.68 -37.17 24.96
N PRO E 279 -59.34 -36.02 24.86
CA PRO E 279 -59.39 -35.09 26.00
C PRO E 279 -60.01 -35.71 27.25
N GLU E 280 -61.02 -36.59 27.08
CA GLU E 280 -61.60 -37.26 28.23
C GLU E 280 -60.57 -38.16 28.91
N MET E 281 -59.76 -38.87 28.12
CA MET E 281 -58.70 -39.70 28.71
C MET E 281 -57.67 -38.84 29.42
N LEU E 282 -57.30 -37.70 28.83
CA LEU E 282 -56.34 -36.81 29.48
C LEU E 282 -56.89 -36.25 30.78
N LYS E 283 -58.19 -35.96 30.83
CA LYS E 283 -58.82 -35.59 32.10
C LYS E 283 -58.77 -36.75 33.08
N ASP E 284 -58.98 -37.97 32.59
CA ASP E 284 -58.89 -39.17 33.42
C ASP E 284 -57.47 -39.49 33.85
N MET E 285 -56.46 -38.84 33.26
CA MET E 285 -55.08 -39.07 33.66
C MET E 285 -54.88 -38.64 35.11
N ALA E 286 -54.09 -39.42 35.84
CA ALA E 286 -53.96 -39.24 37.29
C ALA E 286 -53.41 -37.86 37.66
N LYS E 287 -52.18 -37.56 37.27
CA LYS E 287 -51.53 -36.33 37.68
C LYS E 287 -50.33 -36.05 36.81
N ASP E 288 -50.17 -34.78 36.41
CA ASP E 288 -49.04 -34.29 35.64
C ASP E 288 -48.81 -35.12 34.38
N PRO E 289 -49.68 -35.01 33.38
CA PRO E 289 -49.50 -35.82 32.16
C PRO E 289 -48.23 -35.48 31.40
N ILE E 290 -47.31 -36.43 31.33
CA ILE E 290 -46.10 -36.32 30.52
C ILE E 290 -46.36 -37.05 29.22
N ILE E 291 -46.41 -36.31 28.12
CA ILE E 291 -46.82 -36.86 26.82
C ILE E 291 -45.65 -36.74 25.85
N PHE E 292 -45.28 -37.88 25.25
CA PHE E 292 -44.26 -37.94 24.20
C PHE E 292 -44.95 -38.49 22.96
N ALA E 293 -45.33 -37.59 22.04
CA ALA E 293 -46.15 -37.93 20.89
C ALA E 293 -45.39 -37.85 19.58
N MET E 294 -44.14 -38.31 19.57
CA MET E 294 -43.35 -38.34 18.34
C MET E 294 -44.03 -39.25 17.32
N ALA E 295 -44.07 -40.55 17.63
CA ALA E 295 -44.79 -41.55 16.83
C ALA E 295 -44.53 -41.45 15.34
N ASN E 296 -45.58 -41.17 14.57
CA ASN E 296 -45.50 -41.13 13.13
C ASN E 296 -44.69 -39.92 12.66
N PRO E 297 -44.18 -39.96 11.41
CA PRO E 297 -43.61 -38.74 10.80
C PRO E 297 -44.52 -37.53 11.02
N GLU E 298 -45.80 -37.69 10.73
CA GLU E 298 -46.76 -36.67 11.09
C GLU E 298 -47.03 -36.71 12.60
N PRO E 299 -47.32 -35.56 13.22
CA PRO E 299 -47.57 -35.56 14.67
C PRO E 299 -48.74 -36.45 15.03
N GLU E 300 -48.58 -37.22 16.12
CA GLU E 300 -49.66 -38.07 16.60
C GLU E 300 -50.85 -37.22 17.05
N ILE E 301 -50.64 -36.41 18.07
CA ILE E 301 -51.64 -35.45 18.54
C ILE E 301 -50.95 -34.10 18.69
N THR E 302 -51.59 -33.05 18.16
CA THR E 302 -50.99 -31.73 18.21
C THR E 302 -50.84 -31.28 19.67
N PRO E 303 -49.73 -30.62 20.01
CA PRO E 303 -49.53 -30.19 21.40
C PRO E 303 -50.60 -29.23 21.91
N ASP E 304 -51.17 -28.40 21.03
CA ASP E 304 -52.15 -27.43 21.47
C ASP E 304 -53.41 -28.11 22.00
N LYS E 305 -53.89 -29.14 21.31
CA LYS E 305 -55.09 -29.85 21.77
C LYS E 305 -54.84 -30.54 23.10
N ALA E 306 -53.68 -31.19 23.24
CA ALA E 306 -53.36 -31.85 24.50
C ALA E 306 -53.23 -30.84 25.64
N ARG E 307 -52.61 -29.70 25.38
CA ARG E 307 -52.47 -28.67 26.40
C ARG E 307 -53.83 -28.11 26.80
N ALA E 308 -54.72 -27.91 25.83
CA ALA E 308 -56.07 -27.43 26.14
C ALA E 308 -56.86 -28.48 26.91
N ALA E 309 -56.61 -29.75 26.66
CA ALA E 309 -57.30 -30.81 27.39
C ALA E 309 -56.96 -30.76 28.87
N ARG E 310 -55.69 -30.52 29.20
CA ARG E 310 -55.26 -30.43 30.59
C ARG E 310 -54.33 -29.24 30.78
N PRO E 311 -54.79 -28.15 31.40
CA PRO E 311 -53.89 -27.01 31.64
C PRO E 311 -52.70 -27.36 32.53
N ASP E 312 -52.86 -28.29 33.45
CA ASP E 312 -51.80 -28.69 34.36
C ASP E 312 -50.90 -29.79 33.80
N ALA E 313 -50.85 -29.92 32.47
CA ALA E 313 -50.10 -30.97 31.83
C ALA E 313 -48.78 -30.43 31.27
N ILE E 314 -47.74 -31.25 31.37
CA ILE E 314 -46.42 -30.91 30.84
C ILE E 314 -46.19 -31.84 29.64
N ILE E 315 -46.35 -31.30 28.44
CA ILE E 315 -46.30 -32.07 27.20
C ILE E 315 -45.02 -31.71 26.46
N ALA E 316 -44.25 -32.73 26.08
CA ALA E 316 -43.04 -32.57 25.28
C ALA E 316 -43.22 -33.40 24.00
N THR E 317 -43.69 -32.73 22.95
CA THR E 317 -43.92 -33.42 21.68
C THR E 317 -42.60 -33.75 20.99
N GLY E 318 -42.69 -34.63 20.00
CA GLY E 318 -41.51 -35.04 19.26
C GLY E 318 -41.51 -34.53 17.83
N ARG E 319 -41.89 -33.27 17.65
CA ARG E 319 -41.96 -32.65 16.33
C ARG E 319 -41.17 -31.35 16.31
N SER E 320 -40.68 -31.00 15.12
CA SER E 320 -39.86 -29.81 14.96
C SER E 320 -40.67 -28.52 14.87
N ASP E 321 -41.99 -28.61 14.68
CA ASP E 321 -42.83 -27.43 14.59
C ASP E 321 -43.20 -26.84 15.94
N TYR E 322 -42.88 -27.53 17.03
CA TYR E 322 -43.25 -27.11 18.37
C TYR E 322 -42.05 -27.23 19.29
N PRO E 323 -42.03 -26.48 20.40
CA PRO E 323 -40.89 -26.55 21.33
C PRO E 323 -40.74 -27.92 22.00
N ASN E 324 -39.71 -28.05 22.85
CA ASN E 324 -39.36 -29.33 23.46
C ASN E 324 -39.10 -30.39 22.38
N GLN E 325 -38.28 -30.01 21.40
CA GLN E 325 -38.05 -30.84 20.23
C GLN E 325 -37.31 -32.13 20.60
N VAL E 326 -37.67 -33.22 19.94
CA VAL E 326 -37.03 -34.52 20.11
C VAL E 326 -36.45 -34.91 18.76
N ASN E 327 -35.15 -35.22 18.73
CA ASN E 327 -34.48 -35.57 17.49
C ASN E 327 -33.33 -36.53 17.80
N ASN E 328 -32.91 -37.25 16.77
CA ASN E 328 -31.82 -38.22 16.92
C ASN E 328 -30.45 -37.57 16.91
N VAL E 329 -30.35 -36.28 16.53
CA VAL E 329 -29.07 -35.60 16.50
C VAL E 329 -28.44 -35.49 17.88
N LEU E 330 -29.26 -35.54 18.93
CA LEU E 330 -28.73 -35.64 20.29
C LEU E 330 -28.38 -37.06 20.68
N GLY E 331 -28.64 -38.02 19.80
CA GLY E 331 -28.42 -39.43 20.07
C GLY E 331 -27.16 -39.97 19.43
N PHE E 332 -27.32 -40.57 18.24
CA PHE E 332 -26.21 -41.28 17.60
C PHE E 332 -24.92 -40.48 17.40
N PRO E 333 -24.91 -39.17 17.00
CA PRO E 333 -23.63 -38.57 16.61
C PRO E 333 -22.59 -38.54 17.72
N SER E 334 -22.95 -37.94 18.86
CA SER E 334 -21.98 -37.79 19.94
C SER E 334 -21.56 -39.13 20.52
N ILE E 335 -22.52 -40.05 20.71
CA ILE E 335 -22.18 -41.33 21.32
C ILE E 335 -21.33 -42.17 20.38
N PHE E 336 -21.58 -42.08 19.07
CA PHE E 336 -20.75 -42.83 18.14
C PHE E 336 -19.37 -42.21 18.01
N ARG E 337 -19.27 -40.87 18.10
CA ARG E 337 -17.96 -40.25 18.15
C ARG E 337 -17.17 -40.72 19.36
N GLY E 338 -17.84 -40.79 20.52
CA GLY E 338 -17.19 -41.30 21.71
C GLY E 338 -16.74 -42.75 21.57
N ALA E 339 -17.60 -43.59 20.99
CA ALA E 339 -17.24 -44.98 20.78
C ALA E 339 -16.07 -45.12 19.82
N LEU E 340 -16.04 -44.30 18.76
CA LEU E 340 -14.97 -44.37 17.77
C LEU E 340 -13.64 -43.91 18.35
N ASP E 341 -13.66 -42.81 19.12
CA ASP E 341 -12.40 -42.22 19.57
C ASP E 341 -11.61 -43.16 20.47
N THR E 342 -12.29 -44.04 21.20
CA THR E 342 -11.62 -45.01 22.05
C THR E 342 -11.40 -46.35 21.36
N ARG E 343 -11.77 -46.48 20.08
CA ARG E 343 -11.70 -47.75 19.35
C ARG E 343 -12.45 -48.84 20.11
N SER E 344 -13.63 -48.49 20.61
CA SER E 344 -14.39 -49.39 21.45
C SER E 344 -14.84 -50.64 20.69
N THR E 345 -15.03 -51.72 21.43
CA THR E 345 -15.47 -52.99 20.88
C THR E 345 -16.95 -53.19 21.21
N GLN E 346 -17.75 -53.43 20.17
CA GLN E 346 -19.19 -53.64 20.30
C GLN E 346 -19.89 -52.43 20.93
N ILE E 347 -21.19 -52.57 21.18
CA ILE E 347 -21.99 -51.52 21.80
C ILE E 347 -22.54 -52.06 23.11
N ASN E 348 -22.35 -51.30 24.19
CA ASN E 348 -22.75 -51.71 25.52
C ASN E 348 -23.84 -50.78 26.05
N GLU E 349 -24.65 -51.32 26.96
CA GLU E 349 -25.72 -50.53 27.56
C GLU E 349 -25.16 -49.38 28.41
N GLU E 350 -24.07 -49.65 29.13
CA GLU E 350 -23.51 -48.64 30.04
C GLU E 350 -23.24 -47.33 29.32
N MET E 351 -22.76 -47.39 28.08
CA MET E 351 -22.61 -46.17 27.30
C MET E 351 -23.96 -45.52 27.02
N LYS E 352 -25.01 -46.30 26.82
CA LYS E 352 -26.33 -45.72 26.59
C LYS E 352 -26.84 -44.97 27.82
N LEU E 353 -26.71 -45.57 29.02
CA LEU E 353 -27.13 -44.84 30.20
C LEU E 353 -26.22 -43.65 30.48
N ALA E 354 -24.93 -43.75 30.18
CA ALA E 354 -24.06 -42.59 30.33
C ALA E 354 -24.49 -41.46 29.41
N ALA E 355 -24.84 -41.78 28.17
CA ALA E 355 -25.29 -40.76 27.23
C ALA E 355 -26.60 -40.12 27.68
N VAL E 356 -27.56 -40.93 28.15
CA VAL E 356 -28.83 -40.35 28.56
C VAL E 356 -28.65 -39.49 29.81
N HIS E 357 -27.76 -39.92 30.72
CA HIS E 357 -27.47 -39.10 31.90
C HIS E 357 -26.78 -37.80 31.50
N ALA E 358 -25.87 -37.85 30.51
CA ALA E 358 -25.20 -36.65 30.05
C ALA E 358 -26.19 -35.67 29.43
N LEU E 359 -27.12 -36.18 28.61
CA LEU E 359 -28.15 -35.31 28.05
C LEU E 359 -29.03 -34.70 29.14
N ALA E 360 -29.41 -35.50 30.13
CA ALA E 360 -30.23 -34.99 31.22
C ALA E 360 -29.49 -33.90 32.00
N LYS E 361 -28.21 -34.13 32.31
CA LYS E 361 -27.44 -33.14 33.05
C LYS E 361 -27.25 -31.87 32.24
N LEU E 362 -27.00 -31.99 30.93
CA LEU E 362 -26.84 -30.82 30.09
C LEU E 362 -28.15 -30.02 30.02
N ALA E 363 -29.28 -30.71 29.94
CA ALA E 363 -30.57 -30.02 29.93
C ALA E 363 -30.82 -29.32 31.26
N ARG E 364 -30.47 -29.97 32.37
CA ARG E 364 -30.67 -29.35 33.68
C ARG E 364 -29.69 -28.20 33.89
N MET E 365 -28.42 -28.42 33.59
CA MET E 365 -27.39 -27.41 33.80
C MET E 365 -26.87 -26.86 32.48
N GLY E 376 -23.70 -18.40 25.66
CA GLY E 376 -23.73 -16.97 25.43
C GLY E 376 -24.01 -16.17 26.69
N GLY E 377 -24.88 -15.17 26.58
CA GLY E 377 -25.22 -14.36 27.73
C GLY E 377 -25.97 -15.13 28.80
N LYS E 378 -26.92 -15.97 28.39
CA LYS E 378 -27.72 -16.75 29.31
C LYS E 378 -28.23 -17.99 28.58
N SER E 379 -29.10 -18.75 29.26
CA SER E 379 -29.74 -19.91 28.66
C SER E 379 -31.21 -19.91 29.05
N PHE E 380 -32.01 -20.61 28.26
CA PHE E 380 -33.44 -20.69 28.52
C PHE E 380 -33.71 -21.41 29.83
N LYS E 381 -34.72 -20.94 30.57
CA LYS E 381 -35.02 -21.50 31.88
C LYS E 381 -35.50 -22.94 31.76
N PHE E 382 -35.02 -23.78 32.68
CA PHE E 382 -35.38 -25.20 32.70
C PHE E 382 -36.76 -25.34 33.36
N GLY E 383 -37.78 -25.12 32.55
CA GLY E 383 -39.15 -25.26 33.01
C GLY E 383 -39.96 -26.22 32.16
N ARG E 384 -41.05 -25.73 31.58
CA ARG E 384 -41.88 -26.53 30.69
C ARG E 384 -41.45 -26.40 29.24
N ASP E 385 -40.39 -25.65 28.95
CA ASP E 385 -39.91 -25.43 27.59
C ASP E 385 -38.51 -25.96 27.34
N TYR E 386 -37.68 -26.08 28.36
CA TYR E 386 -36.29 -26.49 28.18
C TYR E 386 -36.04 -27.86 28.79
N LEU E 387 -36.97 -28.80 28.58
CA LEU E 387 -36.77 -30.17 29.06
C LEU E 387 -35.53 -30.79 28.44
N ILE E 388 -35.31 -30.56 27.14
CA ILE E 388 -34.07 -30.94 26.47
C ILE E 388 -33.61 -29.72 25.67
N PRO E 389 -32.31 -29.56 25.42
CA PRO E 389 -31.84 -28.42 24.63
C PRO E 389 -32.27 -28.55 23.18
N LYS E 390 -32.15 -27.43 22.46
CA LYS E 390 -32.49 -27.42 21.05
C LYS E 390 -31.63 -28.42 20.30
N PRO E 391 -32.19 -29.18 19.35
CA PRO E 391 -31.42 -30.27 18.75
C PRO E 391 -30.42 -29.81 17.70
N PHE E 392 -29.72 -28.72 17.99
CA PHE E 392 -28.56 -28.36 17.18
C PHE E 392 -27.46 -27.68 18.01
N ASP E 393 -27.59 -27.62 19.33
CA ASP E 393 -26.67 -26.84 20.15
C ASP E 393 -25.26 -27.43 20.11
N THR E 394 -24.27 -26.53 20.22
CA THR E 394 -22.88 -26.96 20.13
C THR E 394 -22.45 -27.74 21.37
N ARG E 395 -22.96 -27.38 22.54
CA ARG E 395 -22.53 -28.03 23.78
C ARG E 395 -23.00 -29.49 23.87
N VAL E 396 -23.97 -29.89 23.04
CA VAL E 396 -24.54 -31.23 23.15
C VAL E 396 -23.46 -32.29 22.93
N LEU E 397 -22.72 -32.16 21.83
CA LEU E 397 -21.65 -33.11 21.55
C LEU E 397 -20.53 -33.00 22.59
N LEU E 398 -20.12 -31.78 22.88
CA LEU E 398 -19.01 -31.54 23.81
C LEU E 398 -19.31 -32.07 25.20
N TRP E 399 -20.57 -32.28 25.53
CA TRP E 399 -20.96 -32.86 26.82
C TRP E 399 -21.19 -34.37 26.73
N VAL E 400 -21.89 -34.84 25.70
CA VAL E 400 -22.25 -36.26 25.64
C VAL E 400 -21.02 -37.11 25.33
N ALA E 401 -20.20 -36.69 24.36
CA ALA E 401 -19.09 -37.53 23.91
C ALA E 401 -18.11 -37.88 25.03
N PRO E 402 -17.65 -36.95 25.87
CA PRO E 402 -16.75 -37.36 26.96
C PRO E 402 -17.36 -38.38 27.90
N GLU E 403 -18.65 -38.25 28.22
CA GLU E 403 -19.29 -39.21 29.12
C GLU E 403 -19.40 -40.59 28.49
N VAL E 404 -19.69 -40.64 27.19
CA VAL E 404 -19.70 -41.92 26.48
C VAL E 404 -18.31 -42.54 26.49
N ALA E 405 -17.27 -41.70 26.37
CA ALA E 405 -15.90 -42.21 26.45
C ALA E 405 -15.61 -42.77 27.85
N LYS E 406 -16.08 -42.07 28.90
CA LYS E 406 -15.92 -42.58 30.26
C LYS E 406 -16.58 -43.94 30.40
N ALA E 407 -17.81 -44.07 29.89
CA ALA E 407 -18.53 -45.34 29.99
C ALA E 407 -17.82 -46.45 29.22
N ALA E 408 -17.33 -46.14 28.03
CA ALA E 408 -16.61 -47.14 27.23
C ALA E 408 -15.35 -47.59 27.94
N MET E 409 -14.62 -46.66 28.56
CA MET E 409 -13.42 -47.03 29.30
C MET E 409 -13.78 -47.87 30.53
N LYS E 410 -14.85 -47.50 31.23
CA LYS E 410 -15.25 -48.25 32.42
C LYS E 410 -15.68 -49.67 32.08
N SER E 411 -16.40 -49.84 30.97
CA SER E 411 -16.86 -51.15 30.56
C SER E 411 -15.72 -52.07 30.13
N GLY E 412 -14.52 -51.55 29.94
CA GLY E 412 -13.39 -52.37 29.55
C GLY E 412 -13.52 -52.97 28.16
N VAL E 413 -14.09 -52.22 27.22
CA VAL E 413 -14.24 -52.69 25.84
C VAL E 413 -13.33 -51.97 24.87
N ALA E 414 -12.72 -50.86 25.27
CA ALA E 414 -11.86 -50.07 24.39
C ALA E 414 -10.45 -50.65 24.45
N THR E 415 -10.03 -51.29 23.36
CA THR E 415 -8.66 -51.80 23.28
C THR E 415 -7.65 -50.66 23.31
N ARG E 416 -7.97 -49.56 22.62
CA ARG E 416 -7.09 -48.40 22.61
C ARG E 416 -7.01 -47.77 24.00
N ALA E 417 -5.81 -47.36 24.39
CA ALA E 417 -5.61 -46.74 25.68
C ALA E 417 -6.26 -45.35 25.72
N ILE E 418 -6.53 -44.88 26.94
CA ILE E 418 -7.20 -43.61 27.16
C ILE E 418 -6.19 -42.61 27.71
N GLU E 419 -6.14 -41.44 27.10
CA GLU E 419 -5.29 -40.34 27.54
C GLU E 419 -6.10 -39.40 28.42
N ASP E 420 -5.51 -38.24 28.74
CA ASP E 420 -6.21 -37.26 29.56
C ASP E 420 -7.45 -36.74 28.84
N TRP E 421 -8.50 -36.50 29.61
CA TRP E 421 -9.76 -36.03 29.03
C TRP E 421 -9.65 -34.61 28.49
N ASP E 422 -8.63 -33.85 28.89
CA ASP E 422 -8.47 -32.50 28.37
C ASP E 422 -8.18 -32.50 26.87
N GLN E 423 -7.28 -33.38 26.43
CA GLN E 423 -6.99 -33.49 25.01
C GLN E 423 -8.20 -34.01 24.24
N TYR E 424 -8.95 -34.93 24.84
CA TYR E 424 -10.17 -35.41 24.21
C TYR E 424 -11.17 -34.28 24.02
N ARG E 425 -11.36 -33.44 25.04
CA ARG E 425 -12.26 -32.31 24.91
C ARG E 425 -11.75 -31.32 23.87
N GLU E 426 -10.42 -31.13 23.80
CA GLU E 426 -9.86 -30.24 22.79
C GLU E 426 -10.16 -30.74 21.39
N SER E 427 -9.99 -32.05 21.17
CA SER E 427 -10.29 -32.62 19.85
C SER E 427 -11.78 -32.51 19.53
N LEU E 428 -12.63 -32.76 20.53
CA LEU E 428 -14.07 -32.68 20.31
C LEU E 428 -14.49 -31.25 19.95
N GLU E 429 -13.90 -30.26 20.63
CA GLU E 429 -14.15 -28.87 20.28
C GLU E 429 -13.65 -28.54 18.89
N ALA E 430 -12.47 -29.05 18.53
CA ALA E 430 -11.93 -28.82 17.20
C ALA E 430 -12.76 -29.49 16.11
N GLN E 431 -13.56 -30.49 16.46
CA GLN E 431 -14.44 -31.13 15.48
C GLN E 431 -15.50 -30.17 14.94
N GLN E 432 -15.81 -29.10 15.68
CA GLN E 432 -16.79 -28.10 15.26
C GLN E 432 -16.16 -26.73 15.40
N GLY E 433 -15.47 -26.30 14.35
CA GLY E 433 -14.79 -25.02 14.36
C GLY E 433 -15.72 -23.87 14.04
N PRO E 434 -15.16 -22.66 13.92
CA PRO E 434 -16.01 -21.50 13.60
C PRO E 434 -16.74 -21.64 12.28
N SER E 435 -16.13 -22.29 11.28
CA SER E 435 -16.75 -22.38 9.96
C SER E 435 -18.06 -23.14 9.98
N LYS E 436 -18.33 -23.94 11.01
CA LYS E 436 -19.55 -24.71 11.09
C LYS E 436 -20.59 -24.12 12.02
N VAL E 437 -20.19 -23.38 13.05
CA VAL E 437 -21.09 -23.00 14.12
C VAL E 437 -21.08 -21.51 14.45
N PHE E 438 -20.25 -20.70 13.77
CA PHE E 438 -20.13 -19.31 14.18
C PHE E 438 -21.42 -18.53 13.94
N ILE E 439 -21.97 -18.62 12.73
CA ILE E 439 -23.20 -17.89 12.43
C ILE E 439 -24.36 -18.42 13.25
N ARG E 440 -24.40 -19.74 13.45
CA ARG E 440 -25.47 -20.32 14.25
C ARG E 440 -25.39 -19.85 15.70
N SER E 441 -24.19 -19.77 16.26
CA SER E 441 -24.03 -19.27 17.62
C SER E 441 -24.40 -17.79 17.71
N ALA E 442 -24.07 -17.02 16.66
CA ALA E 442 -24.48 -15.62 16.65
C ALA E 442 -26.00 -15.49 16.64
N ILE E 443 -26.67 -16.31 15.84
CA ILE E 443 -28.14 -16.28 15.79
C ILE E 443 -28.71 -16.69 17.15
N ASN E 444 -28.11 -17.70 17.78
CA ASN E 444 -28.58 -18.14 19.09
C ASN E 444 -28.41 -17.03 20.13
N ARG E 445 -27.28 -16.32 20.09
CA ARG E 445 -27.10 -15.21 21.03
C ARG E 445 -28.09 -14.10 20.76
N VAL E 446 -28.40 -13.85 19.49
CA VAL E 446 -29.42 -12.85 19.17
C VAL E 446 -30.76 -13.24 19.78
N HIS E 447 -31.14 -14.52 19.62
CA HIS E 447 -32.40 -14.99 20.17
C HIS E 447 -32.40 -14.95 21.69
N GLN E 448 -31.27 -15.29 22.32
CA GLN E 448 -31.19 -15.24 23.77
C GLN E 448 -31.32 -13.81 24.28
N ASN E 449 -30.67 -12.86 23.60
CA ASN E 449 -30.80 -11.45 23.98
C ASN E 449 -32.24 -10.98 23.81
N SER E 450 -32.90 -11.41 22.73
CA SER E 450 -34.30 -11.05 22.54
C SER E 450 -35.18 -11.61 23.64
N GLU E 451 -34.97 -12.86 24.01
CA GLU E 451 -35.79 -13.48 25.06
C GLU E 451 -35.54 -12.83 26.42
N ALA E 452 -34.29 -12.45 26.70
CA ALA E 452 -33.97 -11.79 27.94
C ALA E 452 -34.46 -10.35 27.99
N ASN E 453 -34.93 -9.81 26.87
CA ASN E 453 -35.42 -8.44 26.80
C ASN E 453 -36.94 -8.39 26.61
N GLY E 454 -37.65 -9.40 27.13
CA GLY E 454 -39.09 -9.42 27.00
C GLY E 454 -39.61 -9.78 25.63
N GLY E 455 -38.77 -10.40 24.79
CA GLY E 455 -39.20 -10.82 23.47
C GLY E 455 -39.15 -9.74 22.41
N GLU E 456 -38.72 -8.53 22.74
CA GLU E 456 -38.65 -7.46 21.76
C GLU E 456 -37.48 -7.69 20.81
N LEU E 457 -37.68 -7.32 19.55
CA LEU E 457 -36.64 -7.45 18.54
C LEU E 457 -36.01 -6.09 18.25
N PRO E 458 -34.73 -6.05 17.92
CA PRO E 458 -34.09 -4.77 17.57
C PRO E 458 -34.70 -4.20 16.30
N ARG E 459 -34.83 -2.88 16.26
CA ARG E 459 -35.37 -2.18 15.10
C ARG E 459 -34.23 -1.78 14.18
N ILE E 460 -34.21 -2.36 12.99
CA ILE E 460 -33.16 -2.12 12.01
C ILE E 460 -33.78 -1.41 10.83
N VAL E 461 -33.30 -0.20 10.53
CA VAL E 461 -33.85 0.63 9.47
C VAL E 461 -32.98 0.48 8.23
N PHE E 462 -33.59 0.12 7.11
CA PHE E 462 -32.87 -0.09 5.86
C PHE E 462 -33.14 1.09 4.94
N PRO E 463 -32.14 1.93 4.65
CA PRO E 463 -32.38 3.07 3.76
C PRO E 463 -32.86 2.68 2.38
N GLU E 464 -32.44 1.53 1.86
CA GLU E 464 -32.87 1.09 0.53
C GLU E 464 -34.08 0.18 0.69
N GLY E 465 -35.26 0.77 0.74
CA GLY E 465 -36.49 0.00 0.82
C GLY E 465 -36.95 -0.58 -0.48
N THR E 466 -36.28 -0.26 -1.58
CA THR E 466 -36.62 -0.75 -2.91
C THR E 466 -35.43 -1.44 -3.56
N SER E 467 -34.72 -2.24 -2.80
CA SER E 467 -33.59 -3.03 -3.29
C SER E 467 -33.97 -4.50 -3.27
N THR E 468 -33.77 -5.18 -4.40
CA THR E 468 -34.21 -6.56 -4.51
C THR E 468 -33.44 -7.48 -3.56
N LYS E 469 -32.11 -7.30 -3.48
CA LYS E 469 -31.31 -8.14 -2.59
C LYS E 469 -31.68 -7.91 -1.14
N VAL E 470 -31.90 -6.65 -0.75
CA VAL E 470 -32.23 -6.33 0.63
C VAL E 470 -33.57 -6.94 1.01
N LEU E 471 -34.56 -6.85 0.13
CA LEU E 471 -35.86 -7.44 0.42
C LEU E 471 -35.80 -8.96 0.47
N LYS E 472 -35.05 -9.57 -0.46
CA LYS E 472 -34.92 -11.02 -0.47
C LYS E 472 -34.25 -11.51 0.81
N ALA E 473 -33.23 -10.80 1.29
CA ALA E 473 -32.60 -11.17 2.55
C ALA E 473 -33.50 -10.87 3.73
N LEU E 474 -34.31 -9.81 3.66
CA LEU E 474 -35.23 -9.48 4.73
C LEU E 474 -36.30 -10.54 4.90
N ALA E 475 -36.68 -11.21 3.80
CA ALA E 475 -37.61 -12.33 3.92
C ALA E 475 -37.08 -13.37 4.90
N THR E 476 -35.83 -13.80 4.70
CA THR E 476 -35.22 -14.79 5.60
C THR E 476 -34.99 -14.21 6.99
N LEU E 477 -34.60 -12.94 7.07
CA LEU E 477 -34.30 -12.34 8.37
C LEU E 477 -35.55 -12.25 9.24
N VAL E 478 -36.67 -11.84 8.67
CA VAL E 478 -37.92 -11.77 9.42
C VAL E 478 -38.53 -13.15 9.62
N GLU E 479 -38.23 -14.11 8.73
CA GLU E 479 -38.67 -15.48 8.97
C GLU E 479 -37.95 -16.10 10.15
N GLU E 480 -36.69 -15.72 10.37
CA GLU E 480 -35.88 -16.24 11.47
C GLU E 480 -36.04 -15.43 12.75
N ARG E 481 -36.84 -14.36 12.74
CA ARG E 481 -37.11 -13.56 13.93
C ARG E 481 -35.83 -12.97 14.51
N ILE E 482 -35.18 -12.11 13.73
CA ILE E 482 -33.91 -11.49 14.08
C ILE E 482 -34.03 -9.98 14.22
N CYS E 483 -34.67 -9.33 13.24
CA CYS E 483 -34.72 -7.88 13.20
C CYS E 483 -36.11 -7.41 12.78
N GLN E 484 -36.39 -6.14 13.07
CA GLN E 484 -37.66 -5.52 12.71
C GLN E 484 -37.41 -4.46 11.65
N PRO E 485 -37.77 -4.70 10.39
CA PRO E 485 -37.46 -3.72 9.33
C PRO E 485 -38.25 -2.43 9.48
N ILE E 486 -37.61 -1.33 9.11
CA ILE E 486 -38.23 -0.01 9.15
C ILE E 486 -37.98 0.62 7.78
N LEU E 487 -37.99 -0.21 6.73
CA LEU E 487 -37.63 0.16 5.37
C LEU E 487 -38.10 1.57 5.00
N LEU E 488 -37.18 2.38 4.52
CA LEU E 488 -37.45 3.75 4.10
C LEU E 488 -37.67 3.81 2.60
N GLY E 489 -38.37 4.87 2.18
CA GLY E 489 -38.65 5.13 0.79
C GLY E 489 -40.11 5.47 0.60
N TYR E 490 -40.55 5.45 -0.65
CA TYR E 490 -41.94 5.72 -0.96
C TYR E 490 -42.82 4.62 -0.37
N PRO E 491 -43.87 4.97 0.38
CA PRO E 491 -44.73 3.94 0.98
C PRO E 491 -45.43 3.06 -0.05
N GLU E 492 -45.54 3.51 -1.30
CA GLU E 492 -46.22 2.75 -2.35
C GLU E 492 -45.26 2.02 -3.28
N ARG E 493 -44.14 2.64 -3.62
CA ARG E 493 -43.18 1.99 -4.53
C ARG E 493 -42.58 0.75 -3.90
N VAL E 494 -42.22 0.82 -2.62
CA VAL E 494 -41.65 -0.36 -1.96
C VAL E 494 -42.71 -1.46 -1.83
N LYS E 495 -43.97 -1.10 -1.63
CA LYS E 495 -45.02 -2.10 -1.59
C LYS E 495 -45.19 -2.76 -2.95
N GLU E 496 -45.10 -1.97 -4.03
CA GLU E 496 -45.14 -2.55 -5.36
C GLU E 496 -43.97 -3.51 -5.59
N LYS E 497 -42.78 -3.14 -5.13
CA LYS E 497 -41.63 -4.01 -5.28
C LYS E 497 -41.80 -5.30 -4.48
N ILE E 498 -42.34 -5.19 -3.26
CA ILE E 498 -42.59 -6.38 -2.44
C ILE E 498 -43.59 -7.30 -3.13
N LYS E 499 -44.66 -6.73 -3.69
CA LYS E 499 -45.65 -7.54 -4.39
C LYS E 499 -45.05 -8.20 -5.63
N ALA E 500 -44.23 -7.46 -6.37
CA ALA E 500 -43.59 -8.02 -7.57
C ALA E 500 -42.67 -9.17 -7.21
N LEU E 501 -41.87 -9.01 -6.15
CA LEU E 501 -40.97 -10.07 -5.72
C LEU E 501 -41.69 -11.21 -5.03
N ASP E 502 -42.97 -11.04 -4.69
CA ASP E 502 -43.80 -12.08 -4.08
C ASP E 502 -43.19 -12.55 -2.76
N ILE E 503 -43.10 -11.61 -1.82
CA ILE E 503 -42.68 -11.92 -0.45
C ILE E 503 -43.84 -11.63 0.49
N PRO E 504 -44.53 -12.66 1.00
CA PRO E 504 -45.68 -12.39 1.86
C PRO E 504 -45.32 -11.87 3.24
N LEU E 505 -44.23 -12.39 3.83
CA LEU E 505 -43.87 -12.03 5.19
C LEU E 505 -43.58 -10.54 5.35
N LEU E 506 -43.23 -9.85 4.26
CA LEU E 506 -42.94 -8.43 4.32
C LEU E 506 -44.19 -7.57 4.24
N ASN E 507 -45.38 -8.16 4.12
CA ASN E 507 -46.60 -7.38 3.97
C ASN E 507 -46.98 -6.61 5.22
N ASP E 508 -46.36 -6.88 6.36
CA ASP E 508 -46.70 -6.22 7.61
C ASP E 508 -45.58 -5.36 8.17
N VAL E 509 -44.52 -5.11 7.38
CA VAL E 509 -43.39 -4.32 7.86
C VAL E 509 -43.77 -2.84 7.89
N GLN E 510 -42.96 -2.03 8.56
CA GLN E 510 -43.19 -0.61 8.67
C GLN E 510 -42.40 0.13 7.59
N ILE E 511 -43.10 0.92 6.79
CA ILE E 511 -42.49 1.73 5.74
C ILE E 511 -42.61 3.19 6.14
N VAL E 512 -41.49 3.89 6.17
CA VAL E 512 -41.45 5.29 6.60
C VAL E 512 -40.92 6.12 5.43
N HIS E 513 -41.68 7.14 5.06
CA HIS E 513 -41.20 8.12 4.10
C HIS E 513 -40.36 9.16 4.85
N PRO E 514 -39.10 9.37 4.49
CA PRO E 514 -38.27 10.32 5.26
C PRO E 514 -38.83 11.73 5.29
N SER E 515 -39.47 12.19 4.22
CA SER E 515 -39.99 13.54 4.14
C SER E 515 -41.40 13.68 4.72
N SER E 516 -42.00 12.59 5.20
CA SER E 516 -43.35 12.63 5.75
C SER E 516 -43.44 12.09 7.17
N HIS E 517 -42.32 11.70 7.77
CA HIS E 517 -42.35 11.22 9.14
C HIS E 517 -42.70 12.36 10.10
N PRO E 518 -43.43 12.06 11.18
CA PRO E 518 -43.75 13.13 12.14
C PRO E 518 -42.53 13.78 12.77
N LYS E 519 -41.45 13.03 12.97
CA LYS E 519 -40.23 13.55 13.58
C LYS E 519 -39.23 14.04 12.54
N TYR E 520 -39.67 14.28 11.31
CA TYR E 520 -38.77 14.73 10.26
C TYR E 520 -38.20 16.11 10.56
N PHE E 521 -39.04 17.03 11.03
CA PHE E 521 -38.58 18.39 11.29
C PHE E 521 -37.67 18.45 12.51
N SER E 522 -37.95 17.64 13.53
CA SER E 522 -37.05 17.57 14.68
C SER E 522 -35.69 17.05 14.26
N PHE E 523 -35.66 16.04 13.39
CA PHE E 523 -34.40 15.52 12.88
C PHE E 523 -33.65 16.57 12.06
N VAL E 524 -34.39 17.34 11.25
CA VAL E 524 -33.76 18.42 10.49
C VAL E 524 -33.14 19.44 11.44
N GLU E 525 -33.87 19.82 12.49
CA GLU E 525 -33.35 20.78 13.46
C GLU E 525 -32.11 20.25 14.15
N LYS E 526 -32.12 18.96 14.54
CA LYS E 526 -30.97 18.41 15.23
C LYS E 526 -29.76 18.29 14.32
N LEU E 527 -29.97 17.92 13.06
CA LEU E 527 -28.86 17.88 12.11
C LEU E 527 -28.29 19.27 11.87
N TYR E 528 -29.16 20.27 11.73
CA TYR E 528 -28.69 21.64 11.56
C TYR E 528 -27.91 22.11 12.77
N SER E 529 -28.37 21.74 13.97
CA SER E 529 -27.63 22.08 15.19
C SER E 529 -26.28 21.38 15.26
N LEU E 530 -26.21 20.14 14.75
CA LEU E 530 -24.95 19.40 14.81
C LEU E 530 -23.89 20.01 13.91
N ARG E 531 -24.25 20.30 12.66
CA ARG E 531 -23.29 20.74 11.66
C ARG E 531 -23.62 22.13 11.12
N GLN E 532 -24.00 23.05 12.02
CA GLN E 532 -24.24 24.42 11.59
C GLN E 532 -22.94 25.09 11.15
N ARG E 533 -21.84 24.79 11.83
CA ARG E 533 -20.55 25.36 11.52
C ARG E 533 -19.70 24.45 10.63
N LYS E 534 -20.32 23.46 9.99
CA LYS E 534 -19.63 22.56 9.07
C LYS E 534 -20.26 22.59 7.68
N GLY E 535 -20.79 23.74 7.28
CA GLY E 535 -21.31 23.90 5.94
C GLY E 535 -22.74 23.45 5.74
N ILE E 536 -23.53 23.37 6.79
CA ILE E 536 -24.92 22.95 6.70
C ILE E 536 -25.78 23.95 7.46
N ASN E 537 -26.75 24.55 6.78
CA ASN E 537 -27.74 25.41 7.40
C ASN E 537 -29.10 24.74 7.31
N LEU E 538 -30.14 25.47 7.73
CA LEU E 538 -31.48 24.87 7.82
C LEU E 538 -31.98 24.40 6.46
N GLY E 539 -31.74 25.19 5.42
CA GLY E 539 -32.12 24.75 4.09
C GLY E 539 -31.37 23.51 3.64
N GLU E 540 -30.06 23.50 3.87
CA GLU E 540 -29.27 22.33 3.49
C GLU E 540 -29.59 21.12 4.36
N ALA E 541 -29.87 21.34 5.65
CA ALA E 541 -30.28 20.25 6.51
C ALA E 541 -31.61 19.65 6.06
N GLU E 542 -32.56 20.51 5.68
CA GLU E 542 -33.83 20.04 5.16
C GLU E 542 -33.65 19.26 3.88
N ARG E 543 -32.76 19.72 3.00
CA ARG E 543 -32.47 19.00 1.77
C ARG E 543 -31.83 17.64 2.06
N LEU E 544 -30.92 17.59 3.04
CA LEU E 544 -30.20 16.36 3.32
C LEU E 544 -31.07 15.32 4.02
N MET E 545 -31.99 15.76 4.88
CA MET E 545 -32.86 14.80 5.55
C MET E 545 -33.80 14.07 4.62
N ALA E 546 -33.95 14.54 3.37
CA ALA E 546 -34.71 13.76 2.39
C ALA E 546 -33.95 12.51 1.96
N ASP E 547 -32.63 12.52 2.10
CA ASP E 547 -31.82 11.36 1.77
C ASP E 547 -32.16 10.21 2.71
N PRO E 548 -32.50 9.02 2.21
CA PRO E 548 -32.77 7.89 3.11
C PRO E 548 -31.60 7.54 4.01
N ASN E 549 -30.36 7.68 3.53
CA ASN E 549 -29.21 7.37 4.37
C ASN E 549 -29.11 8.33 5.54
N TYR E 550 -29.24 9.63 5.28
CA TYR E 550 -29.19 10.61 6.35
C TYR E 550 -30.34 10.42 7.33
N PHE E 551 -31.54 10.14 6.82
CA PHE E 551 -32.68 9.94 7.70
C PHE E 551 -32.51 8.70 8.56
N ALA E 552 -31.99 7.61 7.99
CA ALA E 552 -31.76 6.40 8.79
C ALA E 552 -30.69 6.63 9.84
N ALA E 553 -29.62 7.35 9.48
CA ALA E 553 -28.59 7.66 10.47
C ALA E 553 -29.15 8.51 11.59
N MET E 554 -29.99 9.49 11.27
CA MET E 554 -30.62 10.31 12.30
C MET E 554 -31.56 9.50 13.17
N MET E 555 -32.30 8.57 12.55
CA MET E 555 -33.19 7.70 13.31
C MET E 555 -32.40 6.86 14.31
N VAL E 556 -31.28 6.29 13.87
CA VAL E 556 -30.46 5.49 14.78
C VAL E 556 -29.86 6.36 15.88
N ASN E 557 -29.37 7.56 15.52
CA ASN E 557 -28.74 8.43 16.50
C ASN E 557 -29.73 8.89 17.57
N MET E 558 -30.96 9.21 17.17
CA MET E 558 -31.96 9.74 18.09
C MET E 558 -32.74 8.65 18.81
N GLY E 559 -32.44 7.38 18.57
CA GLY E 559 -33.03 6.29 19.32
C GLY E 559 -34.33 5.74 18.77
N GLU E 560 -34.85 6.27 17.67
CA GLU E 560 -36.08 5.72 17.10
C GLU E 560 -35.85 4.38 16.43
N ALA E 561 -34.60 4.05 16.08
CA ALA E 561 -34.24 2.74 15.57
C ALA E 561 -32.95 2.30 16.23
N ASP E 562 -32.83 1.00 16.48
CA ASP E 562 -31.66 0.49 17.19
C ASP E 562 -30.42 0.42 16.31
N GLY E 563 -30.59 0.06 15.03
CA GLY E 563 -29.46 -0.06 14.13
C GLY E 563 -29.88 0.20 12.71
N MET E 564 -28.90 0.17 11.81
CA MET E 564 -29.16 0.38 10.39
C MET E 564 -28.09 -0.32 9.57
N VAL E 565 -28.49 -0.83 8.41
CA VAL E 565 -27.57 -1.39 7.42
C VAL E 565 -27.90 -0.77 6.07
N SER E 566 -26.87 -0.39 5.33
CA SER E 566 -27.06 0.31 4.06
C SER E 566 -25.88 -0.01 3.14
N GLY E 567 -25.83 0.67 2.01
CA GLY E 567 -24.74 0.51 1.07
C GLY E 567 -24.88 -0.65 0.11
N SER E 568 -26.03 -1.33 0.09
CA SER E 568 -26.20 -2.48 -0.80
C SER E 568 -26.35 -2.08 -2.25
N SER E 569 -26.53 -0.80 -2.56
CA SER E 569 -26.71 -0.38 -3.95
C SER E 569 -25.74 0.74 -4.31
N ILE E 570 -25.35 1.55 -3.33
CA ILE E 570 -24.48 2.68 -3.56
C ILE E 570 -23.06 2.33 -3.12
N ASN E 571 -22.10 3.15 -3.53
CA ASN E 571 -20.71 2.90 -3.18
C ASN E 571 -20.49 3.18 -1.69
N TYR E 572 -19.40 2.63 -1.16
CA TYR E 572 -19.18 2.65 0.28
C TYR E 572 -19.00 4.07 0.81
N ALA E 573 -18.30 4.93 0.07
CA ALA E 573 -18.05 6.29 0.55
C ALA E 573 -19.36 7.05 0.75
N ASP E 574 -20.22 7.03 -0.27
CA ASP E 574 -21.47 7.78 -0.21
C ASP E 574 -22.46 7.17 0.77
N ALA E 575 -22.27 5.90 1.13
CA ALA E 575 -23.15 5.25 2.09
C ALA E 575 -22.67 5.40 3.53
N VAL E 576 -21.37 5.58 3.74
CA VAL E 576 -20.81 5.69 5.08
C VAL E 576 -20.56 7.13 5.49
N ARG E 577 -20.56 8.08 4.55
CA ARG E 577 -20.40 9.48 4.93
C ARG E 577 -21.51 9.99 5.83
N PRO E 578 -22.80 9.76 5.54
CA PRO E 578 -23.84 10.22 6.48
C PRO E 578 -23.73 9.59 7.86
N ILE E 579 -23.31 8.34 7.95
CA ILE E 579 -23.17 7.69 9.26
C ILE E 579 -22.09 8.38 10.09
N LEU E 580 -20.94 8.65 9.47
CA LEU E 580 -19.86 9.32 10.20
C LEU E 580 -20.23 10.75 10.55
N GLN E 581 -20.93 11.45 9.64
CA GLN E 581 -21.29 12.84 9.92
C GLN E 581 -22.34 12.93 11.01
N THR E 582 -23.27 11.99 11.06
CA THR E 582 -24.39 12.06 12.01
C THR E 582 -24.10 11.31 13.31
N ILE E 583 -23.88 10.00 13.21
CA ILE E 583 -23.66 9.20 14.42
C ILE E 583 -22.30 9.52 15.04
N GLY E 584 -21.28 9.66 14.21
CA GLY E 584 -19.97 9.99 14.70
C GLY E 584 -19.28 8.82 15.37
N THR E 585 -18.13 9.13 15.97
CA THR E 585 -17.30 8.15 16.65
C THR E 585 -17.20 8.49 18.12
N TYR E 586 -17.19 7.48 18.98
CA TYR E 586 -17.08 7.74 20.41
C TYR E 586 -15.67 8.21 20.76
N LYS E 587 -15.46 8.52 22.04
CA LYS E 587 -14.18 9.04 22.48
C LYS E 587 -13.09 7.99 22.30
N GLU E 588 -11.93 8.45 21.79
CA GLU E 588 -10.79 7.57 21.53
C GLU E 588 -11.18 6.43 20.59
N GLY E 589 -12.00 6.75 19.59
CA GLY E 589 -12.42 5.76 18.62
C GLY E 589 -12.17 6.24 17.20
N ILE E 590 -11.82 5.29 16.34
CA ILE E 590 -11.58 5.57 14.93
C ILE E 590 -12.44 4.62 14.10
N PRO E 591 -13.18 5.12 13.11
CA PRO E 591 -13.98 4.23 12.27
C PRO E 591 -13.11 3.23 11.54
N ALA E 592 -13.60 2.01 11.42
CA ALA E 592 -12.83 0.94 10.81
C ALA E 592 -13.78 -0.12 10.26
N GLY E 593 -13.27 -0.88 9.29
CA GLY E 593 -13.99 -2.02 8.76
C GLY E 593 -13.42 -3.30 9.34
N LEU E 594 -14.30 -4.17 9.82
CA LEU E 594 -13.90 -5.37 10.52
C LEU E 594 -14.50 -6.57 9.80
N ASN E 595 -13.65 -7.50 9.38
CA ASN E 595 -14.10 -8.66 8.63
C ASN E 595 -13.73 -9.94 9.37
N PHE E 596 -14.66 -10.89 9.42
CA PHE E 596 -14.38 -12.19 10.01
C PHE E 596 -14.17 -13.21 8.90
N VAL E 597 -13.04 -13.90 8.93
CA VAL E 597 -12.75 -15.00 8.02
C VAL E 597 -12.85 -16.27 8.85
N LEU E 598 -13.86 -17.10 8.57
CA LEU E 598 -14.18 -18.26 9.39
C LEU E 598 -13.54 -19.50 8.76
N LEU E 599 -12.39 -19.90 9.28
CA LEU E 599 -11.70 -21.08 8.81
C LEU E 599 -12.17 -22.32 9.57
N GLU E 600 -11.57 -23.47 9.28
CA GLU E 600 -12.03 -24.72 9.86
C GLU E 600 -11.74 -24.79 11.35
N ASP E 601 -10.59 -24.27 11.79
CA ASP E 601 -10.20 -24.36 13.19
C ASP E 601 -10.26 -23.03 13.93
N LYS E 602 -9.99 -21.92 13.26
CA LYS E 602 -9.97 -20.61 13.90
C LYS E 602 -10.69 -19.61 12.99
N PHE E 603 -10.94 -18.42 13.53
CA PHE E 603 -11.47 -17.32 12.74
C PHE E 603 -10.56 -16.12 12.87
N LEU E 604 -10.16 -15.56 11.74
CA LEU E 604 -9.33 -14.37 11.71
C LEU E 604 -10.19 -13.12 11.61
N VAL E 605 -9.64 -12.00 12.06
CA VAL E 605 -10.31 -10.72 12.04
C VAL E 605 -9.42 -9.73 11.31
N LEU E 606 -9.83 -9.32 10.12
CA LEU E 606 -9.08 -8.39 9.29
C LEU E 606 -9.59 -6.98 9.52
N ALA E 607 -8.67 -6.04 9.76
CA ALA E 607 -9.05 -4.65 9.96
C ALA E 607 -7.85 -3.77 9.63
N ASP E 608 -8.11 -2.62 9.02
CA ASP E 608 -9.45 -2.21 8.61
C ASP E 608 -9.53 -2.21 7.09
N THR E 609 -10.70 -2.56 6.56
CA THR E 609 -10.86 -2.84 5.16
C THR E 609 -11.69 -1.78 4.42
N THR E 610 -12.18 -0.77 5.09
CA THR E 610 -13.12 0.11 4.38
C THR E 610 -12.79 1.59 4.44
N VAL E 611 -12.37 2.11 5.60
CA VAL E 611 -12.42 3.55 5.81
C VAL E 611 -11.07 4.20 5.63
N ASN E 612 -10.09 3.82 6.44
CA ASN E 612 -8.83 4.55 6.51
C ASN E 612 -7.99 4.30 5.26
N PHE E 613 -7.70 5.38 4.53
CA PHE E 613 -6.89 5.26 3.33
C PHE E 613 -5.48 4.78 3.65
N ASN E 614 -4.89 5.32 4.69
CA ASN E 614 -3.49 5.04 5.04
C ASN E 614 -3.28 5.36 6.52
N PRO E 615 -3.70 4.48 7.43
CA PRO E 615 -3.61 4.81 8.85
C PRO E 615 -2.17 4.92 9.31
N SER E 616 -1.96 5.78 10.31
CA SER E 616 -0.65 5.98 10.90
C SER E 616 -0.44 4.94 11.99
N ALA E 617 0.63 5.11 12.79
CA ALA E 617 0.91 4.17 13.86
C ALA E 617 -0.16 4.21 14.94
N GLU E 618 -0.54 5.41 15.38
CA GLU E 618 -1.57 5.54 16.41
C GLU E 618 -2.91 5.04 15.92
N GLN E 619 -3.27 5.37 14.67
CA GLN E 619 -4.53 4.88 14.12
C GLN E 619 -4.54 3.36 14.01
N CYS E 620 -3.41 2.77 13.58
CA CYS E 620 -3.33 1.32 13.51
C CYS E 620 -3.44 0.69 14.89
N ALA E 621 -2.82 1.31 15.90
CA ALA E 621 -2.94 0.79 17.26
C ALA E 621 -4.37 0.84 17.75
N GLN E 622 -5.07 1.94 17.47
CA GLN E 622 -6.47 2.05 17.89
C GLN E 622 -7.36 1.03 17.16
N ILE E 623 -7.10 0.82 15.87
CA ILE E 623 -7.84 -0.19 15.12
C ILE E 623 -7.59 -1.57 15.71
N ALA E 624 -6.35 -1.87 16.07
CA ALA E 624 -6.04 -3.15 16.69
C ALA E 624 -6.76 -3.31 18.03
N LEU E 625 -6.81 -2.23 18.82
CA LEU E 625 -7.51 -2.31 20.09
C LEU E 625 -9.00 -2.57 19.90
N GLN E 626 -9.61 -1.91 18.92
CA GLN E 626 -11.03 -2.15 18.65
C GLN E 626 -11.27 -3.59 18.21
N ALA E 627 -10.44 -4.08 17.28
CA ALA E 627 -10.60 -5.46 16.81
C ALA E 627 -10.41 -6.45 17.95
N ALA E 628 -9.45 -6.19 18.84
CA ALA E 628 -9.26 -7.05 20.00
C ALA E 628 -10.47 -7.00 20.92
N LYS E 629 -11.12 -5.83 21.02
CA LYS E 629 -12.33 -5.73 21.84
C LYS E 629 -13.43 -6.62 21.29
N ILE E 630 -13.65 -6.59 19.97
CA ILE E 630 -14.66 -7.47 19.38
C ILE E 630 -14.30 -8.94 19.58
N VAL E 631 -13.04 -9.29 19.34
CA VAL E 631 -12.62 -10.69 19.50
C VAL E 631 -12.81 -11.15 20.93
N GLU E 632 -12.52 -10.28 21.90
CA GLU E 632 -12.76 -10.60 23.30
C GLU E 632 -14.24 -10.78 23.56
N TYR E 633 -15.08 -9.94 22.95
CA TYR E 633 -16.52 -10.09 23.11
C TYR E 633 -17.00 -11.44 22.59
N PHE E 634 -16.37 -11.96 21.55
CA PHE E 634 -16.75 -13.26 21.02
C PHE E 634 -16.08 -14.42 21.75
N GLY E 635 -15.61 -14.21 22.97
CA GLY E 635 -15.08 -15.28 23.79
C GLY E 635 -13.83 -15.95 23.27
N ILE E 636 -12.92 -15.19 22.67
CA ILE E 636 -11.67 -15.73 22.14
C ILE E 636 -10.55 -14.79 22.54
N GLU E 637 -9.45 -15.35 23.01
CA GLU E 637 -8.29 -14.54 23.39
C GLU E 637 -7.68 -13.91 22.15
N PRO E 638 -7.59 -12.59 22.05
CA PRO E 638 -7.09 -11.97 20.83
C PRO E 638 -5.56 -11.97 20.76
N ARG E 639 -5.06 -12.18 19.55
CA ARG E 639 -3.63 -12.12 19.26
C ARG E 639 -3.46 -11.29 18.00
N VAL E 640 -2.82 -10.13 18.14
CA VAL E 640 -2.79 -9.12 17.10
C VAL E 640 -1.48 -9.22 16.33
N ALA E 641 -1.55 -8.93 15.04
CA ALA E 641 -0.37 -8.89 14.17
C ALA E 641 -0.49 -7.73 13.21
N MET E 642 0.53 -6.89 13.17
CA MET E 642 0.58 -5.76 12.23
C MET E 642 1.24 -6.25 10.95
N LEU E 643 0.44 -6.49 9.93
CA LEU E 643 0.93 -7.06 8.68
C LEU E 643 1.77 -6.05 7.92
N SER E 644 2.70 -6.57 7.12
CA SER E 644 3.57 -5.75 6.28
C SER E 644 4.14 -6.66 5.20
N TYR E 645 5.12 -6.14 4.45
CA TYR E 645 5.85 -6.93 3.47
C TYR E 645 7.22 -7.37 3.97
N SER E 646 7.55 -7.07 5.23
CA SER E 646 8.85 -7.39 5.79
C SER E 646 8.68 -8.11 7.11
N ASN E 647 9.71 -8.86 7.49
CA ASN E 647 9.68 -9.70 8.68
C ASN E 647 10.65 -9.10 9.71
N PHE E 648 10.12 -8.26 10.60
CA PHE E 648 10.90 -7.63 11.65
C PHE E 648 12.09 -6.87 11.09
N SER E 649 11.88 -6.18 9.97
CA SER E 649 12.96 -5.45 9.33
C SER E 649 13.07 -4.01 9.83
N GLY E 650 11.95 -3.39 10.20
CA GLY E 650 11.99 -2.04 10.72
C GLY E 650 12.53 -1.00 9.74
N ALA E 651 12.49 -1.29 8.44
CA ALA E 651 13.02 -0.38 7.45
C ALA E 651 12.10 0.84 7.29
N GLU E 652 12.58 1.83 6.55
CA GLU E 652 11.80 3.03 6.31
C GLU E 652 10.53 2.70 5.55
N GLY E 653 9.43 3.33 5.95
CA GLY E 653 8.17 3.16 5.27
C GLY E 653 7.14 2.38 6.07
N THR E 654 6.47 1.43 5.42
CA THR E 654 5.47 0.63 6.11
C THR E 654 6.02 -0.20 7.25
N PRO E 655 7.16 -0.91 7.14
CA PRO E 655 7.64 -1.70 8.28
C PRO E 655 7.85 -0.89 9.55
N ARG E 656 8.43 0.31 9.42
CA ARG E 656 8.63 1.15 10.61
C ARG E 656 7.30 1.59 11.21
N LYS E 657 6.33 1.94 10.36
CA LYS E 657 5.02 2.32 10.86
C LYS E 657 4.35 1.17 11.60
N MET E 658 4.48 -0.05 11.06
CA MET E 658 3.86 -1.21 11.71
C MET E 658 4.56 -1.55 13.03
N LYS E 659 5.89 -1.43 13.07
CA LYS E 659 6.60 -1.65 14.33
C LYS E 659 6.18 -0.64 15.39
N LYS E 660 6.10 0.64 14.99
CA LYS E 660 5.67 1.67 15.93
C LYS E 660 4.24 1.44 16.39
N ALA E 661 3.37 1.02 15.48
CA ALA E 661 1.98 0.73 15.85
C ALA E 661 1.89 -0.41 16.83
N ALA E 662 2.69 -1.46 16.61
CA ALA E 662 2.69 -2.59 17.56
C ALA E 662 3.19 -2.14 18.92
N GLU E 663 4.23 -1.31 18.96
CA GLU E 663 4.72 -0.80 20.24
C GLU E 663 3.66 0.03 20.95
N ILE E 664 2.99 0.92 20.22
CA ILE E 664 1.95 1.76 20.82
C ILE E 664 0.81 0.91 21.35
N ALA E 665 0.38 -0.09 20.58
CA ALA E 665 -0.71 -0.95 21.01
C ALA E 665 -0.32 -1.78 22.22
N ARG E 666 0.94 -2.22 22.29
CA ARG E 666 1.42 -2.94 23.46
C ARG E 666 1.41 -2.05 24.70
N THR E 667 1.81 -0.79 24.55
CA THR E 667 1.76 0.12 25.69
C THR E 667 0.32 0.43 26.09
N LEU E 668 -0.61 0.46 25.13
CA LEU E 668 -1.99 0.78 25.45
C LEU E 668 -2.66 -0.35 26.22
N ARG E 669 -2.49 -1.60 25.76
CA ARG E 669 -3.10 -2.76 26.38
C ARG E 669 -2.02 -3.79 26.67
N PRO E 670 -1.38 -3.71 27.83
CA PRO E 670 -0.24 -4.60 28.10
C PRO E 670 -0.63 -5.96 28.63
N ASP E 671 -1.63 -6.60 28.00
CA ASP E 671 -1.98 -7.97 28.32
C ASP E 671 -2.19 -8.85 27.10
N LEU E 672 -2.35 -8.26 25.91
CA LEU E 672 -2.45 -9.01 24.67
C LEU E 672 -1.06 -9.22 24.08
N MET E 673 -0.95 -10.20 23.19
CA MET E 673 0.29 -10.48 22.49
C MET E 673 0.21 -9.82 21.12
N ILE E 674 0.88 -8.67 21.00
CA ILE E 674 0.94 -7.89 19.77
C ILE E 674 2.40 -7.84 19.35
N GLU E 675 2.69 -8.21 18.09
CA GLU E 675 4.06 -8.45 17.67
C GLU E 675 4.39 -7.71 16.37
N GLY E 676 5.12 -6.61 16.50
CA GLY E 676 5.91 -6.01 15.43
C GLY E 676 5.31 -5.93 14.05
N ASP E 677 6.17 -6.03 13.03
CA ASP E 677 5.76 -6.04 11.64
C ASP E 677 6.13 -7.38 11.05
N MET E 678 5.17 -8.00 10.34
CA MET E 678 5.34 -9.36 9.88
C MET E 678 4.66 -9.53 8.54
N GLN E 679 5.06 -10.57 7.82
CA GLN E 679 4.30 -10.99 6.66
C GLN E 679 3.09 -11.80 7.10
N ALA E 680 2.13 -11.95 6.19
CA ALA E 680 0.89 -12.64 6.54
C ALA E 680 1.14 -14.10 6.91
N ASP E 681 2.02 -14.77 6.16
CA ASP E 681 2.29 -16.18 6.44
C ASP E 681 2.94 -16.36 7.81
N THR E 682 3.87 -15.48 8.17
CA THR E 682 4.47 -15.55 9.49
C THR E 682 3.45 -15.28 10.58
N ALA E 683 2.51 -14.36 10.33
CA ALA E 683 1.52 -14.01 11.33
C ALA E 683 0.55 -15.15 11.59
N VAL E 684 0.01 -15.75 10.52
CA VAL E 684 -1.07 -16.72 10.68
C VAL E 684 -0.59 -18.16 10.83
N ASN E 685 0.70 -18.42 10.65
CA ASN E 685 1.23 -19.78 10.79
C ASN E 685 2.12 -19.87 12.03
N PRO E 686 1.73 -20.62 13.06
CA PRO E 686 2.62 -20.78 14.22
C PRO E 686 3.94 -21.45 13.90
N GLU E 687 3.95 -22.38 12.94
CA GLU E 687 5.17 -23.12 12.65
C GLU E 687 6.25 -22.21 12.08
N ILE E 688 5.88 -21.34 11.13
CA ILE E 688 6.85 -20.41 10.55
C ILE E 688 7.39 -19.47 11.62
N MET E 689 6.49 -18.97 12.47
CA MET E 689 6.90 -18.06 13.53
C MET E 689 7.89 -18.72 14.48
N GLU E 690 7.60 -19.95 14.89
CA GLU E 690 8.45 -20.63 15.86
C GLU E 690 9.79 -21.02 15.24
N ARG E 691 9.78 -21.45 13.97
CA ARG E 691 11.00 -21.92 13.34
C ARG E 691 11.93 -20.76 12.97
N LEU E 692 11.38 -19.66 12.46
CA LEU E 692 12.19 -18.56 11.96
C LEU E 692 12.42 -17.46 12.98
N PHE E 693 11.39 -17.07 13.74
CA PHE E 693 11.47 -15.93 14.66
C PHE E 693 11.01 -16.35 16.05
N PRO E 694 11.83 -17.12 16.77
CA PRO E 694 11.45 -17.55 18.13
C PRO E 694 11.64 -16.48 19.19
N PHE E 695 12.08 -15.27 18.82
CA PHE E 695 12.31 -14.19 19.76
C PHE E 695 11.08 -13.33 19.99
N SER E 696 9.96 -13.65 19.36
CA SER E 696 8.77 -12.81 19.37
C SER E 696 7.91 -13.11 20.59
N GLY E 697 6.88 -12.27 20.76
CA GLY E 697 5.89 -12.43 21.79
C GLY E 697 4.58 -13.02 21.34
N LEU E 698 4.43 -13.30 20.05
CA LEU E 698 3.20 -13.86 19.50
C LEU E 698 3.36 -15.38 19.37
N LYS E 699 2.48 -16.12 20.05
CA LYS E 699 2.55 -17.57 20.08
C LYS E 699 1.19 -18.15 19.71
N GLY E 700 1.21 -19.22 18.92
CA GLY E 700 -0.01 -19.90 18.55
C GLY E 700 -0.73 -19.33 17.36
N GLY E 701 -0.14 -18.37 16.66
CA GLY E 701 -0.78 -17.75 15.51
C GLY E 701 -1.60 -16.53 15.90
N ALA E 702 -1.85 -15.69 14.90
CA ALA E 702 -2.56 -14.43 15.09
C ALA E 702 -3.98 -14.54 14.57
N ASN E 703 -4.95 -14.21 15.40
CA ASN E 703 -6.35 -14.17 14.98
C ASN E 703 -6.83 -12.76 14.68
N VAL E 704 -5.98 -11.74 14.85
CA VAL E 704 -6.29 -10.38 14.47
C VAL E 704 -5.18 -9.87 13.56
N LEU E 705 -5.55 -9.37 12.39
CA LEU E 705 -4.61 -8.83 11.42
C LEU E 705 -4.94 -7.37 11.18
N VAL E 706 -3.94 -6.51 11.31
CA VAL E 706 -4.07 -5.08 11.06
C VAL E 706 -3.20 -4.73 9.87
N PHE E 707 -3.82 -4.24 8.81
CA PHE E 707 -3.18 -3.99 7.52
C PHE E 707 -2.64 -2.57 7.45
N PRO E 708 -1.57 -2.37 6.66
CA PRO E 708 -0.91 -1.05 6.65
C PRO E 708 -1.67 0.01 5.87
N ASN E 709 -2.56 -0.35 4.94
CA ASN E 709 -3.29 0.64 4.17
C ASN E 709 -4.60 0.04 3.70
N LEU E 710 -5.39 0.84 2.99
CA LEU E 710 -6.73 0.42 2.58
C LEU E 710 -6.67 -0.59 1.43
N GLU E 711 -5.78 -0.36 0.47
CA GLU E 711 -5.72 -1.24 -0.70
C GLU E 711 -5.40 -2.67 -0.29
N SER E 712 -4.41 -2.84 0.59
CA SER E 712 -4.01 -4.18 1.01
C SER E 712 -5.16 -4.91 1.68
N SER E 713 -5.79 -4.29 2.68
CA SER E 713 -6.85 -4.96 3.42
C SER E 713 -8.04 -5.26 2.53
N ASN E 714 -8.46 -4.28 1.73
CA ASN E 714 -9.64 -4.47 0.88
C ASN E 714 -9.40 -5.57 -0.14
N ILE E 715 -8.29 -5.51 -0.86
CA ILE E 715 -7.99 -6.52 -1.86
C ILE E 715 -7.84 -7.89 -1.22
N ALA E 716 -7.15 -7.96 -0.09
CA ALA E 716 -6.93 -9.24 0.57
C ALA E 716 -8.25 -9.88 0.98
N TYR E 717 -9.12 -9.11 1.64
CA TYR E 717 -10.36 -9.70 2.12
C TYR E 717 -11.28 -10.07 0.97
N LYS E 718 -11.34 -9.25 -0.08
CA LYS E 718 -12.20 -9.59 -1.22
C LYS E 718 -11.68 -10.83 -1.94
N LEU E 719 -10.36 -10.94 -2.13
CA LEU E 719 -9.80 -12.10 -2.80
C LEU E 719 -9.99 -13.37 -1.97
N ILE E 720 -9.83 -13.27 -0.65
CA ILE E 720 -10.06 -14.42 0.21
C ILE E 720 -11.52 -14.84 0.14
N GLN E 721 -12.44 -13.87 0.14
CA GLN E 721 -13.85 -14.19 0.04
C GLN E 721 -14.18 -14.88 -1.27
N GLN E 722 -13.59 -14.42 -2.38
CA GLN E 722 -13.96 -14.94 -3.69
C GLN E 722 -13.26 -16.27 -3.99
N ILE E 723 -11.93 -16.26 -4.06
CA ILE E 723 -11.20 -17.46 -4.48
C ILE E 723 -10.91 -18.42 -3.33
N GLY E 724 -10.93 -17.95 -2.10
CA GLY E 724 -10.74 -18.84 -0.97
C GLY E 724 -11.96 -19.68 -0.69
N LYS E 725 -11.75 -20.78 0.03
CA LYS E 725 -12.83 -21.67 0.42
C LYS E 725 -13.42 -21.31 1.77
N ALA E 726 -12.92 -20.27 2.42
CA ALA E 726 -13.44 -19.84 3.71
C ALA E 726 -14.51 -18.77 3.53
N GLU E 727 -15.38 -18.67 4.52
CA GLU E 727 -16.47 -17.71 4.49
C GLU E 727 -16.04 -16.42 5.17
N VAL E 728 -16.22 -15.30 4.48
CA VAL E 728 -15.89 -13.98 5.00
C VAL E 728 -17.19 -13.23 5.24
N ILE E 729 -17.38 -12.76 6.47
CA ILE E 729 -18.56 -12.00 6.84
C ILE E 729 -18.12 -10.58 7.22
N GLY E 730 -18.78 -9.59 6.63
CA GLY E 730 -18.45 -8.21 6.85
C GLY E 730 -18.64 -7.40 5.58
N PRO E 731 -18.09 -6.19 5.55
CA PRO E 731 -17.35 -5.51 6.62
C PRO E 731 -18.28 -4.88 7.65
N PHE E 732 -17.89 -4.87 8.91
CA PHE E 732 -18.66 -4.27 9.98
C PHE E 732 -18.01 -2.96 10.39
N LEU E 733 -18.80 -1.90 10.50
CA LEU E 733 -18.28 -0.58 10.83
C LEU E 733 -18.11 -0.47 12.34
N THR E 734 -16.87 -0.57 12.80
CA THR E 734 -16.53 -0.44 14.21
C THR E 734 -16.02 0.96 14.49
N GLY E 735 -16.19 1.39 15.73
CA GLY E 735 -15.75 2.70 16.15
C GLY E 735 -16.79 3.80 16.10
N VAL E 736 -18.04 3.47 15.79
CA VAL E 736 -19.11 4.45 15.77
C VAL E 736 -19.85 4.38 17.10
N ARG E 737 -20.55 5.47 17.43
CA ARG E 737 -21.25 5.54 18.71
C ARG E 737 -22.38 4.52 18.79
N ARG E 738 -23.17 4.41 17.73
CA ARG E 738 -24.31 3.52 17.69
C ARG E 738 -24.05 2.38 16.71
N SER E 739 -25.05 1.53 16.53
CA SER E 739 -24.95 0.39 15.62
C SER E 739 -25.35 0.85 14.23
N ALA E 740 -24.39 0.82 13.30
CA ALA E 740 -24.65 1.24 11.93
C ALA E 740 -23.59 0.58 11.04
N ASN E 741 -24.00 -0.37 10.22
CA ASN E 741 -23.11 -1.07 9.32
C ASN E 741 -23.42 -0.70 7.88
N VAL E 742 -22.41 -0.83 7.02
CA VAL E 742 -22.56 -0.57 5.59
C VAL E 742 -22.15 -1.84 4.85
N LEU E 743 -23.06 -2.40 4.07
CA LEU E 743 -22.74 -3.58 3.29
C LEU E 743 -21.86 -3.21 2.10
N GLN E 744 -21.21 -4.22 1.54
CA GLN E 744 -20.49 -4.00 0.29
C GLN E 744 -21.47 -3.96 -0.87
N ARG E 745 -21.10 -3.20 -1.90
CA ARG E 745 -21.99 -3.04 -3.05
C ARG E 745 -22.22 -4.37 -3.76
N THR E 746 -21.18 -5.20 -3.85
CA THR E 746 -21.24 -6.47 -4.56
C THR E 746 -21.69 -7.62 -3.68
N THR E 747 -22.44 -7.34 -2.61
CA THR E 747 -22.83 -8.36 -1.66
C THR E 747 -23.91 -9.27 -2.25
N THR E 748 -24.07 -10.44 -1.63
CA THR E 748 -25.10 -11.41 -1.98
C THR E 748 -26.15 -11.45 -0.88
N VAL E 749 -27.20 -12.24 -1.11
CA VAL E 749 -28.32 -12.29 -0.18
C VAL E 749 -27.88 -12.88 1.15
N ASP E 750 -27.13 -13.99 1.11
CA ASP E 750 -26.66 -14.60 2.35
C ASP E 750 -25.66 -13.69 3.07
N GLY E 751 -24.86 -12.94 2.33
CA GLY E 751 -23.99 -11.96 2.96
C GLY E 751 -24.77 -10.89 3.68
N ILE E 752 -25.87 -10.42 3.07
CA ILE E 752 -26.73 -9.45 3.74
C ILE E 752 -27.33 -10.06 4.99
N VAL E 753 -27.73 -11.34 4.92
CA VAL E 753 -28.33 -12.00 6.07
C VAL E 753 -27.33 -12.04 7.23
N ASN E 754 -26.10 -12.45 6.95
CA ASN E 754 -25.09 -12.52 8.01
C ASN E 754 -24.77 -11.14 8.57
N SER E 755 -24.62 -10.14 7.70
CA SER E 755 -24.31 -8.80 8.15
C SER E 755 -25.42 -8.24 9.02
N VAL E 756 -26.67 -8.47 8.64
CA VAL E 756 -27.79 -7.99 9.45
C VAL E 756 -27.87 -8.74 10.77
N VAL E 757 -27.54 -10.04 10.78
CA VAL E 757 -27.51 -10.79 12.03
C VAL E 757 -26.53 -10.15 13.01
N PHE E 758 -25.32 -9.87 12.53
CA PHE E 758 -24.32 -9.29 13.44
C PHE E 758 -24.63 -7.84 13.77
N THR E 759 -25.27 -7.10 12.85
CA THR E 759 -25.71 -5.75 13.16
C THR E 759 -26.77 -5.75 14.25
N ALA E 760 -27.71 -6.71 14.21
CA ALA E 760 -28.70 -6.82 15.26
C ALA E 760 -28.06 -7.20 16.59
N LEU E 761 -27.07 -8.09 16.55
CA LEU E 761 -26.37 -8.46 17.78
C LEU E 761 -25.68 -7.24 18.39
N GLU E 762 -24.99 -6.46 17.55
CA GLU E 762 -24.32 -5.25 18.03
C GLU E 762 -25.32 -4.23 18.55
N ALA E 763 -26.47 -4.10 17.87
CA ALA E 763 -27.48 -3.16 18.31
C ALA E 763 -28.05 -3.55 19.67
N GLN E 764 -28.28 -4.85 19.88
CA GLN E 764 -28.73 -5.32 21.18
C GLN E 764 -27.69 -5.04 22.26
N PHE E 765 -26.41 -5.29 21.95
CA PHE E 765 -25.36 -5.01 22.93
C PHE E 765 -25.31 -3.53 23.28
N ILE E 766 -25.40 -2.66 22.26
CA ILE E 766 -25.31 -1.23 22.50
C ILE E 766 -26.53 -0.73 23.26
N LYS E 767 -27.71 -1.27 22.96
CA LYS E 767 -28.91 -0.89 23.70
C LYS E 767 -28.81 -1.32 25.16
N ASP E 768 -28.29 -2.52 25.41
CA ASP E 768 -28.08 -2.96 26.78
C ASP E 768 -27.08 -2.07 27.51
N ALA E 769 -26.01 -1.67 26.82
CA ALA E 769 -25.03 -0.78 27.43
C ALA E 769 -25.64 0.59 27.73
N LEU E 770 -26.51 1.08 26.84
CA LEU E 770 -27.14 2.39 27.03
C LEU E 770 -28.19 2.36 28.14
N LYS E 771 -28.84 1.21 28.33
CA LYS E 771 -29.88 1.11 29.34
C LYS E 771 -29.33 1.39 30.74
N ALA E 772 -28.15 0.84 31.03
CA ALA E 772 -27.45 1.17 32.27
C ALA E 772 -26.63 2.43 32.07
N ARG E 773 -26.67 3.31 33.07
CA ARG E 773 -25.96 4.59 33.05
C ARG E 773 -26.31 5.41 31.80
N THR F 11 15.12 -47.82 7.52
CA THR F 11 14.31 -47.14 6.52
C THR F 11 14.96 -45.83 6.10
N THR F 12 14.95 -45.55 4.79
CA THR F 12 15.55 -44.34 4.26
C THR F 12 14.65 -43.14 4.53
N ASN F 13 15.07 -41.97 4.06
CA ASN F 13 14.28 -40.76 4.23
C ASN F 13 12.96 -40.85 3.48
N PHE F 14 12.99 -41.39 2.27
CA PHE F 14 11.75 -41.56 1.51
C PHE F 14 10.81 -42.55 2.18
N ASP F 15 11.36 -43.63 2.74
CA ASP F 15 10.52 -44.59 3.45
C ASP F 15 9.87 -43.95 4.67
N GLN F 16 10.62 -43.16 5.43
CA GLN F 16 10.06 -42.47 6.58
C GLN F 16 8.99 -41.46 6.16
N GLU F 17 9.24 -40.75 5.05
CA GLU F 17 8.25 -39.80 4.55
C GLU F 17 6.97 -40.50 4.13
N ALA F 18 7.09 -41.65 3.47
CA ALA F 18 5.91 -42.42 3.09
C ALA F 18 5.17 -42.94 4.32
N LEU F 19 5.91 -43.38 5.34
CA LEU F 19 5.27 -43.84 6.57
C LEU F 19 4.52 -42.70 7.25
N LEU F 20 5.10 -41.50 7.29
CA LEU F 20 4.45 -40.35 7.89
C LEU F 20 3.39 -39.74 6.98
N TYR F 21 3.31 -40.17 5.72
CA TYR F 21 2.28 -39.65 4.82
C TYR F 21 0.89 -40.00 5.32
N HIS F 22 0.71 -41.22 5.82
CA HIS F 22 -0.57 -41.66 6.36
C HIS F 22 -0.67 -41.47 7.87
N GLN F 23 0.34 -40.89 8.50
CA GLN F 23 0.38 -40.72 9.95
C GLN F 23 0.06 -39.30 10.40
N GLN F 24 0.60 -38.29 9.72
CA GLN F 24 0.39 -36.91 10.13
C GLN F 24 -1.05 -36.47 9.86
N GLY F 25 -1.54 -35.57 10.71
CA GLY F 25 -2.89 -35.05 10.54
C GLY F 25 -3.95 -36.10 10.81
N LYS F 26 -5.04 -36.01 10.07
CA LYS F 26 -6.12 -36.97 10.21
C LYS F 26 -5.65 -38.36 9.76
N PRO F 27 -6.10 -39.42 10.44
CA PRO F 27 -5.75 -40.78 9.99
C PRO F 27 -6.29 -41.04 8.60
N GLY F 28 -5.49 -41.72 7.80
CA GLY F 28 -5.87 -42.00 6.43
C GLY F 28 -5.68 -40.79 5.53
N LYS F 29 -6.17 -40.93 4.30
CA LYS F 29 -6.05 -39.89 3.29
C LYS F 29 -7.38 -39.41 2.74
N ILE F 30 -8.41 -40.26 2.73
CA ILE F 30 -9.68 -39.92 2.12
C ILE F 30 -10.65 -39.45 3.19
N GLU F 31 -11.65 -38.68 2.76
CA GLU F 31 -12.71 -38.21 3.64
C GLU F 31 -13.93 -37.91 2.78
N VAL F 32 -15.09 -37.86 3.45
CA VAL F 32 -16.37 -37.62 2.79
C VAL F 32 -16.91 -36.29 3.27
N ILE F 33 -17.18 -35.38 2.34
CA ILE F 33 -17.72 -34.06 2.65
C ILE F 33 -18.93 -33.82 1.77
N SER F 34 -19.76 -32.86 2.18
CA SER F 34 -20.92 -32.46 1.40
C SER F 34 -20.46 -31.80 0.11
N SER F 35 -21.16 -32.11 -0.99
CA SER F 35 -20.79 -31.53 -2.28
C SER F 35 -20.96 -30.03 -2.29
N LYS F 36 -22.05 -29.53 -1.73
CA LYS F 36 -22.34 -28.11 -1.62
C LYS F 36 -22.46 -27.72 -0.15
N PRO F 37 -22.22 -26.45 0.18
CA PRO F 37 -22.29 -26.03 1.59
C PRO F 37 -23.67 -26.29 2.18
N CYS F 38 -23.68 -26.81 3.41
CA CYS F 38 -24.91 -27.08 4.15
C CYS F 38 -24.62 -26.74 5.62
N ALA F 39 -24.93 -25.50 6.00
CA ALA F 39 -24.70 -25.06 7.37
C ALA F 39 -25.93 -24.34 7.91
N THR F 40 -26.73 -23.77 7.01
CA THR F 40 -27.93 -23.06 7.42
C THR F 40 -29.00 -24.03 7.91
N GLU F 41 -29.87 -23.53 8.78
CA GLU F 41 -30.92 -24.38 9.34
C GLU F 41 -31.90 -24.83 8.26
N LYS F 42 -32.21 -23.96 7.31
CA LYS F 42 -33.09 -24.35 6.21
C LYS F 42 -32.48 -25.47 5.38
N ASP F 43 -31.18 -25.37 5.08
CA ASP F 43 -30.52 -26.44 4.33
C ASP F 43 -30.43 -27.71 5.17
N LEU F 44 -30.24 -27.57 6.47
CA LEU F 44 -30.23 -28.74 7.34
C LEU F 44 -31.57 -29.47 7.33
N SER F 45 -32.67 -28.70 7.39
CA SER F 45 -33.99 -29.31 7.26
C SER F 45 -34.16 -29.93 5.88
N LEU F 46 -33.63 -29.29 4.85
CA LEU F 46 -33.63 -29.89 3.52
C LEU F 46 -32.86 -31.20 3.50
N ALA F 47 -31.91 -31.37 4.42
CA ALA F 47 -31.11 -32.58 4.51
C ALA F 47 -31.59 -33.55 5.60
N TYR F 48 -32.18 -33.05 6.68
CA TYR F 48 -32.62 -33.89 7.79
C TYR F 48 -34.14 -34.03 7.86
N SER F 49 -34.87 -32.93 7.82
CA SER F 49 -36.33 -32.99 7.82
C SER F 49 -36.79 -33.69 6.54
N PRO F 50 -38.00 -34.27 6.55
CA PRO F 50 -38.41 -35.11 5.42
C PRO F 50 -38.62 -34.33 4.12
N GLY F 51 -37.58 -33.62 3.70
CA GLY F 51 -37.52 -33.05 2.37
C GLY F 51 -36.55 -33.85 1.52
N VAL F 52 -35.79 -34.73 2.17
CA VAL F 52 -34.89 -35.65 1.47
C VAL F 52 -35.60 -36.91 1.03
N ALA F 53 -36.85 -37.13 1.46
CA ALA F 53 -37.63 -38.27 1.00
C ALA F 53 -38.15 -38.08 -0.42
N ALA F 54 -38.20 -36.85 -0.90
CA ALA F 54 -38.68 -36.60 -2.26
C ALA F 54 -37.83 -37.29 -3.34
N PRO F 55 -36.49 -37.25 -3.30
CA PRO F 55 -35.73 -38.07 -4.26
C PRO F 55 -36.03 -39.55 -4.16
N CYS F 56 -36.28 -40.06 -2.94
CA CYS F 56 -36.65 -41.46 -2.79
C CYS F 56 -37.96 -41.76 -3.50
N LYS F 57 -38.96 -40.89 -3.34
CA LYS F 57 -40.23 -41.08 -4.05
C LYS F 57 -40.04 -40.95 -5.56
N ALA F 58 -39.15 -40.07 -6.00
CA ALA F 58 -38.88 -39.95 -7.43
C ALA F 58 -38.26 -41.22 -7.99
N ILE F 59 -37.32 -41.82 -7.26
CA ILE F 59 -36.73 -43.09 -7.69
C ILE F 59 -37.76 -44.22 -7.60
N ALA F 60 -38.75 -44.08 -6.72
CA ALA F 60 -39.79 -45.10 -6.61
C ALA F 60 -40.51 -45.30 -7.93
N LYS F 61 -40.78 -44.21 -8.66
CA LYS F 61 -41.43 -44.30 -9.96
C LYS F 61 -40.45 -44.58 -11.10
N ASP F 62 -39.14 -44.51 -10.84
CA ASP F 62 -38.13 -44.79 -11.85
C ASP F 62 -36.85 -45.27 -11.18
N PRO F 63 -36.62 -46.58 -11.10
CA PRO F 63 -35.44 -47.06 -10.37
C PRO F 63 -34.11 -46.63 -10.97
N ALA F 64 -33.91 -46.86 -12.28
CA ALA F 64 -32.63 -46.52 -12.91
C ALA F 64 -32.34 -45.03 -12.81
N LYS F 65 -33.39 -44.20 -12.74
CA LYS F 65 -33.21 -42.76 -12.56
C LYS F 65 -32.39 -42.42 -11.32
N VAL F 66 -32.17 -43.39 -10.42
CA VAL F 66 -31.30 -43.16 -9.26
C VAL F 66 -29.93 -42.69 -9.70
N TYR F 67 -29.50 -43.05 -10.92
CA TYR F 67 -28.19 -42.61 -11.39
C TYR F 67 -28.10 -41.10 -11.46
N ASP F 68 -29.21 -40.43 -11.77
CA ASP F 68 -29.27 -38.97 -11.73
C ASP F 68 -29.76 -38.43 -10.40
N TYR F 69 -30.18 -39.29 -9.48
CA TYR F 69 -30.69 -38.84 -8.19
C TYR F 69 -29.70 -39.04 -7.05
N THR F 70 -28.47 -39.48 -7.35
CA THR F 70 -27.45 -39.68 -6.33
C THR F 70 -26.10 -39.78 -7.02
N ALA F 71 -25.05 -39.99 -6.23
CA ALA F 71 -23.69 -40.09 -6.73
C ALA F 71 -23.32 -41.48 -7.21
N LYS F 72 -24.30 -42.38 -7.34
CA LYS F 72 -24.01 -43.76 -7.73
C LYS F 72 -23.32 -43.81 -9.09
N GLY F 73 -23.79 -43.00 -10.04
CA GLY F 73 -23.16 -42.96 -11.35
C GLY F 73 -21.77 -42.37 -11.37
N ASN F 74 -21.33 -41.74 -10.27
CA ASN F 74 -20.01 -41.13 -10.18
C ASN F 74 -19.22 -41.73 -9.02
N LEU F 75 -19.45 -43.01 -8.72
CA LEU F 75 -18.80 -43.67 -7.60
C LEU F 75 -18.36 -45.06 -8.04
N VAL F 76 -17.15 -45.44 -7.62
CA VAL F 76 -16.54 -46.71 -8.01
C VAL F 76 -16.06 -47.43 -6.75
N ALA F 77 -16.40 -48.71 -6.64
CA ALA F 77 -15.85 -49.55 -5.60
C ALA F 77 -14.39 -49.89 -5.91
N VAL F 78 -13.60 -50.03 -4.86
CA VAL F 78 -12.24 -50.56 -4.95
C VAL F 78 -12.17 -51.69 -3.94
N ILE F 79 -12.24 -52.93 -4.42
CA ILE F 79 -12.46 -54.09 -3.57
C ILE F 79 -11.25 -55.00 -3.65
N SER F 80 -10.74 -55.42 -2.49
CA SER F 80 -9.60 -56.33 -2.42
C SER F 80 -9.73 -57.19 -1.17
N ASN F 81 -9.01 -58.31 -1.19
CA ASN F 81 -8.93 -59.21 -0.04
C ASN F 81 -7.53 -59.24 0.57
N GLY F 82 -6.62 -58.41 0.10
CA GLY F 82 -5.28 -58.33 0.66
C GLY F 82 -4.45 -59.59 0.50
N THR F 83 -4.52 -60.23 -0.66
CA THR F 83 -3.75 -61.44 -0.91
C THR F 83 -2.69 -61.28 -1.99
N ALA F 84 -2.73 -60.19 -2.76
CA ALA F 84 -1.74 -59.93 -3.80
C ALA F 84 -1.31 -58.47 -3.75
N VAL F 85 -0.99 -57.98 -2.55
CA VAL F 85 -0.67 -56.57 -2.37
C VAL F 85 0.74 -56.31 -2.89
N LEU F 86 0.82 -55.79 -4.12
CA LEU F 86 2.08 -55.42 -4.75
C LEU F 86 3.11 -56.55 -4.69
N GLY F 87 4.17 -56.34 -3.92
CA GLY F 87 5.18 -57.35 -3.68
C GLY F 87 5.06 -58.08 -2.35
N LEU F 88 4.09 -57.70 -1.51
CA LEU F 88 3.92 -58.31 -0.20
C LEU F 88 3.23 -59.66 -0.27
N GLY F 89 2.69 -60.04 -1.42
CA GLY F 89 1.94 -61.29 -1.50
C GLY F 89 0.69 -61.23 -0.64
N ASN F 90 0.44 -62.29 0.11
CA ASN F 90 -0.70 -62.35 1.00
C ASN F 90 -0.37 -61.62 2.29
N ILE F 91 -1.18 -60.61 2.63
CA ILE F 91 -0.97 -59.82 3.84
C ILE F 91 -2.27 -59.73 4.61
N GLY F 92 -3.36 -60.17 4.00
CA GLY F 92 -4.67 -60.13 4.63
C GLY F 92 -5.41 -58.85 4.33
N PRO F 93 -6.75 -58.90 4.40
CA PRO F 93 -7.54 -57.70 4.12
C PRO F 93 -7.29 -56.57 5.10
N ALA F 94 -6.81 -56.85 6.31
CA ALA F 94 -6.58 -55.81 7.30
C ALA F 94 -5.51 -54.83 6.84
N ALA F 95 -4.41 -55.34 6.30
CA ALA F 95 -3.29 -54.52 5.88
C ALA F 95 -3.39 -54.06 4.43
N GLY F 96 -4.48 -54.38 3.74
CA GLY F 96 -4.64 -53.98 2.36
C GLY F 96 -5.44 -52.70 2.21
N LYS F 97 -5.54 -51.92 3.28
CA LYS F 97 -6.30 -50.67 3.26
C LYS F 97 -5.53 -49.52 2.64
N PRO F 98 -4.27 -49.26 3.02
CA PRO F 98 -3.56 -48.11 2.41
C PRO F 98 -3.41 -48.22 0.91
N VAL F 99 -3.25 -49.43 0.37
CA VAL F 99 -3.16 -49.59 -1.07
C VAL F 99 -4.48 -49.22 -1.74
N MET F 100 -5.60 -49.59 -1.12
CA MET F 100 -6.90 -49.18 -1.63
C MET F 100 -7.08 -47.67 -1.56
N GLU F 101 -6.60 -47.05 -0.48
CA GLU F 101 -6.67 -45.59 -0.38
C GLU F 101 -5.86 -44.93 -1.48
N GLY F 102 -4.65 -45.44 -1.75
CA GLY F 102 -3.85 -44.89 -2.82
C GLY F 102 -4.49 -45.09 -4.19
N LYS F 103 -5.10 -46.26 -4.41
CA LYS F 103 -5.81 -46.50 -5.66
C LYS F 103 -6.96 -45.53 -5.84
N GLY F 104 -7.72 -45.27 -4.77
CA GLY F 104 -8.79 -44.28 -4.86
C GLY F 104 -8.26 -42.88 -5.10
N ILE F 105 -7.12 -42.54 -4.48
CA ILE F 105 -6.51 -41.24 -4.71
C ILE F 105 -6.15 -41.08 -6.18
N LEU F 106 -5.55 -42.12 -6.77
CA LEU F 106 -5.22 -42.09 -8.19
C LEU F 106 -6.47 -42.02 -9.05
N PHE F 107 -7.52 -42.73 -8.64
CA PHE F 107 -8.81 -42.65 -9.33
C PHE F 107 -9.29 -41.21 -9.43
N LYS F 108 -9.34 -40.53 -8.29
CA LYS F 108 -9.82 -39.15 -8.27
C LYS F 108 -8.88 -38.23 -9.05
N GLN F 109 -7.57 -38.46 -8.93
CA GLN F 109 -6.61 -37.58 -9.58
C GLN F 109 -6.70 -37.68 -11.10
N PHE F 110 -6.82 -38.89 -11.64
CA PHE F 110 -6.72 -39.09 -13.08
C PHE F 110 -8.06 -39.18 -13.78
N ALA F 111 -9.17 -39.33 -13.05
CA ALA F 111 -10.48 -39.35 -13.70
C ALA F 111 -11.54 -38.51 -13.00
N GLY F 112 -11.39 -38.19 -11.72
CA GLY F 112 -12.39 -37.40 -11.04
C GLY F 112 -13.60 -38.18 -10.57
N ILE F 113 -13.45 -39.47 -10.30
CA ILE F 113 -14.56 -40.31 -9.85
C ILE F 113 -14.40 -40.59 -8.36
N ASP F 114 -15.49 -40.43 -7.62
CA ASP F 114 -15.49 -40.78 -6.21
C ASP F 114 -15.23 -42.27 -6.04
N VAL F 115 -14.49 -42.62 -5.00
CA VAL F 115 -14.01 -43.98 -4.80
C VAL F 115 -14.35 -44.44 -3.39
N PHE F 116 -14.93 -45.63 -3.27
CA PHE F 116 -15.21 -46.25 -1.99
C PHE F 116 -14.34 -47.49 -1.87
N ASP F 117 -13.39 -47.45 -0.93
CA ASP F 117 -12.46 -48.56 -0.73
C ASP F 117 -13.05 -49.55 0.27
N ILE F 118 -13.23 -50.80 -0.15
CA ILE F 118 -13.82 -51.84 0.68
C ILE F 118 -12.84 -53.01 0.70
N GLU F 119 -12.26 -53.28 1.87
CA GLU F 119 -11.30 -54.37 2.02
C GLU F 119 -11.99 -55.57 2.67
N VAL F 120 -12.81 -56.25 1.86
CA VAL F 120 -13.66 -57.33 2.37
C VAL F 120 -12.81 -58.50 2.82
N ALA F 121 -13.18 -59.10 3.96
CA ALA F 121 -12.45 -60.20 4.56
C ALA F 121 -12.87 -61.56 4.03
N ALA F 122 -13.43 -61.62 2.82
CA ALA F 122 -13.90 -62.88 2.24
C ALA F 122 -12.73 -63.56 1.52
N THR F 123 -11.92 -64.28 2.30
CA THR F 123 -10.84 -65.06 1.72
C THR F 123 -11.37 -66.16 0.82
N ASP F 124 -12.44 -66.83 1.24
CA ASP F 124 -13.05 -67.87 0.43
C ASP F 124 -13.76 -67.26 -0.78
N VAL F 125 -13.76 -68.01 -1.89
CA VAL F 125 -14.37 -67.51 -3.12
C VAL F 125 -15.88 -67.36 -2.97
N ASP F 126 -16.53 -68.33 -2.31
CA ASP F 126 -17.98 -68.30 -2.18
C ASP F 126 -18.43 -67.08 -1.37
N THR F 127 -17.73 -66.78 -0.27
CA THR F 127 -18.08 -65.60 0.52
C THR F 127 -17.89 -64.32 -0.29
N PHE F 128 -16.79 -64.25 -1.05
CA PHE F 128 -16.56 -63.09 -1.91
C PHE F 128 -17.70 -62.89 -2.89
N CYS F 129 -18.09 -63.97 -3.58
CA CYS F 129 -19.12 -63.88 -4.59
C CYS F 129 -20.47 -63.51 -3.98
N ASN F 130 -20.84 -64.13 -2.86
CA ASN F 130 -22.16 -63.88 -2.29
C ASN F 130 -22.20 -62.63 -1.42
N ALA F 131 -21.05 -61.98 -1.19
CA ALA F 131 -21.04 -60.71 -0.48
C ALA F 131 -20.88 -59.50 -1.40
N VAL F 132 -20.12 -59.62 -2.48
CA VAL F 132 -19.95 -58.49 -3.39
C VAL F 132 -21.25 -58.23 -4.16
N ARG F 133 -21.94 -59.29 -4.57
CA ARG F 133 -23.13 -59.13 -5.42
C ARG F 133 -24.20 -58.29 -4.74
N VAL F 134 -24.25 -58.30 -3.41
CA VAL F 134 -25.35 -57.64 -2.70
C VAL F 134 -25.17 -56.13 -2.61
N LEU F 135 -24.01 -55.61 -2.97
CA LEU F 135 -23.72 -54.18 -2.94
C LEU F 135 -24.03 -53.48 -4.26
N GLU F 136 -24.65 -54.20 -5.21
CA GLU F 136 -24.85 -53.65 -6.55
C GLU F 136 -25.70 -52.39 -6.58
N PRO F 137 -26.90 -52.33 -5.98
CA PRO F 137 -27.77 -51.16 -6.22
C PRO F 137 -27.23 -49.84 -5.70
N THR F 138 -26.27 -49.87 -4.78
CA THR F 138 -25.74 -48.65 -4.18
C THR F 138 -24.34 -48.29 -4.67
N PHE F 139 -23.78 -49.05 -5.61
CA PHE F 139 -22.48 -48.74 -6.20
C PHE F 139 -22.60 -48.71 -7.72
N GLY F 140 -21.84 -47.82 -8.34
CA GLY F 140 -21.87 -47.64 -9.78
C GLY F 140 -20.80 -48.36 -10.56
N GLY F 141 -19.97 -49.16 -9.92
CA GLY F 141 -18.89 -49.86 -10.60
C GLY F 141 -17.85 -50.39 -9.62
N ILE F 142 -17.27 -51.54 -9.91
CA ILE F 142 -16.36 -52.21 -9.00
C ILE F 142 -15.02 -52.43 -9.70
N ASN F 143 -13.94 -52.16 -8.98
CA ASN F 143 -12.58 -52.42 -9.43
C ASN F 143 -11.99 -53.47 -8.48
N LEU F 144 -11.85 -54.69 -8.98
CA LEU F 144 -11.18 -55.75 -8.23
C LEU F 144 -9.68 -55.65 -8.45
N GLU F 145 -8.93 -55.90 -7.39
CA GLU F 145 -7.47 -55.84 -7.46
C GLU F 145 -6.91 -56.49 -6.20
N ASP F 146 -5.60 -56.75 -6.23
CA ASP F 146 -4.84 -57.24 -5.08
C ASP F 146 -5.32 -58.60 -4.61
N ILE F 147 -5.96 -59.37 -5.48
CA ILE F 147 -6.40 -60.73 -5.18
C ILE F 147 -5.43 -61.70 -5.82
N LYS F 148 -4.89 -62.62 -5.04
CA LYS F 148 -3.87 -63.53 -5.53
C LYS F 148 -4.50 -64.60 -6.43
N ALA F 149 -3.71 -65.08 -7.38
CA ALA F 149 -4.14 -66.17 -8.23
C ALA F 149 -4.20 -67.48 -7.43
N PRO F 150 -5.05 -68.43 -7.84
CA PRO F 150 -5.98 -68.40 -8.97
C PRO F 150 -7.40 -67.97 -8.57
N GLU F 151 -7.57 -67.45 -7.36
CA GLU F 151 -8.90 -67.07 -6.89
C GLU F 151 -9.46 -65.89 -7.68
N CYS F 152 -8.59 -64.96 -8.07
CA CYS F 152 -9.05 -63.73 -8.73
C CYS F 152 -9.73 -64.04 -10.06
N PHE F 153 -9.18 -64.96 -10.84
CA PHE F 153 -9.76 -65.29 -12.14
C PHE F 153 -11.18 -65.82 -11.98
N GLU F 154 -11.36 -66.79 -11.09
CA GLU F 154 -12.69 -67.36 -10.87
C GLU F 154 -13.65 -66.31 -10.32
N ILE F 155 -13.17 -65.49 -9.38
CA ILE F 155 -14.04 -64.46 -8.78
C ILE F 155 -14.53 -63.49 -9.86
N GLU F 156 -13.61 -63.03 -10.71
CA GLU F 156 -14.01 -62.09 -11.76
C GLU F 156 -14.91 -62.75 -12.79
N GLU F 157 -14.63 -64.01 -13.14
CA GLU F 157 -15.47 -64.69 -14.11
C GLU F 157 -16.89 -64.86 -13.60
N ARG F 158 -17.04 -65.20 -12.32
CA ARG F 158 -18.37 -65.30 -11.73
C ARG F 158 -19.03 -63.93 -11.64
N LEU F 159 -18.27 -62.90 -11.25
CA LEU F 159 -18.84 -61.57 -11.04
C LEU F 159 -19.34 -60.96 -12.35
N LYS F 160 -18.63 -61.19 -13.45
CA LYS F 160 -19.04 -60.61 -14.72
C LYS F 160 -20.42 -61.10 -15.13
N LYS F 161 -20.69 -62.40 -14.98
CA LYS F 161 -21.99 -62.93 -15.33
C LYS F 161 -23.05 -62.63 -14.28
N GLU F 162 -22.67 -62.61 -13.00
CA GLU F 162 -23.63 -62.49 -11.92
C GLU F 162 -23.95 -61.05 -11.54
N MET F 163 -23.42 -60.07 -12.27
CA MET F 163 -23.65 -58.66 -11.97
C MET F 163 -24.06 -57.92 -13.23
N ASN F 164 -24.93 -56.92 -13.05
CA ASN F 164 -25.48 -56.15 -14.16
C ASN F 164 -24.87 -54.76 -14.28
N ILE F 165 -23.82 -54.47 -13.52
CA ILE F 165 -23.12 -53.18 -13.62
C ILE F 165 -21.66 -53.48 -13.93
N PRO F 166 -20.93 -52.55 -14.55
CA PRO F 166 -19.57 -52.87 -15.02
C PRO F 166 -18.65 -53.29 -13.89
N VAL F 167 -17.82 -54.30 -14.18
CA VAL F 167 -16.82 -54.80 -13.25
C VAL F 167 -15.49 -54.84 -13.97
N PHE F 168 -14.45 -54.30 -13.34
CA PHE F 168 -13.13 -54.20 -13.97
C PHE F 168 -12.07 -54.72 -13.01
N HIS F 169 -11.14 -55.51 -13.55
CA HIS F 169 -10.03 -56.05 -12.78
C HIS F 169 -8.75 -55.39 -13.24
N ASP F 170 -8.01 -54.78 -12.31
CA ASP F 170 -6.75 -54.12 -12.64
C ASP F 170 -5.64 -55.10 -12.96
N ASP F 171 -5.86 -56.40 -12.76
CA ASP F 171 -4.90 -57.44 -13.10
C ASP F 171 -5.32 -58.27 -14.30
N GLN F 172 -6.60 -58.63 -14.40
CA GLN F 172 -7.09 -59.44 -15.50
C GLN F 172 -7.32 -58.65 -16.78
N HIS F 173 -7.52 -57.34 -16.68
CA HIS F 173 -7.57 -56.46 -17.85
C HIS F 173 -6.85 -55.15 -17.57
N GLY F 174 -5.70 -55.22 -16.90
CA GLY F 174 -5.05 -54.03 -16.41
C GLY F 174 -3.92 -53.52 -17.28
N THR F 175 -2.68 -53.83 -16.89
CA THR F 175 -1.50 -53.40 -17.62
C THR F 175 -1.55 -53.83 -19.08
N ALA F 176 -2.24 -54.94 -19.38
CA ALA F 176 -2.26 -55.49 -20.73
C ALA F 176 -2.79 -54.50 -21.76
N ILE F 177 -3.62 -53.55 -21.34
CA ILE F 177 -4.10 -52.53 -22.29
C ILE F 177 -2.94 -51.66 -22.76
N VAL F 178 -2.12 -51.18 -21.82
CA VAL F 178 -0.95 -50.38 -22.17
C VAL F 178 0.06 -51.24 -22.93
N SER F 179 0.16 -52.52 -22.56
CA SER F 179 1.05 -53.42 -23.28
C SER F 179 0.62 -53.58 -24.73
N GLY F 180 -0.69 -53.70 -24.96
CA GLY F 180 -1.19 -53.81 -26.32
C GLY F 180 -0.99 -52.53 -27.12
N ALA F 181 -1.17 -51.37 -26.48
CA ALA F 181 -0.90 -50.11 -27.16
C ALA F 181 0.58 -50.02 -27.56
N ALA F 182 1.47 -50.37 -26.64
CA ALA F 182 2.90 -50.34 -26.93
C ALA F 182 3.26 -51.34 -28.02
N LEU F 183 2.65 -52.51 -28.00
CA LEU F 183 2.89 -53.51 -29.03
C LEU F 183 2.41 -53.03 -30.40
N LEU F 184 1.25 -52.38 -30.44
CA LEU F 184 0.76 -51.82 -31.70
C LEU F 184 1.71 -50.77 -32.24
N ASN F 185 2.19 -49.87 -31.38
CA ASN F 185 3.12 -48.84 -31.85
C ASN F 185 4.44 -49.45 -32.31
N ALA F 186 4.95 -50.46 -31.58
CA ALA F 186 6.18 -51.11 -32.00
C ALA F 186 6.02 -51.83 -33.33
N CYS F 187 4.88 -52.50 -33.52
CA CYS F 187 4.62 -53.18 -34.79
C CYS F 187 4.50 -52.20 -35.94
N SER F 188 3.85 -51.05 -35.69
CA SER F 188 3.76 -50.01 -36.72
C SER F 188 5.14 -49.48 -37.06
N ILE F 189 6.00 -49.31 -36.04
CA ILE F 189 7.36 -48.85 -36.28
C ILE F 189 8.14 -49.88 -37.12
N THR F 190 8.00 -51.15 -36.77
CA THR F 190 8.71 -52.23 -37.47
C THR F 190 7.97 -52.71 -38.71
N ASN F 191 6.78 -52.18 -38.98
CA ASN F 191 6.00 -52.53 -40.17
C ASN F 191 5.73 -54.04 -40.24
N ARG F 192 5.45 -54.63 -39.09
CA ARG F 192 5.15 -56.05 -38.99
C ARG F 192 3.69 -56.23 -38.58
N LYS F 193 2.95 -57.03 -39.34
CA LYS F 193 1.56 -57.26 -39.05
C LYS F 193 1.41 -58.34 -37.97
N MET F 194 0.19 -58.44 -37.43
CA MET F 194 -0.09 -59.38 -36.36
C MET F 194 -0.32 -60.80 -36.86
N GLU F 195 -0.37 -61.01 -38.17
CA GLU F 195 -0.61 -62.35 -38.70
C GLU F 195 0.51 -63.31 -38.33
N ASP F 196 1.76 -62.86 -38.43
CA ASP F 196 2.94 -63.69 -38.13
C ASP F 196 3.80 -62.93 -37.14
N MET F 197 3.50 -63.09 -35.85
CA MET F 197 4.25 -62.44 -34.79
C MET F 197 4.51 -63.44 -33.67
N ARG F 198 5.67 -63.32 -33.04
CA ARG F 198 6.11 -64.26 -32.00
C ARG F 198 6.25 -63.52 -30.68
N ILE F 199 5.55 -64.02 -29.65
CA ILE F 199 5.60 -63.45 -28.31
C ILE F 199 5.78 -64.58 -27.31
N VAL F 200 6.68 -64.36 -26.36
CA VAL F 200 6.94 -65.32 -25.29
C VAL F 200 6.71 -64.60 -23.96
N VAL F 201 5.49 -64.73 -23.43
CA VAL F 201 5.10 -64.02 -22.21
C VAL F 201 5.66 -64.81 -21.04
N ASN F 202 6.83 -64.41 -20.54
CA ASN F 202 7.42 -65.05 -19.39
C ASN F 202 6.56 -64.82 -18.15
N GLY F 203 6.58 -65.78 -17.24
CA GLY F 203 5.79 -65.71 -16.04
C GLY F 203 4.41 -66.30 -16.22
N ALA F 204 3.80 -66.64 -15.08
CA ALA F 204 2.47 -67.25 -15.07
C ALA F 204 1.53 -66.51 -14.12
N GLY F 205 1.72 -65.21 -13.97
CA GLY F 205 0.87 -64.39 -13.14
C GLY F 205 -0.38 -63.93 -13.88
N ALA F 206 -1.17 -63.10 -13.18
CA ALA F 206 -2.39 -62.59 -13.79
C ALA F 206 -2.09 -61.70 -15.00
N SER F 207 -1.05 -60.88 -14.90
CA SER F 207 -0.71 -59.98 -15.99
C SER F 207 -0.34 -60.74 -17.26
N ALA F 208 0.41 -61.83 -17.11
CA ALA F 208 0.82 -62.61 -18.28
C ALA F 208 -0.39 -63.19 -19.01
N ASN F 209 -1.31 -63.81 -18.27
CA ASN F 209 -2.50 -64.38 -18.90
C ASN F 209 -3.38 -63.30 -19.51
N SER F 210 -3.51 -62.16 -18.82
CA SER F 210 -4.30 -61.06 -19.36
C SER F 210 -3.71 -60.55 -20.67
N CYS F 211 -2.38 -60.38 -20.70
CA CYS F 211 -1.71 -59.92 -21.91
C CYS F 211 -1.88 -60.92 -23.03
N ALA F 212 -1.75 -62.22 -22.74
CA ALA F 212 -1.94 -63.23 -23.76
C ALA F 212 -3.37 -63.21 -24.31
N LYS F 213 -4.36 -63.09 -23.42
CA LYS F 213 -5.74 -63.08 -23.88
C LYS F 213 -6.04 -61.88 -24.76
N ILE F 214 -5.59 -60.68 -24.35
CA ILE F 214 -5.89 -59.50 -25.14
C ILE F 214 -5.10 -59.50 -26.44
N PHE F 215 -3.87 -60.02 -26.44
CA PHE F 215 -3.14 -60.15 -27.70
C PHE F 215 -3.83 -61.12 -28.65
N ILE F 216 -4.38 -62.22 -28.12
CA ILE F 216 -5.10 -63.16 -28.97
C ILE F 216 -6.35 -62.51 -29.54
N ALA F 217 -7.10 -61.80 -28.68
CA ALA F 217 -8.29 -61.09 -29.14
C ALA F 217 -7.97 -59.88 -30.01
N LEU F 218 -6.71 -59.50 -30.10
CA LEU F 218 -6.30 -58.32 -30.85
C LEU F 218 -5.88 -58.63 -32.28
N GLY F 219 -5.47 -59.87 -32.56
CA GLY F 219 -5.06 -60.24 -33.90
C GLY F 219 -3.89 -61.20 -33.95
N ALA F 220 -3.35 -61.56 -32.79
CA ALA F 220 -2.28 -62.55 -32.74
C ALA F 220 -2.86 -63.96 -32.85
N ARG F 221 -2.00 -64.91 -33.16
CA ARG F 221 -2.38 -66.31 -33.31
C ARG F 221 -1.91 -67.10 -32.09
N ARG F 222 -2.84 -67.82 -31.47
CA ARG F 222 -2.54 -68.50 -30.22
C ARG F 222 -1.42 -69.52 -30.39
N GLU F 223 -1.38 -70.21 -31.53
CA GLU F 223 -0.31 -71.16 -31.78
C GLU F 223 1.04 -70.46 -31.84
N ASN F 224 1.09 -69.28 -32.46
CA ASN F 224 2.35 -68.54 -32.55
C ASN F 224 2.85 -68.11 -31.18
N ILE F 225 1.94 -67.65 -30.31
CA ILE F 225 2.36 -67.21 -28.98
C ILE F 225 2.69 -68.42 -28.12
N ILE F 226 3.55 -68.20 -27.12
CA ILE F 226 3.93 -69.23 -26.16
C ILE F 226 3.93 -68.61 -24.77
N MET F 227 3.77 -69.47 -23.77
CA MET F 227 3.74 -69.07 -22.37
C MET F 227 4.90 -69.73 -21.64
N CYS F 228 5.67 -68.93 -20.90
CA CYS F 228 6.83 -69.41 -20.16
C CYS F 228 6.69 -69.00 -18.70
N ASP F 229 7.14 -69.89 -17.81
CA ASP F 229 7.09 -69.61 -16.37
C ASP F 229 8.39 -70.05 -15.69
N SER F 230 8.39 -70.05 -14.36
CA SER F 230 9.60 -70.43 -13.63
C SER F 230 9.98 -71.87 -13.88
N GLN F 231 9.00 -72.78 -13.89
CA GLN F 231 9.31 -74.19 -14.12
C GLN F 231 9.76 -74.42 -15.56
N GLY F 232 9.10 -73.81 -16.51
CA GLY F 232 9.45 -73.97 -17.91
C GLY F 232 8.25 -73.68 -18.79
N VAL F 233 8.51 -73.72 -20.10
CA VAL F 233 7.47 -73.47 -21.08
C VAL F 233 6.45 -74.60 -21.03
N ILE F 234 5.16 -74.24 -20.98
CA ILE F 234 4.09 -75.23 -20.93
C ILE F 234 4.05 -75.96 -22.27
N TYR F 235 4.43 -77.24 -22.26
CA TYR F 235 4.48 -78.05 -23.47
C TYR F 235 3.23 -78.90 -23.58
N LYS F 236 3.13 -79.64 -24.69
CA LYS F 236 1.97 -80.49 -24.92
C LYS F 236 1.96 -81.66 -23.94
N GLY F 237 0.80 -81.91 -23.35
CA GLY F 237 0.68 -82.99 -22.38
C GLY F 237 1.53 -82.80 -21.15
N ARG F 238 1.65 -81.56 -20.68
CA ARG F 238 2.47 -81.28 -19.50
C ARG F 238 1.81 -81.82 -18.24
N THR F 239 2.59 -82.54 -17.43
CA THR F 239 2.10 -83.10 -16.18
C THR F 239 2.40 -82.21 -14.98
N ALA F 240 3.02 -81.05 -15.20
CA ALA F 240 3.31 -80.10 -14.14
C ALA F 240 2.50 -78.83 -14.33
N GLY F 241 1.99 -78.28 -13.24
CA GLY F 241 1.15 -77.09 -13.32
C GLY F 241 -0.26 -77.42 -13.77
N MET F 242 -0.98 -78.18 -12.95
CA MET F 242 -2.33 -78.64 -13.26
C MET F 242 -3.39 -77.54 -13.16
N ASN F 243 -3.01 -76.28 -13.01
CA ASN F 243 -4.00 -75.21 -13.00
C ASN F 243 -4.68 -75.11 -14.37
N LYS F 244 -5.99 -74.87 -14.35
CA LYS F 244 -6.74 -74.76 -15.59
C LYS F 244 -6.25 -73.61 -16.44
N TYR F 245 -5.98 -72.46 -15.84
CA TYR F 245 -5.50 -71.31 -16.58
C TYR F 245 -4.11 -71.57 -17.16
N LYS F 246 -3.23 -72.22 -16.38
CA LYS F 246 -1.89 -72.51 -16.88
C LYS F 246 -1.93 -73.47 -18.06
N GLU F 247 -2.74 -74.53 -17.97
CA GLU F 247 -2.82 -75.50 -19.06
C GLU F 247 -3.63 -74.98 -20.24
N TYR F 248 -4.44 -73.93 -20.03
CA TYR F 248 -5.18 -73.34 -21.15
C TYR F 248 -4.24 -72.73 -22.17
N PHE F 249 -3.22 -72.01 -21.72
CA PHE F 249 -2.23 -71.41 -22.60
C PHE F 249 -1.02 -72.32 -22.75
N ALA F 250 -1.28 -73.54 -23.20
CA ALA F 250 -0.23 -74.54 -23.41
C ALA F 250 0.06 -74.65 -24.91
N SER F 251 1.33 -74.49 -25.26
CA SER F 251 1.77 -74.55 -26.65
C SER F 251 2.50 -75.86 -26.89
N GLU F 252 2.11 -76.59 -27.93
CA GLU F 252 2.73 -77.86 -28.25
C GLU F 252 4.10 -77.64 -28.87
N THR F 253 5.14 -77.68 -28.04
CA THR F 253 6.51 -77.45 -28.51
C THR F 253 7.47 -78.18 -27.56
N GLU F 254 8.76 -77.93 -27.74
CA GLU F 254 9.81 -78.56 -26.94
C GLU F 254 10.74 -77.51 -26.34
N ALA F 255 10.22 -76.32 -26.07
CA ALA F 255 11.02 -75.19 -25.61
C ALA F 255 11.00 -75.04 -24.09
N ARG F 256 10.92 -76.16 -23.36
CA ARG F 256 10.92 -76.09 -21.90
C ARG F 256 12.19 -75.44 -21.36
N THR F 257 13.30 -75.58 -22.07
CA THR F 257 14.51 -74.88 -21.69
C THR F 257 14.35 -73.38 -21.91
N LEU F 258 14.69 -72.58 -20.90
CA LEU F 258 14.51 -71.14 -21.01
C LEU F 258 15.37 -70.54 -22.11
N THR F 259 16.64 -70.96 -22.19
CA THR F 259 17.57 -70.36 -23.14
C THR F 259 17.12 -70.57 -24.58
N GLU F 260 16.65 -71.77 -24.91
CA GLU F 260 16.23 -72.09 -26.27
C GLU F 260 14.77 -71.77 -26.53
N ALA F 261 14.04 -71.27 -25.53
CA ALA F 261 12.63 -70.93 -25.71
C ALA F 261 12.42 -69.63 -26.46
N LEU F 262 13.48 -68.85 -26.68
CA LEU F 262 13.35 -67.52 -27.27
C LEU F 262 13.98 -67.43 -28.65
N ARG F 263 14.17 -68.56 -29.33
CA ARG F 263 14.74 -68.55 -30.66
C ARG F 263 13.77 -67.91 -31.65
N GLY F 264 14.25 -66.94 -32.40
CA GLY F 264 13.40 -66.22 -33.35
C GLY F 264 12.21 -65.54 -32.71
N ALA F 265 12.41 -64.92 -31.55
CA ALA F 265 11.34 -64.26 -30.81
C ALA F 265 11.16 -62.84 -31.34
N ASP F 266 9.99 -62.58 -31.92
CA ASP F 266 9.72 -61.24 -32.46
C ASP F 266 9.63 -60.22 -31.34
N VAL F 267 8.83 -60.49 -30.31
CA VAL F 267 8.64 -59.59 -29.18
C VAL F 267 8.91 -60.37 -27.90
N PHE F 268 9.76 -59.82 -27.03
CA PHE F 268 10.06 -60.50 -25.77
C PHE F 268 8.84 -60.48 -24.85
N VAL F 269 8.20 -59.32 -24.70
CA VAL F 269 7.05 -59.07 -23.80
C VAL F 269 7.25 -59.79 -22.47
N GLY F 270 8.50 -59.88 -22.02
CA GLY F 270 8.84 -60.60 -20.81
C GLY F 270 8.16 -60.07 -19.56
N LEU F 271 7.52 -60.96 -18.82
CA LEU F 271 6.79 -60.62 -17.60
C LEU F 271 7.23 -61.53 -16.46
N SER F 272 8.54 -61.67 -16.30
CA SER F 272 9.13 -62.46 -15.22
C SER F 272 10.06 -61.59 -14.39
N VAL F 273 10.54 -62.17 -13.28
CA VAL F 273 11.38 -61.41 -12.36
C VAL F 273 12.68 -61.01 -13.04
N ALA F 274 13.37 -60.03 -12.43
CA ALA F 274 14.59 -59.49 -13.01
C ALA F 274 15.68 -60.54 -13.07
N GLY F 275 16.58 -60.38 -14.03
CA GLY F 275 17.66 -61.31 -14.25
C GLY F 275 17.37 -62.41 -15.26
N ALA F 276 16.13 -62.52 -15.73
CA ALA F 276 15.78 -63.53 -16.72
C ALA F 276 16.32 -63.21 -18.10
N LEU F 277 16.85 -62.00 -18.32
CA LEU F 277 17.43 -61.61 -19.59
C LEU F 277 18.91 -61.32 -19.41
N THR F 278 19.72 -61.88 -20.29
CA THR F 278 21.17 -61.68 -20.32
C THR F 278 21.57 -61.25 -21.72
N PRO F 279 22.73 -60.60 -21.87
CA PRO F 279 23.20 -60.28 -23.22
C PRO F 279 23.33 -61.50 -24.11
N GLU F 280 23.79 -62.63 -23.56
CA GLU F 280 23.77 -63.88 -24.32
C GLU F 280 22.35 -64.28 -24.66
N MET F 281 21.43 -64.12 -23.71
CA MET F 281 20.01 -64.32 -24.00
C MET F 281 19.52 -63.30 -25.03
N LEU F 282 19.96 -62.05 -24.90
CA LEU F 282 19.56 -61.01 -25.84
C LEU F 282 20.04 -61.30 -27.25
N LYS F 283 21.10 -62.11 -27.41
CA LYS F 283 21.53 -62.51 -28.74
C LYS F 283 20.53 -63.44 -29.42
N ASP F 284 19.61 -64.04 -28.66
CA ASP F 284 18.67 -65.01 -29.20
C ASP F 284 17.42 -64.38 -29.79
N MET F 285 17.23 -63.07 -29.64
CA MET F 285 16.05 -62.42 -30.18
C MET F 285 16.10 -62.38 -31.71
N ALA F 286 14.93 -62.16 -32.30
CA ALA F 286 14.80 -62.05 -33.75
C ALA F 286 15.11 -60.63 -34.20
N LYS F 287 14.80 -60.32 -35.46
CA LYS F 287 15.08 -58.98 -35.99
C LYS F 287 14.18 -57.95 -35.34
N ASP F 288 14.77 -56.83 -34.92
CA ASP F 288 14.07 -55.72 -34.30
C ASP F 288 13.14 -56.18 -33.16
N PRO F 289 13.69 -56.75 -32.10
CA PRO F 289 12.84 -57.20 -30.99
C PRO F 289 12.41 -56.06 -30.10
N ILE F 290 11.38 -56.33 -29.30
CA ILE F 290 10.86 -55.38 -28.33
C ILE F 290 10.93 -56.03 -26.95
N ILE F 291 11.52 -55.31 -25.99
CA ILE F 291 11.77 -55.82 -24.65
C ILE F 291 10.90 -55.07 -23.66
N PHE F 292 10.22 -55.81 -22.79
CA PHE F 292 9.36 -55.24 -21.75
C PHE F 292 9.94 -55.55 -20.37
N ALA F 293 9.97 -54.54 -19.51
CA ALA F 293 10.44 -54.72 -18.15
C ALA F 293 9.32 -55.28 -17.27
N MET F 294 9.68 -55.62 -16.03
CA MET F 294 8.77 -56.36 -15.17
C MET F 294 9.34 -56.35 -13.75
N ALA F 295 8.47 -56.52 -12.77
CA ALA F 295 8.84 -56.70 -11.36
C ALA F 295 9.60 -55.49 -10.82
N ASN F 296 8.88 -54.38 -10.76
CA ASN F 296 9.43 -53.16 -10.20
C ASN F 296 9.82 -53.40 -8.75
N PRO F 297 10.86 -52.70 -8.26
CA PRO F 297 11.63 -51.64 -8.90
C PRO F 297 12.83 -52.15 -9.70
N GLU F 298 12.96 -53.46 -9.91
CA GLU F 298 14.09 -53.99 -10.66
C GLU F 298 13.61 -54.42 -12.04
N PRO F 299 13.95 -53.68 -13.10
CA PRO F 299 13.49 -54.06 -14.43
C PRO F 299 14.13 -55.36 -14.89
N GLU F 300 13.49 -55.98 -15.90
CA GLU F 300 13.99 -57.24 -16.42
C GLU F 300 15.40 -57.09 -16.97
N ILE F 301 15.66 -56.01 -17.71
CA ILE F 301 17.00 -55.70 -18.18
C ILE F 301 17.11 -54.19 -18.32
N THR F 302 18.31 -53.67 -18.07
CA THR F 302 18.53 -52.24 -18.19
C THR F 302 18.51 -51.83 -19.65
N PRO F 303 17.84 -50.71 -19.98
CA PRO F 303 17.79 -50.29 -21.39
C PRO F 303 19.15 -50.01 -22.00
N ASP F 304 20.11 -49.51 -21.21
CA ASP F 304 21.42 -49.15 -21.76
C ASP F 304 22.14 -50.36 -22.30
N LYS F 305 22.18 -51.45 -21.53
CA LYS F 305 22.83 -52.66 -22.01
C LYS F 305 22.07 -53.30 -23.17
N ALA F 306 20.75 -53.16 -23.19
CA ALA F 306 19.98 -53.65 -24.32
C ALA F 306 20.32 -52.90 -25.60
N ARG F 307 20.47 -51.58 -25.52
CA ARG F 307 20.87 -50.81 -26.69
C ARG F 307 22.31 -51.12 -27.10
N ALA F 308 23.20 -51.30 -26.12
CA ALA F 308 24.59 -51.60 -26.44
C ALA F 308 24.73 -52.95 -27.12
N ALA F 309 24.06 -53.98 -26.58
CA ALA F 309 24.18 -55.32 -27.15
C ALA F 309 23.43 -55.42 -28.47
N ARG F 310 22.20 -54.90 -28.52
CA ARG F 310 21.34 -55.01 -29.70
C ARG F 310 20.79 -53.64 -30.03
N PRO F 311 21.52 -52.83 -30.80
CA PRO F 311 21.04 -51.48 -31.14
C PRO F 311 19.76 -51.47 -31.95
N ASP F 312 19.44 -52.57 -32.65
CA ASP F 312 18.24 -52.61 -33.48
C ASP F 312 16.98 -52.91 -32.70
N ALA F 313 17.09 -53.22 -31.41
CA ALA F 313 15.94 -53.60 -30.60
C ALA F 313 15.16 -52.36 -30.16
N ILE F 314 14.00 -52.61 -29.58
CA ILE F 314 13.16 -51.58 -28.97
C ILE F 314 12.99 -51.92 -27.50
N ILE F 315 13.21 -50.95 -26.63
CA ILE F 315 13.19 -51.16 -25.18
C ILE F 315 11.99 -50.43 -24.60
N ALA F 316 11.21 -51.14 -23.79
CA ALA F 316 10.13 -50.56 -23.01
C ALA F 316 10.28 -51.01 -21.57
N THR F 317 10.06 -50.09 -20.64
CA THR F 317 10.33 -50.35 -19.23
C THR F 317 9.09 -50.05 -18.39
N GLY F 318 9.11 -50.58 -17.17
CA GLY F 318 8.11 -50.28 -16.17
C GLY F 318 8.56 -49.31 -15.10
N ARG F 319 9.67 -48.60 -15.31
CA ARG F 319 10.21 -47.67 -14.33
C ARG F 319 10.15 -46.24 -14.88
N SER F 320 10.12 -45.28 -13.96
CA SER F 320 10.01 -43.88 -14.36
C SER F 320 11.32 -43.35 -14.93
N ASP F 321 12.46 -43.92 -14.53
CA ASP F 321 13.75 -43.41 -14.98
C ASP F 321 13.92 -43.56 -16.48
N TYR F 322 13.54 -44.70 -17.03
CA TYR F 322 13.78 -44.93 -18.44
C TYR F 322 12.53 -44.62 -19.26
N PRO F 323 12.70 -44.22 -20.52
CA PRO F 323 11.54 -43.89 -21.36
C PRO F 323 10.71 -45.12 -21.67
N ASN F 324 9.57 -44.88 -22.33
CA ASN F 324 8.60 -45.92 -22.67
C ASN F 324 8.13 -46.64 -21.41
N GLN F 325 7.52 -45.88 -20.50
CA GLN F 325 7.07 -46.40 -19.22
C GLN F 325 5.69 -47.02 -19.36
N VAL F 326 5.58 -48.31 -19.05
CA VAL F 326 4.30 -49.01 -19.03
C VAL F 326 3.70 -48.83 -17.65
N ASN F 327 2.74 -47.91 -17.53
CA ASN F 327 2.07 -47.61 -16.27
C ASN F 327 0.62 -48.08 -16.31
N ASN F 328 0.17 -48.66 -15.21
CA ASN F 328 -1.20 -49.12 -15.07
C ASN F 328 -2.21 -47.99 -14.93
N VAL F 329 -1.74 -46.76 -14.70
CA VAL F 329 -2.64 -45.62 -14.54
C VAL F 329 -3.15 -45.07 -15.86
N LEU F 330 -2.61 -45.54 -16.99
CA LEU F 330 -3.12 -45.09 -18.27
C LEU F 330 -4.43 -45.76 -18.64
N GLY F 331 -4.69 -46.97 -18.13
CA GLY F 331 -5.84 -47.72 -18.57
C GLY F 331 -7.11 -47.57 -17.76
N PHE F 332 -7.06 -47.84 -16.45
CA PHE F 332 -8.30 -47.92 -15.67
C PHE F 332 -9.09 -46.61 -15.51
N PRO F 333 -8.46 -45.43 -15.29
CA PRO F 333 -9.31 -44.27 -14.96
C PRO F 333 -10.18 -43.85 -16.14
N SER F 334 -9.62 -43.86 -17.34
CA SER F 334 -10.38 -43.49 -18.54
C SER F 334 -11.44 -44.52 -18.86
N ILE F 335 -11.13 -45.81 -18.72
CA ILE F 335 -12.14 -46.85 -18.92
C ILE F 335 -13.33 -46.59 -18.01
N PHE F 336 -13.07 -46.35 -16.72
CA PHE F 336 -14.19 -46.19 -15.80
C PHE F 336 -14.92 -44.88 -16.03
N ARG F 337 -14.20 -43.81 -16.35
CA ARG F 337 -14.86 -42.54 -16.63
C ARG F 337 -15.78 -42.65 -17.84
N GLY F 338 -15.29 -43.27 -18.91
CA GLY F 338 -16.13 -43.46 -20.08
C GLY F 338 -17.32 -44.36 -19.80
N ALA F 339 -17.11 -45.44 -19.05
CA ALA F 339 -18.21 -46.35 -18.75
C ALA F 339 -19.28 -45.68 -17.91
N LEU F 340 -18.87 -44.90 -16.89
CA LEU F 340 -19.86 -44.29 -16.01
C LEU F 340 -20.56 -43.12 -16.67
N ASP F 341 -19.83 -42.26 -17.40
CA ASP F 341 -20.48 -41.11 -18.01
C ASP F 341 -21.41 -41.53 -19.14
N THR F 342 -21.08 -42.60 -19.85
CA THR F 342 -22.00 -43.20 -20.80
C THR F 342 -23.01 -44.11 -20.13
N ARG F 343 -22.87 -44.34 -18.82
CA ARG F 343 -23.79 -45.18 -18.05
C ARG F 343 -23.84 -46.61 -18.60
N SER F 344 -22.67 -47.14 -18.96
CA SER F 344 -22.58 -48.51 -19.45
C SER F 344 -22.92 -49.50 -18.34
N THR F 345 -23.55 -50.60 -18.73
CA THR F 345 -23.95 -51.65 -17.80
C THR F 345 -22.95 -52.78 -17.69
N GLN F 346 -21.85 -52.73 -18.44
CA GLN F 346 -20.85 -53.78 -18.40
C GLN F 346 -19.59 -53.28 -19.09
N ILE F 347 -18.46 -53.90 -18.75
CA ILE F 347 -17.18 -53.65 -19.40
C ILE F 347 -16.81 -54.89 -20.19
N ASN F 348 -16.74 -54.74 -21.51
CA ASN F 348 -16.41 -55.84 -22.42
C ASN F 348 -15.09 -55.55 -23.10
N GLU F 349 -14.62 -56.56 -23.86
CA GLU F 349 -13.34 -56.43 -24.55
C GLU F 349 -13.35 -55.36 -25.61
N GLU F 350 -14.53 -54.98 -26.13
CA GLU F 350 -14.60 -53.93 -27.13
C GLU F 350 -14.13 -52.60 -26.57
N MET F 351 -14.52 -52.28 -25.33
CA MET F 351 -14.07 -51.04 -24.71
C MET F 351 -12.56 -51.02 -24.54
N LYS F 352 -11.98 -52.15 -24.10
CA LYS F 352 -10.54 -52.21 -23.90
C LYS F 352 -9.79 -52.12 -25.22
N LEU F 353 -10.31 -52.75 -26.27
CA LEU F 353 -9.70 -52.63 -27.60
C LEU F 353 -9.75 -51.19 -28.09
N ALA F 354 -10.88 -50.52 -27.88
CA ALA F 354 -11.00 -49.12 -28.26
C ALA F 354 -10.00 -48.26 -27.49
N ALA F 355 -9.82 -48.55 -26.20
CA ALA F 355 -8.84 -47.81 -25.41
C ALA F 355 -7.42 -48.04 -25.92
N VAL F 356 -7.10 -49.29 -26.27
CA VAL F 356 -5.77 -49.59 -26.81
C VAL F 356 -5.55 -48.82 -28.11
N HIS F 357 -6.54 -48.81 -28.99
CA HIS F 357 -6.42 -48.07 -30.24
C HIS F 357 -6.26 -46.58 -29.99
N ALA F 358 -7.01 -46.04 -29.03
CA ALA F 358 -6.91 -44.61 -28.72
C ALA F 358 -5.54 -44.27 -28.17
N LEU F 359 -5.00 -45.11 -27.28
CA LEU F 359 -3.67 -44.87 -26.74
C LEU F 359 -2.61 -44.92 -27.84
N ALA F 360 -2.71 -45.91 -28.73
CA ALA F 360 -1.75 -46.00 -29.83
C ALA F 360 -1.85 -44.80 -30.75
N LYS F 361 -3.08 -44.35 -31.05
CA LYS F 361 -3.25 -43.17 -31.90
C LYS F 361 -2.66 -41.93 -31.25
N LEU F 362 -2.90 -41.75 -29.94
CA LEU F 362 -2.37 -40.59 -29.25
C LEU F 362 -0.85 -40.60 -29.22
N ALA F 363 -0.25 -41.77 -28.97
CA ALA F 363 1.20 -41.86 -28.96
C ALA F 363 1.78 -41.62 -30.36
N ARG F 364 1.10 -42.11 -31.39
CA ARG F 364 1.56 -41.90 -32.76
C ARG F 364 1.57 -40.42 -33.13
N MET F 365 0.51 -39.69 -32.76
CA MET F 365 0.40 -38.28 -33.10
C MET F 365 0.68 -37.40 -31.89
N GLY F 376 1.25 -26.67 -20.44
CA GLY F 376 1.11 -27.45 -21.66
C GLY F 376 1.17 -26.60 -22.91
N GLY F 377 0.97 -27.22 -24.06
CA GLY F 377 1.00 -26.51 -25.32
C GLY F 377 1.88 -27.17 -26.37
N LYS F 378 2.28 -28.40 -26.12
CA LYS F 378 3.13 -29.15 -27.04
C LYS F 378 2.99 -30.64 -26.75
N SER F 379 3.71 -31.45 -27.51
CA SER F 379 3.68 -32.90 -27.33
C SER F 379 5.02 -33.48 -27.71
N PHE F 380 5.16 -34.79 -27.54
CA PHE F 380 6.39 -35.49 -27.87
C PHE F 380 6.54 -35.66 -29.38
N LYS F 381 7.58 -36.38 -29.78
CA LYS F 381 7.81 -36.75 -31.17
C LYS F 381 7.79 -38.26 -31.27
N PHE F 382 7.02 -38.77 -32.24
CA PHE F 382 6.90 -40.22 -32.40
C PHE F 382 8.23 -40.84 -32.79
N GLY F 383 8.55 -41.97 -32.17
CA GLY F 383 9.80 -42.63 -32.44
C GLY F 383 9.93 -43.90 -31.62
N ARG F 384 11.15 -44.44 -31.61
CA ARG F 384 11.42 -45.68 -30.89
C ARG F 384 11.33 -45.49 -29.37
N ASP F 385 11.52 -44.27 -28.87
CA ASP F 385 11.48 -44.01 -27.45
C ASP F 385 10.10 -43.55 -26.96
N TYR F 386 9.13 -43.43 -27.86
CA TYR F 386 7.78 -42.98 -27.52
C TYR F 386 6.77 -43.90 -28.21
N LEU F 387 6.41 -45.00 -27.54
CA LEU F 387 5.40 -45.91 -28.05
C LEU F 387 4.05 -45.75 -27.35
N ILE F 388 4.03 -45.24 -26.13
CA ILE F 388 2.80 -45.02 -25.39
C ILE F 388 2.85 -43.64 -24.75
N PRO F 389 1.72 -42.97 -24.55
CA PRO F 389 1.76 -41.65 -23.91
C PRO F 389 2.21 -41.74 -22.46
N LYS F 390 2.90 -40.70 -22.02
CA LYS F 390 3.37 -40.64 -20.65
C LYS F 390 2.18 -40.52 -19.69
N PRO F 391 2.30 -41.07 -18.48
CA PRO F 391 1.17 -41.00 -17.53
C PRO F 391 0.80 -39.58 -17.12
N PHE F 392 1.72 -38.62 -17.25
CA PHE F 392 1.43 -37.25 -16.89
C PHE F 392 0.72 -36.48 -17.99
N ASP F 393 0.47 -37.10 -19.14
CA ASP F 393 -0.21 -36.44 -20.24
C ASP F 393 -1.70 -36.37 -19.93
N THR F 394 -2.20 -35.16 -19.68
CA THR F 394 -3.62 -35.00 -19.38
C THR F 394 -4.49 -35.35 -20.58
N ARG F 395 -4.08 -34.93 -21.78
CA ARG F 395 -4.87 -35.17 -22.99
C ARG F 395 -5.22 -36.63 -23.16
N VAL F 396 -4.48 -37.53 -22.52
CA VAL F 396 -4.77 -38.96 -22.54
C VAL F 396 -6.26 -39.16 -22.31
N LEU F 397 -6.76 -38.62 -21.20
CA LEU F 397 -8.19 -38.78 -20.91
C LEU F 397 -9.04 -38.24 -22.06
N LEU F 398 -8.78 -37.00 -22.47
CA LEU F 398 -9.55 -36.37 -23.53
C LEU F 398 -9.49 -37.16 -24.83
N TRP F 399 -8.46 -38.00 -25.00
CA TRP F 399 -8.30 -38.75 -26.23
C TRP F 399 -8.71 -40.21 -26.10
N VAL F 400 -9.03 -40.69 -24.90
CA VAL F 400 -9.45 -42.08 -24.77
C VAL F 400 -10.76 -42.25 -24.00
N ALA F 401 -11.15 -41.31 -23.14
CA ALA F 401 -12.47 -41.42 -22.50
C ALA F 401 -13.60 -41.33 -23.51
N PRO F 402 -13.62 -40.37 -24.45
CA PRO F 402 -14.69 -40.41 -25.47
C PRO F 402 -14.66 -41.66 -26.33
N GLU F 403 -13.48 -42.17 -26.66
CA GLU F 403 -13.40 -43.34 -27.53
C GLU F 403 -14.09 -44.55 -26.90
N VAL F 404 -13.89 -44.77 -25.61
CA VAL F 404 -14.64 -45.80 -24.91
C VAL F 404 -16.14 -45.52 -25.03
N ALA F 405 -16.53 -44.27 -24.79
CA ALA F 405 -17.91 -43.87 -25.02
C ALA F 405 -18.32 -44.15 -26.46
N LYS F 406 -17.41 -43.92 -27.40
CA LYS F 406 -17.70 -44.27 -28.80
C LYS F 406 -18.02 -45.75 -28.93
N ALA F 407 -17.25 -46.60 -28.25
CA ALA F 407 -17.56 -48.02 -28.26
C ALA F 407 -18.91 -48.30 -27.63
N ALA F 408 -19.29 -47.52 -26.60
CA ALA F 408 -20.61 -47.64 -26.02
C ALA F 408 -21.70 -47.27 -27.00
N MET F 409 -21.37 -46.49 -28.04
CA MET F 409 -22.34 -46.20 -29.09
C MET F 409 -22.48 -47.34 -30.09
N LYS F 410 -21.55 -48.29 -30.09
CA LYS F 410 -21.56 -49.39 -31.06
C LYS F 410 -21.67 -50.76 -30.39
N SER F 411 -20.86 -51.03 -29.37
CA SER F 411 -20.88 -52.34 -28.74
C SER F 411 -22.21 -52.60 -28.05
N GLY F 412 -22.74 -51.61 -27.34
CA GLY F 412 -24.02 -51.77 -26.67
C GLY F 412 -23.91 -51.70 -25.17
N VAL F 413 -24.78 -52.44 -24.47
CA VAL F 413 -24.90 -52.52 -23.01
C VAL F 413 -24.62 -51.17 -22.35
N ALA F 414 -25.09 -50.08 -22.97
CA ALA F 414 -24.91 -48.75 -22.42
C ALA F 414 -26.20 -47.96 -22.55
N THR F 415 -26.61 -47.33 -21.46
CA THR F 415 -27.79 -46.48 -21.45
C THR F 415 -27.38 -45.05 -21.78
N ARG F 416 -28.29 -44.10 -21.56
CA ARG F 416 -28.03 -42.67 -21.76
C ARG F 416 -27.73 -42.37 -23.23
N ALA F 417 -26.57 -42.82 -23.72
CA ALA F 417 -26.17 -42.65 -25.11
C ALA F 417 -26.12 -41.16 -25.50
N ILE F 418 -25.17 -40.46 -24.86
CA ILE F 418 -25.00 -39.04 -25.11
C ILE F 418 -24.72 -38.81 -26.58
N GLU F 419 -25.45 -37.86 -27.17
CA GLU F 419 -25.35 -37.58 -28.60
C GLU F 419 -24.30 -36.52 -28.94
N ASP F 420 -23.71 -35.88 -27.94
CA ASP F 420 -22.75 -34.82 -28.16
C ASP F 420 -21.34 -35.29 -27.82
N TRP F 421 -20.36 -34.55 -28.33
CA TRP F 421 -18.96 -34.83 -28.03
C TRP F 421 -18.24 -33.60 -27.48
N ASP F 422 -18.56 -32.40 -27.97
CA ASP F 422 -17.95 -31.19 -27.42
C ASP F 422 -18.41 -30.95 -25.99
N GLN F 423 -19.69 -31.20 -25.70
CA GLN F 423 -20.16 -31.10 -24.33
C GLN F 423 -19.45 -32.12 -23.44
N TYR F 424 -19.29 -33.34 -23.93
CA TYR F 424 -18.51 -34.34 -23.20
C TYR F 424 -17.07 -33.88 -23.02
N ARG F 425 -16.50 -33.25 -24.06
CA ARG F 425 -15.13 -32.79 -23.97
C ARG F 425 -14.95 -31.73 -22.88
N GLU F 426 -15.86 -30.75 -22.83
CA GLU F 426 -15.74 -29.73 -21.81
C GLU F 426 -16.06 -30.27 -20.42
N SER F 427 -16.98 -31.24 -20.33
CA SER F 427 -17.23 -31.89 -19.04
C SER F 427 -15.98 -32.61 -18.55
N LEU F 428 -15.27 -33.29 -19.44
CA LEU F 428 -14.01 -33.94 -19.06
C LEU F 428 -12.96 -32.92 -18.66
N GLU F 429 -12.88 -31.81 -19.40
CA GLU F 429 -11.91 -30.77 -19.06
C GLU F 429 -12.21 -30.15 -17.71
N ALA F 430 -13.48 -30.11 -17.32
CA ALA F 430 -13.84 -29.56 -16.02
C ALA F 430 -13.27 -30.37 -14.86
N GLN F 431 -12.99 -31.66 -15.08
CA GLN F 431 -12.48 -32.54 -14.04
C GLN F 431 -10.96 -32.64 -14.03
N GLN F 432 -10.28 -31.83 -14.85
CA GLN F 432 -8.83 -31.82 -14.94
C GLN F 432 -8.30 -30.40 -14.88
N GLY F 433 -8.78 -29.63 -13.90
CA GLY F 433 -8.40 -28.24 -13.77
C GLY F 433 -6.95 -28.07 -13.38
N PRO F 434 -6.49 -26.82 -13.34
CA PRO F 434 -5.07 -26.57 -13.04
C PRO F 434 -4.63 -27.08 -11.68
N SER F 435 -5.51 -27.06 -10.67
CA SER F 435 -5.12 -27.50 -9.34
C SER F 435 -4.69 -28.96 -9.32
N LYS F 436 -5.10 -29.75 -10.30
CA LYS F 436 -4.73 -31.15 -10.38
C LYS F 436 -3.58 -31.43 -11.33
N VAL F 437 -3.47 -30.67 -12.43
CA VAL F 437 -2.61 -31.05 -13.55
C VAL F 437 -1.56 -30.01 -13.89
N PHE F 438 -1.55 -28.85 -13.22
CA PHE F 438 -0.65 -27.78 -13.65
C PHE F 438 0.81 -28.14 -13.41
N ILE F 439 1.14 -28.59 -12.20
CA ILE F 439 2.52 -28.96 -11.90
C ILE F 439 2.93 -30.20 -12.68
N ARG F 440 2.00 -31.15 -12.86
CA ARG F 440 2.29 -32.33 -13.66
C ARG F 440 2.62 -31.95 -15.09
N SER F 441 1.85 -31.03 -15.67
CA SER F 441 2.13 -30.58 -17.02
C SER F 441 3.45 -29.81 -17.11
N ALA F 442 3.77 -29.03 -16.08
CA ALA F 442 5.04 -28.32 -16.07
C ALA F 442 6.21 -29.29 -16.05
N ILE F 443 6.12 -30.33 -15.22
CA ILE F 443 7.21 -31.31 -15.15
C ILE F 443 7.29 -32.11 -16.45
N ASN F 444 6.14 -32.46 -17.04
CA ASN F 444 6.13 -33.15 -18.31
C ASN F 444 6.76 -32.29 -19.40
N ARG F 445 6.48 -30.99 -19.40
CA ARG F 445 7.09 -30.09 -20.37
C ARG F 445 8.58 -29.97 -20.15
N VAL F 446 9.02 -29.97 -18.89
CA VAL F 446 10.46 -29.96 -18.61
C VAL F 446 11.12 -31.21 -19.18
N HIS F 447 10.48 -32.37 -18.98
CA HIS F 447 11.03 -33.61 -19.53
C HIS F 447 11.05 -33.59 -21.05
N GLN F 448 9.99 -33.07 -21.67
CA GLN F 448 9.96 -32.98 -23.13
C GLN F 448 11.06 -32.08 -23.66
N ASN F 449 11.27 -30.92 -23.01
CA ASN F 449 12.31 -30.01 -23.45
C ASN F 449 13.69 -30.63 -23.28
N SER F 450 13.91 -31.35 -22.17
CA SER F 450 15.21 -31.97 -21.95
C SER F 450 15.47 -33.10 -22.95
N GLU F 451 14.45 -33.92 -23.22
CA GLU F 451 14.65 -35.05 -24.12
C GLU F 451 14.80 -34.59 -25.56
N ALA F 452 14.02 -33.59 -25.98
CA ALA F 452 14.15 -33.07 -27.34
C ALA F 452 15.48 -32.37 -27.56
N ASN F 453 16.18 -31.99 -26.48
CA ASN F 453 17.47 -31.32 -26.58
C ASN F 453 18.64 -32.29 -26.54
N GLY F 454 18.38 -33.58 -26.41
CA GLY F 454 19.43 -34.58 -26.32
C GLY F 454 19.52 -35.29 -24.98
N GLY F 455 18.82 -34.82 -23.97
CA GLY F 455 18.76 -35.49 -22.69
C GLY F 455 19.64 -34.92 -21.60
N GLU F 456 19.89 -33.62 -21.58
CA GLU F 456 20.67 -32.98 -20.54
C GLU F 456 19.78 -32.02 -19.76
N LEU F 457 19.79 -32.16 -18.44
CA LEU F 457 19.01 -31.27 -17.60
C LEU F 457 19.68 -29.90 -17.51
N PRO F 458 18.89 -28.83 -17.37
CA PRO F 458 19.49 -27.50 -17.23
C PRO F 458 20.28 -27.38 -15.95
N ARG F 459 21.37 -26.63 -16.01
CA ARG F 459 22.24 -26.42 -14.85
C ARG F 459 21.66 -25.30 -13.99
N ILE F 460 21.32 -25.63 -12.75
CA ILE F 460 20.76 -24.66 -11.81
C ILE F 460 21.73 -24.53 -10.64
N VAL F 461 22.15 -23.30 -10.35
CA VAL F 461 23.12 -23.03 -9.30
C VAL F 461 22.38 -22.64 -8.04
N PHE F 462 22.69 -23.31 -6.93
CA PHE F 462 22.08 -23.02 -5.64
C PHE F 462 23.11 -22.37 -4.74
N PRO F 463 23.04 -21.06 -4.50
CA PRO F 463 24.02 -20.42 -3.61
C PRO F 463 24.01 -20.96 -2.20
N GLU F 464 22.87 -21.44 -1.70
CA GLU F 464 22.78 -21.97 -0.34
C GLU F 464 23.01 -23.48 -0.38
N GLY F 465 24.28 -23.86 -0.42
CA GLY F 465 24.62 -25.27 -0.38
C GLY F 465 24.45 -25.90 0.99
N THR F 466 24.44 -25.09 2.04
CA THR F 466 24.31 -25.58 3.41
C THR F 466 22.93 -25.28 3.98
N SER F 467 21.90 -25.39 3.14
CA SER F 467 20.52 -25.16 3.54
C SER F 467 19.78 -26.49 3.58
N THR F 468 19.11 -26.76 4.70
CA THR F 468 18.44 -28.05 4.87
C THR F 468 17.26 -28.19 3.90
N LYS F 469 16.45 -27.14 3.77
CA LYS F 469 15.31 -27.20 2.87
C LYS F 469 15.77 -27.36 1.42
N VAL F 470 16.82 -26.64 1.03
CA VAL F 470 17.32 -26.71 -0.34
C VAL F 470 17.80 -28.12 -0.66
N LEU F 471 18.54 -28.74 0.25
CA LEU F 471 19.03 -30.10 0.00
C LEU F 471 17.90 -31.12 0.00
N LYS F 472 16.94 -30.97 0.92
CA LYS F 472 15.83 -31.91 0.96
C LYS F 472 14.96 -31.79 -0.29
N ALA F 473 14.85 -30.60 -0.87
CA ALA F 473 14.17 -30.45 -2.15
C ALA F 473 15.02 -30.95 -3.31
N LEU F 474 16.33 -30.78 -3.22
CA LEU F 474 17.23 -31.25 -4.26
C LEU F 474 17.21 -32.75 -4.40
N ALA F 475 17.02 -33.46 -3.29
CA ALA F 475 16.86 -34.91 -3.38
C ALA F 475 15.72 -35.29 -4.32
N THR F 476 14.55 -34.68 -4.10
CA THR F 476 13.39 -34.96 -4.97
C THR F 476 13.64 -34.49 -6.40
N LEU F 477 14.23 -33.31 -6.56
CA LEU F 477 14.45 -32.77 -7.91
C LEU F 477 15.41 -33.64 -8.71
N VAL F 478 16.48 -34.13 -8.07
CA VAL F 478 17.41 -35.01 -8.75
C VAL F 478 16.77 -36.36 -9.04
N GLU F 479 15.97 -36.88 -8.10
CA GLU F 479 15.28 -38.14 -8.34
C GLU F 479 14.31 -38.01 -9.51
N GLU F 480 13.60 -36.89 -9.60
CA GLU F 480 12.64 -36.68 -10.68
C GLU F 480 13.28 -36.23 -11.98
N ARG F 481 14.60 -36.00 -11.99
CA ARG F 481 15.33 -35.55 -13.18
C ARG F 481 14.74 -34.25 -13.72
N ILE F 482 14.79 -33.22 -12.89
CA ILE F 482 14.30 -31.90 -13.25
C ILE F 482 15.45 -30.96 -13.61
N CYS F 483 16.50 -30.95 -12.79
CA CYS F 483 17.61 -30.02 -13.00
C CYS F 483 18.91 -30.68 -12.54
N GLN F 484 20.01 -30.16 -13.06
CA GLN F 484 21.34 -30.55 -12.59
C GLN F 484 21.82 -29.49 -11.61
N PRO F 485 21.93 -29.80 -10.32
CA PRO F 485 22.26 -28.76 -9.34
C PRO F 485 23.75 -28.54 -9.16
N ILE F 486 24.11 -27.29 -8.93
CA ILE F 486 25.48 -26.87 -8.65
C ILE F 486 25.42 -26.11 -7.34
N LEU F 487 25.75 -26.77 -6.23
CA LEU F 487 25.69 -26.14 -4.93
C LEU F 487 26.94 -25.30 -4.68
N LEU F 488 26.75 -24.12 -4.10
CA LEU F 488 27.85 -23.21 -3.81
C LEU F 488 28.21 -23.27 -2.33
N GLY F 489 29.50 -23.21 -2.04
CA GLY F 489 29.97 -23.24 -0.67
C GLY F 489 31.23 -24.07 -0.50
N TYR F 490 31.71 -24.17 0.73
CA TYR F 490 32.88 -25.00 1.01
C TYR F 490 32.52 -26.45 0.76
N PRO F 491 33.25 -27.18 -0.09
CA PRO F 491 32.88 -28.57 -0.39
C PRO F 491 32.83 -29.45 0.85
N GLU F 492 33.76 -29.27 1.78
CA GLU F 492 33.76 -30.09 2.99
C GLU F 492 32.50 -29.88 3.81
N ARG F 493 32.09 -28.62 3.98
CA ARG F 493 30.93 -28.33 4.83
C ARG F 493 29.63 -28.83 4.19
N VAL F 494 29.47 -28.64 2.89
CA VAL F 494 28.24 -29.10 2.23
C VAL F 494 28.20 -30.62 2.18
N LYS F 495 29.35 -31.26 1.98
CA LYS F 495 29.38 -32.73 2.02
C LYS F 495 29.03 -33.23 3.42
N GLU F 496 29.53 -32.56 4.46
CA GLU F 496 29.18 -32.94 5.82
C GLU F 496 27.70 -32.78 6.07
N LYS F 497 27.10 -31.69 5.59
CA LYS F 497 25.68 -31.48 5.76
C LYS F 497 24.86 -32.54 5.03
N ILE F 498 25.28 -32.90 3.81
CA ILE F 498 24.58 -33.94 3.06
C ILE F 498 24.67 -35.28 3.79
N LYS F 499 25.86 -35.61 4.32
CA LYS F 499 26.02 -36.86 5.05
C LYS F 499 25.17 -36.86 6.32
N ALA F 500 25.12 -35.73 7.03
CA ALA F 500 24.31 -35.65 8.24
C ALA F 500 22.83 -35.80 7.92
N LEU F 501 22.37 -35.18 6.83
CA LEU F 501 20.97 -35.31 6.44
C LEU F 501 20.63 -36.70 5.92
N ASP F 502 21.64 -37.54 5.66
CA ASP F 502 21.44 -38.90 5.15
C ASP F 502 20.65 -38.88 3.84
N ILE F 503 21.25 -38.27 2.83
CA ILE F 503 20.67 -38.21 1.49
C ILE F 503 21.62 -38.91 0.53
N PRO F 504 21.45 -40.20 0.26
CA PRO F 504 22.33 -40.93 -0.65
C PRO F 504 22.01 -40.70 -2.12
N LEU F 505 21.74 -39.43 -2.47
CA LEU F 505 21.51 -39.03 -3.85
C LEU F 505 22.30 -37.81 -4.28
N LEU F 506 22.75 -36.96 -3.35
CA LEU F 506 23.52 -35.77 -3.67
C LEU F 506 25.01 -35.99 -3.49
N ASN F 507 25.45 -37.23 -3.26
CA ASN F 507 26.88 -37.50 -3.09
C ASN F 507 27.66 -37.26 -4.37
N ASP F 508 27.02 -37.33 -5.53
CA ASP F 508 27.68 -37.09 -6.81
C ASP F 508 27.41 -35.69 -7.33
N VAL F 509 26.81 -34.81 -6.52
CA VAL F 509 26.49 -33.46 -6.98
C VAL F 509 27.78 -32.66 -7.18
N GLN F 510 27.65 -31.59 -7.97
CA GLN F 510 28.76 -30.69 -8.22
C GLN F 510 28.74 -29.56 -7.20
N ILE F 511 29.83 -29.40 -6.46
CA ILE F 511 29.98 -28.34 -5.48
C ILE F 511 31.10 -27.43 -5.93
N VAL F 512 30.82 -26.13 -6.01
CA VAL F 512 31.77 -25.15 -6.52
C VAL F 512 32.01 -24.10 -5.44
N HIS F 513 33.25 -24.00 -4.98
CA HIS F 513 33.62 -22.91 -4.09
C HIS F 513 33.68 -21.61 -4.88
N PRO F 514 33.15 -20.51 -4.34
CA PRO F 514 33.18 -19.24 -5.08
C PRO F 514 34.57 -18.78 -5.46
N SER F 515 35.45 -18.61 -4.48
CA SER F 515 36.81 -18.14 -4.77
C SER F 515 37.78 -19.29 -4.98
N SER F 516 37.37 -20.24 -5.81
CA SER F 516 38.25 -21.31 -6.27
C SER F 516 38.06 -21.66 -7.74
N HIS F 517 36.98 -21.21 -8.38
CA HIS F 517 36.68 -21.57 -9.75
C HIS F 517 37.78 -21.06 -10.68
N PRO F 518 38.09 -21.80 -11.75
CA PRO F 518 39.05 -21.30 -12.74
C PRO F 518 38.62 -19.99 -13.39
N LYS F 519 37.31 -19.79 -13.55
CA LYS F 519 36.78 -18.58 -14.15
C LYS F 519 36.41 -17.52 -13.11
N TYR F 520 36.89 -17.68 -11.88
CA TYR F 520 36.54 -16.73 -10.82
C TYR F 520 37.06 -15.34 -11.13
N PHE F 521 38.31 -15.22 -11.58
CA PHE F 521 38.87 -13.91 -11.85
C PHE F 521 38.29 -13.31 -13.13
N SER F 522 37.89 -14.14 -14.08
CA SER F 522 37.13 -13.62 -15.22
C SER F 522 35.82 -13.01 -14.76
N PHE F 523 35.15 -13.65 -13.80
CA PHE F 523 33.93 -13.08 -13.23
C PHE F 523 34.22 -11.78 -12.49
N VAL F 524 35.33 -11.72 -11.78
CA VAL F 524 35.70 -10.51 -11.05
C VAL F 524 35.92 -9.36 -12.04
N GLU F 525 36.65 -9.63 -13.12
CA GLU F 525 36.88 -8.62 -14.14
C GLU F 525 35.58 -8.20 -14.80
N LYS F 526 34.68 -9.14 -15.06
CA LYS F 526 33.40 -8.80 -15.68
C LYS F 526 32.55 -7.92 -14.77
N LEU F 527 32.50 -8.23 -13.48
CA LEU F 527 31.73 -7.40 -12.55
C LEU F 527 32.36 -6.03 -12.40
N TYR F 528 33.69 -5.96 -12.38
CA TYR F 528 34.37 -4.68 -12.32
C TYR F 528 34.06 -3.84 -13.56
N SER F 529 34.04 -4.47 -14.73
CA SER F 529 33.72 -3.75 -15.96
C SER F 529 32.26 -3.31 -15.99
N LEU F 530 31.37 -4.10 -15.40
CA LEU F 530 29.95 -3.74 -15.41
C LEU F 530 29.67 -2.52 -14.55
N ARG F 531 30.18 -2.51 -13.32
CA ARG F 531 29.84 -1.50 -12.33
C ARG F 531 31.07 -0.75 -11.84
N GLN F 532 31.99 -0.41 -12.75
CA GLN F 532 33.13 0.40 -12.37
C GLN F 532 32.70 1.81 -11.97
N ARG F 533 31.73 2.37 -12.68
CA ARG F 533 31.22 3.70 -12.41
C ARG F 533 29.98 3.68 -11.54
N LYS F 534 29.65 2.53 -10.93
CA LYS F 534 28.53 2.42 -10.02
C LYS F 534 28.96 2.11 -8.60
N GLY F 535 30.21 2.43 -8.26
CA GLY F 535 30.70 2.28 -6.90
C GLY F 535 31.46 1.01 -6.61
N ILE F 536 31.84 0.24 -7.62
CA ILE F 536 32.54 -1.03 -7.43
C ILE F 536 33.81 -0.99 -8.27
N ASN F 537 34.95 -1.21 -7.63
CA ASN F 537 36.22 -1.39 -8.32
C ASN F 537 36.75 -2.78 -7.98
N LEU F 538 38.01 -3.04 -8.38
CA LEU F 538 38.55 -4.40 -8.26
C LEU F 538 38.54 -4.89 -6.82
N GLY F 539 38.94 -4.03 -5.87
CA GLY F 539 38.95 -4.42 -4.48
C GLY F 539 37.57 -4.81 -3.97
N GLU F 540 36.56 -4.05 -4.36
CA GLU F 540 35.19 -4.41 -3.99
C GLU F 540 34.64 -5.55 -4.85
N ALA F 541 35.07 -5.64 -6.11
CA ALA F 541 34.58 -6.69 -6.98
C ALA F 541 35.00 -8.07 -6.49
N GLU F 542 36.25 -8.20 -6.02
CA GLU F 542 36.68 -9.49 -5.49
C GLU F 542 35.88 -9.88 -4.25
N ARG F 543 35.66 -8.92 -3.36
CA ARG F 543 34.88 -9.21 -2.15
C ARG F 543 33.44 -9.59 -2.50
N LEU F 544 32.86 -8.95 -3.52
CA LEU F 544 31.51 -9.29 -3.93
C LEU F 544 31.45 -10.68 -4.55
N MET F 545 32.40 -11.01 -5.43
CA MET F 545 32.45 -12.35 -6.01
C MET F 545 32.73 -13.41 -4.96
N ALA F 546 33.33 -13.05 -3.82
CA ALA F 546 33.46 -14.02 -2.75
C ALA F 546 32.10 -14.45 -2.22
N ASP F 547 31.08 -13.62 -2.38
CA ASP F 547 29.74 -13.97 -1.92
C ASP F 547 29.11 -14.98 -2.87
N PRO F 548 28.46 -16.03 -2.34
CA PRO F 548 27.81 -17.01 -3.22
C PRO F 548 26.73 -16.42 -4.11
N ASN F 549 25.98 -15.42 -3.64
CA ASN F 549 24.91 -14.85 -4.46
C ASN F 549 25.46 -14.19 -5.71
N TYR F 550 26.49 -13.36 -5.55
CA TYR F 550 27.08 -12.67 -6.70
C TYR F 550 27.75 -13.66 -7.64
N PHE F 551 28.42 -14.68 -7.08
CA PHE F 551 29.05 -15.68 -7.93
C PHE F 551 28.02 -16.47 -8.73
N ALA F 552 26.90 -16.81 -8.10
CA ALA F 552 25.82 -17.50 -8.81
C ALA F 552 25.23 -16.62 -9.91
N ALA F 553 25.02 -15.33 -9.61
CA ALA F 553 24.50 -14.43 -10.63
C ALA F 553 25.46 -14.31 -11.80
N MET F 554 26.76 -14.23 -11.52
CA MET F 554 27.74 -14.16 -12.60
C MET F 554 27.80 -15.46 -13.39
N MET F 555 27.67 -16.59 -12.71
CA MET F 555 27.62 -17.88 -13.41
C MET F 555 26.44 -17.93 -14.37
N VAL F 556 25.28 -17.48 -13.92
CA VAL F 556 24.10 -17.47 -14.78
C VAL F 556 24.30 -16.51 -15.94
N ASN F 557 24.85 -15.33 -15.67
CA ASN F 557 25.02 -14.32 -16.72
C ASN F 557 26.01 -14.77 -17.78
N MET F 558 27.11 -15.39 -17.37
CA MET F 558 28.19 -15.74 -18.31
C MET F 558 27.97 -17.05 -19.02
N GLY F 559 26.90 -17.78 -18.71
CA GLY F 559 26.60 -19.02 -19.40
C GLY F 559 27.11 -20.28 -18.74
N GLU F 560 27.84 -20.17 -17.63
CA GLU F 560 28.29 -21.36 -16.92
C GLU F 560 27.15 -22.11 -16.26
N ALA F 561 25.96 -21.52 -16.19
CA ALA F 561 24.79 -22.20 -15.68
C ALA F 561 23.57 -21.66 -16.40
N ASP F 562 22.49 -22.45 -16.38
CA ASP F 562 21.27 -22.03 -17.07
C ASP F 562 20.41 -21.13 -16.19
N GLY F 563 20.33 -21.44 -14.90
CA GLY F 563 19.51 -20.67 -13.99
C GLY F 563 20.11 -20.64 -12.60
N MET F 564 19.39 -20.00 -11.68
CA MET F 564 19.80 -19.94 -10.29
C MET F 564 18.56 -19.84 -9.42
N VAL F 565 18.66 -20.39 -8.21
CA VAL F 565 17.56 -20.38 -7.25
C VAL F 565 18.15 -20.07 -5.88
N SER F 566 17.88 -18.87 -5.37
CA SER F 566 18.44 -18.45 -4.10
C SER F 566 17.38 -17.83 -3.21
N GLY F 567 17.81 -17.24 -2.09
CA GLY F 567 16.91 -16.51 -1.22
C GLY F 567 16.15 -17.34 -0.21
N SER F 568 16.44 -18.63 -0.09
CA SER F 568 15.71 -19.46 0.85
C SER F 568 16.08 -19.13 2.29
N SER F 569 17.34 -18.78 2.54
CA SER F 569 17.84 -18.57 3.88
C SER F 569 18.01 -17.10 4.25
N ILE F 570 17.69 -16.17 3.34
CA ILE F 570 17.84 -14.75 3.59
C ILE F 570 16.59 -14.03 3.10
N ASN F 571 16.48 -12.76 3.46
CA ASN F 571 15.35 -11.95 3.04
C ASN F 571 15.44 -11.67 1.54
N TYR F 572 14.29 -11.28 0.97
CA TYR F 572 14.20 -11.15 -0.48
C TYR F 572 15.06 -9.99 -1.00
N ALA F 573 15.17 -8.91 -0.23
CA ALA F 573 15.85 -7.71 -0.72
C ALA F 573 17.32 -8.00 -1.02
N ASP F 574 18.04 -8.54 -0.05
CA ASP F 574 19.47 -8.80 -0.22
C ASP F 574 19.75 -10.07 -1.00
N ALA F 575 18.73 -10.85 -1.34
CA ALA F 575 18.89 -11.99 -2.23
C ALA F 575 18.59 -11.64 -3.68
N VAL F 576 17.78 -10.61 -3.92
CA VAL F 576 17.46 -10.18 -5.27
C VAL F 576 18.30 -8.98 -5.71
N ARG F 577 18.95 -8.28 -4.78
CA ARG F 577 19.84 -7.20 -5.18
C ARG F 577 21.00 -7.67 -6.04
N PRO F 578 21.72 -8.75 -5.72
CA PRO F 578 22.78 -9.21 -6.62
C PRO F 578 22.30 -9.56 -8.01
N ILE F 579 21.09 -10.11 -8.13
CA ILE F 579 20.56 -10.48 -9.44
C ILE F 579 20.33 -9.25 -10.29
N LEU F 580 19.67 -8.23 -9.73
CA LEU F 580 19.41 -7.01 -10.47
C LEU F 580 20.71 -6.27 -10.79
N GLN F 581 21.67 -6.29 -9.87
CA GLN F 581 22.94 -5.61 -10.12
C GLN F 581 23.75 -6.31 -11.20
N THR F 582 23.75 -7.64 -11.21
CA THR F 582 24.59 -8.40 -12.13
C THR F 582 23.85 -8.78 -13.42
N ILE F 583 22.78 -9.56 -13.30
CA ILE F 583 22.05 -10.00 -14.48
C ILE F 583 21.30 -8.83 -15.12
N GLY F 584 20.62 -8.02 -14.31
CA GLY F 584 19.91 -6.88 -14.84
C GLY F 584 18.63 -7.29 -15.55
N THR F 585 18.00 -6.29 -16.16
CA THR F 585 16.77 -6.46 -16.90
C THR F 585 17.04 -6.36 -18.40
N TYR F 586 16.08 -6.81 -19.19
CA TYR F 586 16.20 -6.72 -20.64
C TYR F 586 15.63 -5.39 -21.13
N LYS F 587 15.47 -5.26 -22.44
CA LYS F 587 15.03 -3.99 -23.00
C LYS F 587 13.57 -3.72 -22.64
N GLU F 588 13.31 -2.55 -22.06
CA GLU F 588 11.97 -2.13 -21.67
C GLU F 588 11.33 -3.14 -20.72
N GLY F 589 12.12 -3.69 -19.82
CA GLY F 589 11.65 -4.66 -18.85
C GLY F 589 11.84 -4.14 -17.43
N ILE F 590 10.89 -4.44 -16.56
CA ILE F 590 10.92 -4.02 -15.17
C ILE F 590 10.88 -5.29 -14.31
N PRO F 591 11.80 -5.47 -13.37
CA PRO F 591 11.75 -6.65 -12.50
C PRO F 591 10.47 -6.68 -11.69
N ALA F 592 9.91 -7.87 -11.54
CA ALA F 592 8.60 -8.00 -10.91
C ALA F 592 8.40 -9.45 -10.49
N GLY F 593 7.79 -9.64 -9.33
CA GLY F 593 7.39 -10.97 -8.91
C GLY F 593 6.12 -11.41 -9.59
N LEU F 594 5.79 -12.69 -9.42
CA LEU F 594 4.64 -13.27 -10.11
C LEU F 594 4.27 -14.58 -9.44
N ASN F 595 3.02 -14.72 -9.05
CA ASN F 595 2.54 -15.92 -8.36
C ASN F 595 1.38 -16.52 -9.12
N PHE F 596 1.34 -17.86 -9.19
CA PHE F 596 0.22 -18.57 -9.77
C PHE F 596 -0.63 -19.14 -8.65
N VAL F 597 -1.90 -18.78 -8.60
CA VAL F 597 -2.86 -19.37 -7.67
C VAL F 597 -3.69 -20.38 -8.47
N LEU F 598 -3.49 -21.66 -8.21
CA LEU F 598 -4.12 -22.73 -8.98
C LEU F 598 -5.44 -23.09 -8.34
N LEU F 599 -6.53 -22.53 -8.85
CA LEU F 599 -7.86 -22.81 -8.33
C LEU F 599 -8.40 -24.08 -9.00
N GLU F 600 -9.67 -24.39 -8.73
CA GLU F 600 -10.25 -25.64 -9.22
C GLU F 600 -10.28 -25.69 -10.74
N ASP F 601 -10.69 -24.60 -11.39
CA ASP F 601 -10.85 -24.59 -12.84
C ASP F 601 -10.04 -23.53 -13.55
N LYS F 602 -9.34 -22.65 -12.83
CA LYS F 602 -8.54 -21.62 -13.45
C LYS F 602 -7.35 -21.32 -12.54
N PHE F 603 -6.32 -20.70 -13.12
CA PHE F 603 -5.17 -20.25 -12.35
C PHE F 603 -5.02 -18.75 -12.54
N LEU F 604 -4.98 -18.03 -11.43
CA LEU F 604 -4.78 -16.59 -11.43
C LEU F 604 -3.30 -16.27 -11.35
N VAL F 605 -2.93 -15.11 -11.89
CA VAL F 605 -1.54 -14.67 -11.92
C VAL F 605 -1.46 -13.32 -11.22
N LEU F 606 -0.89 -13.31 -10.02
CA LEU F 606 -0.77 -12.10 -9.22
C LEU F 606 0.60 -11.47 -9.47
N ALA F 607 0.60 -10.19 -9.83
CA ALA F 607 1.84 -9.47 -10.07
C ALA F 607 1.66 -8.00 -9.72
N ASP F 608 2.67 -7.39 -9.10
CA ASP F 608 3.87 -8.08 -8.67
C ASP F 608 3.96 -8.06 -7.16
N THR F 609 4.56 -9.11 -6.58
CA THR F 609 4.50 -9.33 -5.16
C THR F 609 5.83 -9.11 -4.44
N THR F 610 6.89 -8.76 -5.15
CA THR F 610 8.18 -8.82 -4.48
C THR F 610 9.03 -7.55 -4.59
N VAL F 611 9.03 -6.88 -5.74
CA VAL F 611 10.08 -5.89 -6.00
C VAL F 611 9.57 -4.47 -5.83
N ASN F 612 8.60 -4.07 -6.65
CA ASN F 612 8.23 -2.66 -6.74
C ASN F 612 7.43 -2.23 -5.51
N PHE F 613 7.91 -1.19 -4.83
CA PHE F 613 7.21 -0.68 -3.65
C PHE F 613 5.89 -0.03 -4.04
N ASN F 614 5.90 0.84 -5.04
CA ASN F 614 4.72 1.61 -5.43
C ASN F 614 4.87 1.98 -6.90
N PRO F 615 4.60 1.05 -7.81
CA PRO F 615 4.79 1.32 -9.23
C PRO F 615 3.84 2.40 -9.74
N SER F 616 4.31 3.12 -10.74
CA SER F 616 3.49 4.14 -11.39
C SER F 616 2.61 3.47 -12.43
N ALA F 617 1.89 4.27 -13.22
CA ALA F 617 1.01 3.72 -14.25
C ALA F 617 1.81 2.98 -15.32
N GLU F 618 2.92 3.56 -15.76
CA GLU F 618 3.74 2.93 -16.80
C GLU F 618 4.33 1.62 -16.30
N GLN F 619 4.84 1.61 -15.07
CA GLN F 619 5.39 0.38 -14.50
C GLN F 619 4.32 -0.68 -14.33
N CYS F 620 3.12 -0.27 -13.91
CA CYS F 620 2.02 -1.21 -13.78
C CYS F 620 1.65 -1.80 -15.13
N ALA F 621 1.61 -0.98 -16.17
CA ALA F 621 1.32 -1.48 -17.51
C ALA F 621 2.38 -2.46 -17.99
N GLN F 622 3.66 -2.15 -17.74
CA GLN F 622 4.73 -3.06 -18.15
C GLN F 622 4.65 -4.38 -17.39
N ILE F 623 4.34 -4.33 -16.09
CA ILE F 623 4.17 -5.56 -15.32
C ILE F 623 3.01 -6.37 -15.87
N ALA F 624 1.92 -5.69 -16.25
CA ALA F 624 0.78 -6.39 -16.84
C ALA F 624 1.16 -7.06 -18.15
N LEU F 625 1.95 -6.38 -18.97
CA LEU F 625 2.39 -6.97 -20.24
C LEU F 625 3.26 -8.20 -20.01
N GLN F 626 4.19 -8.12 -19.04
CA GLN F 626 5.04 -9.26 -18.74
C GLN F 626 4.21 -10.44 -18.23
N ALA F 627 3.26 -10.18 -17.33
CA ALA F 627 2.41 -11.24 -16.81
C ALA F 627 1.57 -11.85 -17.91
N ALA F 628 1.05 -11.02 -18.83
CA ALA F 628 0.26 -11.53 -19.94
C ALA F 628 1.10 -12.42 -20.85
N LYS F 629 2.35 -12.02 -21.10
CA LYS F 629 3.23 -12.87 -21.90
C LYS F 629 3.47 -14.21 -21.23
N ILE F 630 3.69 -14.20 -19.92
CA ILE F 630 3.91 -15.45 -19.19
C ILE F 630 2.66 -16.33 -19.24
N VAL F 631 1.48 -15.73 -19.08
CA VAL F 631 0.24 -16.50 -19.18
C VAL F 631 0.07 -17.09 -20.57
N GLU F 632 0.34 -16.30 -21.60
CA GLU F 632 0.21 -16.78 -22.97
C GLU F 632 1.19 -17.91 -23.26
N TYR F 633 2.33 -17.93 -22.58
CA TYR F 633 3.26 -19.05 -22.75
C TYR F 633 2.60 -20.38 -22.38
N PHE F 634 1.66 -20.36 -21.43
CA PHE F 634 1.02 -21.58 -20.96
C PHE F 634 -0.25 -21.93 -21.73
N GLY F 635 -0.54 -21.20 -22.81
CA GLY F 635 -1.69 -21.53 -23.63
C GLY F 635 -3.02 -21.06 -23.11
N ILE F 636 -3.04 -20.00 -22.30
CA ILE F 636 -4.25 -19.46 -21.73
C ILE F 636 -4.37 -18.00 -22.13
N GLU F 637 -5.54 -17.60 -22.60
CA GLU F 637 -5.77 -16.22 -23.00
C GLU F 637 -5.74 -15.32 -21.77
N PRO F 638 -4.92 -14.27 -21.75
CA PRO F 638 -4.86 -13.41 -20.58
C PRO F 638 -5.96 -12.37 -20.57
N ARG F 639 -6.40 -12.03 -19.36
CA ARG F 639 -7.43 -11.00 -19.15
C ARG F 639 -6.99 -10.20 -17.94
N VAL F 640 -6.32 -9.07 -18.18
CA VAL F 640 -5.67 -8.32 -17.12
C VAL F 640 -6.69 -7.46 -16.39
N ALA F 641 -6.51 -7.33 -15.08
CA ALA F 641 -7.34 -6.46 -14.25
C ALA F 641 -6.44 -5.70 -13.29
N MET F 642 -6.62 -4.39 -13.24
CA MET F 642 -5.84 -3.52 -12.36
C MET F 642 -6.60 -3.38 -11.05
N LEU F 643 -6.16 -4.12 -10.03
CA LEU F 643 -6.86 -4.16 -8.76
C LEU F 643 -6.75 -2.82 -8.04
N SER F 644 -7.80 -2.49 -7.29
CA SER F 644 -7.85 -1.30 -6.46
C SER F 644 -8.93 -1.51 -5.41
N TYR F 645 -9.19 -0.46 -4.63
CA TYR F 645 -10.26 -0.50 -3.65
C TYR F 645 -11.55 0.15 -4.13
N SER F 646 -11.60 0.59 -5.39
CA SER F 646 -12.77 1.26 -5.93
C SER F 646 -13.14 0.64 -7.27
N ASN F 647 -14.43 0.70 -7.57
CA ASN F 647 -14.99 0.09 -8.78
C ASN F 647 -15.20 1.17 -9.82
N PHE F 648 -14.23 1.34 -10.71
CA PHE F 648 -14.31 2.31 -11.80
C PHE F 648 -14.60 3.71 -11.28
N SER F 649 -13.94 4.08 -10.19
CA SER F 649 -14.19 5.39 -9.59
C SER F 649 -13.36 6.48 -10.24
N GLY F 650 -12.12 6.19 -10.60
CA GLY F 650 -11.26 7.19 -11.18
C GLY F 650 -10.91 8.33 -10.26
N ALA F 651 -11.09 8.16 -8.96
CA ALA F 651 -10.81 9.22 -8.01
C ALA F 651 -9.30 9.42 -7.85
N GLU F 652 -8.94 10.45 -7.10
CA GLU F 652 -7.53 10.77 -6.90
C GLU F 652 -6.85 9.68 -6.07
N GLY F 653 -5.62 9.34 -6.47
CA GLY F 653 -4.85 8.36 -5.75
C GLY F 653 -4.66 7.05 -6.50
N THR F 654 -4.85 5.94 -5.81
CA THR F 654 -4.72 4.63 -6.46
C THR F 654 -5.71 4.43 -7.60
N PRO F 655 -7.01 4.75 -7.48
CA PRO F 655 -7.91 4.52 -8.62
C PRO F 655 -7.48 5.23 -9.90
N ARG F 656 -7.01 6.48 -9.80
CA ARG F 656 -6.56 7.18 -11.00
C ARG F 656 -5.34 6.51 -11.60
N LYS F 657 -4.40 6.08 -10.75
CA LYS F 657 -3.21 5.40 -11.24
C LYS F 657 -3.57 4.10 -11.94
N MET F 658 -4.51 3.34 -11.39
CA MET F 658 -4.91 2.08 -12.00
C MET F 658 -5.66 2.31 -13.31
N LYS F 659 -6.50 3.35 -13.37
CA LYS F 659 -7.18 3.67 -14.62
C LYS F 659 -6.18 4.06 -15.70
N LYS F 660 -5.20 4.90 -15.35
CA LYS F 660 -4.18 5.30 -16.30
C LYS F 660 -3.35 4.09 -16.75
N ALA F 661 -3.02 3.19 -15.81
CA ALA F 661 -2.25 2.01 -16.15
C ALA F 661 -3.02 1.10 -17.09
N ALA F 662 -4.32 0.94 -16.85
CA ALA F 662 -5.15 0.13 -17.75
C ALA F 662 -5.18 0.74 -19.15
N GLU F 663 -5.32 2.07 -19.22
CA GLU F 663 -5.33 2.72 -20.53
C GLU F 663 -3.99 2.57 -21.25
N ILE F 664 -2.89 2.70 -20.52
CA ILE F 664 -1.57 2.57 -21.12
C ILE F 664 -1.34 1.15 -21.62
N ALA F 665 -1.75 0.15 -20.82
CA ALA F 665 -1.60 -1.24 -21.25
C ALA F 665 -2.48 -1.52 -22.45
N ARG F 666 -3.68 -0.94 -22.50
CA ARG F 666 -4.53 -1.10 -23.67
C ARG F 666 -3.88 -0.52 -24.92
N THR F 667 -3.27 0.67 -24.79
CA THR F 667 -2.59 1.25 -25.94
C THR F 667 -1.39 0.41 -26.37
N LEU F 668 -0.65 -0.14 -25.41
CA LEU F 668 0.52 -0.94 -25.75
C LEU F 668 0.14 -2.28 -26.37
N ARG F 669 -0.91 -2.91 -25.86
CA ARG F 669 -1.35 -4.24 -26.31
C ARG F 669 -2.83 -4.17 -26.63
N PRO F 670 -3.20 -3.60 -27.79
CA PRO F 670 -4.63 -3.41 -28.11
C PRO F 670 -5.42 -4.71 -28.19
N ASP F 671 -4.81 -5.80 -28.65
CA ASP F 671 -5.56 -7.03 -28.87
C ASP F 671 -5.94 -7.74 -27.58
N LEU F 672 -5.41 -7.30 -26.44
CA LEU F 672 -5.69 -7.96 -25.17
C LEU F 672 -7.02 -7.47 -24.60
N MET F 673 -7.33 -7.89 -23.38
CA MET F 673 -8.57 -7.51 -22.69
C MET F 673 -8.19 -6.99 -21.31
N ILE F 674 -7.89 -5.70 -21.23
CA ILE F 674 -7.49 -5.05 -20.00
C ILE F 674 -8.60 -4.09 -19.58
N GLU F 675 -8.78 -3.95 -18.27
CA GLU F 675 -9.78 -3.03 -17.74
C GLU F 675 -9.42 -2.69 -16.30
N GLY F 676 -9.67 -1.43 -15.94
CA GLY F 676 -9.42 -0.97 -14.59
C GLY F 676 -10.01 0.41 -14.40
N ASP F 677 -10.20 0.76 -13.14
CA ASP F 677 -9.84 -0.07 -12.00
C ASP F 677 -11.04 -0.87 -11.50
N MET F 678 -10.78 -1.84 -10.63
CA MET F 678 -11.85 -2.62 -10.01
C MET F 678 -11.33 -3.26 -8.75
N GLN F 679 -12.26 -3.70 -7.91
CA GLN F 679 -11.90 -4.46 -6.72
C GLN F 679 -11.62 -5.91 -7.10
N ALA F 680 -11.15 -6.67 -6.12
CA ALA F 680 -10.78 -8.06 -6.39
C ALA F 680 -11.99 -8.90 -6.78
N ASP F 681 -13.11 -8.72 -6.07
CA ASP F 681 -14.29 -9.53 -6.34
C ASP F 681 -14.87 -9.21 -7.71
N THR F 682 -14.90 -7.94 -8.10
CA THR F 682 -15.36 -7.58 -9.43
C THR F 682 -14.47 -8.20 -10.51
N ALA F 683 -13.16 -8.21 -10.28
CA ALA F 683 -12.24 -8.72 -11.29
C ALA F 683 -12.37 -10.23 -11.43
N VAL F 684 -12.36 -10.97 -10.32
CA VAL F 684 -12.28 -12.43 -10.40
C VAL F 684 -13.63 -13.12 -10.43
N ASN F 685 -14.73 -12.38 -10.32
CA ASN F 685 -16.07 -12.96 -10.40
C ASN F 685 -16.80 -12.38 -11.61
N PRO F 686 -16.94 -13.14 -12.70
CA PRO F 686 -17.63 -12.60 -13.88
C PRO F 686 -19.07 -12.23 -13.63
N GLU F 687 -19.78 -12.96 -12.77
CA GLU F 687 -21.18 -12.66 -12.51
C GLU F 687 -21.34 -11.29 -11.88
N ILE F 688 -20.48 -10.94 -10.92
CA ILE F 688 -20.57 -9.64 -10.25
C ILE F 688 -20.35 -8.52 -11.26
N MET F 689 -19.33 -8.64 -12.10
CA MET F 689 -19.06 -7.62 -13.10
C MET F 689 -20.20 -7.49 -14.09
N GLU F 690 -20.75 -8.61 -14.56
CA GLU F 690 -21.84 -8.56 -15.52
C GLU F 690 -23.09 -7.94 -14.90
N ARG F 691 -23.36 -8.24 -13.63
CA ARG F 691 -24.56 -7.72 -12.99
C ARG F 691 -24.43 -6.23 -12.66
N LEU F 692 -23.25 -5.80 -12.21
CA LEU F 692 -23.06 -4.43 -11.76
C LEU F 692 -22.49 -3.49 -12.82
N PHE F 693 -21.47 -3.93 -13.56
CA PHE F 693 -20.77 -3.07 -14.52
C PHE F 693 -20.74 -3.77 -15.87
N PRO F 694 -21.85 -3.80 -16.60
CA PRO F 694 -21.86 -4.45 -17.92
C PRO F 694 -21.14 -3.67 -19.00
N PHE F 695 -20.74 -2.42 -18.74
CA PHE F 695 -20.04 -1.64 -19.74
C PHE F 695 -18.58 -2.03 -19.89
N SER F 696 -17.98 -2.62 -18.86
CA SER F 696 -16.56 -2.90 -18.88
C SER F 696 -16.21 -3.90 -19.97
N GLY F 697 -15.02 -3.74 -20.55
CA GLY F 697 -14.56 -4.61 -21.60
C GLY F 697 -13.98 -5.93 -21.15
N LEU F 698 -13.88 -6.15 -19.84
CA LEU F 698 -13.35 -7.40 -19.31
C LEU F 698 -14.53 -8.35 -19.08
N LYS F 699 -14.58 -9.42 -19.87
CA LYS F 699 -15.67 -10.38 -19.83
C LYS F 699 -15.11 -11.77 -19.55
N GLY F 700 -15.71 -12.47 -18.59
CA GLY F 700 -15.33 -13.82 -18.27
C GLY F 700 -14.40 -13.99 -17.09
N GLY F 701 -14.12 -12.93 -16.35
CA GLY F 701 -13.20 -13.02 -15.23
C GLY F 701 -11.76 -12.75 -15.66
N ALA F 702 -10.95 -12.42 -14.67
CA ALA F 702 -9.56 -12.02 -14.89
C ALA F 702 -8.62 -13.08 -14.33
N ASN F 703 -7.70 -13.55 -15.17
CA ASN F 703 -6.66 -14.46 -14.74
C ASN F 703 -5.35 -13.77 -14.42
N VAL F 704 -5.24 -12.46 -14.71
CA VAL F 704 -4.07 -11.67 -14.37
C VAL F 704 -4.53 -10.50 -13.51
N LEU F 705 -3.91 -10.35 -12.35
CA LEU F 705 -4.27 -9.30 -11.39
C LEU F 705 -3.02 -8.48 -11.08
N VAL F 706 -3.07 -7.19 -11.41
CA VAL F 706 -1.98 -6.26 -11.15
C VAL F 706 -2.36 -5.43 -9.94
N PHE F 707 -1.51 -5.45 -8.91
CA PHE F 707 -1.78 -4.81 -7.63
C PHE F 707 -1.19 -3.41 -7.59
N PRO F 708 -1.79 -2.51 -6.81
CA PRO F 708 -1.31 -1.12 -6.82
C PRO F 708 0.05 -0.94 -6.14
N ASN F 709 0.29 -1.60 -5.01
CA ASN F 709 1.53 -1.41 -4.28
C ASN F 709 2.03 -2.78 -3.82
N LEU F 710 3.17 -2.76 -3.10
CA LEU F 710 3.81 -4.00 -2.68
C LEU F 710 3.06 -4.66 -1.53
N GLU F 711 2.55 -3.85 -0.60
CA GLU F 711 1.88 -4.41 0.57
C GLU F 711 0.66 -5.23 0.16
N SER F 712 -0.14 -4.70 -0.75
CA SER F 712 -1.37 -5.38 -1.15
C SER F 712 -1.07 -6.74 -1.77
N SER F 713 -0.17 -6.78 -2.76
CA SER F 713 0.13 -8.02 -3.45
C SER F 713 0.78 -9.02 -2.51
N ASN F 714 1.76 -8.57 -1.72
CA ASN F 714 2.47 -9.47 -0.82
C ASN F 714 1.52 -10.08 0.20
N ILE F 715 0.75 -9.24 0.89
CA ILE F 715 -0.16 -9.74 1.91
C ILE F 715 -1.22 -10.63 1.29
N ALA F 716 -1.77 -10.24 0.14
CA ALA F 716 -2.82 -11.02 -0.48
C ALA F 716 -2.34 -12.40 -0.86
N TYR F 717 -1.17 -12.49 -1.50
CA TYR F 717 -0.71 -13.81 -1.95
C TYR F 717 -0.29 -14.68 -0.78
N LYS F 718 0.30 -14.08 0.27
CA LYS F 718 0.66 -14.88 1.43
C LYS F 718 -0.58 -15.37 2.17
N LEU F 719 -1.60 -14.53 2.32
CA LEU F 719 -2.84 -14.95 2.97
C LEU F 719 -3.54 -16.04 2.16
N ILE F 720 -3.57 -15.89 0.84
CA ILE F 720 -4.19 -16.92 0.01
C ILE F 720 -3.43 -18.23 0.14
N GLN F 721 -2.11 -18.16 0.18
CA GLN F 721 -1.29 -19.36 0.34
C GLN F 721 -1.57 -20.05 1.66
N GLN F 722 -1.70 -19.27 2.74
CA GLN F 722 -1.83 -19.87 4.07
C GLN F 722 -3.26 -20.31 4.36
N ILE F 723 -4.21 -19.37 4.38
CA ILE F 723 -5.56 -19.68 4.83
C ILE F 723 -6.47 -20.16 3.72
N GLY F 724 -6.08 -19.99 2.46
CA GLY F 724 -6.87 -20.49 1.35
C GLY F 724 -6.46 -21.91 0.98
N LYS F 725 -7.46 -22.75 0.73
CA LYS F 725 -7.19 -24.13 0.37
C LYS F 725 -6.53 -24.27 -1.00
N ALA F 726 -6.55 -23.20 -1.81
CA ALA F 726 -5.85 -23.22 -3.08
C ALA F 726 -4.35 -23.19 -2.87
N GLU F 727 -3.61 -23.62 -3.88
CA GLU F 727 -2.16 -23.70 -3.83
C GLU F 727 -1.56 -22.61 -4.72
N VAL F 728 -0.63 -21.84 -4.16
CA VAL F 728 0.07 -20.82 -4.92
C VAL F 728 1.51 -21.28 -5.12
N ILE F 729 2.06 -20.92 -6.26
CA ILE F 729 3.44 -21.24 -6.62
C ILE F 729 4.13 -19.95 -7.03
N GLY F 730 5.33 -19.74 -6.50
CA GLY F 730 6.07 -18.54 -6.74
C GLY F 730 6.78 -18.06 -5.49
N PRO F 731 7.22 -16.81 -5.48
CA PRO F 731 7.15 -15.82 -6.56
C PRO F 731 8.25 -16.02 -7.59
N PHE F 732 8.00 -15.72 -8.85
CA PHE F 732 8.98 -15.87 -9.91
C PHE F 732 9.44 -14.50 -10.37
N LEU F 733 10.74 -14.28 -10.38
CA LEU F 733 11.31 -12.99 -10.77
C LEU F 733 11.27 -12.88 -12.29
N THR F 734 10.40 -12.03 -12.79
CA THR F 734 10.26 -11.79 -14.22
C THR F 734 10.85 -10.44 -14.59
N GLY F 735 11.14 -10.27 -15.87
CA GLY F 735 11.74 -9.04 -16.35
C GLY F 735 13.24 -9.01 -16.34
N VAL F 736 13.90 -10.05 -15.84
CA VAL F 736 15.35 -10.12 -15.85
C VAL F 736 15.81 -10.81 -17.14
N ARG F 737 17.05 -10.53 -17.53
CA ARG F 737 17.56 -11.07 -18.79
C ARG F 737 17.65 -12.58 -18.76
N ARG F 738 18.13 -13.15 -17.66
CA ARG F 738 18.35 -14.58 -17.54
C ARG F 738 17.36 -15.18 -16.54
N SER F 739 17.52 -16.48 -16.28
CA SER F 739 16.56 -17.21 -15.45
C SER F 739 17.06 -17.24 -14.01
N ALA F 740 16.77 -16.17 -13.29
CA ALA F 740 17.10 -16.04 -11.88
C ALA F 740 15.81 -15.97 -11.07
N ASN F 741 15.72 -16.78 -10.02
CA ASN F 741 14.53 -16.85 -9.20
C ASN F 741 14.93 -16.83 -7.73
N VAL F 742 14.15 -16.15 -6.91
CA VAL F 742 14.40 -16.01 -5.48
C VAL F 742 13.22 -16.58 -4.72
N LEU F 743 13.50 -17.45 -3.77
CA LEU F 743 12.48 -18.08 -2.95
C LEU F 743 12.14 -17.19 -1.75
N GLN F 744 10.89 -17.25 -1.31
CA GLN F 744 10.53 -16.60 -0.07
C GLN F 744 11.17 -17.35 1.10
N ARG F 745 11.64 -16.59 2.10
CA ARG F 745 12.37 -17.20 3.20
C ARG F 745 11.49 -18.11 4.05
N THR F 746 10.16 -18.01 3.92
CA THR F 746 9.24 -18.86 4.65
C THR F 746 8.76 -20.04 3.81
N THR F 747 9.51 -20.42 2.78
CA THR F 747 9.09 -21.49 1.89
C THR F 747 9.24 -22.85 2.57
N THR F 748 8.57 -23.84 1.99
CA THR F 748 8.68 -25.22 2.42
C THR F 748 9.45 -26.01 1.36
N VAL F 749 9.61 -27.31 1.59
CA VAL F 749 10.32 -28.15 0.64
C VAL F 749 9.56 -28.24 -0.68
N ASP F 750 8.24 -28.43 -0.61
CA ASP F 750 7.44 -28.53 -1.82
C ASP F 750 7.42 -27.21 -2.59
N GLY F 751 7.40 -26.08 -1.88
CA GLY F 751 7.50 -24.80 -2.54
C GLY F 751 8.80 -24.65 -3.31
N ILE F 752 9.91 -25.09 -2.71
CA ILE F 752 11.19 -25.07 -3.40
C ILE F 752 11.14 -25.98 -4.62
N VAL F 753 10.53 -27.15 -4.50
CA VAL F 753 10.46 -28.09 -5.62
C VAL F 753 9.71 -27.45 -6.78
N ASN F 754 8.55 -26.85 -6.51
CA ASN F 754 7.76 -26.23 -7.56
C ASN F 754 8.50 -25.06 -8.19
N SER F 755 9.12 -24.22 -7.36
CA SER F 755 9.84 -23.06 -7.89
C SER F 755 11.02 -23.49 -8.75
N VAL F 756 11.73 -24.55 -8.35
CA VAL F 756 12.83 -25.03 -9.16
C VAL F 756 12.33 -25.64 -10.47
N VAL F 757 11.17 -26.30 -10.43
CA VAL F 757 10.60 -26.85 -11.67
C VAL F 757 10.32 -25.72 -12.66
N PHE F 758 9.68 -24.64 -12.18
CA PHE F 758 9.37 -23.55 -13.10
C PHE F 758 10.62 -22.75 -13.49
N THR F 759 11.60 -22.68 -12.60
CA THR F 759 12.87 -22.06 -12.96
C THR F 759 13.59 -22.86 -14.04
N ALA F 760 13.53 -24.18 -13.98
CA ALA F 760 14.10 -25.02 -15.03
C ALA F 760 13.37 -24.80 -16.35
N LEU F 761 12.03 -24.69 -16.28
CA LEU F 761 11.27 -24.39 -17.49
C LEU F 761 11.70 -23.07 -18.10
N GLU F 762 11.81 -22.03 -17.28
CA GLU F 762 12.21 -20.71 -17.76
C GLU F 762 13.64 -20.73 -18.31
N ALA F 763 14.54 -21.45 -17.64
CA ALA F 763 15.92 -21.53 -18.10
C ALA F 763 16.01 -22.24 -19.45
N GLN F 764 15.27 -23.33 -19.62
CA GLN F 764 15.24 -24.01 -20.91
C GLN F 764 14.70 -23.10 -22.00
N PHE F 765 13.63 -22.36 -21.70
CA PHE F 765 13.07 -21.45 -22.70
C PHE F 765 14.06 -20.37 -23.08
N ILE F 766 14.73 -19.77 -22.09
CA ILE F 766 15.69 -18.70 -22.36
C ILE F 766 16.87 -19.24 -23.16
N LYS F 767 17.38 -20.41 -22.80
CA LYS F 767 18.50 -20.98 -23.54
C LYS F 767 18.12 -21.29 -24.98
N ASP F 768 16.92 -21.84 -25.19
CA ASP F 768 16.47 -22.12 -26.55
C ASP F 768 16.29 -20.84 -27.35
N ALA F 769 15.76 -19.79 -26.73
CA ALA F 769 15.62 -18.51 -27.41
C ALA F 769 16.98 -17.94 -27.78
N LEU F 770 17.96 -18.05 -26.88
CA LEU F 770 19.30 -17.55 -27.17
C LEU F 770 19.95 -18.34 -28.30
N LYS F 771 19.79 -19.66 -28.30
CA LYS F 771 20.42 -20.48 -29.34
C LYS F 771 19.83 -20.18 -30.71
N ALA F 772 18.51 -20.00 -30.79
CA ALA F 772 17.83 -19.73 -32.05
C ALA F 772 17.96 -18.26 -32.42
N ARG F 773 19.20 -17.80 -32.51
CA ARG F 773 19.50 -16.41 -32.84
C ARG F 773 20.93 -16.25 -33.30
#